data_9MTC
#
_entry.id   9MTC
#
_cell.length_a   1.00
_cell.length_b   1.00
_cell.length_c   1.00
_cell.angle_alpha   90.00
_cell.angle_beta   90.00
_cell.angle_gamma   90.00
#
_symmetry.space_group_name_H-M   'P 1'
#
loop_
_entity.id
_entity.type
_entity.pdbx_description
1 polymer 'Transient receptor potential cation channel subfamily M member 4'
2 non-polymer "ADENOSINE-5'-TRIPHOSPHATE"
#
_entity_poly.entity_id   1
_entity_poly.type   'polypeptide(L)'
_entity_poly.pdbx_seq_one_letter_code
;MVVPEKEQSWIPKIFKKKTCTTFIVDSTDPGGTLCQCGRPRTAHPAVAMEDAFGAAVVTVWDSDAHTTEKPTDAYGELDF
TGAGRKHSNFLRLSDRTDPAAVYSLVTRTWGFRAPNLVVSVLGGSGGPVLQTWLQDLLRRGLVRAAQSTGAWIVTGGLHT
GIGRHVGVAVRDHQMASTGGTKVVAMGVAPWGVVRNRDTLINPKGSFPARYRWRGDPEDGVQFPLDYNYSAFFLVDDGTH
GCLGGENRFRLRLESYISQQKTGVGGTGIDIPVLLLLIDGDEKMLTRIENATQAQLPCLLVAGSGGAADCLAETLEDTLA
PGSGGARQGEARDRIRRFFPKGDLEVLQAQVERIMTRKELLTVYSSEDGSEEFETIVLKALVKACGSSEASAYLDELRLA
VAWNRVDIAQSELFRGDIQWRSFHLEASLMDALLNDRPEFVRLLISHGLSLGHFLTPMRLAQLYSAAPSNSLIRNLLDQA
SHSAGTKAPALKGGAAELRPPDVGHVLRMLLGKMCAPRYPSGGAWDPHPGQGFGESMYLLSDKATSPLSLDAGLGQAPWS
DLLLWALLLNRAQMAMYFWEMGSNAVSSALGACLLLRVMARLEPDAEEAARRKDLAFKFEGMGVDLFGECYRSSEVRAAR
LLLRRCPLWGDATCLQLAMQADARAFFAQDGVQSLLTQKWWGDMASTTPIWALVLAFFCPPLIYTRLITFRKSEEEPTRE
ELEFDMDSVINGEGPVGTADPAEKTPLGVPRQSGRPGCCGGRCGGRRCLRRWFHFWGAPVTIFMGNVVSYLLFLLLFSRV
LLVDFQPAPPGSLELLLYFWAFTLLCEELRQGLSGGGGSLASGGPGPGHASLSQRLRLYLADSWNQCDLVALTCFLLGVG
CRLTPGLYHLGRTVLCIDFMVFTVRLLHIFTVNKQLGPKIVIVSKMMKDVFFFLFFLGVWLVAYGVATEGLLRPRDSDFP
SILRRVFYRPYLQIFGQIPQEDMDVALMEHSNCSSEPGFWAHPPGAQAGTCVSQYANWLVVLLLVIFLLVANILLVNLLI
AMFSYTFGKVQGNSDLYWKAQRYRLIREFHSRPALAPPFIVISHLRLLLRQLCRRPRSPQPSSPALEHFRVYLSKEAERK
LLTWESVHKENFLLARARDKRESDSERLKRTSQKVDLALKQLGHIREYEQRLKVLEREVQQCSRVLGWVAEALSRSALLP
PGGPPPPDLPGSKD
;
_entity_poly.pdbx_strand_id   B,A,C,D
#
loop_
_chem_comp.id
_chem_comp.type
_chem_comp.name
_chem_comp.formula
ATP non-polymer ADENOSINE-5'-TRIPHOSPHATE 'C10 H16 N5 O13 P3'
#
# COMPACT_ATOMS: atom_id res chain seq x y z
N GLN A 8 45.52 14.16 26.89
CA GLN A 8 45.82 15.50 26.45
C GLN A 8 47.22 15.94 26.92
N SER A 9 47.48 17.24 26.86
CA SER A 9 48.78 17.79 27.21
C SER A 9 49.00 17.90 28.71
N TRP A 10 47.98 17.67 29.52
CA TRP A 10 48.10 17.75 30.97
C TRP A 10 48.42 16.39 31.60
N ILE A 11 48.41 15.31 30.81
CA ILE A 11 48.60 13.97 31.39
C ILE A 11 49.96 13.81 32.05
N PRO A 12 51.09 14.22 31.44
CA PRO A 12 52.37 14.04 32.13
C PRO A 12 52.49 14.83 33.41
N LYS A 13 51.70 15.88 33.58
CA LYS A 13 51.80 16.71 34.78
C LYS A 13 51.25 15.98 36.01
N ILE A 14 50.25 15.11 35.81
CA ILE A 14 49.60 14.45 36.93
C ILE A 14 49.85 12.94 36.97
N PHE A 15 50.30 12.35 35.87
CA PHE A 15 50.62 10.92 35.82
C PHE A 15 52.12 10.74 35.64
N LYS A 16 52.70 9.81 36.40
CA LYS A 16 54.14 9.62 36.44
C LYS A 16 54.52 8.25 35.91
N LYS A 17 55.83 8.08 35.70
CA LYS A 17 56.42 6.80 35.32
C LYS A 17 57.65 6.58 36.20
N LYS A 18 57.94 5.32 36.46
CA LYS A 18 59.00 4.94 37.38
C LYS A 18 60.21 4.44 36.61
N THR A 19 61.37 5.05 36.88
CA THR A 19 62.63 4.67 36.28
C THR A 19 63.63 4.29 37.37
N CYS A 20 64.30 3.16 37.18
CA CYS A 20 65.20 2.64 38.20
C CYS A 20 66.52 3.42 38.21
N THR A 21 67.01 3.72 39.42
CA THR A 21 68.27 4.41 39.60
C THR A 21 69.30 3.58 40.36
N THR A 22 68.92 3.02 41.51
CA THR A 22 69.84 2.21 42.29
C THR A 22 69.99 0.84 41.64
N PHE A 23 71.24 0.39 41.49
CA PHE A 23 71.54 -0.87 40.82
C PHE A 23 71.82 -1.94 41.86
N ILE A 24 71.08 -3.05 41.79
CA ILE A 24 71.31 -4.22 42.63
C ILE A 24 71.37 -5.43 41.72
N VAL A 25 72.40 -6.27 41.90
CA VAL A 25 72.61 -7.40 41.00
C VAL A 25 71.58 -8.50 41.29
N ASP A 26 71.35 -9.33 40.29
CA ASP A 26 70.41 -10.45 40.41
C ASP A 26 71.03 -11.55 41.27
N THR A 59 70.15 -4.85 49.59
CA THR A 59 70.43 -6.08 48.84
C THR A 59 69.17 -6.58 48.14
N VAL A 60 68.02 -6.09 48.59
CA VAL A 60 66.72 -6.43 48.00
C VAL A 60 66.20 -5.18 47.30
N TRP A 61 65.83 -5.33 46.04
CA TRP A 61 65.42 -4.20 45.20
C TRP A 61 64.01 -3.76 45.60
N ASP A 62 63.93 -2.65 46.32
CA ASP A 62 62.63 -2.08 46.66
C ASP A 62 62.04 -1.37 45.46
N SER A 63 60.76 -1.62 45.19
CA SER A 63 60.09 -0.99 44.05
C SER A 63 59.84 0.49 44.29
N ASP A 64 59.72 0.93 45.54
CA ASP A 64 59.44 2.33 45.84
C ASP A 64 60.67 3.13 46.25
N ALA A 65 61.66 2.48 46.85
CA ALA A 65 62.84 3.19 47.33
C ALA A 65 63.91 3.37 46.26
N HIS A 66 64.09 2.38 45.39
CA HIS A 66 65.14 2.38 44.39
C HIS A 66 64.65 2.87 43.03
N THR A 67 63.62 3.70 43.00
CA THR A 67 63.04 4.16 41.74
C THR A 67 62.66 5.63 41.86
N THR A 68 62.66 6.31 40.72
CA THR A 68 62.32 7.73 40.67
C THR A 68 61.14 7.94 39.72
N GLU A 69 60.22 8.82 40.10
CA GLU A 69 59.04 9.09 39.31
C GLU A 69 59.22 10.39 38.52
N LYS A 70 58.98 10.31 37.21
CA LYS A 70 59.14 11.41 36.28
C LYS A 70 57.86 11.57 35.50
N PRO A 71 57.62 12.75 34.90
CA PRO A 71 56.41 12.92 34.08
C PRO A 71 56.32 11.87 32.99
N THR A 72 55.13 11.30 32.80
CA THR A 72 54.99 10.15 31.92
C THR A 72 55.21 10.54 30.46
N ASP A 73 55.73 9.59 29.70
CA ASP A 73 56.03 9.81 28.29
C ASP A 73 55.21 8.93 27.36
N ALA A 74 54.51 7.93 27.88
CA ALA A 74 53.69 7.03 27.07
C ALA A 74 52.23 7.21 27.48
N TYR A 75 51.44 7.83 26.60
CA TYR A 75 50.03 8.02 26.83
C TYR A 75 49.38 8.39 25.51
N GLY A 76 48.07 8.17 25.43
CA GLY A 76 47.34 8.58 24.25
C GLY A 76 46.48 7.50 23.64
N GLU A 77 46.51 7.37 22.31
CA GLU A 77 45.70 6.39 21.61
C GLU A 77 46.58 5.44 20.79
N LEU A 78 46.07 4.23 20.63
CA LEU A 78 46.76 3.14 19.98
C LEU A 78 46.07 2.79 18.66
N ASP A 79 46.84 2.76 17.59
CA ASP A 79 46.42 2.20 16.32
C ASP A 79 47.22 0.92 16.13
N PHE A 80 46.53 -0.23 16.21
CA PHE A 80 47.16 -1.50 15.89
C PHE A 80 47.43 -1.53 14.39
N THR A 81 48.71 -1.38 14.03
CA THR A 81 49.09 -1.16 12.64
C THR A 81 48.66 -2.33 11.77
N GLY A 82 48.06 -2.01 10.63
CA GLY A 82 47.55 -3.03 9.71
C GLY A 82 46.10 -3.37 9.90
N ALA A 83 45.69 -3.65 11.14
CA ALA A 83 44.30 -3.94 11.43
C ALA A 83 43.47 -2.66 11.30
N GLY A 84 42.37 -2.74 10.54
CA GLY A 84 41.50 -1.60 10.38
C GLY A 84 40.48 -1.49 11.49
N ARG A 85 40.94 -1.34 12.72
CA ARG A 85 40.09 -1.26 13.90
C ARG A 85 40.15 0.15 14.48
N LYS A 86 39.30 0.39 15.47
CA LYS A 86 39.32 1.67 16.18
C LYS A 86 40.56 1.77 17.06
N HIS A 87 40.92 3.01 17.40
CA HIS A 87 42.07 3.25 18.24
C HIS A 87 41.70 3.05 19.71
N SER A 88 42.54 2.32 20.44
CA SER A 88 42.34 2.16 21.87
C SER A 88 42.93 3.35 22.61
N ASN A 89 42.68 3.42 23.91
CA ASN A 89 43.24 4.45 24.76
C ASN A 89 44.21 3.79 25.73
N PHE A 90 45.47 4.23 25.74
CA PHE A 90 46.47 3.63 26.58
C PHE A 90 47.12 4.70 27.45
N LEU A 91 47.53 4.27 28.65
CA LEU A 91 48.22 5.16 29.57
C LEU A 91 49.26 4.37 30.36
N ARG A 92 50.52 4.77 30.25
CA ARG A 92 51.58 4.27 31.12
C ARG A 92 51.55 5.08 32.41
N LEU A 93 51.27 4.42 33.52
CA LEU A 93 51.08 5.08 34.79
C LEU A 93 51.89 4.39 35.88
N SER A 94 52.30 5.18 36.87
CA SER A 94 53.12 4.65 37.95
C SER A 94 52.34 3.65 38.79
N ASP A 95 53.08 2.80 39.50
CA ASP A 95 52.45 1.82 40.38
C ASP A 95 51.68 2.51 41.49
N ARG A 96 52.22 3.59 42.04
CA ARG A 96 51.59 4.32 43.14
C ARG A 96 50.77 5.50 42.61
N THR A 97 49.82 5.18 41.73
CA THR A 97 48.92 6.17 41.15
C THR A 97 47.53 6.01 41.77
N ASP A 98 46.99 7.09 42.30
CA ASP A 98 45.69 7.01 42.96
C ASP A 98 44.60 6.68 41.95
N PRO A 99 43.66 5.79 42.28
CA PRO A 99 42.63 5.39 41.31
C PRO A 99 41.71 6.51 40.88
N ALA A 100 41.59 7.58 41.69
CA ALA A 100 40.67 8.67 41.34
C ALA A 100 41.10 9.34 40.03
N ALA A 101 42.40 9.61 39.89
CA ALA A 101 42.88 10.30 38.69
C ALA A 101 42.66 9.47 37.44
N VAL A 102 42.98 8.18 37.48
CA VAL A 102 42.81 7.35 36.29
C VAL A 102 41.34 7.15 35.99
N TYR A 103 40.51 7.00 37.02
CA TYR A 103 39.08 6.85 36.78
C TYR A 103 38.49 8.11 36.15
N SER A 104 38.90 9.29 36.62
CA SER A 104 38.42 10.53 36.03
C SER A 104 38.92 10.68 34.60
N LEU A 105 40.15 10.22 34.32
CA LEU A 105 40.66 10.24 32.97
C LEU A 105 39.84 9.35 32.05
N VAL A 106 39.47 8.16 32.53
CA VAL A 106 38.71 7.22 31.71
C VAL A 106 37.31 7.77 31.44
N THR A 107 36.62 8.23 32.50
CA THR A 107 35.22 8.59 32.34
C THR A 107 35.06 9.92 31.59
N ARG A 108 35.90 10.91 31.91
CA ARG A 108 35.72 12.24 31.35
C ARG A 108 36.57 12.49 30.11
N THR A 109 37.88 12.31 30.22
CA THR A 109 38.77 12.64 29.11
C THR A 109 38.64 11.65 27.97
N TRP A 110 38.58 10.36 28.27
CA TRP A 110 38.52 9.33 27.25
C TRP A 110 37.09 9.02 26.79
N GLY A 111 36.09 9.63 27.43
CA GLY A 111 34.71 9.45 27.01
C GLY A 111 34.15 8.06 27.20
N PHE A 112 34.43 7.43 28.34
CA PHE A 112 33.82 6.14 28.66
C PHE A 112 32.69 6.36 29.65
N ARG A 113 31.53 5.78 29.36
CA ARG A 113 30.42 5.82 30.30
C ARG A 113 30.78 5.08 31.58
N ALA A 114 30.30 5.59 32.70
CA ALA A 114 30.55 4.93 33.97
C ALA A 114 29.90 3.54 33.95
N PRO A 115 30.58 2.51 34.42
CA PRO A 115 30.02 1.16 34.35
C PRO A 115 28.86 0.97 35.32
N ASN A 116 27.91 0.16 34.90
CA ASN A 116 26.85 -0.31 35.79
C ASN A 116 27.25 -1.56 36.55
N LEU A 117 28.39 -2.16 36.20
CA LEU A 117 28.93 -3.38 36.78
C LEU A 117 30.35 -3.52 36.27
N VAL A 118 31.22 -4.09 37.09
CA VAL A 118 32.60 -4.38 36.71
C VAL A 118 32.89 -5.82 37.04
N VAL A 119 33.22 -6.62 36.03
CA VAL A 119 33.62 -8.00 36.23
C VAL A 119 35.11 -8.11 35.98
N SER A 120 35.86 -8.47 37.02
CA SER A 120 37.30 -8.65 36.95
C SER A 120 37.60 -10.13 36.81
N VAL A 121 38.14 -10.52 35.65
CA VAL A 121 38.41 -11.92 35.37
C VAL A 121 39.84 -12.24 35.77
N LEU A 122 40.01 -13.32 36.53
CA LEU A 122 41.29 -13.72 37.09
C LEU A 122 41.63 -15.14 36.67
N GLY A 123 42.87 -15.52 36.92
CA GLY A 123 43.30 -16.89 36.76
C GLY A 123 43.76 -17.17 35.35
N GLY A 124 43.24 -18.26 34.77
CA GLY A 124 43.62 -18.67 33.43
C GLY A 124 44.65 -19.77 33.44
N SER A 125 44.22 -21.00 33.16
CA SER A 125 45.14 -22.11 33.09
C SER A 125 46.05 -21.99 31.87
N GLY A 126 47.28 -22.45 32.01
CA GLY A 126 48.21 -22.42 30.90
C GLY A 126 47.71 -23.24 29.73
N GLY A 127 47.95 -22.73 28.52
CA GLY A 127 47.53 -23.41 27.32
C GLY A 127 46.60 -22.56 26.47
N PRO A 128 46.92 -22.44 25.18
CA PRO A 128 46.07 -21.65 24.28
C PRO A 128 44.66 -22.20 24.12
N VAL A 129 44.42 -23.46 24.47
CA VAL A 129 43.12 -24.10 24.29
C VAL A 129 42.43 -24.16 25.65
N LEU A 130 41.25 -23.55 25.72
CA LEU A 130 40.38 -23.68 26.88
C LEU A 130 39.38 -24.81 26.66
N GLN A 131 38.76 -25.25 27.75
CA GLN A 131 37.67 -26.21 27.65
C GLN A 131 36.49 -25.56 26.95
N THR A 132 35.81 -26.34 26.10
CA THR A 132 34.75 -25.77 25.27
C THR A 132 33.63 -25.17 26.11
N TRP A 133 33.28 -25.84 27.21
CA TRP A 133 32.24 -25.29 28.09
C TRP A 133 32.70 -23.98 28.73
N LEU A 134 33.99 -23.88 29.07
CA LEU A 134 34.52 -22.62 29.61
C LEU A 134 34.46 -21.51 28.58
N GLN A 135 34.80 -21.80 27.32
CA GLN A 135 34.69 -20.80 26.27
C GLN A 135 33.24 -20.37 26.07
N ASP A 136 32.32 -21.33 26.12
CA ASP A 136 30.90 -21.00 26.01
C ASP A 136 30.45 -20.14 27.18
N LEU A 137 30.98 -20.40 28.37
CA LEU A 137 30.67 -19.57 29.53
C LEU A 137 31.20 -18.14 29.36
N LEU A 138 32.43 -18.02 28.87
CA LEU A 138 33.02 -16.69 28.67
C LEU A 138 32.27 -15.90 27.60
N ARG A 139 31.86 -16.55 26.51
CA ARG A 139 31.18 -15.84 25.43
C ARG A 139 29.70 -15.63 25.72
N ARG A 140 28.95 -16.71 25.87
CA ARG A 140 27.51 -16.62 26.08
C ARG A 140 27.15 -16.09 27.45
N GLY A 141 27.97 -16.31 28.46
CA GLY A 141 27.64 -15.89 29.80
C GLY A 141 28.21 -14.54 30.18
N LEU A 142 29.52 -14.37 30.06
CA LEU A 142 30.16 -13.17 30.58
C LEU A 142 30.01 -11.99 29.63
N VAL A 143 30.36 -12.18 28.35
CA VAL A 143 30.35 -11.07 27.41
C VAL A 143 28.93 -10.64 27.10
N ARG A 144 28.01 -11.60 26.97
CA ARG A 144 26.62 -11.25 26.70
C ARG A 144 26.00 -10.48 27.86
N ALA A 145 26.26 -10.92 29.10
CA ALA A 145 25.76 -10.21 30.26
C ALA A 145 26.40 -8.82 30.37
N ALA A 146 27.69 -8.72 30.07
CA ALA A 146 28.36 -7.43 30.12
C ALA A 146 27.77 -6.46 29.10
N GLN A 147 27.44 -6.95 27.91
CA GLN A 147 26.81 -6.10 26.92
C GLN A 147 25.39 -5.69 27.34
N SER A 148 24.63 -6.63 27.91
CA SER A 148 23.25 -6.33 28.27
C SER A 148 23.18 -5.36 29.44
N THR A 149 24.06 -5.51 30.43
CA THR A 149 24.03 -4.67 31.63
C THR A 149 24.93 -3.45 31.53
N GLY A 150 25.65 -3.27 30.44
CA GLY A 150 26.56 -2.15 30.30
C GLY A 150 27.73 -2.19 31.25
N ALA A 151 28.36 -3.36 31.39
CA ALA A 151 29.44 -3.57 32.34
C ALA A 151 30.80 -3.40 31.68
N TRP A 152 31.83 -3.29 32.53
CA TRP A 152 33.22 -3.28 32.11
C TRP A 152 33.85 -4.63 32.44
N ILE A 153 34.49 -5.25 31.45
CA ILE A 153 35.25 -6.47 31.67
C ILE A 153 36.71 -6.08 31.86
N VAL A 154 37.23 -6.32 33.06
CA VAL A 154 38.59 -5.91 33.42
C VAL A 154 39.44 -7.16 33.62
N THR A 155 40.55 -7.22 32.91
CA THR A 155 41.50 -8.30 33.07
C THR A 155 42.86 -7.81 32.58
N GLY A 156 43.80 -8.73 32.40
CA GLY A 156 45.04 -8.38 31.74
C GLY A 156 44.80 -8.05 30.28
N GLY A 157 45.48 -7.02 29.79
CA GLY A 157 45.30 -6.63 28.41
C GLY A 157 46.21 -7.32 27.42
N LEU A 158 47.05 -8.23 27.89
CA LEU A 158 48.02 -8.87 27.02
C LEU A 158 47.38 -10.03 26.26
N HIS A 159 47.99 -10.37 25.12
CA HIS A 159 47.50 -11.43 24.26
C HIS A 159 48.03 -12.79 24.72
N THR A 160 47.65 -13.16 25.94
CA THR A 160 48.07 -14.43 26.52
C THR A 160 47.17 -14.77 27.70
N GLY A 161 46.94 -16.07 27.88
CA GLY A 161 46.23 -16.53 29.06
C GLY A 161 44.78 -16.12 29.08
N ILE A 162 44.31 -15.75 30.28
CA ILE A 162 42.90 -15.41 30.45
C ILE A 162 42.57 -14.13 29.69
N GLY A 163 43.53 -13.23 29.51
CA GLY A 163 43.31 -12.08 28.66
C GLY A 163 43.04 -12.47 27.22
N ARG A 164 43.84 -13.40 26.69
CA ARG A 164 43.61 -13.89 25.34
C ARG A 164 42.25 -14.57 25.22
N HIS A 165 41.88 -15.35 26.23
CA HIS A 165 40.60 -16.06 26.17
C HIS A 165 39.41 -15.12 26.25
N VAL A 166 39.50 -14.09 27.10
CA VAL A 166 38.43 -13.10 27.17
C VAL A 166 38.35 -12.29 25.88
N GLY A 167 39.50 -11.99 25.28
CA GLY A 167 39.49 -11.32 23.99
C GLY A 167 38.85 -12.17 22.91
N VAL A 168 39.13 -13.47 22.91
CA VAL A 168 38.50 -14.39 21.96
C VAL A 168 37.00 -14.43 22.18
N ALA A 169 36.56 -14.44 23.45
CA ALA A 169 35.13 -14.42 23.75
C ALA A 169 34.48 -13.14 23.22
N VAL A 170 35.13 -11.99 23.43
CA VAL A 170 34.59 -10.72 22.94
C VAL A 170 34.51 -10.72 21.43
N ARG A 171 35.57 -11.20 20.76
CA ARG A 171 35.58 -11.26 19.30
C ARG A 171 34.45 -12.16 18.78
N ASP A 172 34.31 -13.35 19.36
CA ASP A 172 33.28 -14.27 18.91
C ASP A 172 31.89 -13.72 19.15
N HIS A 173 31.68 -13.05 20.29
CA HIS A 173 30.39 -12.42 20.56
C HIS A 173 30.08 -11.34 19.54
N GLN A 174 31.08 -10.53 19.19
CA GLN A 174 30.85 -9.44 18.23
C GLN A 174 30.64 -9.96 16.82
N MET A 175 31.28 -11.08 16.46
CA MET A 175 31.09 -11.64 15.12
C MET A 175 29.66 -12.08 14.92
N ALA A 176 29.11 -12.84 15.85
CA ALA A 176 27.69 -13.21 15.85
C ALA A 176 26.93 -12.28 16.79
N SER A 177 26.77 -11.02 16.33
CA SER A 177 26.16 -9.99 17.16
C SER A 177 25.14 -9.21 16.34
N THR A 178 24.19 -8.63 17.05
CA THR A 178 23.20 -7.74 16.46
C THR A 178 23.75 -6.32 16.45
N GLY A 179 22.90 -5.35 16.16
CA GLY A 179 23.31 -3.95 16.20
C GLY A 179 23.29 -3.38 17.60
N GLY A 180 23.98 -4.05 18.53
CA GLY A 180 24.02 -3.64 19.92
C GLY A 180 25.30 -2.90 20.25
N THR A 181 25.28 -2.23 21.41
CA THR A 181 26.43 -1.48 21.87
C THR A 181 27.60 -2.41 22.14
N LYS A 182 28.81 -1.93 21.85
CA LYS A 182 29.98 -2.78 21.99
C LYS A 182 30.33 -3.00 23.46
N VAL A 183 31.04 -4.10 23.71
CA VAL A 183 31.48 -4.44 25.05
C VAL A 183 32.75 -3.65 25.36
N VAL A 184 32.87 -3.19 26.61
CA VAL A 184 33.99 -2.37 27.04
C VAL A 184 34.95 -3.25 27.85
N ALA A 185 36.20 -3.29 27.41
CA ALA A 185 37.23 -4.10 28.01
C ALA A 185 38.41 -3.25 28.45
N MET A 186 38.87 -3.50 29.66
CA MET A 186 40.01 -2.82 30.26
C MET A 186 41.12 -3.83 30.52
N GLY A 187 42.33 -3.47 30.11
CA GLY A 187 43.47 -4.30 30.38
C GLY A 187 44.46 -3.62 31.30
N VAL A 188 44.57 -4.12 32.52
CA VAL A 188 45.53 -3.61 33.49
C VAL A 188 46.75 -4.52 33.41
N ALA A 189 47.78 -4.06 32.71
CA ALA A 189 48.93 -4.90 32.39
C ALA A 189 50.21 -4.24 32.86
N PRO A 190 51.23 -5.03 33.17
CA PRO A 190 52.50 -4.44 33.62
C PRO A 190 53.25 -3.79 32.47
N TRP A 191 53.83 -2.63 32.73
CA TRP A 191 54.80 -2.04 31.81
C TRP A 191 56.14 -2.69 32.08
N GLY A 192 56.63 -3.47 31.12
CA GLY A 192 57.84 -4.23 31.31
C GLY A 192 57.72 -5.59 30.65
N VAL A 193 56.48 -6.06 30.50
CA VAL A 193 56.17 -7.26 29.75
C VAL A 193 55.40 -6.95 28.48
N VAL A 194 55.21 -5.67 28.17
CA VAL A 194 54.54 -5.27 26.94
C VAL A 194 55.55 -5.29 25.80
N ARG A 195 55.30 -6.13 24.81
CA ARG A 195 56.20 -6.29 23.69
C ARG A 195 56.08 -5.10 22.74
N ASN A 196 57.21 -4.64 22.21
CA ASN A 196 57.27 -3.53 21.27
C ASN A 196 56.63 -2.28 21.85
N ARG A 197 56.84 -2.05 23.15
CA ARG A 197 56.26 -0.89 23.81
C ARG A 197 57.05 0.38 23.57
N ASP A 198 58.28 0.28 23.05
CA ASP A 198 59.06 1.47 22.76
C ASP A 198 58.38 2.36 21.71
N THR A 199 57.53 1.80 20.88
CA THR A 199 56.78 2.60 19.91
C THR A 199 55.71 3.47 20.57
N LEU A 200 55.43 3.26 21.85
CA LEU A 200 54.41 4.02 22.56
C LEU A 200 54.96 5.26 23.25
N ILE A 201 56.27 5.46 23.22
CA ILE A 201 56.92 6.52 23.98
C ILE A 201 57.00 7.78 23.12
N ASN A 202 56.30 8.82 23.55
CA ASN A 202 56.31 10.14 22.93
C ASN A 202 55.86 11.17 23.95
N PRO A 203 56.78 11.94 24.54
CA PRO A 203 56.40 12.87 25.61
C PRO A 203 55.39 13.92 25.19
N LYS A 204 55.34 14.26 23.89
CA LYS A 204 54.38 15.25 23.43
C LYS A 204 52.97 14.67 23.31
N GLY A 205 52.85 13.35 23.42
CA GLY A 205 51.56 12.70 23.31
C GLY A 205 51.48 11.83 22.07
N SER A 206 51.55 10.50 22.26
CA SER A 206 51.52 9.56 21.15
C SER A 206 50.06 9.20 20.85
N PHE A 207 49.36 10.18 20.28
CA PHE A 207 47.93 10.00 20.07
C PHE A 207 47.65 9.05 18.91
N PRO A 208 48.19 9.27 17.71
CA PRO A 208 48.08 8.14 16.75
C PRO A 208 49.28 7.21 16.86
N ALA A 209 49.38 6.53 18.01
CA ALA A 209 50.56 5.70 18.26
C ALA A 209 50.44 4.38 17.51
N ARG A 210 51.32 4.16 16.54
CA ARG A 210 51.28 2.93 15.74
C ARG A 210 51.97 1.82 16.51
N TYR A 211 51.24 0.75 16.79
CA TYR A 211 51.70 -0.33 17.66
C TYR A 211 51.90 -1.60 16.85
N ARG A 212 53.05 -2.25 17.03
CA ARG A 212 53.36 -3.52 16.36
C ARG A 212 52.90 -4.66 17.28
N TRP A 213 51.80 -5.30 16.90
CA TRP A 213 51.14 -6.27 17.75
C TRP A 213 51.28 -7.71 17.28
N ARG A 214 51.98 -7.94 16.16
CA ARG A 214 52.13 -9.30 15.65
C ARG A 214 53.39 -9.35 14.78
N GLY A 215 53.81 -10.58 14.49
CA GLY A 215 54.97 -10.81 13.66
C GLY A 215 56.25 -11.14 14.39
N ASP A 216 56.28 -11.00 15.71
CA ASP A 216 57.46 -11.34 16.50
C ASP A 216 57.38 -12.79 16.96
N PRO A 217 58.53 -13.47 17.09
CA PRO A 217 58.52 -14.83 17.63
C PRO A 217 57.94 -14.86 19.04
N GLU A 218 57.18 -15.91 19.32
CA GLU A 218 56.52 -16.00 20.62
C GLU A 218 57.55 -16.25 21.72
N ASP A 219 57.44 -15.47 22.79
CA ASP A 219 58.34 -15.56 23.93
C ASP A 219 57.51 -15.60 25.21
N GLY A 220 58.06 -16.27 26.22
CA GLY A 220 57.40 -16.36 27.51
C GLY A 220 57.61 -15.19 28.43
N VAL A 221 58.29 -14.15 27.97
CA VAL A 221 58.60 -12.98 28.80
C VAL A 221 57.75 -11.77 28.40
N GLN A 222 57.83 -11.36 27.14
CA GLN A 222 57.08 -10.21 26.65
C GLN A 222 55.92 -10.67 25.78
N PHE A 223 54.79 -9.99 25.92
CA PHE A 223 53.57 -10.31 25.19
C PHE A 223 52.99 -9.04 24.60
N PRO A 224 52.34 -9.14 23.44
CA PRO A 224 51.73 -7.95 22.83
C PRO A 224 50.44 -7.57 23.55
N LEU A 225 49.87 -6.45 23.11
CA LEU A 225 48.58 -6.00 23.63
C LEU A 225 47.46 -6.58 22.79
N ASP A 226 46.47 -7.17 23.46
CA ASP A 226 45.30 -7.74 22.80
C ASP A 226 44.40 -6.61 22.32
N TYR A 227 44.11 -6.56 21.02
CA TYR A 227 43.38 -5.41 20.49
C TYR A 227 41.89 -5.46 20.77
N ASN A 228 41.38 -6.55 21.34
CA ASN A 228 39.98 -6.60 21.71
C ASN A 228 39.66 -5.79 22.96
N TYR A 229 40.63 -5.07 23.49
CA TYR A 229 40.45 -4.30 24.72
C TYR A 229 40.32 -2.83 24.40
N SER A 230 39.30 -2.19 24.99
CA SER A 230 39.02 -0.80 24.71
C SER A 230 40.10 0.12 25.30
N ALA A 231 40.62 -0.22 26.47
CA ALA A 231 41.62 0.65 27.09
C ALA A 231 42.70 -0.18 27.78
N PHE A 232 43.87 0.44 27.94
CA PHE A 232 45.04 -0.21 28.51
C PHE A 232 45.65 0.69 29.58
N PHE A 233 45.85 0.12 30.77
CA PHE A 233 46.57 0.78 31.85
C PHE A 233 47.86 -0.01 32.07
N LEU A 234 48.97 0.58 31.65
CA LEU A 234 50.29 -0.06 31.74
C LEU A 234 50.94 0.42 33.04
N VAL A 235 50.92 -0.44 34.05
CA VAL A 235 51.38 -0.10 35.39
C VAL A 235 52.88 -0.33 35.44
N ASP A 236 53.64 0.76 35.49
CA ASP A 236 55.10 0.71 35.49
C ASP A 236 55.57 0.81 36.94
N ASP A 237 56.06 -0.30 37.49
CA ASP A 237 56.67 -0.30 38.81
C ASP A 237 58.19 -0.22 38.75
N GLY A 238 58.77 -0.04 37.57
CA GLY A 238 60.19 0.14 37.40
C GLY A 238 60.92 -1.09 36.88
N THR A 239 60.30 -2.26 36.93
CA THR A 239 60.97 -3.49 36.52
C THR A 239 60.86 -3.68 35.01
N HIS A 240 61.46 -4.78 34.55
CA HIS A 240 61.42 -5.16 33.14
C HIS A 240 61.37 -6.68 33.05
N GLY A 241 60.31 -7.21 32.46
CA GLY A 241 60.13 -8.64 32.32
C GLY A 241 59.55 -9.34 33.53
N CYS A 242 59.12 -8.59 34.55
CA CYS A 242 58.58 -9.18 35.77
C CYS A 242 57.06 -9.07 35.77
N LEU A 243 56.40 -10.15 36.17
CA LEU A 243 54.95 -10.21 36.24
C LEU A 243 54.49 -10.05 37.69
N GLY A 244 53.32 -9.42 37.86
CA GLY A 244 52.71 -9.26 39.17
C GLY A 244 52.88 -7.90 39.80
N GLY A 245 53.56 -6.96 39.13
CA GLY A 245 53.72 -5.63 39.67
C GLY A 245 52.53 -4.71 39.50
N GLU A 246 51.49 -5.17 38.83
CA GLU A 246 50.30 -4.37 38.56
C GLU A 246 49.09 -4.79 39.39
N ASN A 247 49.22 -5.85 40.19
CA ASN A 247 48.07 -6.35 40.95
C ASN A 247 47.58 -5.33 41.97
N ARG A 248 48.49 -4.63 42.64
CA ARG A 248 48.10 -3.69 43.67
C ARG A 248 47.25 -2.55 43.08
N PHE A 249 47.71 -1.98 41.96
CA PHE A 249 46.94 -0.91 41.34
C PHE A 249 45.61 -1.42 40.84
N ARG A 250 45.56 -2.64 40.30
CA ARG A 250 44.31 -3.20 39.81
C ARG A 250 43.31 -3.35 40.94
N LEU A 251 43.76 -3.88 42.09
CA LEU A 251 42.87 -4.05 43.22
C LEU A 251 42.40 -2.70 43.76
N ARG A 252 43.30 -1.72 43.83
CA ARG A 252 42.91 -0.40 44.30
C ARG A 252 41.88 0.24 43.36
N LEU A 253 42.08 0.08 42.05
CA LEU A 253 41.14 0.63 41.08
C LEU A 253 39.77 -0.04 41.21
N GLU A 254 39.76 -1.36 41.38
CA GLU A 254 38.49 -2.07 41.57
C GLU A 254 37.78 -1.59 42.83
N SER A 255 38.54 -1.46 43.93
CA SER A 255 37.94 -0.98 45.18
C SER A 255 37.40 0.44 45.04
N TYR A 256 38.12 1.32 44.35
CA TYR A 256 37.64 2.68 44.15
C TYR A 256 36.37 2.70 43.30
N ILE A 257 36.32 1.88 42.26
CA ILE A 257 35.11 1.82 41.43
C ILE A 257 33.95 1.29 42.24
N SER A 258 34.20 0.37 43.17
CA SER A 258 33.15 -0.17 44.02
C SER A 258 32.46 0.91 44.86
N GLN A 259 33.12 2.05 45.08
CA GLN A 259 32.60 3.10 45.93
C GLN A 259 31.93 4.23 45.15
N GLN A 260 31.93 4.17 43.82
CA GLN A 260 31.26 5.19 43.03
C GLN A 260 29.77 4.87 42.92
N LYS A 261 29.00 5.85 42.46
CA LYS A 261 27.55 5.74 42.40
C LYS A 261 27.08 5.66 40.95
N THR A 262 26.07 4.83 40.71
CA THR A 262 25.49 4.70 39.39
C THR A 262 24.46 5.79 39.14
N GLY A 263 24.10 5.97 37.87
CA GLY A 263 23.07 6.90 37.50
C GLY A 263 23.54 8.34 37.49
N VAL A 264 22.59 9.24 37.24
CA VAL A 264 22.88 10.67 37.21
C VAL A 264 23.24 11.12 38.62
N GLY A 265 24.33 11.87 38.73
CA GLY A 265 24.78 12.28 40.05
C GLY A 265 25.26 11.10 40.87
N GLY A 266 25.33 11.33 42.19
CA GLY A 266 25.70 10.28 43.11
C GLY A 266 24.49 9.67 43.80
N THR A 267 23.34 9.75 43.13
CA THR A 267 22.09 9.32 43.75
C THR A 267 21.94 7.81 43.79
N GLY A 268 22.52 7.10 42.83
CA GLY A 268 22.27 5.68 42.70
C GLY A 268 22.96 4.80 43.72
N ILE A 269 23.04 3.51 43.42
CA ILE A 269 23.70 2.56 44.30
C ILE A 269 25.20 2.54 43.99
N ASP A 270 25.98 1.96 44.89
CA ASP A 270 27.40 1.75 44.62
C ASP A 270 27.56 0.79 43.45
N ILE A 271 28.53 1.09 42.58
CA ILE A 271 28.78 0.27 41.39
C ILE A 271 29.19 -1.12 41.84
N PRO A 272 28.48 -2.17 41.42
CA PRO A 272 28.84 -3.52 41.83
C PRO A 272 30.08 -4.01 41.10
N VAL A 273 31.06 -4.48 41.86
CA VAL A 273 32.29 -5.03 41.31
C VAL A 273 32.39 -6.48 41.75
N LEU A 274 32.52 -7.38 40.78
CA LEU A 274 32.53 -8.82 41.00
C LEU A 274 33.78 -9.38 40.35
N LEU A 275 34.42 -10.33 41.03
CA LEU A 275 35.62 -11.00 40.53
C LEU A 275 35.24 -12.41 40.09
N LEU A 276 35.52 -12.73 38.84
CA LEU A 276 35.27 -14.06 38.29
C LEU A 276 36.59 -14.81 38.21
N LEU A 277 36.66 -15.97 38.86
CA LEU A 277 37.89 -16.73 38.99
C LEU A 277 37.78 -18.03 38.19
N ILE A 278 38.71 -18.22 37.25
CA ILE A 278 38.83 -19.44 36.48
C ILE A 278 40.25 -19.97 36.65
N ASP A 279 40.37 -21.22 37.10
CA ASP A 279 41.67 -21.85 37.33
C ASP A 279 42.45 -20.97 38.31
N GLY A 280 43.78 -20.96 38.20
CA GLY A 280 44.62 -20.11 39.01
C GLY A 280 45.74 -20.90 39.68
N ASP A 281 46.43 -20.21 40.58
CA ASP A 281 47.54 -20.79 41.32
C ASP A 281 47.60 -20.12 42.70
N GLU A 282 48.74 -20.25 43.37
CA GLU A 282 48.89 -19.68 44.71
C GLU A 282 48.77 -18.16 44.68
N LYS A 283 49.36 -17.52 43.67
CA LYS A 283 49.20 -16.08 43.52
C LYS A 283 47.73 -15.71 43.32
N MET A 284 46.96 -16.58 42.65
CA MET A 284 45.53 -16.34 42.52
C MET A 284 44.82 -16.47 43.87
N LEU A 285 45.29 -17.37 44.73
CA LEU A 285 44.76 -17.44 46.09
C LEU A 285 45.05 -16.15 46.85
N THR A 286 46.25 -15.59 46.67
CA THR A 286 46.55 -14.30 47.29
C THR A 286 45.66 -13.19 46.74
N ARG A 287 45.40 -13.21 45.44
CA ARG A 287 44.50 -12.23 44.84
C ARG A 287 43.10 -12.34 45.44
N ILE A 288 42.60 -13.57 45.58
CA ILE A 288 41.27 -13.77 46.15
C ILE A 288 41.23 -13.32 47.61
N GLU A 289 42.29 -13.61 48.37
CA GLU A 289 42.33 -13.17 49.76
C GLU A 289 42.32 -11.65 49.86
N ASN A 290 43.11 -10.97 49.02
CA ASN A 290 43.13 -9.51 49.05
C ASN A 290 41.78 -8.93 48.65
N ALA A 291 41.15 -9.49 47.61
CA ALA A 291 39.84 -9.00 47.18
C ALA A 291 38.79 -9.20 48.26
N THR A 292 38.81 -10.37 48.91
CA THR A 292 37.87 -10.63 50.00
C THR A 292 38.11 -9.67 51.16
N GLN A 293 39.36 -9.40 51.48
CA GLN A 293 39.66 -8.42 52.53
C GLN A 293 39.23 -7.03 52.13
N ALA A 294 39.16 -6.76 50.82
CA ALA A 294 38.68 -5.48 50.31
C ALA A 294 37.17 -5.45 50.10
N GLN A 295 36.45 -6.46 50.59
CA GLN A 295 34.99 -6.55 50.48
C GLN A 295 34.54 -6.54 49.03
N LEU A 296 35.08 -7.50 48.26
CA LEU A 296 34.73 -7.69 46.87
C LEU A 296 34.24 -9.11 46.67
N PRO A 297 33.01 -9.32 46.19
CA PRO A 297 32.53 -10.68 45.98
C PRO A 297 33.36 -11.41 44.93
N CYS A 298 33.52 -12.72 45.13
CA CYS A 298 34.29 -13.56 44.24
C CYS A 298 33.43 -14.73 43.79
N LEU A 299 33.26 -14.87 42.48
CA LEU A 299 32.53 -15.97 41.88
C LEU A 299 33.54 -16.97 41.33
N LEU A 300 33.53 -18.18 41.87
CA LEU A 300 34.51 -19.21 41.53
C LEU A 300 33.85 -20.21 40.60
N VAL A 301 34.46 -20.44 39.44
CA VAL A 301 33.89 -21.32 38.43
C VAL A 301 34.23 -22.76 38.78
N ALA A 302 33.22 -23.56 39.08
CA ALA A 302 33.42 -24.96 39.39
C ALA A 302 33.77 -25.75 38.13
N GLY A 303 34.71 -26.68 38.26
CA GLY A 303 35.19 -27.46 37.13
C GLY A 303 36.36 -26.86 36.39
N SER A 304 36.93 -25.77 36.87
CA SER A 304 38.05 -25.14 36.18
C SER A 304 39.37 -25.83 36.50
N GLY A 305 39.77 -25.82 37.77
CA GLY A 305 41.03 -26.44 38.14
C GLY A 305 41.53 -25.91 39.47
N GLY A 306 42.84 -25.72 39.54
CA GLY A 306 43.46 -25.29 40.79
C GLY A 306 43.02 -23.89 41.19
N ALA A 307 42.92 -23.68 42.50
CA ALA A 307 42.61 -22.40 43.13
C ALA A 307 41.17 -21.96 42.86
N ALA A 308 40.46 -22.69 42.02
CA ALA A 308 39.05 -22.45 41.76
C ALA A 308 38.17 -23.61 42.20
N ASP A 309 38.49 -24.82 41.78
CA ASP A 309 37.82 -26.00 42.31
C ASP A 309 38.21 -26.23 43.77
N CYS A 310 39.43 -25.84 44.16
CA CYS A 310 39.85 -25.98 45.55
C CYS A 310 38.97 -25.15 46.46
N LEU A 311 38.84 -23.86 46.16
CA LEU A 311 38.03 -22.98 47.01
C LEU A 311 36.55 -23.36 46.95
N ALA A 312 36.06 -23.77 45.77
CA ALA A 312 34.66 -24.18 45.66
C ALA A 312 34.39 -25.44 46.49
N GLU A 313 35.29 -26.42 46.43
CA GLU A 313 35.13 -27.63 47.23
C GLU A 313 35.22 -27.34 48.72
N THR A 314 36.13 -26.43 49.11
CA THR A 314 36.20 -26.03 50.50
C THR A 314 34.92 -25.33 50.96
N LEU A 315 34.36 -24.46 50.11
CA LEU A 315 33.15 -23.74 50.46
C LEU A 315 31.96 -24.67 50.58
N GLU A 316 31.81 -25.63 49.66
CA GLU A 316 30.70 -26.57 49.75
C GLU A 316 30.94 -27.64 50.81
N ASP A 317 32.18 -27.82 51.25
CA ASP A 317 32.47 -28.77 52.33
C ASP A 317 32.08 -28.17 53.68
N THR A 318 32.15 -26.84 53.80
CA THR A 318 31.87 -26.11 55.02
C THR A 318 32.61 -26.69 56.23
N ALA A 331 40.94 -31.84 53.84
CA ALA A 331 41.40 -30.50 54.19
C ALA A 331 42.78 -30.22 53.59
N ARG A 332 43.73 -31.11 53.88
CA ARG A 332 45.08 -30.96 53.32
C ARG A 332 45.24 -31.76 52.04
N ASP A 333 44.47 -32.84 51.87
CA ASP A 333 44.58 -33.65 50.65
C ASP A 333 44.19 -32.85 49.42
N ARG A 334 43.16 -32.02 49.53
CA ARG A 334 42.75 -31.20 48.38
C ARG A 334 43.84 -30.21 48.00
N ILE A 335 44.48 -29.58 48.99
CA ILE A 335 45.57 -28.66 48.68
C ILE A 335 46.74 -29.42 48.07
N ARG A 336 47.01 -30.62 48.56
CA ARG A 336 48.11 -31.41 48.00
C ARG A 336 47.85 -31.79 46.54
N ARG A 337 46.62 -32.21 46.23
CA ARG A 337 46.34 -32.66 44.88
C ARG A 337 46.19 -31.49 43.90
N PHE A 338 45.62 -30.37 44.36
CA PHE A 338 45.49 -29.21 43.48
C PHE A 338 46.83 -28.48 43.32
N PHE A 339 47.64 -28.46 44.37
CA PHE A 339 48.90 -27.70 44.40
C PHE A 339 50.05 -28.60 44.80
N PRO A 340 50.56 -29.42 43.89
CA PRO A 340 51.79 -30.18 44.18
C PRO A 340 52.98 -29.22 44.30
N LYS A 341 53.98 -29.66 45.08
CA LYS A 341 55.16 -28.85 45.37
C LYS A 341 54.79 -27.50 45.96
N GLY A 342 53.82 -27.51 46.88
CA GLY A 342 53.43 -26.30 47.58
C GLY A 342 53.37 -26.52 49.08
N ASP A 343 54.05 -25.65 49.83
CA ASP A 343 54.10 -25.80 51.29
C ASP A 343 52.70 -25.73 51.87
N LEU A 344 52.37 -26.71 52.73
CA LEU A 344 51.00 -26.89 53.18
C LEU A 344 50.58 -25.89 54.25
N GLU A 345 51.50 -25.46 55.12
CA GLU A 345 51.09 -24.63 56.25
C GLU A 345 50.60 -23.26 55.78
N VAL A 346 51.38 -22.58 54.93
CA VAL A 346 51.00 -21.25 54.49
C VAL A 346 49.75 -21.30 53.63
N LEU A 347 49.66 -22.28 52.73
CA LEU A 347 48.47 -22.42 51.90
C LEU A 347 47.24 -22.72 52.74
N GLN A 348 47.39 -23.58 53.76
CA GLN A 348 46.25 -23.90 54.63
C GLN A 348 45.79 -22.67 55.40
N ALA A 349 46.73 -21.90 55.93
CA ALA A 349 46.36 -20.68 56.65
C ALA A 349 45.69 -19.67 55.71
N GLN A 350 46.19 -19.58 54.48
CA GLN A 350 45.56 -18.68 53.50
C GLN A 350 44.15 -19.13 53.17
N VAL A 351 43.93 -20.44 53.02
CA VAL A 351 42.58 -20.94 52.74
C VAL A 351 41.67 -20.70 53.93
N GLU A 352 42.19 -20.82 55.15
CA GLU A 352 41.39 -20.50 56.33
C GLU A 352 40.99 -19.03 56.34
N ARG A 353 41.93 -18.14 56.02
CA ARG A 353 41.60 -16.72 55.93
C ARG A 353 40.61 -16.44 54.80
N ILE A 354 40.68 -17.23 53.72
CA ILE A 354 39.69 -17.12 52.65
C ILE A 354 38.31 -17.47 53.19
N MET A 355 38.20 -18.60 53.87
CA MET A 355 36.91 -19.08 54.36
C MET A 355 36.39 -18.25 55.53
N THR A 356 37.25 -17.43 56.14
CA THR A 356 36.78 -16.55 57.20
C THR A 356 35.61 -15.68 56.74
N ARG A 357 35.78 -14.99 55.61
CA ARG A 357 34.70 -14.22 55.00
C ARG A 357 34.11 -15.04 53.85
N LYS A 358 33.32 -16.05 54.22
CA LYS A 358 32.75 -16.96 53.24
C LYS A 358 31.44 -16.46 52.65
N GLU A 359 30.92 -15.33 53.12
CA GLU A 359 29.74 -14.73 52.53
C GLU A 359 30.06 -13.97 51.25
N LEU A 360 31.34 -13.68 51.01
CA LEU A 360 31.75 -13.02 49.78
C LEU A 360 32.13 -14.00 48.69
N LEU A 361 32.04 -15.30 48.96
CA LEU A 361 32.36 -16.31 47.96
C LEU A 361 31.10 -16.98 47.44
N THR A 362 30.99 -17.07 46.12
CA THR A 362 29.89 -17.75 45.46
C THR A 362 30.49 -18.74 44.46
N VAL A 363 29.75 -19.81 44.18
CA VAL A 363 30.21 -20.87 43.29
C VAL A 363 29.31 -20.92 42.06
N TYR A 364 29.94 -20.85 40.88
CA TYR A 364 29.23 -21.00 39.61
C TYR A 364 29.25 -22.49 39.29
N SER A 365 28.22 -23.20 39.74
CA SER A 365 28.19 -24.65 39.63
C SER A 365 28.10 -25.08 38.17
N SER A 366 28.58 -26.29 37.90
CA SER A 366 28.57 -26.83 36.55
C SER A 366 27.14 -26.99 36.02
N GLU A 367 26.16 -27.11 36.92
CA GLU A 367 24.78 -27.22 36.49
C GLU A 367 24.29 -25.92 35.87
N ASP A 368 24.75 -24.77 36.40
CA ASP A 368 24.30 -23.48 35.91
C ASP A 368 24.70 -23.27 34.46
N GLY A 369 23.76 -22.80 33.64
CA GLY A 369 24.04 -22.48 32.26
C GLY A 369 24.51 -21.04 32.09
N SER A 370 24.91 -20.71 30.86
CA SER A 370 25.37 -19.37 30.56
C SER A 370 24.24 -18.34 30.69
N GLU A 371 23.04 -18.70 30.26
CA GLU A 371 21.91 -17.78 30.30
C GLU A 371 21.55 -17.35 31.70
N GLU A 372 22.03 -18.08 32.72
CA GLU A 372 21.77 -17.76 34.11
C GLU A 372 22.92 -16.97 34.75
N PHE A 373 23.76 -16.34 33.93
CA PHE A 373 24.91 -15.61 34.47
C PHE A 373 24.45 -14.45 35.35
N GLU A 374 23.63 -13.56 34.79
CA GLU A 374 23.25 -12.33 35.50
C GLU A 374 22.61 -12.65 36.84
N THR A 375 21.66 -13.57 36.84
CA THR A 375 20.99 -13.95 38.09
C THR A 375 22.01 -14.37 39.13
N ILE A 376 22.99 -15.19 38.74
CA ILE A 376 24.02 -15.60 39.67
C ILE A 376 24.75 -14.39 40.22
N VAL A 377 25.11 -13.45 39.35
CA VAL A 377 25.75 -12.23 39.79
C VAL A 377 24.89 -11.54 40.84
N LEU A 378 23.57 -11.47 40.59
CA LEU A 378 22.67 -10.90 41.58
C LEU A 378 22.79 -11.61 42.92
N LYS A 379 22.73 -12.95 42.90
CA LYS A 379 22.80 -13.69 44.16
C LYS A 379 24.19 -13.61 44.78
N ALA A 380 25.18 -13.13 44.04
CA ALA A 380 26.49 -12.90 44.62
C ALA A 380 26.59 -11.48 45.20
N LEU A 381 25.81 -10.54 44.67
CA LEU A 381 25.93 -9.15 45.10
C LEU A 381 25.08 -8.90 46.34
N VAL A 382 23.80 -9.28 46.31
CA VAL A 382 22.92 -9.04 47.44
C VAL A 382 23.40 -9.81 48.66
N LYS A 383 23.90 -11.03 48.46
CA LYS A 383 24.48 -11.79 49.57
C LYS A 383 25.68 -11.04 50.16
N ALA A 384 26.42 -10.32 49.33
CA ALA A 384 27.49 -9.48 49.86
C ALA A 384 26.94 -8.32 50.65
N CYS A 385 25.77 -7.81 50.25
CA CYS A 385 25.16 -6.70 50.98
C CYS A 385 24.80 -7.10 52.41
N GLY A 386 24.27 -8.31 52.58
CA GLY A 386 23.91 -8.80 53.91
C GLY A 386 25.08 -9.44 54.62
N TYR A 393 24.38 -0.32 50.61
CA TYR A 393 23.20 -1.16 50.58
C TYR A 393 22.55 -1.16 49.20
N LEU A 394 22.09 -2.34 48.76
CA LEU A 394 21.38 -2.49 47.50
C LEU A 394 20.42 -3.66 47.60
N ASP A 395 19.41 -3.66 46.73
CA ASP A 395 18.49 -4.77 46.57
C ASP A 395 18.38 -5.11 45.10
N GLU A 396 17.66 -6.20 44.80
CA GLU A 396 17.56 -6.67 43.43
C GLU A 396 16.85 -5.67 42.53
N LEU A 397 15.88 -4.93 43.07
CA LEU A 397 15.16 -3.95 42.26
C LEU A 397 16.07 -2.79 41.86
N ARG A 398 16.86 -2.27 42.80
CA ARG A 398 17.75 -1.17 42.46
C ARG A 398 18.87 -1.61 41.53
N LEU A 399 19.34 -2.86 41.66
CA LEU A 399 20.29 -3.39 40.68
C LEU A 399 19.65 -3.53 39.31
N ALA A 400 18.40 -3.98 39.25
CA ALA A 400 17.71 -4.11 37.98
C ALA A 400 17.47 -2.75 37.33
N VAL A 401 17.31 -1.71 38.14
CA VAL A 401 17.17 -0.36 37.59
C VAL A 401 18.51 0.20 37.16
N ALA A 402 19.58 -0.11 37.91
CA ALA A 402 20.91 0.36 37.54
C ALA A 402 21.30 -0.17 36.18
N TRP A 403 21.08 -1.46 35.95
CA TRP A 403 21.11 -2.03 34.62
C TRP A 403 19.78 -1.69 33.93
N ASN A 404 19.66 -2.02 32.65
CA ASN A 404 18.43 -1.74 31.91
C ASN A 404 17.59 -2.99 31.75
N ARG A 405 17.55 -3.82 32.80
CA ARG A 405 16.90 -5.13 32.74
C ARG A 405 15.53 -5.04 33.42
N VAL A 406 14.49 -4.83 32.60
CA VAL A 406 13.15 -4.79 33.14
C VAL A 406 12.63 -6.20 33.41
N ASP A 407 13.15 -7.20 32.69
CA ASP A 407 12.75 -8.58 32.94
C ASP A 407 13.14 -9.03 34.33
N ILE A 408 14.33 -8.65 34.77
CA ILE A 408 14.77 -8.99 36.13
C ILE A 408 13.86 -8.33 37.16
N ALA A 409 13.50 -7.08 36.94
CA ALA A 409 12.60 -6.38 37.86
C ALA A 409 11.24 -7.05 37.91
N GLN A 410 10.70 -7.45 36.76
CA GLN A 410 9.42 -8.14 36.73
C GLN A 410 9.49 -9.47 37.47
N SER A 411 10.56 -10.23 37.26
CA SER A 411 10.72 -11.50 37.96
C SER A 411 10.82 -11.30 39.46
N GLU A 412 11.57 -10.28 39.89
CA GLU A 412 11.71 -10.01 41.32
C GLU A 412 10.39 -9.59 41.94
N LEU A 413 9.63 -8.76 41.23
CA LEU A 413 8.34 -8.31 41.78
C LEU A 413 7.31 -9.43 41.80
N PHE A 414 7.41 -10.37 40.86
CA PHE A 414 6.40 -11.41 40.77
C PHE A 414 6.61 -12.54 41.79
N ARG A 415 7.81 -12.64 42.36
CA ARG A 415 8.07 -13.75 43.28
C ARG A 415 7.45 -13.46 44.64
N GLY A 416 6.82 -14.48 45.23
CA GLY A 416 6.02 -14.30 46.42
C GLY A 416 6.71 -14.62 47.72
N ASP A 417 7.89 -15.24 47.66
CA ASP A 417 8.62 -15.54 48.88
C ASP A 417 9.06 -14.26 49.59
N ILE A 418 9.49 -13.27 48.83
CA ILE A 418 9.85 -11.96 49.37
C ILE A 418 8.65 -11.04 49.28
N GLN A 419 8.57 -10.08 50.20
CA GLN A 419 7.52 -9.07 50.21
C GLN A 419 8.18 -7.71 50.20
N TRP A 420 8.23 -7.09 49.02
CA TRP A 420 8.88 -5.79 48.88
C TRP A 420 8.09 -4.73 49.62
N ARG A 421 8.78 -3.93 50.42
CA ARG A 421 8.14 -2.88 51.21
C ARG A 421 8.10 -1.59 50.41
N SER A 422 7.53 -0.55 51.02
CA SER A 422 7.35 0.71 50.32
C SER A 422 8.67 1.43 50.08
N PHE A 423 9.64 1.28 50.99
CA PHE A 423 10.92 1.97 50.83
C PHE A 423 11.80 1.32 49.76
N HIS A 424 11.66 0.02 49.50
CA HIS A 424 12.31 -0.57 48.34
C HIS A 424 11.76 0.00 47.04
N LEU A 425 10.43 0.02 46.92
CA LEU A 425 9.77 0.47 45.70
C LEU A 425 10.00 1.95 45.45
N GLU A 426 10.00 2.78 46.51
CA GLU A 426 10.24 4.21 46.33
C GLU A 426 11.67 4.49 45.87
N ALA A 427 12.63 3.77 46.43
CA ALA A 427 14.02 3.92 45.99
C ALA A 427 14.18 3.51 44.53
N SER A 428 13.58 2.37 44.16
CA SER A 428 13.65 1.93 42.77
C SER A 428 12.96 2.91 41.83
N LEU A 429 11.82 3.46 42.26
CA LEU A 429 11.09 4.41 41.43
C LEU A 429 11.88 5.71 41.26
N MET A 430 12.53 6.18 42.32
CA MET A 430 13.37 7.37 42.21
C MET A 430 14.53 7.12 41.26
N ASP A 431 15.16 5.94 41.35
CA ASP A 431 16.23 5.60 40.43
C ASP A 431 15.73 5.56 38.99
N ALA A 432 14.55 4.98 38.77
CA ALA A 432 14.00 4.90 37.43
C ALA A 432 13.64 6.27 36.87
N LEU A 433 13.09 7.14 37.72
CA LEU A 433 12.75 8.50 37.28
C LEU A 433 13.99 9.31 36.96
N LEU A 434 15.01 9.24 37.81
CA LEU A 434 16.24 9.99 37.58
C LEU A 434 16.96 9.53 36.32
N ASN A 435 16.95 8.23 36.07
CA ASN A 435 17.73 7.62 34.99
C ASN A 435 16.95 7.49 33.68
N ASP A 436 15.71 8.00 33.63
CA ASP A 436 14.88 7.98 32.43
C ASP A 436 14.62 6.54 31.96
N ARG A 437 13.88 5.81 32.81
CA ARG A 437 13.49 4.43 32.57
C ARG A 437 11.97 4.35 32.65
N PRO A 438 11.25 4.76 31.60
CA PRO A 438 9.78 4.78 31.68
C PRO A 438 9.15 3.43 31.93
N GLU A 439 9.73 2.36 31.39
CA GLU A 439 9.19 1.02 31.61
C GLU A 439 9.24 0.65 33.08
N PHE A 440 10.35 0.99 33.75
CA PHE A 440 10.47 0.71 35.17
C PHE A 440 9.44 1.47 35.99
N VAL A 441 9.21 2.75 35.66
CA VAL A 441 8.24 3.52 36.44
C VAL A 441 6.83 2.99 36.20
N ARG A 442 6.52 2.59 34.97
CA ARG A 442 5.22 1.99 34.70
C ARG A 442 5.05 0.68 35.46
N LEU A 443 6.10 -0.14 35.51
CA LEU A 443 6.04 -1.42 36.22
C LEU A 443 5.94 -1.24 37.73
N LEU A 444 6.63 -0.25 38.27
CA LEU A 444 6.60 -0.02 39.71
C LEU A 444 5.32 0.65 40.16
N ILE A 445 4.69 1.46 39.30
CA ILE A 445 3.40 2.03 39.66
C ILE A 445 2.28 1.03 39.46
N SER A 446 2.38 0.16 38.45
CA SER A 446 1.39 -0.90 38.30
C SER A 446 1.43 -1.85 39.50
N HIS A 447 2.63 -2.18 39.95
CA HIS A 447 2.78 -2.76 41.28
C HIS A 447 2.37 -1.73 42.33
N GLY A 448 1.86 -2.21 43.46
CA GLY A 448 1.33 -1.29 44.45
C GLY A 448 2.37 -0.29 44.93
N LEU A 449 1.97 0.98 44.97
CA LEU A 449 2.83 2.05 45.46
C LEU A 449 2.00 3.31 45.59
N SER A 450 2.22 4.06 46.68
CA SER A 450 1.52 5.31 46.91
C SER A 450 2.35 6.45 46.34
N LEU A 451 1.83 7.10 45.30
CA LEU A 451 2.56 8.18 44.65
C LEU A 451 2.52 9.46 45.47
N GLY A 452 1.43 9.71 46.20
CA GLY A 452 1.37 10.89 47.03
C GLY A 452 2.38 10.88 48.14
N HIS A 453 2.61 9.72 48.75
CA HIS A 453 3.63 9.59 49.78
C HIS A 453 5.03 9.61 49.19
N PHE A 454 5.20 9.08 47.98
CA PHE A 454 6.52 9.02 47.36
C PHE A 454 7.07 10.42 47.07
N LEU A 455 6.29 11.23 46.38
CA LEU A 455 6.81 12.49 45.84
C LEU A 455 6.79 13.55 46.92
N THR A 456 7.93 13.76 47.56
CA THR A 456 8.16 14.81 48.53
C THR A 456 8.81 16.01 47.85
N PRO A 457 8.75 17.20 48.46
CA PRO A 457 9.40 18.36 47.82
C PRO A 457 10.89 18.17 47.60
N MET A 458 11.58 17.47 48.51
CA MET A 458 12.99 17.16 48.29
C MET A 458 13.17 16.27 47.06
N ARG A 459 12.31 15.26 46.91
CA ARG A 459 12.40 14.39 45.75
C ARG A 459 12.12 15.15 44.45
N LEU A 460 11.16 16.07 44.47
CA LEU A 460 10.88 16.86 43.27
C LEU A 460 12.05 17.79 42.94
N ALA A 461 12.68 18.35 43.96
CA ALA A 461 13.89 19.15 43.74
C ALA A 461 15.01 18.30 43.13
N GLN A 462 15.18 17.08 43.63
CA GLN A 462 16.18 16.17 43.05
C GLN A 462 15.84 15.83 41.61
N LEU A 463 14.55 15.63 41.32
CA LEU A 463 14.13 15.34 39.95
C LEU A 463 14.45 16.49 39.00
N TYR A 464 14.21 17.72 39.46
CA TYR A 464 14.52 18.86 38.59
C TYR A 464 16.02 19.11 38.49
N SER A 465 16.78 18.73 39.52
CA SER A 465 18.23 18.85 39.47
C SER A 465 18.90 17.76 38.66
N ALA A 466 18.13 16.90 37.98
CA ALA A 466 18.67 15.85 37.14
C ALA A 466 18.73 16.24 35.67
N ALA A 467 18.40 17.47 35.35
CA ALA A 467 18.47 17.93 33.97
C ALA A 467 19.93 18.18 33.57
N PRO A 468 20.26 17.94 32.30
CA PRO A 468 21.62 18.22 31.83
C PRO A 468 21.96 19.69 31.97
N SER A 469 23.24 19.97 32.24
CA SER A 469 23.67 21.36 32.39
C SER A 469 23.54 22.13 31.08
N ASN A 470 23.49 21.42 29.95
CA ASN A 470 23.36 22.06 28.64
C ASN A 470 21.91 22.17 28.18
N SER A 471 20.96 21.74 28.99
CA SER A 471 19.56 21.71 28.57
C SER A 471 18.93 23.10 28.69
N LEU A 472 17.84 23.29 27.96
CA LEU A 472 17.10 24.55 28.03
C LEU A 472 16.46 24.74 29.40
N ILE A 473 15.96 23.66 30.00
CA ILE A 473 15.31 23.76 31.31
C ILE A 473 16.31 24.17 32.38
N ARG A 474 17.55 23.69 32.29
CA ARG A 474 18.58 24.12 33.23
C ARG A 474 18.86 25.60 33.09
N ASN A 475 18.93 26.10 31.85
CA ASN A 475 19.12 27.53 31.63
C ASN A 475 17.97 28.34 32.22
N LEU A 476 16.73 27.90 32.00
CA LEU A 476 15.58 28.62 32.52
C LEU A 476 15.57 28.61 34.05
N LEU A 477 15.91 27.47 34.66
CA LEU A 477 15.96 27.39 36.11
C LEU A 477 17.06 28.29 36.68
N ASP A 478 18.20 28.36 36.00
CA ASP A 478 19.26 29.26 36.44
C ASP A 478 18.82 30.72 36.33
N GLN A 479 18.11 31.06 35.25
CA GLN A 479 17.60 32.42 35.11
C GLN A 479 16.59 32.76 36.20
N ALA A 480 15.71 31.81 36.53
CA ALA A 480 14.67 32.07 37.52
C ALA A 480 15.21 32.12 38.95
N SER A 481 16.45 31.71 39.16
CA SER A 481 17.04 31.67 40.49
C SER A 481 17.88 32.91 40.80
N HIS A 482 17.78 33.96 39.99
CA HIS A 482 18.57 35.17 40.19
C HIS A 482 18.33 35.79 41.57
N PRO A 500 15.44 24.84 46.47
CA PRO A 500 14.34 24.33 45.63
C PRO A 500 14.27 25.01 44.27
N PRO A 501 13.80 24.30 43.26
CA PRO A 501 13.69 24.90 41.92
C PRO A 501 12.60 25.98 41.88
N ASP A 502 12.56 26.67 40.74
CA ASP A 502 11.61 27.75 40.52
C ASP A 502 10.72 27.42 39.33
N VAL A 503 10.19 26.21 39.31
CA VAL A 503 9.39 25.74 38.17
C VAL A 503 8.19 26.64 37.94
N GLY A 504 7.59 27.19 39.01
CA GLY A 504 6.49 28.11 38.84
C GLY A 504 6.86 29.35 38.05
N HIS A 505 8.02 29.94 38.37
CA HIS A 505 8.49 31.11 37.63
C HIS A 505 8.78 30.76 36.18
N VAL A 506 9.35 29.58 35.92
CA VAL A 506 9.64 29.17 34.56
C VAL A 506 8.35 29.01 33.77
N LEU A 507 7.33 28.40 34.38
CA LEU A 507 6.05 28.26 33.70
C LEU A 507 5.40 29.62 33.45
N ARG A 508 5.50 30.53 34.43
CA ARG A 508 4.96 31.88 34.23
C ARG A 508 5.64 32.59 33.07
N MET A 509 6.97 32.50 32.99
CA MET A 509 7.68 33.17 31.91
C MET A 509 7.51 32.46 30.57
N LEU A 510 7.12 31.19 30.57
CA LEU A 510 6.94 30.46 29.32
C LEU A 510 5.53 30.65 28.75
N LEU A 511 4.52 30.31 29.54
CA LEU A 511 3.14 30.34 29.10
C LEU A 511 2.42 31.64 29.48
N GLY A 512 3.16 32.67 29.88
CA GLY A 512 2.52 33.86 30.38
C GLY A 512 1.78 33.56 31.67
N LYS A 513 0.67 34.27 31.89
CA LYS A 513 -0.19 34.01 33.03
C LYS A 513 -1.59 33.69 32.53
N MET A 514 -2.37 33.07 33.41
CA MET A 514 -3.69 32.50 33.11
C MET A 514 -3.61 31.36 32.10
N CYS A 515 -2.41 30.84 31.85
CA CYS A 515 -2.21 29.60 31.14
C CYS A 515 -1.14 28.72 31.75
N ALA A 516 -0.38 29.24 32.72
CA ALA A 516 0.74 28.54 33.34
C ALA A 516 0.31 27.92 34.67
N PRO A 517 0.49 26.59 34.83
CA PRO A 517 0.31 25.91 36.11
C PRO A 517 1.22 26.45 37.21
N GLY A 555 0.70 13.59 50.27
CA GLY A 555 -0.71 13.86 50.08
C GLY A 555 -1.36 13.00 49.03
N GLN A 556 -1.72 13.62 47.90
CA GLN A 556 -2.39 12.96 46.80
C GLN A 556 -1.41 12.74 45.66
N ALA A 557 -1.69 11.71 44.84
CA ALA A 557 -0.88 11.36 43.69
C ALA A 557 -0.70 12.56 42.77
N PRO A 558 0.51 13.11 42.69
CA PRO A 558 0.77 14.32 41.89
C PRO A 558 1.16 13.99 40.45
N TRP A 559 0.18 13.54 39.67
CA TRP A 559 0.43 13.22 38.27
C TRP A 559 0.69 14.48 37.45
N SER A 560 0.08 15.60 37.83
CA SER A 560 0.31 16.84 37.11
C SER A 560 1.73 17.36 37.32
N ASP A 561 2.24 17.25 38.54
CA ASP A 561 3.62 17.67 38.80
C ASP A 561 4.61 16.83 38.00
N LEU A 562 4.41 15.52 37.96
CA LEU A 562 5.29 14.65 37.20
C LEU A 562 5.16 14.89 35.70
N LEU A 563 3.94 15.17 35.23
CA LEU A 563 3.77 15.51 33.82
C LEU A 563 4.49 16.79 33.46
N LEU A 564 4.39 17.82 34.31
CA LEU A 564 5.11 19.07 34.06
C LEU A 564 6.61 18.84 34.07
N TRP A 565 7.10 18.05 35.02
CA TRP A 565 8.53 17.75 35.07
C TRP A 565 9.00 17.04 33.81
N ALA A 566 8.23 16.05 33.36
CA ALA A 566 8.63 15.30 32.17
C ALA A 566 8.51 16.14 30.90
N LEU A 567 7.59 17.10 30.87
CA LEU A 567 7.48 17.98 29.71
C LEU A 567 8.61 18.99 29.66
N LEU A 568 8.99 19.54 30.82
CA LEU A 568 10.07 20.51 30.86
C LEU A 568 11.41 19.88 30.46
N LEU A 569 11.66 18.65 30.92
CA LEU A 569 12.88 17.95 30.58
C LEU A 569 12.80 17.19 29.26
N ASN A 570 11.65 17.24 28.58
CA ASN A 570 11.48 16.66 27.25
C ASN A 570 11.72 15.15 27.26
N ARG A 571 11.03 14.46 28.15
CA ARG A 571 11.09 13.00 28.23
C ARG A 571 9.74 12.47 27.73
N ALA A 572 9.73 12.00 26.48
CA ALA A 572 8.49 11.75 25.78
C ALA A 572 7.69 10.62 26.41
N GLN A 573 8.32 9.47 26.65
CA GLN A 573 7.60 8.30 27.13
C GLN A 573 7.04 8.51 28.53
N MET A 574 7.84 9.09 29.42
CA MET A 574 7.36 9.34 30.77
C MET A 574 6.29 10.42 30.79
N ALA A 575 6.40 11.43 29.93
CA ALA A 575 5.36 12.43 29.83
C ALA A 575 4.04 11.80 29.37
N MET A 576 4.11 10.92 28.37
CA MET A 576 2.91 10.23 27.90
C MET A 576 2.31 9.37 29.00
N TYR A 577 3.15 8.67 29.76
CA TYR A 577 2.63 7.85 30.86
C TYR A 577 1.94 8.71 31.91
N PHE A 578 2.57 9.81 32.30
CA PHE A 578 1.98 10.69 33.31
C PHE A 578 0.70 11.35 32.81
N TRP A 579 0.60 11.58 31.50
CA TRP A 579 -0.66 12.05 30.94
C TRP A 579 -1.73 10.97 31.02
N GLU A 580 -1.37 9.72 30.67
CA GLU A 580 -2.32 8.62 30.74
C GLU A 580 -2.78 8.33 32.16
N MET A 581 -2.01 8.71 33.16
CA MET A 581 -2.39 8.49 34.55
C MET A 581 -3.08 9.69 35.18
N GLY A 582 -3.14 10.82 34.49
CA GLY A 582 -3.72 12.03 35.03
C GLY A 582 -5.22 12.08 34.92
N SER A 583 -5.77 13.27 35.17
CA SER A 583 -7.22 13.46 35.25
C SER A 583 -7.78 14.38 34.17
N ASN A 584 -7.26 15.60 34.06
CA ASN A 584 -7.78 16.58 33.10
C ASN A 584 -7.11 16.33 31.75
N ALA A 585 -7.53 15.25 31.09
CA ALA A 585 -6.72 14.69 30.01
C ALA A 585 -6.73 15.57 28.78
N VAL A 586 -7.88 16.05 28.33
CA VAL A 586 -7.94 16.84 27.11
C VAL A 586 -7.22 18.18 27.30
N SER A 587 -7.51 18.86 28.41
CA SER A 587 -6.85 20.14 28.68
C SER A 587 -5.36 19.95 28.93
N SER A 588 -4.96 18.86 29.58
CA SER A 588 -3.53 18.62 29.81
C SER A 588 -2.81 18.28 28.51
N ALA A 589 -3.47 17.58 27.58
CA ALA A 589 -2.88 17.34 26.28
C ALA A 589 -2.68 18.63 25.51
N LEU A 590 -3.70 19.50 25.52
CA LEU A 590 -3.56 20.80 24.85
C LEU A 590 -2.49 21.65 25.52
N GLY A 591 -2.44 21.65 26.85
CA GLY A 591 -1.42 22.42 27.55
C GLY A 591 -0.03 21.89 27.33
N ALA A 592 0.13 20.57 27.26
CA ALA A 592 1.42 19.97 26.93
C ALA A 592 1.84 20.36 25.52
N CYS A 593 0.91 20.32 24.57
CA CYS A 593 1.22 20.75 23.21
C CYS A 593 1.67 22.21 23.19
N LEU A 594 0.95 23.07 23.92
CA LEU A 594 1.30 24.49 23.96
C LEU A 594 2.68 24.70 24.58
N LEU A 595 2.95 24.05 25.71
CA LEU A 595 4.23 24.23 26.38
C LEU A 595 5.38 23.71 25.52
N LEU A 596 5.20 22.57 24.87
CA LEU A 596 6.26 22.03 24.02
C LEU A 596 6.51 22.94 22.82
N ARG A 597 5.45 23.46 22.20
CA ARG A 597 5.64 24.36 21.06
C ARG A 597 6.30 25.66 21.50
N VAL A 598 5.98 26.15 22.70
CA VAL A 598 6.63 27.36 23.20
C VAL A 598 8.11 27.10 23.47
N MET A 599 8.44 25.97 24.08
CA MET A 599 9.82 25.69 24.42
C MET A 599 10.65 25.32 23.20
N ALA A 600 10.02 24.83 22.14
CA ALA A 600 10.76 24.49 20.93
C ALA A 600 11.31 25.72 20.22
N ARG A 601 10.75 26.89 20.50
CA ARG A 601 11.31 28.12 19.93
C ARG A 601 12.57 28.55 20.66
N LEU A 602 12.64 28.30 21.97
CA LEU A 602 13.79 28.67 22.77
C LEU A 602 14.90 27.61 22.74
N GLU A 603 14.84 26.67 21.80
CA GLU A 603 15.82 25.60 21.76
C GLU A 603 17.03 26.02 20.92
N PRO A 604 18.23 26.09 21.50
CA PRO A 604 19.42 26.37 20.67
C PRO A 604 19.68 25.32 19.61
N ASP A 605 19.31 24.07 19.87
CA ASP A 605 19.54 22.97 18.95
C ASP A 605 18.29 22.72 18.11
N ALA A 606 18.49 22.63 16.79
CA ALA A 606 17.35 22.38 15.90
C ALA A 606 16.77 20.99 16.10
N GLU A 607 17.59 20.00 16.43
CA GLU A 607 17.08 18.66 16.66
C GLU A 607 16.28 18.54 17.94
N GLU A 608 16.68 19.26 19.00
CA GLU A 608 15.87 19.30 20.21
C GLU A 608 14.54 19.99 19.97
N ALA A 609 14.52 21.07 19.18
CA ALA A 609 13.26 21.68 18.79
C ALA A 609 12.40 20.73 17.98
N ALA A 610 13.02 19.96 17.08
CA ALA A 610 12.26 18.97 16.31
C ALA A 610 11.66 17.90 17.23
N ARG A 611 12.42 17.47 18.24
CA ARG A 611 11.90 16.51 19.20
C ARG A 611 10.72 17.08 19.98
N ARG A 612 10.84 18.34 20.42
CA ARG A 612 9.73 18.96 21.14
C ARG A 612 8.50 19.10 20.26
N LYS A 613 8.70 19.47 18.99
CA LYS A 613 7.56 19.61 18.09
C LYS A 613 6.93 18.25 17.79
N ASP A 614 7.74 17.19 17.69
CA ASP A 614 7.18 15.85 17.52
C ASP A 614 6.34 15.44 18.73
N LEU A 615 6.85 15.70 19.93
CA LEU A 615 6.08 15.38 21.13
C LEU A 615 4.81 16.20 21.20
N ALA A 616 4.87 17.47 20.79
CA ALA A 616 3.68 18.31 20.78
C ALA A 616 2.65 17.80 19.79
N PHE A 617 3.09 17.33 18.62
CA PHE A 617 2.16 16.73 17.67
C PHE A 617 1.52 15.46 18.25
N LYS A 618 2.31 14.64 18.93
CA LYS A 618 1.75 13.44 19.57
C LYS A 618 0.70 13.81 20.61
N PHE A 619 0.99 14.82 21.44
CA PHE A 619 0.02 15.22 22.46
C PHE A 619 -1.24 15.81 21.83
N GLU A 620 -1.10 16.59 20.76
CA GLU A 620 -2.26 17.11 20.06
C GLU A 620 -3.10 15.98 19.49
N GLY A 621 -2.45 14.96 18.94
CA GLY A 621 -3.19 13.81 18.45
C GLY A 621 -3.92 13.06 19.55
N MET A 622 -3.27 12.93 20.71
CA MET A 622 -3.93 12.28 21.85
C MET A 622 -5.17 13.06 22.26
N GLY A 623 -5.05 14.39 22.34
CA GLY A 623 -6.20 15.22 22.66
C GLY A 623 -7.31 15.09 21.64
N VAL A 624 -6.96 15.06 20.35
CA VAL A 624 -7.96 14.92 19.30
C VAL A 624 -8.69 13.59 19.42
N ASP A 625 -7.94 12.50 19.64
CA ASP A 625 -8.54 11.19 19.76
C ASP A 625 -9.46 11.11 20.97
N LEU A 626 -9.02 11.64 22.11
CA LEU A 626 -9.85 11.57 23.31
C LEU A 626 -11.10 12.43 23.18
N PHE A 627 -10.99 13.63 22.61
CA PHE A 627 -12.18 14.43 22.42
C PHE A 627 -13.13 13.82 21.41
N GLY A 628 -12.60 13.15 20.37
CA GLY A 628 -13.47 12.42 19.47
C GLY A 628 -14.24 11.32 20.18
N GLU A 629 -13.56 10.56 21.03
CA GLU A 629 -14.23 9.53 21.81
C GLU A 629 -15.34 10.14 22.68
N CYS A 630 -15.01 11.20 23.41
CA CYS A 630 -15.97 11.82 24.31
C CYS A 630 -17.15 12.39 23.54
N TYR A 631 -16.91 13.01 22.39
CA TYR A 631 -17.97 13.63 21.62
C TYR A 631 -18.87 12.58 20.98
N ARG A 632 -18.30 11.46 20.55
CA ARG A 632 -19.14 10.35 20.09
C ARG A 632 -19.99 9.82 21.23
N SER A 633 -19.46 9.82 22.46
CA SER A 633 -20.27 9.39 23.59
C SER A 633 -21.40 10.36 23.87
N SER A 634 -21.09 11.66 23.99
CA SER A 634 -22.09 12.65 24.38
C SER A 634 -21.62 14.02 23.93
N GLU A 635 -22.49 14.72 23.20
CA GLU A 635 -22.14 16.06 22.70
C GLU A 635 -22.22 17.13 23.79
N VAL A 636 -23.20 17.04 24.68
CA VAL A 636 -23.38 18.07 25.69
C VAL A 636 -22.23 18.04 26.69
N ARG A 637 -21.87 16.84 27.17
CA ARG A 637 -20.77 16.74 28.11
C ARG A 637 -19.44 17.06 27.45
N ALA A 638 -19.28 16.69 26.17
CA ALA A 638 -18.06 17.07 25.46
C ALA A 638 -17.96 18.59 25.33
N ALA A 639 -19.08 19.26 25.05
CA ALA A 639 -19.06 20.72 24.98
C ALA A 639 -18.72 21.34 26.33
N ARG A 640 -19.28 20.78 27.41
CA ARG A 640 -18.95 21.28 28.74
C ARG A 640 -17.47 21.09 29.05
N LEU A 641 -16.91 19.95 28.66
CA LEU A 641 -15.49 19.68 28.84
C LEU A 641 -14.65 20.66 28.03
N LEU A 642 -15.10 21.00 26.82
CA LEU A 642 -14.36 21.91 25.97
C LEU A 642 -14.42 23.34 26.48
N LEU A 643 -15.53 23.73 27.10
CA LEU A 643 -15.75 25.11 27.50
C LEU A 643 -15.46 25.39 28.96
N ARG A 644 -15.10 24.37 29.74
CA ARG A 644 -14.80 24.60 31.15
C ARG A 644 -13.39 25.16 31.31
N ARG A 645 -13.15 25.79 32.45
CA ARG A 645 -11.85 26.35 32.78
C ARG A 645 -11.06 25.33 33.60
N CYS A 646 -9.83 25.04 33.17
CA CYS A 646 -8.99 24.09 33.88
C CYS A 646 -8.10 24.85 34.84
N PRO A 647 -8.26 24.68 36.16
CA PRO A 647 -7.38 25.39 37.10
C PRO A 647 -5.93 24.99 36.97
N LEU A 648 -5.64 23.82 36.41
CA LEU A 648 -4.26 23.39 36.20
C LEU A 648 -3.56 24.26 35.17
N TRP A 649 -4.30 24.81 34.22
CA TRP A 649 -3.72 25.62 33.15
C TRP A 649 -4.22 27.06 33.22
N GLY A 650 -4.26 27.61 34.42
CA GLY A 650 -4.61 29.01 34.61
C GLY A 650 -6.03 29.37 34.26
N ASP A 651 -6.99 28.48 34.56
CA ASP A 651 -8.41 28.70 34.27
C ASP A 651 -8.64 28.99 32.78
N ALA A 652 -7.84 28.39 31.92
CA ALA A 652 -7.99 28.53 30.48
C ALA A 652 -8.86 27.40 29.94
N THR A 653 -9.71 27.72 28.97
CA THR A 653 -10.53 26.70 28.35
C THR A 653 -9.71 25.94 27.31
N CYS A 654 -10.27 24.82 26.84
CA CYS A 654 -9.59 24.03 25.82
C CYS A 654 -9.45 24.80 24.52
N LEU A 655 -10.45 25.62 24.17
CA LEU A 655 -10.36 26.43 22.96
C LEU A 655 -9.25 27.46 23.06
N GLN A 656 -9.09 28.09 24.23
CA GLN A 656 -7.99 29.03 24.41
C GLN A 656 -6.64 28.34 24.30
N LEU A 657 -6.50 27.16 24.92
CA LEU A 657 -5.24 26.43 24.83
C LEU A 657 -4.93 26.02 23.40
N ALA A 658 -5.94 25.57 22.66
CA ALA A 658 -5.74 25.20 21.27
C ALA A 658 -5.38 26.40 20.40
N MET A 659 -6.00 27.56 20.66
CA MET A 659 -5.65 28.75 19.90
C MET A 659 -4.23 29.21 20.20
N GLN A 660 -3.83 29.19 21.46
CA GLN A 660 -2.46 29.57 21.81
C GLN A 660 -1.45 28.59 21.23
N ALA A 661 -1.77 27.30 21.22
CA ALA A 661 -0.87 26.27 20.70
C ALA A 661 -0.92 26.15 19.19
N ASP A 662 -1.81 26.88 18.52
CA ASP A 662 -1.99 26.77 17.07
C ASP A 662 -2.31 25.33 16.67
N ALA A 663 -3.14 24.67 17.48
CA ALA A 663 -3.47 23.26 17.26
C ALA A 663 -4.59 23.17 16.24
N ARG A 664 -4.20 23.20 14.96
CA ARG A 664 -5.18 23.21 13.89
C ARG A 664 -5.90 21.88 13.77
N ALA A 665 -5.24 20.78 14.10
CA ALA A 665 -5.91 19.47 14.05
C ALA A 665 -6.99 19.36 15.09
N PHE A 666 -6.85 20.04 16.22
CA PHE A 666 -7.88 20.03 17.24
C PHE A 666 -9.09 20.86 16.82
N PHE A 667 -8.85 22.00 16.16
CA PHE A 667 -9.96 22.81 15.69
C PHE A 667 -10.68 22.19 14.51
N ALA A 668 -10.02 21.27 13.80
CA ALA A 668 -10.56 20.76 12.55
C ALA A 668 -11.50 19.59 12.72
N GLN A 669 -11.66 19.04 13.92
CA GLN A 669 -12.54 17.90 14.10
C GLN A 669 -14.00 18.35 14.21
N ASP A 670 -14.91 17.42 13.85
CA ASP A 670 -16.30 17.79 13.62
C ASP A 670 -16.99 18.28 14.89
N GLY A 671 -16.65 17.72 16.05
CA GLY A 671 -17.29 18.17 17.28
C GLY A 671 -16.96 19.61 17.62
N VAL A 672 -15.68 19.99 17.48
CA VAL A 672 -15.27 21.36 17.76
C VAL A 672 -15.92 22.32 16.76
N GLN A 673 -15.97 21.93 15.49
CA GLN A 673 -16.58 22.78 14.48
C GLN A 673 -18.07 22.96 14.71
N SER A 674 -18.77 21.90 15.09
CA SER A 674 -20.20 22.01 15.38
C SER A 674 -20.45 22.83 16.64
N LEU A 675 -19.59 22.70 17.66
CA LEU A 675 -19.70 23.57 18.82
C LEU A 675 -19.48 25.03 18.46
N LEU A 676 -18.53 25.29 17.56
CA LEU A 676 -18.29 26.65 17.10
C LEU A 676 -19.49 27.19 16.34
N THR A 677 -20.13 26.36 15.51
CA THR A 677 -21.35 26.78 14.82
C THR A 677 -22.46 27.10 15.82
N GLN A 678 -22.61 26.25 16.84
CA GLN A 678 -23.63 26.48 17.86
C GLN A 678 -23.38 27.79 18.61
N LYS A 679 -22.12 28.09 18.92
CA LYS A 679 -21.78 29.38 19.53
C LYS A 679 -22.01 30.53 18.57
N TRP A 680 -21.78 30.30 17.28
CA TRP A 680 -22.00 31.34 16.28
C TRP A 680 -23.47 31.73 16.21
N TRP A 681 -24.37 30.76 16.28
CA TRP A 681 -25.79 31.08 16.23
C TRP A 681 -26.33 31.55 17.58
N GLY A 682 -25.53 31.51 18.64
CA GLY A 682 -25.96 32.05 19.92
C GLY A 682 -27.14 31.28 20.49
N ASP A 683 -28.08 32.03 21.04
CA ASP A 683 -29.27 31.45 21.67
C ASP A 683 -30.30 30.97 20.67
N MET A 684 -30.00 31.03 19.37
CA MET A 684 -30.86 30.48 18.34
C MET A 684 -30.41 29.07 17.97
N ALA A 685 -31.22 28.40 17.17
CA ALA A 685 -30.89 27.06 16.71
C ALA A 685 -29.90 27.14 15.55
N SER A 686 -28.91 26.24 15.58
CA SER A 686 -27.89 26.23 14.54
C SER A 686 -28.45 25.85 13.17
N THR A 687 -29.63 25.23 13.13
CA THR A 687 -30.26 24.86 11.88
C THR A 687 -31.19 25.94 11.34
N THR A 688 -31.19 27.12 11.96
CA THR A 688 -32.03 28.22 11.47
C THR A 688 -31.62 28.60 10.05
N PRO A 689 -32.55 28.68 9.11
CA PRO A 689 -32.20 29.08 7.75
C PRO A 689 -31.74 30.52 7.69
N ILE A 690 -30.89 30.82 6.70
CA ILE A 690 -30.37 32.17 6.55
C ILE A 690 -31.47 33.12 6.12
N TRP A 691 -32.38 32.66 5.25
CA TRP A 691 -33.48 33.53 4.83
C TRP A 691 -34.39 33.87 5.99
N ALA A 692 -34.59 32.93 6.92
CA ALA A 692 -35.36 33.21 8.11
C ALA A 692 -34.67 34.26 8.98
N LEU A 693 -33.34 34.17 9.09
CA LEU A 693 -32.59 35.17 9.82
C LEU A 693 -32.74 36.56 9.20
N VAL A 694 -32.67 36.62 7.87
CA VAL A 694 -32.83 37.90 7.19
C VAL A 694 -34.24 38.45 7.42
N LEU A 695 -35.26 37.60 7.32
CA LEU A 695 -36.63 38.03 7.52
C LEU A 695 -36.83 38.57 8.94
N ALA A 696 -36.26 37.88 9.94
CA ALA A 696 -36.37 38.38 11.30
C ALA A 696 -35.57 39.66 11.51
N PHE A 697 -34.43 39.79 10.81
CA PHE A 697 -33.61 40.99 10.93
C PHE A 697 -34.33 42.21 10.39
N PHE A 698 -35.02 42.08 9.25
CA PHE A 698 -35.74 43.22 8.69
C PHE A 698 -37.17 43.33 9.21
N CYS A 699 -37.66 42.33 9.94
CA CYS A 699 -38.97 42.37 10.59
C CYS A 699 -38.83 41.88 12.02
N PRO A 700 -38.52 42.76 12.97
CA PRO A 700 -38.21 42.32 14.35
C PRO A 700 -39.34 41.51 14.98
N PRO A 701 -40.62 41.87 14.81
CA PRO A 701 -41.66 41.06 15.47
C PRO A 701 -41.66 39.61 15.05
N LEU A 702 -41.15 39.30 13.86
CA LEU A 702 -41.10 37.92 13.40
C LEU A 702 -40.20 37.03 14.24
N ILE A 703 -39.36 37.62 15.11
CA ILE A 703 -38.56 36.79 16.00
C ILE A 703 -39.44 36.09 17.04
N TYR A 704 -40.67 36.56 17.23
CA TYR A 704 -41.58 35.94 18.18
C TYR A 704 -42.48 34.89 17.55
N THR A 705 -42.38 34.67 16.24
CA THR A 705 -43.20 33.68 15.56
C THR A 705 -42.46 32.35 15.49
N ARG A 706 -42.97 31.41 14.70
CA ARG A 706 -42.34 30.11 14.52
C ARG A 706 -41.07 30.18 13.68
N LEU A 707 -40.75 31.34 13.11
CA LEU A 707 -39.67 31.43 12.13
C LEU A 707 -38.32 31.06 12.75
N ILE A 708 -38.06 31.54 13.96
CA ILE A 708 -36.78 31.32 14.62
C ILE A 708 -37.02 30.46 15.86
N THR A 709 -36.37 29.30 15.91
CA THR A 709 -36.50 28.39 17.05
C THR A 709 -35.39 28.68 18.05
N PHE A 710 -35.73 29.43 19.10
CA PHE A 710 -34.75 29.76 20.12
C PHE A 710 -34.55 28.56 21.06
N ARG A 711 -33.36 28.51 21.66
CA ARG A 711 -33.01 27.43 22.56
C ARG A 711 -32.43 27.98 23.86
N CYS A 768 -40.09 38.47 26.08
CA CYS A 768 -40.07 39.64 25.22
C CYS A 768 -38.69 40.31 25.23
N LEU A 769 -38.33 40.90 26.36
CA LEU A 769 -37.03 41.56 26.48
C LEU A 769 -35.89 40.57 26.36
N ARG A 770 -35.99 39.43 27.06
CA ARG A 770 -34.94 38.43 27.00
C ARG A 770 -34.80 37.84 25.60
N ARG A 771 -35.93 37.58 24.94
CA ARG A 771 -35.88 37.08 23.57
C ARG A 771 -35.28 38.12 22.63
N TRP A 772 -35.60 39.39 22.84
CA TRP A 772 -35.04 40.46 22.01
C TRP A 772 -33.52 40.51 22.14
N PHE A 773 -33.01 40.46 23.38
CA PHE A 773 -31.57 40.48 23.57
C PHE A 773 -30.92 39.19 23.06
N HIS A 774 -31.61 38.06 23.18
CA HIS A 774 -31.08 36.81 22.64
C HIS A 774 -30.90 36.89 21.14
N PHE A 775 -31.90 37.44 20.44
CA PHE A 775 -31.79 37.55 18.99
C PHE A 775 -30.73 38.56 18.59
N TRP A 776 -30.74 39.74 19.20
CA TRP A 776 -29.83 40.80 18.78
C TRP A 776 -28.46 40.71 19.44
N GLY A 777 -28.18 39.65 20.19
CA GLY A 777 -26.86 39.49 20.77
C GLY A 777 -26.08 38.33 20.18
N ALA A 778 -26.74 37.52 19.36
CA ALA A 778 -26.06 36.39 18.73
C ALA A 778 -24.98 36.91 17.79
N PRO A 779 -23.82 36.23 17.73
CA PRO A 779 -22.75 36.69 16.84
C PRO A 779 -23.14 36.76 15.38
N VAL A 780 -23.99 35.85 14.92
CA VAL A 780 -24.41 35.87 13.52
C VAL A 780 -25.27 37.11 13.23
N THR A 781 -26.14 37.48 14.18
CA THR A 781 -26.95 38.68 14.00
C THR A 781 -26.08 39.94 14.01
N ILE A 782 -25.07 39.98 14.88
CA ILE A 782 -24.16 41.12 14.90
C ILE A 782 -23.38 41.20 13.59
N PHE A 783 -22.95 40.04 13.07
CA PHE A 783 -22.25 40.01 11.79
C PHE A 783 -23.13 40.52 10.67
N MET A 784 -24.39 40.08 10.63
CA MET A 784 -25.32 40.56 9.61
C MET A 784 -25.56 42.05 9.73
N GLY A 785 -25.74 42.54 10.95
CA GLY A 785 -25.95 43.96 11.15
C GLY A 785 -24.76 44.79 10.71
N ASN A 786 -23.54 44.32 11.01
CA ASN A 786 -22.35 45.04 10.58
C ASN A 786 -22.16 44.97 9.08
N VAL A 787 -22.54 43.86 8.45
CA VAL A 787 -22.49 43.77 6.99
C VAL A 787 -23.43 44.79 6.36
N VAL A 788 -24.66 44.87 6.87
CA VAL A 788 -25.61 45.85 6.35
C VAL A 788 -25.11 47.26 6.58
N SER A 789 -24.55 47.52 7.76
CA SER A 789 -24.02 48.85 8.07
C SER A 789 -22.87 49.21 7.13
N TYR A 790 -21.98 48.26 6.83
CA TYR A 790 -20.85 48.57 5.97
C TYR A 790 -21.29 48.76 4.53
N LEU A 791 -22.30 48.00 4.08
CA LEU A 791 -22.85 48.23 2.75
C LEU A 791 -23.47 49.62 2.66
N LEU A 792 -24.21 50.03 3.68
CA LEU A 792 -24.78 51.38 3.66
C LEU A 792 -23.71 52.45 3.78
N PHE A 793 -22.62 52.18 4.49
CA PHE A 793 -21.51 53.12 4.55
C PHE A 793 -20.87 53.28 3.18
N LEU A 794 -20.69 52.19 2.45
CA LEU A 794 -20.14 52.29 1.10
C LEU A 794 -21.11 53.02 0.17
N LEU A 795 -22.41 52.79 0.34
CA LEU A 795 -23.40 53.51 -0.45
C LEU A 795 -23.34 55.01 -0.18
N LEU A 796 -23.25 55.40 1.09
CA LEU A 796 -23.12 56.82 1.43
C LEU A 796 -21.81 57.40 0.92
N PHE A 797 -20.72 56.64 1.01
CA PHE A 797 -19.43 57.10 0.51
C PHE A 797 -19.50 57.36 -0.98
N SER A 798 -20.08 56.43 -1.75
CA SER A 798 -20.21 56.63 -3.19
C SER A 798 -21.14 57.79 -3.52
N ARG A 799 -22.22 57.95 -2.75
CA ARG A 799 -23.14 59.06 -2.98
C ARG A 799 -22.45 60.40 -2.75
N VAL A 800 -21.66 60.51 -1.69
CA VAL A 800 -20.94 61.76 -1.43
C VAL A 800 -19.86 61.98 -2.48
N LEU A 801 -19.17 60.91 -2.89
CA LEU A 801 -18.06 61.06 -3.81
C LEU A 801 -18.53 61.43 -5.21
N LEU A 802 -19.65 60.88 -5.65
CA LEU A 802 -20.10 61.09 -7.02
C LEU A 802 -21.06 62.26 -7.18
N VAL A 803 -21.69 62.72 -6.10
CA VAL A 803 -22.71 63.75 -6.21
C VAL A 803 -22.40 64.94 -5.30
N ASP A 804 -22.26 64.68 -4.01
CA ASP A 804 -22.24 65.74 -3.00
C ASP A 804 -20.88 66.38 -2.80
N PHE A 805 -19.84 65.90 -3.48
CA PHE A 805 -18.50 66.42 -3.29
C PHE A 805 -18.30 67.63 -4.21
N GLN A 806 -18.30 68.82 -3.63
CA GLN A 806 -18.16 70.07 -4.33
C GLN A 806 -17.12 70.93 -3.61
N PRO A 807 -16.50 71.89 -4.30
CA PRO A 807 -15.55 72.79 -3.62
C PRO A 807 -16.20 73.65 -2.55
N ALA A 808 -17.52 73.66 -2.45
CA ALA A 808 -18.26 74.35 -1.40
C ALA A 808 -17.96 73.72 -0.04
N PRO A 809 -18.37 74.33 1.07
CA PRO A 809 -18.20 73.67 2.36
C PRO A 809 -19.00 72.38 2.41
N PRO A 810 -18.56 71.41 3.21
CA PRO A 810 -19.25 70.12 3.25
C PRO A 810 -20.71 70.26 3.67
N GLY A 811 -21.57 69.44 3.06
CA GLY A 811 -22.98 69.43 3.37
C GLY A 811 -23.32 68.42 4.45
N SER A 812 -24.62 68.19 4.61
CA SER A 812 -25.10 67.30 5.67
C SER A 812 -24.64 65.86 5.44
N LEU A 813 -24.73 65.37 4.20
CA LEU A 813 -24.34 63.99 3.93
C LEU A 813 -22.84 63.79 4.08
N GLU A 814 -22.04 64.78 3.68
CA GLU A 814 -20.59 64.66 3.85
C GLU A 814 -20.21 64.68 5.33
N LEU A 815 -20.89 65.48 6.13
CA LEU A 815 -20.64 65.47 7.57
C LEU A 815 -21.08 64.16 8.21
N LEU A 816 -22.20 63.60 7.72
CA LEU A 816 -22.62 62.27 8.18
C LEU A 816 -21.57 61.22 7.83
N LEU A 817 -20.98 61.31 6.64
CA LEU A 817 -19.90 60.40 6.27
C LEU A 817 -18.69 60.60 7.17
N TYR A 818 -18.38 61.84 7.52
CA TYR A 818 -17.29 62.11 8.46
C TYR A 818 -17.55 61.46 9.81
N PHE A 819 -18.77 61.59 10.32
CA PHE A 819 -19.13 60.98 11.59
C PHE A 819 -19.05 59.46 11.52
N TRP A 820 -19.52 58.88 10.41
CA TRP A 820 -19.48 57.43 10.25
C TRP A 820 -18.03 56.93 10.20
N ALA A 821 -17.16 57.63 9.49
CA ALA A 821 -15.75 57.25 9.47
C ALA A 821 -15.12 57.43 10.85
N PHE A 822 -15.54 58.44 11.61
CA PHE A 822 -15.04 58.60 12.97
C PHE A 822 -15.45 57.43 13.85
N THR A 823 -16.71 56.98 13.74
CA THR A 823 -17.14 55.83 14.52
C THR A 823 -16.39 54.56 14.10
N LEU A 824 -16.11 54.41 12.80
CA LEU A 824 -15.30 53.29 12.35
C LEU A 824 -13.91 53.34 12.95
N LEU A 825 -13.30 54.53 12.99
CA LEU A 825 -11.98 54.67 13.60
C LEU A 825 -12.02 54.35 15.09
N CYS A 826 -13.08 54.78 15.78
CA CYS A 826 -13.21 54.47 17.20
C CYS A 826 -13.36 52.98 17.43
N GLU A 827 -14.11 52.29 16.57
CA GLU A 827 -14.23 50.84 16.69
C GLU A 827 -12.89 50.16 16.46
N GLU A 828 -12.12 50.64 15.47
CA GLU A 828 -10.81 50.05 15.23
C GLU A 828 -9.88 50.28 16.42
N LEU A 829 -9.93 51.47 17.02
CA LEU A 829 -9.13 51.76 18.20
C LEU A 829 -9.53 50.87 19.37
N ARG A 830 -10.84 50.67 19.56
CA ARG A 830 -11.31 49.79 20.63
C ARG A 830 -10.82 48.37 20.42
N GLN A 831 -10.88 47.88 19.18
CA GLN A 831 -10.40 46.53 18.90
C GLN A 831 -8.89 46.42 19.12
N GLY A 832 -8.14 47.46 18.76
CA GLY A 832 -6.71 47.45 18.99
C GLY A 832 -6.36 47.46 20.47
N LEU A 833 -7.12 48.22 21.28
CA LEU A 833 -6.88 48.23 22.71
C LEU A 833 -7.24 46.90 23.35
N SER A 834 -8.40 46.35 23.03
CA SER A 834 -8.88 45.12 23.64
C SER A 834 -8.25 43.87 23.06
N GLY A 835 -7.15 44.00 22.32
CA GLY A 835 -6.49 42.84 21.73
C GLY A 835 -5.29 42.37 22.54
N SER A 851 1.15 45.10 27.51
CA SER A 851 1.73 46.44 27.44
C SER A 851 1.26 47.17 26.19
N LEU A 852 1.27 48.50 26.26
CA LEU A 852 0.76 49.31 25.14
C LEU A 852 1.63 49.14 23.90
N SER A 853 2.96 49.17 24.07
CA SER A 853 3.85 49.04 22.93
C SER A 853 3.72 47.68 22.25
N GLN A 854 3.64 46.62 23.05
CA GLN A 854 3.50 45.28 22.47
C GLN A 854 2.17 45.14 21.74
N ARG A 855 1.09 45.68 22.31
CA ARG A 855 -0.20 45.64 21.63
C ARG A 855 -0.17 46.43 20.32
N LEU A 856 0.48 47.59 20.32
CA LEU A 856 0.58 48.38 19.10
C LEU A 856 1.39 47.65 18.03
N ARG A 857 2.48 47.00 18.44
CA ARG A 857 3.27 46.22 17.49
C ARG A 857 2.47 45.04 16.95
N LEU A 858 1.69 44.38 17.81
CA LEU A 858 0.80 43.31 17.35
C LEU A 858 -0.21 43.82 16.33
N TYR A 859 -0.80 44.98 16.61
CA TYR A 859 -1.78 45.56 15.68
C TYR A 859 -1.14 45.91 14.36
N LEU A 860 0.06 46.50 14.38
CA LEU A 860 0.74 46.92 13.17
C LEU A 860 1.44 45.77 12.45
N ALA A 861 1.50 44.58 13.05
CA ALA A 861 2.06 43.42 12.36
C ALA A 861 1.02 42.65 11.56
N ASP A 862 -0.26 43.01 11.66
CA ASP A 862 -1.31 42.34 10.93
C ASP A 862 -1.57 43.03 9.60
N SER A 863 -1.57 42.26 8.51
CA SER A 863 -1.67 42.84 7.18
C SER A 863 -3.02 43.53 6.98
N TRP A 864 -4.11 42.89 7.42
CA TRP A 864 -5.42 43.47 7.20
C TRP A 864 -5.64 44.71 8.06
N ASN A 865 -5.08 44.72 9.28
CA ASN A 865 -5.13 45.93 10.07
C ASN A 865 -4.25 47.02 9.46
N GLN A 866 -3.16 46.64 8.79
CA GLN A 866 -2.40 47.62 8.01
C GLN A 866 -3.26 48.22 6.91
N CYS A 867 -4.04 47.38 6.21
CA CYS A 867 -4.92 47.88 5.17
C CYS A 867 -5.98 48.81 5.74
N ASP A 868 -6.56 48.45 6.88
CA ASP A 868 -7.59 49.29 7.50
C ASP A 868 -6.99 50.62 7.98
N LEU A 869 -5.78 50.58 8.52
CA LEU A 869 -5.10 51.81 8.90
C LEU A 869 -4.83 52.68 7.68
N VAL A 870 -4.43 52.06 6.56
CA VAL A 870 -4.22 52.81 5.33
C VAL A 870 -5.52 53.45 4.86
N ALA A 871 -6.63 52.71 4.96
CA ALA A 871 -7.93 53.26 4.58
C ALA A 871 -8.27 54.49 5.42
N LEU A 872 -8.18 54.36 6.74
CA LEU A 872 -8.54 55.50 7.61
C LEU A 872 -7.57 56.67 7.43
N THR A 873 -6.28 56.37 7.27
CA THR A 873 -5.30 57.44 7.06
C THR A 873 -5.55 58.17 5.75
N CYS A 874 -5.87 57.44 4.68
CA CYS A 874 -6.16 58.07 3.41
C CYS A 874 -7.45 58.88 3.48
N PHE A 875 -8.45 58.39 4.22
CA PHE A 875 -9.67 59.17 4.40
C PHE A 875 -9.37 60.49 5.11
N LEU A 876 -8.58 60.43 6.18
CA LEU A 876 -8.21 61.66 6.88
C LEU A 876 -7.41 62.59 5.98
N LEU A 877 -6.47 62.05 5.22
CA LEU A 877 -5.64 62.87 4.34
C LEU A 877 -6.48 63.54 3.26
N GLY A 878 -7.41 62.80 2.66
CA GLY A 878 -8.26 63.38 1.63
C GLY A 878 -9.19 64.43 2.18
N VAL A 879 -9.76 64.20 3.37
CA VAL A 879 -10.63 65.20 3.98
C VAL A 879 -9.83 66.46 4.31
N GLY A 880 -8.62 66.29 4.85
CA GLY A 880 -7.79 67.46 5.14
C GLY A 880 -7.42 68.23 3.89
N CYS A 881 -7.08 67.52 2.81
CA CYS A 881 -6.79 68.20 1.55
C CYS A 881 -8.00 68.95 1.03
N ARG A 882 -9.18 68.32 1.05
CA ARG A 882 -10.38 68.96 0.52
C ARG A 882 -10.75 70.19 1.33
N LEU A 883 -10.66 70.11 2.66
CA LEU A 883 -10.99 71.26 3.49
C LEU A 883 -10.05 72.44 3.22
N THR A 884 -8.81 72.16 2.87
CA THR A 884 -7.90 73.21 2.41
C THR A 884 -8.41 73.77 1.09
N PRO A 885 -8.49 75.10 0.94
CA PRO A 885 -9.02 75.65 -0.32
C PRO A 885 -8.21 75.27 -1.55
N GLY A 886 -6.90 75.13 -1.42
CA GLY A 886 -6.07 74.87 -2.59
C GLY A 886 -6.21 73.46 -3.13
N LEU A 887 -6.20 72.47 -2.25
CA LEU A 887 -6.02 71.07 -2.65
C LEU A 887 -7.35 70.33 -2.68
N TYR A 888 -8.28 70.79 -3.53
CA TYR A 888 -9.56 70.10 -3.64
C TYR A 888 -9.46 68.87 -4.54
N HIS A 889 -8.85 69.03 -5.72
CA HIS A 889 -8.73 67.91 -6.65
C HIS A 889 -7.87 66.78 -6.08
N LEU A 890 -6.80 67.15 -5.37
CA LEU A 890 -5.99 66.13 -4.70
C LEU A 890 -6.81 65.36 -3.68
N GLY A 891 -7.64 66.06 -2.91
CA GLY A 891 -8.51 65.39 -1.96
C GLY A 891 -9.50 64.46 -2.64
N ARG A 892 -10.07 64.90 -3.76
CA ARG A 892 -10.97 64.05 -4.53
C ARG A 892 -10.27 62.77 -4.98
N THR A 893 -9.06 62.90 -5.52
CA THR A 893 -8.32 61.73 -6.00
C THR A 893 -7.99 60.78 -4.85
N VAL A 894 -7.53 61.32 -3.73
CA VAL A 894 -7.19 60.49 -2.58
C VAL A 894 -8.41 59.76 -2.06
N LEU A 895 -9.56 60.45 -2.00
CA LEU A 895 -10.77 59.79 -1.53
C LEU A 895 -11.31 58.78 -2.54
N CYS A 896 -11.06 59.00 -3.83
CA CYS A 896 -11.46 58.00 -4.82
C CYS A 896 -10.68 56.71 -4.64
N ILE A 897 -9.37 56.80 -4.41
CA ILE A 897 -8.60 55.58 -4.13
C ILE A 897 -8.98 54.99 -2.78
N ASP A 898 -9.25 55.85 -1.81
CA ASP A 898 -9.64 55.40 -0.48
C ASP A 898 -10.94 54.63 -0.50
N PHE A 899 -11.86 54.99 -1.41
CA PHE A 899 -13.08 54.20 -1.55
C PHE A 899 -12.76 52.78 -1.96
N MET A 900 -11.82 52.59 -2.89
CA MET A 900 -11.42 51.24 -3.28
C MET A 900 -10.84 50.50 -2.09
N VAL A 901 -9.99 51.16 -1.32
CA VAL A 901 -9.39 50.51 -0.15
C VAL A 901 -10.46 50.10 0.85
N PHE A 902 -11.48 50.95 1.05
CA PHE A 902 -12.58 50.60 1.92
C PHE A 902 -13.39 49.43 1.37
N THR A 903 -13.64 49.43 0.05
CA THR A 903 -14.50 48.41 -0.53
C THR A 903 -13.85 47.03 -0.49
N VAL A 904 -12.54 46.96 -0.71
CA VAL A 904 -11.88 45.66 -0.71
C VAL A 904 -11.84 45.01 0.66
N ARG A 905 -12.31 45.69 1.70
CA ARG A 905 -12.38 45.09 3.03
C ARG A 905 -13.62 44.24 3.23
N LEU A 906 -14.53 44.20 2.25
CA LEU A 906 -15.63 43.24 2.29
C LEU A 906 -15.11 41.80 2.29
N LEU A 907 -14.00 41.54 1.59
CA LEU A 907 -13.41 40.22 1.60
C LEU A 907 -12.96 39.84 3.01
N HIS A 908 -12.29 40.77 3.70
CA HIS A 908 -11.87 40.50 5.07
C HIS A 908 -13.05 40.36 6.00
N ILE A 909 -14.13 41.10 5.76
CA ILE A 909 -15.33 40.96 6.57
C ILE A 909 -15.94 39.57 6.39
N PHE A 910 -15.99 39.08 5.16
CA PHE A 910 -16.63 37.82 4.85
C PHE A 910 -15.69 36.62 4.95
N THR A 911 -14.44 36.84 5.35
CA THR A 911 -13.56 35.72 5.66
C THR A 911 -14.19 34.79 6.69
N VAL A 912 -14.92 35.34 7.66
CA VAL A 912 -15.57 34.51 8.67
C VAL A 912 -16.64 33.61 8.06
N ASN A 913 -17.23 34.05 6.94
CA ASN A 913 -18.32 33.29 6.33
C ASN A 913 -17.83 31.90 5.92
N LYS A 914 -18.72 30.91 6.04
CA LYS A 914 -18.35 29.53 5.81
C LYS A 914 -18.04 29.26 4.35
N GLN A 915 -18.84 29.80 3.44
CA GLN A 915 -18.69 29.52 2.01
C GLN A 915 -17.48 30.24 1.42
N LEU A 916 -17.27 31.49 1.78
CA LEU A 916 -16.27 32.32 1.10
C LEU A 916 -14.88 32.19 1.71
N GLY A 917 -14.79 31.81 2.99
CA GLY A 917 -13.56 31.84 3.74
C GLY A 917 -12.40 31.03 3.17
N PRO A 918 -12.60 29.72 2.98
CA PRO A 918 -11.50 28.90 2.46
C PRO A 918 -11.00 29.34 1.09
N LYS A 919 -11.90 29.77 0.21
CA LYS A 919 -11.47 30.22 -1.11
C LYS A 919 -10.79 31.58 -1.03
N ILE A 920 -11.25 32.44 -0.13
CA ILE A 920 -10.58 33.72 0.08
C ILE A 920 -9.16 33.51 0.56
N VAL A 921 -8.95 32.54 1.46
CA VAL A 921 -7.58 32.31 1.92
C VAL A 921 -6.77 31.55 0.87
N ILE A 922 -7.41 30.78 0.00
CA ILE A 922 -6.70 30.19 -1.14
C ILE A 922 -6.21 31.26 -2.09
N VAL A 923 -6.98 32.34 -2.26
CA VAL A 923 -6.63 33.39 -3.21
C VAL A 923 -5.26 33.98 -2.89
N SER A 924 -4.96 34.16 -1.61
CA SER A 924 -3.69 34.76 -1.22
C SER A 924 -2.48 33.89 -1.56
N LYS A 925 -2.69 32.61 -1.86
CA LYS A 925 -1.59 31.71 -2.20
C LYS A 925 -1.26 31.72 -3.69
N MET A 926 -1.98 32.49 -4.49
CA MET A 926 -1.73 32.58 -5.94
C MET A 926 -0.81 33.73 -6.31
N MET A 927 -0.35 34.51 -5.34
CA MET A 927 0.41 35.71 -5.66
C MET A 927 1.78 35.39 -6.24
N LYS A 928 2.36 34.24 -5.89
CA LYS A 928 3.64 33.86 -6.50
C LYS A 928 3.48 33.59 -7.99
N ASP A 929 2.42 32.88 -8.38
CA ASP A 929 2.13 32.67 -9.79
C ASP A 929 1.83 34.00 -10.48
N VAL A 930 1.09 34.89 -9.81
CA VAL A 930 0.82 36.19 -10.39
C VAL A 930 2.10 36.97 -10.63
N PHE A 931 3.03 36.92 -9.67
CA PHE A 931 4.28 37.66 -9.80
C PHE A 931 5.17 37.07 -10.89
N PHE A 932 5.19 35.73 -11.03
CA PHE A 932 5.93 35.14 -12.13
C PHE A 932 5.34 35.58 -13.48
N PHE A 933 4.01 35.58 -13.59
CA PHE A 933 3.36 36.05 -14.80
C PHE A 933 3.73 37.50 -15.09
N LEU A 934 3.71 38.35 -14.06
CA LEU A 934 4.00 39.76 -14.26
C LEU A 934 5.46 39.99 -14.65
N PHE A 935 6.39 39.22 -14.07
CA PHE A 935 7.79 39.35 -14.44
C PHE A 935 8.04 38.95 -15.89
N PHE A 936 7.52 37.78 -16.28
CA PHE A 936 7.68 37.34 -17.67
C PHE A 936 7.02 38.32 -18.63
N LEU A 937 5.81 38.77 -18.29
CA LEU A 937 5.09 39.72 -19.13
C LEU A 937 5.83 41.05 -19.23
N GLY A 938 6.42 41.52 -18.14
CA GLY A 938 7.15 42.78 -18.19
C GLY A 938 8.39 42.69 -19.06
N VAL A 939 9.13 41.58 -18.97
CA VAL A 939 10.29 41.41 -19.83
C VAL A 939 9.86 41.38 -21.30
N TRP A 940 8.81 40.61 -21.60
CA TRP A 940 8.35 40.51 -22.98
C TRP A 940 7.80 41.85 -23.48
N LEU A 941 7.08 42.58 -22.63
CA LEU A 941 6.57 43.89 -23.01
C LEU A 941 7.70 44.86 -23.31
N VAL A 942 8.73 44.88 -22.46
CA VAL A 942 9.86 45.77 -22.72
C VAL A 942 10.49 45.45 -24.07
N ALA A 943 10.79 44.17 -24.30
CA ALA A 943 11.45 43.79 -25.55
C ALA A 943 10.60 44.16 -26.76
N TYR A 944 9.34 43.71 -26.78
CA TYR A 944 8.48 43.93 -27.93
C TYR A 944 8.18 45.40 -28.15
N GLY A 945 7.86 46.13 -27.07
CA GLY A 945 7.50 47.52 -27.22
C GLY A 945 8.65 48.38 -27.69
N VAL A 946 9.85 48.18 -27.13
CA VAL A 946 10.99 48.96 -27.59
C VAL A 946 11.33 48.61 -29.04
N ALA A 947 11.25 47.33 -29.40
CA ALA A 947 11.53 46.96 -30.79
C ALA A 947 10.54 47.59 -31.75
N THR A 948 9.25 47.57 -31.41
CA THR A 948 8.24 48.14 -32.29
C THR A 948 8.36 49.65 -32.38
N GLU A 949 8.64 50.32 -31.26
CA GLU A 949 8.83 51.76 -31.27
C GLU A 949 10.05 52.15 -32.09
N GLY A 950 11.13 51.36 -32.01
CA GLY A 950 12.30 51.63 -32.81
C GLY A 950 12.06 51.40 -34.29
N LEU A 951 11.31 50.34 -34.63
CA LEU A 951 11.04 50.07 -36.04
C LEU A 951 10.13 51.14 -36.65
N LEU A 952 9.11 51.57 -35.91
CA LEU A 952 8.14 52.50 -36.48
C LEU A 952 8.68 53.93 -36.55
N ARG A 953 9.54 54.33 -35.62
CA ARG A 953 10.12 55.66 -35.59
C ARG A 953 9.08 56.77 -35.64
N PRO A 954 8.18 56.86 -34.65
CA PRO A 954 7.19 57.92 -34.65
C PRO A 954 7.83 59.30 -34.55
N ARG A 955 7.18 60.28 -35.18
CA ARG A 955 7.71 61.64 -35.14
C ARG A 955 7.31 62.37 -33.86
N ASP A 956 6.12 62.09 -33.34
CA ASP A 956 5.67 62.66 -32.07
C ASP A 956 6.22 61.81 -30.92
N SER A 957 7.53 61.89 -30.74
CA SER A 957 8.23 61.10 -29.74
C SER A 957 8.48 61.90 -28.47
N ASP A 958 7.39 62.28 -27.82
CA ASP A 958 7.48 62.78 -26.46
C ASP A 958 7.70 61.62 -25.50
N PHE A 959 8.21 61.93 -24.31
CA PHE A 959 8.46 60.88 -23.32
C PHE A 959 7.18 60.15 -22.90
N PRO A 960 6.09 60.83 -22.53
CA PRO A 960 4.84 60.09 -22.25
C PRO A 960 4.33 59.31 -23.45
N SER A 961 4.48 59.85 -24.66
CA SER A 961 4.05 59.12 -25.85
C SER A 961 4.88 57.87 -26.06
N ILE A 962 6.19 57.95 -25.85
CA ILE A 962 7.05 56.79 -25.98
C ILE A 962 6.68 55.74 -24.94
N LEU A 963 6.47 56.16 -23.70
CA LEU A 963 6.07 55.21 -22.66
C LEU A 963 4.74 54.56 -22.99
N ARG A 964 3.79 55.35 -23.49
CA ARG A 964 2.49 54.81 -23.88
C ARG A 964 2.62 53.75 -24.96
N ARG A 965 3.30 54.09 -26.07
CA ARG A 965 3.43 53.15 -27.16
C ARG A 965 4.36 51.98 -26.85
N VAL A 966 5.18 52.08 -25.80
CA VAL A 966 6.05 50.97 -25.43
C VAL A 966 5.38 50.01 -24.46
N PHE A 967 4.55 50.51 -23.54
CA PHE A 967 3.96 49.65 -22.52
C PHE A 967 2.45 49.52 -22.63
N TYR A 968 1.74 50.64 -22.77
CA TYR A 968 0.28 50.62 -22.61
C TYR A 968 -0.41 49.97 -23.81
N ARG A 969 -0.02 50.32 -25.02
CA ARG A 969 -0.63 49.72 -26.21
C ARG A 969 -0.36 48.22 -26.32
N PRO A 970 0.88 47.73 -26.17
CA PRO A 970 1.08 46.27 -26.15
C PRO A 970 0.33 45.59 -25.03
N TYR A 971 0.18 46.24 -23.87
CA TYR A 971 -0.58 45.65 -22.78
C TYR A 971 -2.04 45.47 -23.16
N LEU A 972 -2.62 46.46 -23.83
CA LEU A 972 -4.00 46.36 -24.27
C LEU A 972 -4.17 45.37 -25.40
N GLN A 973 -3.11 45.09 -26.18
CA GLN A 973 -3.21 44.06 -27.21
C GLN A 973 -3.51 42.69 -26.61
N ILE A 974 -3.13 42.45 -25.35
CA ILE A 974 -3.44 41.21 -24.66
C ILE A 974 -4.92 41.04 -24.39
N PHE A 975 -5.70 42.12 -24.45
CA PHE A 975 -7.11 42.08 -24.15
C PHE A 975 -7.97 42.39 -25.37
N GLY A 976 -7.44 42.12 -26.57
CA GLY A 976 -8.17 42.27 -27.79
C GLY A 976 -8.16 43.66 -28.40
N GLN A 977 -7.33 44.56 -27.90
CA GLN A 977 -7.26 45.93 -28.41
C GLN A 977 -6.02 46.01 -29.30
N ILE A 978 -6.19 45.65 -30.56
CA ILE A 978 -5.08 45.57 -31.51
C ILE A 978 -5.28 46.65 -32.57
N PRO A 979 -4.61 47.80 -32.45
CA PRO A 979 -4.75 48.90 -33.43
C PRO A 979 -3.89 48.70 -34.68
N GLN A 980 -4.42 47.92 -35.63
CA GLN A 980 -3.70 47.62 -36.85
C GLN A 980 -3.42 48.88 -37.66
N GLU A 981 -4.34 49.83 -37.66
CA GLU A 981 -4.18 51.03 -38.48
C GLU A 981 -3.05 51.92 -38.00
N ASP A 982 -2.62 51.78 -36.75
CA ASP A 982 -1.55 52.57 -36.19
C ASP A 982 -0.18 51.92 -36.31
N MET A 983 -0.12 50.65 -36.71
CA MET A 983 1.14 49.93 -36.82
C MET A 983 1.38 49.31 -38.18
N ASP A 984 0.33 49.04 -38.95
CA ASP A 984 0.46 48.41 -40.26
C ASP A 984 0.40 49.50 -41.33
N VAL A 985 1.53 49.70 -42.01
CA VAL A 985 1.64 50.80 -42.97
C VAL A 985 0.72 50.57 -44.17
N ALA A 986 0.46 49.31 -44.52
CA ALA A 986 -0.45 49.03 -45.62
C ALA A 986 -1.86 49.54 -45.36
N LEU A 987 -2.21 49.79 -44.10
CA LEU A 987 -3.51 50.32 -43.73
C LEU A 987 -3.50 51.83 -43.57
N MET A 988 -2.37 52.48 -43.81
CA MET A 988 -2.25 53.93 -43.70
C MET A 988 -2.13 54.55 -45.08
N GLU A 989 -2.27 55.86 -45.14
CA GLU A 989 -2.03 56.61 -46.36
C GLU A 989 -0.57 57.06 -46.40
N HIS A 990 0.09 56.82 -47.53
CA HIS A 990 1.51 57.12 -47.66
C HIS A 990 1.67 58.60 -47.99
N SER A 991 2.24 59.36 -47.06
CA SER A 991 2.38 60.78 -47.20
C SER A 991 3.83 61.20 -46.96
N ASN A 992 4.18 62.36 -47.50
CA ASN A 992 5.54 62.90 -47.36
C ASN A 992 5.57 63.86 -46.16
N CYS A 993 5.35 63.28 -44.98
CA CYS A 993 5.27 64.05 -43.74
C CYS A 993 6.59 64.13 -42.99
N SER A 994 7.67 63.59 -43.54
CA SER A 994 8.97 63.63 -42.88
C SER A 994 10.03 64.14 -43.86
N SER A 995 10.89 65.05 -43.36
CA SER A 995 11.97 65.57 -44.19
C SER A 995 13.13 64.58 -44.28
N GLU A 996 13.19 63.62 -43.37
CA GLU A 996 14.26 62.63 -43.38
C GLU A 996 14.10 61.69 -44.58
N PRO A 997 15.20 61.19 -45.12
CA PRO A 997 15.11 60.29 -46.28
C PRO A 997 14.39 59.00 -45.93
N GLY A 998 13.70 58.46 -46.92
CA GLY A 998 12.91 57.25 -46.77
C GLY A 998 11.44 57.52 -47.02
N PHE A 999 10.66 56.44 -46.87
CA PHE A 999 9.22 56.49 -47.08
C PHE A 999 8.51 56.52 -45.74
N TRP A 1000 7.40 57.27 -45.68
CA TRP A 1000 6.68 57.48 -44.43
C TRP A 1000 5.19 57.38 -44.68
N ALA A 1001 4.45 57.05 -43.63
CA ALA A 1001 3.01 56.91 -43.69
C ALA A 1001 2.39 57.59 -42.47
N HIS A 1002 1.11 57.96 -42.60
CA HIS A 1002 0.43 58.69 -41.55
C HIS A 1002 -0.53 57.78 -40.81
N PRO A 1003 -0.25 57.41 -39.56
CA PRO A 1003 -1.22 56.65 -38.77
C PRO A 1003 -2.33 57.55 -38.27
N PRO A 1004 -3.59 57.09 -38.34
CA PRO A 1004 -4.70 57.96 -37.95
C PRO A 1004 -4.89 58.12 -36.44
N GLY A 1005 -4.24 57.29 -35.63
CA GLY A 1005 -4.46 57.36 -34.20
C GLY A 1005 -4.00 58.67 -33.59
N ALA A 1006 -4.72 59.10 -32.56
CA ALA A 1006 -4.41 60.37 -31.90
C ALA A 1006 -3.06 60.31 -31.20
N GLN A 1007 -2.76 59.20 -30.52
CA GLN A 1007 -1.54 59.06 -29.76
C GLN A 1007 -0.47 58.28 -30.50
N ALA A 1008 -0.67 58.00 -31.78
CA ALA A 1008 0.40 57.51 -32.63
C ALA A 1008 1.33 58.67 -33.00
N GLY A 1009 2.39 58.38 -33.73
CA GLY A 1009 3.38 59.41 -34.00
C GLY A 1009 3.03 60.36 -35.12
N THR A 1010 1.87 60.20 -35.74
CA THR A 1010 1.36 61.01 -36.86
C THR A 1010 2.21 60.85 -38.10
N CYS A 1011 3.31 60.11 -37.99
CA CYS A 1011 4.18 59.79 -39.12
C CYS A 1011 5.13 58.68 -38.71
N VAL A 1012 5.14 57.57 -39.45
CA VAL A 1012 5.95 56.41 -39.11
C VAL A 1012 6.69 55.93 -40.34
N SER A 1013 7.77 55.19 -40.11
CA SER A 1013 8.58 54.64 -41.18
C SER A 1013 7.98 53.34 -41.68
N GLN A 1014 8.08 53.13 -42.99
CA GLN A 1014 7.60 51.90 -43.62
C GLN A 1014 8.75 51.06 -44.17
N TYR A 1015 9.95 51.21 -43.62
CA TYR A 1015 11.11 50.51 -44.17
C TYR A 1015 10.97 49.00 -44.02
N ALA A 1016 10.67 48.53 -42.82
CA ALA A 1016 10.58 47.10 -42.54
C ALA A 1016 9.29 46.80 -41.78
N ASN A 1017 8.17 47.30 -42.29
CA ASN A 1017 6.89 47.14 -41.62
C ASN A 1017 6.43 45.69 -41.57
N TRP A 1018 6.90 44.85 -42.50
CA TRP A 1018 6.63 43.43 -42.41
C TRP A 1018 7.17 42.86 -41.11
N LEU A 1019 8.29 43.38 -40.63
CA LEU A 1019 8.82 42.94 -39.35
C LEU A 1019 7.98 43.42 -38.18
N VAL A 1020 7.36 44.59 -38.30
CA VAL A 1020 6.42 45.04 -37.28
C VAL A 1020 5.22 44.10 -37.22
N VAL A 1021 4.72 43.69 -38.38
CA VAL A 1021 3.59 42.75 -38.42
C VAL A 1021 3.99 41.40 -37.83
N LEU A 1022 5.19 40.91 -38.19
CA LEU A 1022 5.67 39.64 -37.65
C LEU A 1022 5.85 39.72 -36.14
N LEU A 1023 6.35 40.85 -35.64
CA LEU A 1023 6.50 41.04 -34.21
C LEU A 1023 5.15 41.03 -33.51
N LEU A 1024 4.14 41.64 -34.13
CA LEU A 1024 2.79 41.56 -33.56
C LEU A 1024 2.30 40.12 -33.48
N VAL A 1025 2.53 39.35 -34.56
CA VAL A 1025 2.13 37.95 -34.57
C VAL A 1025 2.82 37.18 -33.43
N ILE A 1026 4.12 37.37 -33.29
CA ILE A 1026 4.88 36.68 -32.25
C ILE A 1026 4.44 37.14 -30.87
N PHE A 1027 4.17 38.44 -30.70
CA PHE A 1027 3.71 38.95 -29.41
C PHE A 1027 2.38 38.31 -29.02
N LEU A 1028 1.45 38.23 -29.97
CA LEU A 1028 0.16 37.61 -29.66
C LEU A 1028 0.34 36.16 -29.27
N LEU A 1029 1.18 35.43 -30.01
CA LEU A 1029 1.46 34.03 -29.68
C LEU A 1029 2.03 33.89 -28.27
N VAL A 1030 3.05 34.70 -27.95
CA VAL A 1030 3.76 34.54 -26.68
C VAL A 1030 2.90 34.98 -25.51
N ALA A 1031 2.19 36.09 -25.64
CA ALA A 1031 1.46 36.67 -24.52
C ALA A 1031 0.05 36.12 -24.38
N ASN A 1032 -0.76 36.18 -25.44
CA ASN A 1032 -2.16 35.83 -25.34
C ASN A 1032 -2.38 34.33 -25.26
N ILE A 1033 -1.40 33.53 -25.64
CA ILE A 1033 -1.56 32.09 -25.75
C ILE A 1033 -0.63 31.35 -24.78
N LEU A 1034 0.65 31.68 -24.77
CA LEU A 1034 1.59 30.91 -23.96
C LEU A 1034 1.58 31.36 -22.51
N LEU A 1035 1.71 32.66 -22.26
CA LEU A 1035 1.80 33.14 -20.89
C LEU A 1035 0.48 32.96 -20.14
N VAL A 1036 -0.65 33.25 -20.78
CA VAL A 1036 -1.94 33.13 -20.11
C VAL A 1036 -2.24 31.68 -19.77
N ASN A 1037 -2.01 30.77 -20.72
CA ASN A 1037 -2.27 29.36 -20.46
C ASN A 1037 -1.29 28.79 -19.43
N LEU A 1038 -0.04 29.25 -19.46
CA LEU A 1038 0.91 28.85 -18.43
C LEU A 1038 0.45 29.30 -17.05
N LEU A 1039 -0.06 30.52 -16.94
CA LEU A 1039 -0.60 30.99 -15.68
C LEU A 1039 -1.79 30.16 -15.24
N ILE A 1040 -2.65 29.76 -16.18
CA ILE A 1040 -3.77 28.89 -15.84
C ILE A 1040 -3.27 27.57 -15.26
N ALA A 1041 -2.26 26.98 -15.90
CA ALA A 1041 -1.72 25.71 -15.41
C ALA A 1041 -1.11 25.87 -14.02
N MET A 1042 -0.36 26.95 -13.80
CA MET A 1042 0.22 27.21 -12.49
C MET A 1042 -0.86 27.41 -11.43
N PHE A 1043 -1.92 28.14 -11.76
CA PHE A 1043 -3.02 28.35 -10.84
C PHE A 1043 -3.68 27.02 -10.47
N SER A 1044 -3.92 26.16 -11.47
CA SER A 1044 -4.54 24.87 -11.19
C SER A 1044 -3.66 24.02 -10.26
N TYR A 1045 -2.37 23.97 -10.54
CA TYR A 1045 -1.45 23.20 -9.71
C TYR A 1045 -1.45 23.74 -8.28
N THR A 1046 -1.33 25.06 -8.12
CA THR A 1046 -1.26 25.64 -6.78
C THR A 1046 -2.57 25.44 -6.02
N PHE A 1047 -3.71 25.57 -6.70
CA PHE A 1047 -5.00 25.34 -6.06
C PHE A 1047 -5.09 23.93 -5.53
N GLY A 1048 -4.78 22.93 -6.38
CA GLY A 1048 -4.81 21.56 -5.93
C GLY A 1048 -3.82 21.28 -4.81
N LYS A 1049 -2.70 21.99 -4.80
CA LYS A 1049 -1.68 21.75 -3.78
C LYS A 1049 -2.07 22.33 -2.43
N VAL A 1050 -2.69 23.51 -2.41
CA VAL A 1050 -2.94 24.22 -1.16
C VAL A 1050 -4.37 24.09 -0.65
N GLN A 1051 -5.23 23.36 -1.37
CA GLN A 1051 -6.62 23.16 -0.94
C GLN A 1051 -6.73 22.77 0.54
N GLY A 1052 -6.15 21.62 0.91
CA GLY A 1052 -6.37 21.07 2.24
C GLY A 1052 -5.77 21.92 3.34
N ASN A 1053 -4.56 22.43 3.14
CA ASN A 1053 -3.95 23.28 4.15
C ASN A 1053 -4.72 24.57 4.34
N SER A 1054 -5.25 25.15 3.26
CA SER A 1054 -6.08 26.34 3.41
C SER A 1054 -7.36 26.02 4.18
N ASP A 1055 -7.97 24.87 3.91
CA ASP A 1055 -9.17 24.49 4.65
C ASP A 1055 -8.87 24.34 6.14
N LEU A 1056 -7.74 23.68 6.47
CA LEU A 1056 -7.36 23.53 7.88
C LEU A 1056 -7.11 24.88 8.53
N TYR A 1057 -6.43 25.78 7.83
CA TYR A 1057 -6.19 27.12 8.38
C TYR A 1057 -7.49 27.85 8.65
N TRP A 1058 -8.44 27.77 7.72
CA TRP A 1058 -9.72 28.45 7.92
C TRP A 1058 -10.47 27.86 9.11
N LYS A 1059 -10.46 26.53 9.24
CA LYS A 1059 -11.10 25.90 10.39
C LYS A 1059 -10.46 26.36 11.69
N ALA A 1060 -9.13 26.48 11.71
CA ALA A 1060 -8.44 26.93 12.92
C ALA A 1060 -8.80 28.36 13.28
N GLN A 1061 -8.87 29.25 12.29
CA GLN A 1061 -9.14 30.66 12.56
C GLN A 1061 -10.61 30.96 12.79
N ARG A 1062 -11.50 30.02 12.49
CA ARG A 1062 -12.93 30.23 12.71
C ARG A 1062 -13.24 30.57 14.15
N TYR A 1063 -12.57 29.91 15.11
CA TYR A 1063 -12.83 30.19 16.52
C TYR A 1063 -12.48 31.62 16.87
N ARG A 1064 -11.33 32.10 16.41
CA ARG A 1064 -10.92 33.47 16.71
C ARG A 1064 -11.88 34.47 16.08
N LEU A 1065 -12.33 34.19 14.85
CA LEU A 1065 -13.30 35.09 14.22
C LEU A 1065 -14.62 35.14 14.98
N ILE A 1066 -15.12 33.98 15.41
CA ILE A 1066 -16.37 33.94 16.16
C ILE A 1066 -16.23 34.64 17.50
N ARG A 1067 -15.10 34.42 18.18
CA ARG A 1067 -14.86 35.10 19.45
C ARG A 1067 -14.81 36.61 19.27
N GLU A 1068 -14.15 37.09 18.20
CA GLU A 1068 -14.07 38.51 17.94
C GLU A 1068 -15.46 39.10 17.67
N PHE A 1069 -16.30 38.39 16.90
CA PHE A 1069 -17.64 38.90 16.66
C PHE A 1069 -18.52 38.81 17.90
N HIS A 1070 -18.19 37.91 18.83
CA HIS A 1070 -18.92 37.85 20.09
C HIS A 1070 -18.52 39.02 21.00
N SER A 1071 -17.28 39.47 20.91
CA SER A 1071 -16.78 40.51 21.81
C SER A 1071 -17.22 41.92 21.41
N ARG A 1072 -17.81 42.11 20.23
CA ARG A 1072 -18.08 43.46 19.77
C ARG A 1072 -19.49 43.90 20.13
N PRO A 1073 -19.74 45.21 20.16
CA PRO A 1073 -21.07 45.70 20.55
C PRO A 1073 -22.17 45.23 19.60
N ALA A 1074 -23.37 45.06 20.16
CA ALA A 1074 -24.53 44.63 19.40
C ALA A 1074 -25.06 45.70 18.46
N LEU A 1075 -24.57 46.93 18.56
CA LEU A 1075 -24.97 48.00 17.67
C LEU A 1075 -24.06 48.03 16.43
N ALA A 1076 -24.55 48.62 15.36
CA ALA A 1076 -23.77 48.78 14.15
C ALA A 1076 -23.47 50.25 13.91
N PRO A 1077 -22.35 50.57 13.26
CA PRO A 1077 -22.03 51.96 13.02
C PRO A 1077 -23.06 52.60 12.11
N PRO A 1078 -23.28 53.91 12.24
CA PRO A 1078 -22.60 54.86 13.13
C PRO A 1078 -23.20 54.90 14.53
N PHE A 1079 -24.16 54.02 14.82
CA PHE A 1079 -24.79 54.01 16.14
C PHE A 1079 -23.90 53.43 17.22
N ILE A 1080 -22.83 52.72 16.84
CA ILE A 1080 -21.94 52.14 17.83
C ILE A 1080 -21.40 53.17 18.80
N VAL A 1081 -21.33 54.44 18.38
CA VAL A 1081 -20.82 55.48 19.27
C VAL A 1081 -21.59 55.47 20.58
N ILE A 1082 -22.90 55.23 20.52
CA ILE A 1082 -23.72 55.08 21.73
C ILE A 1082 -23.05 54.09 22.68
N SER A 1083 -22.89 52.85 22.22
CA SER A 1083 -22.27 51.84 23.06
C SER A 1083 -20.86 52.24 23.45
N HIS A 1084 -20.14 52.91 22.54
CA HIS A 1084 -18.79 53.34 22.86
C HIS A 1084 -18.80 54.29 24.05
N LEU A 1085 -19.77 55.22 24.09
CA LEU A 1085 -19.89 56.10 25.23
C LEU A 1085 -20.09 55.30 26.51
N ARG A 1086 -20.90 54.25 26.44
CA ARG A 1086 -21.06 53.39 27.61
C ARG A 1086 -19.72 52.80 28.03
N LEU A 1087 -18.96 52.28 27.05
CA LEU A 1087 -17.67 51.70 27.36
C LEU A 1087 -16.67 52.76 27.81
N LEU A 1088 -17.00 54.03 27.59
CA LEU A 1088 -16.14 55.12 28.07
C LEU A 1088 -16.61 55.62 29.43
N LEU A 1089 -17.84 55.32 29.82
CA LEU A 1089 -18.31 55.72 31.14
C LEU A 1089 -17.98 54.67 32.19
N ARG A 1090 -18.04 53.39 31.80
CA ARG A 1090 -17.72 52.29 32.71
C ARG A 1090 -16.25 51.91 32.64
N GLN A 1091 -15.38 52.88 32.82
CA GLN A 1091 -13.94 52.64 32.85
C GLN A 1091 -13.20 53.84 33.42
N PHE A 1109 -19.08 31.29 25.71
CA PHE A 1109 -17.80 30.65 25.44
C PHE A 1109 -17.15 30.15 26.72
N ARG A 1110 -17.95 29.96 27.76
CA ARG A 1110 -17.48 29.40 29.01
C ARG A 1110 -18.65 28.72 29.71
N VAL A 1111 -18.32 27.76 30.57
CA VAL A 1111 -19.29 27.13 31.45
C VAL A 1111 -18.72 27.11 32.85
N TYR A 1112 -19.61 27.19 33.84
CA TYR A 1112 -19.24 27.12 35.24
C TYR A 1112 -19.96 25.94 35.88
N LEU A 1113 -19.19 24.97 36.36
CA LEU A 1113 -19.73 23.74 36.93
C LEU A 1113 -19.47 23.73 38.44
N SER A 1114 -20.45 23.25 39.19
CA SER A 1114 -20.24 23.01 40.61
C SER A 1114 -19.22 21.90 40.81
N LYS A 1115 -18.77 21.74 42.06
CA LYS A 1115 -17.75 20.74 42.35
C LYS A 1115 -18.25 19.33 42.04
N GLU A 1116 -19.51 19.04 42.35
CA GLU A 1116 -20.06 17.72 42.04
C GLU A 1116 -20.11 17.49 40.53
N ALA A 1117 -20.62 18.46 39.78
CA ALA A 1117 -20.72 18.32 38.34
C ALA A 1117 -19.35 18.21 37.69
N GLU A 1118 -18.39 19.01 38.17
CA GLU A 1118 -17.03 18.93 37.65
C GLU A 1118 -16.40 17.58 37.93
N ARG A 1119 -16.61 17.05 39.14
CA ARG A 1119 -16.07 15.74 39.47
C ARG A 1119 -16.69 14.65 38.58
N LYS A 1120 -18.00 14.72 38.37
CA LYS A 1120 -18.65 13.74 37.50
C LYS A 1120 -18.12 13.83 36.08
N LEU A 1121 -17.94 15.06 35.57
CA LEU A 1121 -17.44 15.23 34.21
C LEU A 1121 -16.02 14.70 34.07
N LEU A 1122 -15.18 14.94 35.08
CA LEU A 1122 -13.81 14.45 35.02
C LEU A 1122 -13.76 12.93 35.11
N THR A 1123 -14.63 12.32 35.92
CA THR A 1123 -14.71 10.87 35.97
C THR A 1123 -15.17 10.30 34.63
N TRP A 1124 -16.15 10.93 34.00
CA TRP A 1124 -16.61 10.51 32.68
C TRP A 1124 -15.50 10.58 31.65
N GLU A 1125 -14.74 11.68 31.67
CA GLU A 1125 -13.60 11.83 30.76
C GLU A 1125 -12.54 10.77 31.03
N SER A 1126 -12.27 10.46 32.30
CA SER A 1126 -11.29 9.44 32.62
C SER A 1126 -11.73 8.06 32.15
N VAL A 1127 -13.03 7.78 32.27
CA VAL A 1127 -13.56 6.50 31.77
C VAL A 1127 -13.35 6.40 30.26
N HIS A 1128 -13.62 7.48 29.53
CA HIS A 1128 -13.42 7.42 28.09
C HIS A 1128 -11.94 7.33 27.74
N LYS A 1129 -11.08 8.00 28.49
CA LYS A 1129 -9.65 7.88 28.24
C LYS A 1129 -9.16 6.46 28.47
N GLU A 1130 -9.62 5.81 29.53
CA GLU A 1130 -9.20 4.44 29.81
C GLU A 1130 -9.73 3.48 28.75
N ASN A 1131 -10.95 3.70 28.26
CA ASN A 1131 -11.46 2.87 27.17
C ASN A 1131 -10.63 3.07 25.90
N PHE A 1132 -10.28 4.31 25.58
CA PHE A 1132 -9.47 4.60 24.40
C PHE A 1132 -8.09 3.95 24.51
N LEU A 1133 -7.46 4.05 25.67
CA LEU A 1133 -6.15 3.43 25.88
C LEU A 1133 -6.23 1.91 25.79
N LEU A 1134 -7.27 1.31 26.36
CA LEU A 1134 -7.45 -0.13 26.26
C LEU A 1134 -7.65 -0.57 24.82
N ALA A 1135 -8.46 0.17 24.06
CA ALA A 1135 -8.67 -0.16 22.65
C ALA A 1135 -7.38 -0.06 21.86
N ARG A 1136 -6.58 0.99 22.12
CA ARG A 1136 -5.32 1.14 21.41
C ARG A 1136 -4.36 0.01 21.76
N ALA A 1137 -4.29 -0.38 23.04
CA ALA A 1137 -3.44 -1.49 23.43
C ALA A 1137 -3.88 -2.79 22.78
N ARG A 1138 -5.20 -3.04 22.74
CA ARG A 1138 -5.70 -4.25 22.09
C ARG A 1138 -5.38 -4.25 20.60
N ASP A 1139 -5.54 -3.10 19.94
CA ASP A 1139 -5.22 -3.01 18.52
C ASP A 1139 -3.74 -3.28 18.27
N LYS A 1140 -2.87 -2.74 19.12
CA LYS A 1140 -1.44 -2.99 18.96
C LYS A 1140 -1.11 -4.45 19.19
N ARG A 1141 -1.70 -5.07 20.21
CA ARG A 1141 -1.37 -6.45 20.55
C ARG A 1141 -1.79 -7.41 19.45
N GLU A 1142 -2.92 -7.16 18.81
CA GLU A 1142 -3.47 -8.08 17.81
C GLU A 1142 -2.96 -7.83 16.41
N SER A 1143 -1.99 -6.94 16.23
CA SER A 1143 -1.41 -6.73 14.93
C SER A 1143 -0.50 -7.89 14.55
N ASP A 1144 -0.21 -8.01 13.26
CA ASP A 1144 0.60 -9.12 12.78
C ASP A 1144 2.04 -9.03 13.27
N SER A 1145 2.57 -7.81 13.44
CA SER A 1145 3.94 -7.66 13.92
C SER A 1145 4.08 -8.24 15.32
N GLU A 1146 3.17 -7.89 16.23
CA GLU A 1146 3.26 -8.39 17.59
C GLU A 1146 2.95 -9.87 17.67
N ARG A 1147 2.01 -10.36 16.85
CA ARG A 1147 1.76 -11.80 16.79
C ARG A 1147 3.00 -12.56 16.35
N LEU A 1148 3.69 -12.06 15.32
CA LEU A 1148 4.91 -12.71 14.85
C LEU A 1148 6.00 -12.66 15.92
N LYS A 1149 6.11 -11.53 16.62
CA LYS A 1149 7.11 -11.41 17.68
C LYS A 1149 6.84 -12.40 18.81
N ARG A 1150 5.59 -12.51 19.23
CA ARG A 1150 5.25 -13.47 20.28
C ARG A 1150 5.46 -14.91 19.81
N THR A 1151 5.15 -15.19 18.55
CA THR A 1151 5.40 -16.52 18.01
C THR A 1151 6.88 -16.85 18.01
N SER A 1152 7.72 -15.88 17.64
CA SER A 1152 9.17 -16.09 17.67
C SER A 1152 9.64 -16.36 19.10
N GLN A 1153 9.14 -15.58 20.07
CA GLN A 1153 9.53 -15.80 21.45
C GLN A 1153 9.11 -17.18 21.95
N LYS A 1154 7.89 -17.60 21.60
CA LYS A 1154 7.41 -18.90 22.05
C LYS A 1154 8.14 -20.04 21.34
N VAL A 1155 8.58 -19.83 20.10
CA VAL A 1155 9.40 -20.83 19.42
C VAL A 1155 10.77 -20.92 20.08
N ASP A 1156 11.31 -19.79 20.54
CA ASP A 1156 12.55 -19.82 21.31
C ASP A 1156 12.36 -20.62 22.60
N LEU A 1157 11.25 -20.39 23.29
CA LEU A 1157 10.95 -21.15 24.50
C LEU A 1157 10.83 -22.64 24.21
N ALA A 1158 10.17 -22.98 23.09
CA ALA A 1158 10.04 -24.38 22.69
C ALA A 1158 11.41 -24.99 22.37
N LEU A 1159 12.29 -24.21 21.73
CA LEU A 1159 13.64 -24.70 21.47
C LEU A 1159 14.40 -24.96 22.77
N LYS A 1160 14.24 -24.07 23.75
CA LYS A 1160 14.89 -24.28 25.03
C LYS A 1160 14.39 -25.55 25.70
N GLN A 1161 13.07 -25.77 25.69
CA GLN A 1161 12.53 -26.98 26.30
C GLN A 1161 12.96 -28.23 25.53
N LEU A 1162 13.02 -28.14 24.20
CA LEU A 1162 13.48 -29.28 23.40
C LEU A 1162 14.94 -29.59 23.70
N GLY A 1163 15.77 -28.56 23.88
CA GLY A 1163 17.14 -28.79 24.28
C GLY A 1163 17.25 -29.46 25.64
N HIS A 1164 16.42 -29.02 26.59
CA HIS A 1164 16.41 -29.65 27.90
C HIS A 1164 16.01 -31.12 27.81
N ILE A 1165 15.02 -31.42 26.96
CA ILE A 1165 14.63 -32.82 26.76
C ILE A 1165 15.76 -33.61 26.10
N ARG A 1166 16.42 -33.02 25.10
CA ARG A 1166 17.47 -33.71 24.37
C ARG A 1166 18.68 -33.99 25.24
N GLU A 1167 18.94 -33.14 26.23
CA GLU A 1167 20.10 -33.36 27.10
C GLU A 1167 20.02 -34.70 27.81
N TYR A 1168 18.85 -35.06 28.32
CA TYR A 1168 18.69 -36.34 29.00
C TYR A 1168 17.93 -37.33 28.12
N GLN B 8 -26.05 7.48 47.54
CA GLN B 8 -26.75 8.76 47.41
C GLN B 8 -27.30 9.23 48.75
N SER B 9 -28.22 10.19 48.71
CA SER B 9 -28.78 10.79 49.92
C SER B 9 -29.87 9.93 50.55
N TRP B 10 -30.28 8.86 49.90
CA TRP B 10 -31.30 7.96 50.44
C TRP B 10 -30.72 6.78 51.20
N ILE B 11 -29.39 6.62 51.18
CA ILE B 11 -28.78 5.45 51.81
C ILE B 11 -29.04 5.39 53.31
N PRO B 12 -28.86 6.46 54.09
CA PRO B 12 -29.13 6.36 55.53
C PRO B 12 -30.57 6.04 55.87
N LYS B 13 -31.50 6.32 54.96
CA LYS B 13 -32.91 6.07 55.24
C LYS B 13 -33.23 4.58 55.26
N ILE B 14 -32.52 3.79 54.46
CA ILE B 14 -32.82 2.38 54.32
C ILE B 14 -31.72 1.47 54.88
N PHE B 15 -30.52 1.99 55.09
CA PHE B 15 -29.41 1.23 55.67
C PHE B 15 -29.07 1.78 57.05
N LYS B 16 -28.86 0.88 58.00
CA LYS B 16 -28.67 1.26 59.40
C LYS B 16 -27.29 0.87 59.88
N LYS B 17 -26.94 1.37 61.06
CA LYS B 17 -25.72 1.02 61.77
C LYS B 17 -26.08 0.72 63.21
N LYS B 18 -25.31 -0.15 63.83
CA LYS B 18 -25.59 -0.63 65.17
C LYS B 18 -24.64 0.01 66.17
N THR B 19 -25.20 0.64 67.20
CA THR B 19 -24.44 1.25 68.27
C THR B 19 -24.85 0.64 69.61
N CYS B 20 -23.86 0.29 70.41
CA CYS B 20 -24.11 -0.41 71.67
C CYS B 20 -24.62 0.56 72.73
N THR B 21 -25.62 0.11 73.49
CA THR B 21 -26.19 0.89 74.57
C THR B 21 -26.03 0.22 75.93
N THR B 22 -26.42 -1.05 76.05
CA THR B 22 -26.28 -1.77 77.31
C THR B 22 -24.83 -2.16 77.53
N PHE B 23 -24.33 -1.89 78.74
CA PHE B 23 -22.93 -2.14 79.08
C PHE B 23 -22.83 -3.43 79.88
N ILE B 24 -22.01 -4.36 79.40
CA ILE B 24 -21.69 -5.60 80.11
C ILE B 24 -20.18 -5.74 80.14
N VAL B 25 -19.63 -6.00 81.33
CA VAL B 25 -18.18 -6.06 81.49
C VAL B 25 -17.63 -7.33 80.85
N ASP B 26 -16.35 -7.28 80.51
CA ASP B 26 -15.66 -8.42 79.91
C ASP B 26 -15.39 -9.49 80.97
N THR B 59 -25.98 -11.11 81.28
CA THR B 59 -24.56 -11.30 81.57
C THR B 59 -23.79 -11.60 80.29
N VAL B 60 -24.51 -12.01 79.24
CA VAL B 60 -23.94 -12.30 77.94
C VAL B 60 -24.42 -11.21 76.98
N TRP B 61 -23.47 -10.59 76.27
CA TRP B 61 -23.76 -9.45 75.41
C TRP B 61 -24.44 -9.95 74.13
N ASP B 62 -25.75 -9.75 74.04
CA ASP B 62 -26.46 -10.09 72.82
C ASP B 62 -26.21 -9.03 71.75
N SER B 63 -25.91 -9.48 70.53
CA SER B 63 -25.65 -8.55 69.44
C SER B 63 -26.91 -7.84 68.97
N ASP B 64 -28.09 -8.45 69.15
CA ASP B 64 -29.33 -7.86 68.68
C ASP B 64 -30.13 -7.17 69.78
N ALA B 65 -30.01 -7.63 71.03
CA ALA B 65 -30.79 -7.07 72.12
C ALA B 65 -30.14 -5.85 72.75
N HIS B 66 -28.82 -5.84 72.86
CA HIS B 66 -28.09 -4.77 73.54
C HIS B 66 -27.56 -3.72 72.58
N THR B 67 -28.21 -3.54 71.43
CA THR B 67 -27.73 -2.61 70.41
C THR B 67 -28.92 -1.88 69.80
N THR B 68 -28.66 -0.67 69.30
CA THR B 68 -29.68 0.14 68.67
C THR B 68 -29.26 0.50 67.25
N GLU B 69 -30.21 0.47 66.33
CA GLU B 69 -29.94 0.75 64.93
C GLU B 69 -30.36 2.18 64.59
N LYS B 70 -29.44 2.93 64.00
CA LYS B 70 -29.62 4.32 63.63
C LYS B 70 -29.28 4.48 62.16
N PRO B 71 -29.76 5.56 61.52
CA PRO B 71 -29.40 5.79 60.11
C PRO B 71 -27.89 5.82 59.91
N THR B 72 -27.41 5.14 58.87
CA THR B 72 -25.97 4.95 58.71
C THR B 72 -25.27 6.26 58.40
N ASP B 73 -24.03 6.36 58.85
CA ASP B 73 -23.22 7.55 58.65
C ASP B 73 -21.99 7.32 57.78
N ALA B 74 -21.64 6.06 57.50
CA ALA B 74 -20.48 5.74 56.67
C ALA B 74 -20.97 5.05 55.41
N TYR B 75 -20.88 5.75 54.28
CA TYR B 75 -21.25 5.21 52.99
C TYR B 75 -20.66 6.10 51.91
N GLY B 76 -20.52 5.54 50.71
CA GLY B 76 -20.07 6.34 49.59
C GLY B 76 -18.90 5.74 48.83
N GLU B 77 -17.91 6.57 48.49
CA GLU B 77 -16.77 6.12 47.72
C GLU B 77 -15.47 6.38 48.50
N LEU B 78 -14.49 5.53 48.22
CA LEU B 78 -13.21 5.51 48.89
C LEU B 78 -12.11 5.93 47.92
N ASP B 79 -11.32 6.90 48.32
CA ASP B 79 -10.08 7.25 47.67
C ASP B 79 -8.95 6.84 48.61
N PHE B 80 -8.21 5.81 48.24
CA PHE B 80 -7.02 5.43 48.99
C PHE B 80 -5.97 6.52 48.80
N THR B 81 -5.77 7.33 49.84
CA THR B 81 -4.97 8.54 49.73
C THR B 81 -3.55 8.22 49.31
N GLY B 82 -3.05 8.98 48.34
CA GLY B 82 -1.72 8.76 47.81
C GLY B 82 -1.67 7.88 46.58
N ALA B 83 -2.32 6.72 46.64
CA ALA B 83 -2.38 5.84 45.48
C ALA B 83 -3.27 6.44 44.41
N GLY B 84 -2.77 6.50 43.18
CA GLY B 84 -3.54 7.03 42.08
C GLY B 84 -4.43 5.99 41.44
N ARG B 85 -5.35 5.42 42.22
CA ARG B 85 -6.24 4.36 41.76
C ARG B 85 -7.67 4.90 41.71
N LYS B 86 -8.56 4.08 41.16
CA LYS B 86 -9.97 4.43 41.13
C LYS B 86 -10.58 4.35 42.53
N HIS B 87 -11.69 5.05 42.70
CA HIS B 87 -12.38 5.05 43.98
C HIS B 87 -13.24 3.79 44.11
N SER B 88 -13.15 3.15 45.28
CA SER B 88 -14.00 2.00 45.55
C SER B 88 -15.35 2.47 46.09
N ASN B 89 -16.29 1.56 46.22
CA ASN B 89 -17.59 1.85 46.80
C ASN B 89 -17.71 1.12 48.13
N PHE B 90 -17.96 1.85 49.20
CA PHE B 90 -18.04 1.27 50.53
C PHE B 90 -19.38 1.60 51.17
N LEU B 91 -19.84 0.67 52.00
CA LEU B 91 -21.08 0.87 52.74
C LEU B 91 -20.98 0.20 54.11
N ARG B 92 -21.13 0.99 55.15
CA ARG B 92 -21.28 0.47 56.51
C ARG B 92 -22.75 0.12 56.71
N LEU B 93 -23.03 -1.17 56.93
CA LEU B 93 -24.38 -1.67 56.99
C LEU B 93 -24.56 -2.55 58.21
N SER B 94 -25.78 -2.56 58.73
CA SER B 94 -26.08 -3.33 59.94
C SER B 94 -25.95 -4.82 59.67
N ASP B 95 -25.75 -5.59 60.75
CA ASP B 95 -25.67 -7.04 60.63
C ASP B 95 -26.96 -7.63 60.11
N ARG B 96 -28.10 -7.10 60.56
CA ARG B 96 -29.41 -7.60 60.14
C ARG B 96 -29.97 -6.78 58.98
N THR B 97 -29.20 -6.75 57.90
CA THR B 97 -29.59 -6.04 56.67
C THR B 97 -29.95 -7.07 55.61
N ASP B 98 -31.14 -6.93 55.04
CA ASP B 98 -31.60 -7.90 54.05
C ASP B 98 -30.73 -7.82 52.79
N PRO B 99 -30.35 -8.96 52.21
CA PRO B 99 -29.46 -8.93 51.05
C PRO B 99 -30.05 -8.26 49.82
N ALA B 100 -31.38 -8.17 49.73
CA ALA B 100 -32.00 -7.56 48.55
C ALA B 100 -31.60 -6.09 48.42
N ALA B 101 -31.62 -5.35 49.52
CA ALA B 101 -31.31 -3.92 49.47
C ALA B 101 -29.86 -3.69 49.04
N VAL B 102 -28.92 -4.42 49.63
CA VAL B 102 -27.52 -4.22 49.29
C VAL B 102 -27.24 -4.68 47.86
N TYR B 103 -27.87 -5.78 47.43
CA TYR B 103 -27.68 -6.23 46.06
C TYR B 103 -28.21 -5.21 45.06
N SER B 104 -29.38 -4.62 45.34
CA SER B 104 -29.92 -3.59 44.47
C SER B 104 -29.04 -2.35 44.47
N LEU B 105 -28.46 -2.01 45.62
CA LEU B 105 -27.53 -0.90 45.68
C LEU B 105 -26.30 -1.16 44.82
N VAL B 106 -25.76 -2.38 44.88
CA VAL B 106 -24.56 -2.70 44.11
C VAL B 106 -24.86 -2.68 42.61
N THR B 107 -25.94 -3.35 42.19
CA THR B 107 -26.19 -3.51 40.77
C THR B 107 -26.68 -2.21 40.12
N ARG B 108 -27.57 -1.49 40.78
CA ARG B 108 -28.18 -0.32 40.17
C ARG B 108 -27.48 0.98 40.53
N THR B 109 -27.35 1.27 41.83
CA THR B 109 -26.81 2.56 42.26
C THR B 109 -25.32 2.65 41.99
N TRP B 110 -24.57 1.59 42.30
CA TRP B 110 -23.12 1.59 42.14
C TRP B 110 -22.67 1.19 40.74
N GLY B 111 -23.60 0.79 39.87
CA GLY B 111 -23.26 0.46 38.51
C GLY B 111 -22.39 -0.78 38.32
N PHE B 112 -22.67 -1.85 39.06
CA PHE B 112 -21.98 -3.12 38.86
C PHE B 112 -22.87 -4.05 38.06
N ARG B 113 -22.30 -4.65 37.02
CA ARG B 113 -23.03 -5.66 36.27
C ARG B 113 -23.33 -6.86 37.14
N ALA B 114 -24.49 -7.47 36.93
CA ALA B 114 -24.83 -8.66 37.68
C ALA B 114 -23.84 -9.77 37.35
N PRO B 115 -23.36 -10.51 38.35
CA PRO B 115 -22.34 -11.53 38.08
C PRO B 115 -22.92 -12.73 37.34
N ASN B 116 -22.09 -13.32 36.49
CA ASN B 116 -22.40 -14.61 35.88
C ASN B 116 -21.97 -15.77 36.74
N LEU B 117 -21.23 -15.51 37.81
CA LEU B 117 -20.69 -16.48 38.74
C LEU B 117 -20.16 -15.72 39.94
N VAL B 118 -20.26 -16.32 41.12
CA VAL B 118 -19.71 -15.74 42.35
C VAL B 118 -18.85 -16.80 43.01
N VAL B 119 -17.56 -16.50 43.19
CA VAL B 119 -16.66 -17.38 43.90
C VAL B 119 -16.33 -16.74 45.24
N SER B 120 -16.72 -17.41 46.32
CA SER B 120 -16.46 -16.95 47.69
C SER B 120 -15.26 -17.70 48.23
N VAL B 121 -14.17 -16.97 48.46
CA VAL B 121 -12.92 -17.58 48.91
C VAL B 121 -12.88 -17.54 50.42
N LEU B 122 -12.58 -18.69 51.04
CA LEU B 122 -12.60 -18.85 52.48
C LEU B 122 -11.25 -19.36 52.96
N GLY B 123 -11.08 -19.32 54.28
CA GLY B 123 -9.93 -19.94 54.91
C GLY B 123 -8.75 -19.00 54.97
N GLY B 124 -7.59 -19.50 54.54
CA GLY B 124 -6.36 -18.72 54.57
C GLY B 124 -5.50 -19.06 55.76
N SER B 125 -4.43 -19.82 55.53
CA SER B 125 -3.50 -20.15 56.59
C SER B 125 -2.73 -18.92 57.04
N GLY B 126 -2.41 -18.87 58.33
CA GLY B 126 -1.63 -17.76 58.85
C GLY B 126 -0.27 -17.68 58.20
N GLY B 127 0.18 -16.45 57.95
CA GLY B 127 1.46 -16.22 57.35
C GLY B 127 1.35 -15.45 56.05
N PRO B 128 2.16 -14.38 55.93
CA PRO B 128 2.13 -13.58 54.70
C PRO B 128 2.57 -14.33 53.46
N VAL B 129 3.25 -15.47 53.60
CA VAL B 129 3.76 -16.23 52.47
C VAL B 129 2.87 -17.43 52.24
N LEU B 130 2.30 -17.52 51.05
CA LEU B 130 1.56 -18.70 50.62
C LEU B 130 2.50 -19.64 49.85
N GLN B 131 2.05 -20.88 49.70
CA GLN B 131 2.77 -21.82 48.85
C GLN B 131 2.70 -21.36 47.40
N THR B 132 3.80 -21.54 46.68
CA THR B 132 3.89 -21.00 45.32
C THR B 132 2.82 -21.58 44.41
N TRP B 133 2.55 -22.88 44.56
CA TRP B 133 1.49 -23.50 43.75
C TRP B 133 0.12 -22.92 44.10
N LEU B 134 -0.10 -22.62 45.37
CA LEU B 134 -1.37 -21.99 45.76
C LEU B 134 -1.50 -20.60 45.18
N GLN B 135 -0.41 -19.81 45.16
CA GLN B 135 -0.46 -18.50 44.54
C GLN B 135 -0.71 -18.61 43.04
N ASP B 136 -0.09 -19.60 42.39
CA ASP B 136 -0.34 -19.83 40.97
C ASP B 136 -1.79 -20.23 40.72
N LEU B 137 -2.37 -21.00 41.64
CA LEU B 137 -3.77 -21.37 41.53
C LEU B 137 -4.68 -20.15 41.68
N LEU B 138 -4.38 -19.29 42.65
CA LEU B 138 -5.18 -18.09 42.85
C LEU B 138 -5.10 -17.13 41.67
N ARG B 139 -3.91 -16.96 41.10
CA ARG B 139 -3.74 -16.02 40.00
C ARG B 139 -4.17 -16.61 38.66
N ARG B 140 -3.51 -17.69 38.22
CA ARG B 140 -3.80 -18.29 36.93
C ARG B 140 -5.13 -19.01 36.90
N GLY B 141 -5.60 -19.53 38.02
CA GLY B 141 -6.83 -20.28 38.03
C GLY B 141 -8.06 -19.47 38.39
N LEU B 142 -8.03 -18.80 39.55
CA LEU B 142 -9.23 -18.14 40.05
C LEU B 142 -9.47 -16.81 39.38
N VAL B 143 -8.45 -15.94 39.35
CA VAL B 143 -8.64 -14.59 38.83
C VAL B 143 -8.82 -14.62 37.32
N ARG B 144 -8.07 -15.48 36.63
CA ARG B 144 -8.22 -15.58 35.18
C ARG B 144 -9.61 -16.09 34.80
N ALA B 145 -10.10 -17.12 35.49
CA ALA B 145 -11.44 -17.62 35.24
C ALA B 145 -12.50 -16.58 35.58
N ALA B 146 -12.30 -15.85 36.67
CA ALA B 146 -13.25 -14.80 37.04
C ALA B 146 -13.31 -13.71 35.98
N GLN B 147 -12.16 -13.34 35.41
CA GLN B 147 -12.16 -12.35 34.34
C GLN B 147 -12.82 -12.89 33.08
N SER B 148 -12.56 -14.15 32.74
CA SER B 148 -13.10 -14.70 31.50
C SER B 148 -14.61 -14.89 31.59
N THR B 149 -15.11 -15.34 32.73
CA THR B 149 -16.53 -15.62 32.89
C THR B 149 -17.32 -14.44 33.45
N GLY B 150 -16.68 -13.33 33.74
CA GLY B 150 -17.36 -12.19 34.32
C GLY B 150 -17.91 -12.42 35.72
N ALA B 151 -17.12 -13.04 36.58
CA ALA B 151 -17.54 -13.43 37.91
C ALA B 151 -17.15 -12.38 38.95
N TRP B 152 -17.73 -12.51 40.13
CA TRP B 152 -17.38 -11.71 41.31
C TRP B 152 -16.58 -12.58 42.27
N ILE B 153 -15.42 -12.08 42.69
CA ILE B 153 -14.62 -12.74 43.72
C ILE B 153 -14.96 -12.08 45.05
N VAL B 154 -15.57 -12.86 45.96
CA VAL B 154 -16.03 -12.34 47.24
C VAL B 154 -15.21 -12.97 48.35
N THR B 155 -14.62 -12.13 49.18
CA THR B 155 -13.88 -12.59 50.34
C THR B 155 -13.83 -11.45 51.35
N GLY B 156 -12.98 -11.57 52.37
CA GLY B 156 -12.74 -10.45 53.25
C GLY B 156 -12.00 -9.34 52.51
N GLY B 157 -12.39 -8.10 52.77
CA GLY B 157 -11.76 -6.99 52.11
C GLY B 157 -10.54 -6.43 52.80
N LEU B 158 -10.14 -7.03 53.91
CA LEU B 158 -9.03 -6.51 54.69
C LEU B 158 -7.69 -6.96 54.11
N HIS B 159 -6.65 -6.19 54.40
CA HIS B 159 -5.31 -6.47 53.90
C HIS B 159 -4.59 -7.47 54.82
N THR B 160 -5.16 -8.66 54.91
CA THR B 160 -4.59 -9.72 55.74
C THR B 160 -5.18 -11.06 55.33
N GLY B 161 -4.35 -12.10 55.44
CA GLY B 161 -4.85 -13.45 55.23
C GLY B 161 -5.25 -13.72 53.80
N ILE B 162 -6.35 -14.47 53.66
CA ILE B 162 -6.80 -14.87 52.33
C ILE B 162 -7.24 -13.66 51.52
N GLY B 163 -7.73 -12.61 52.17
CA GLY B 163 -8.02 -11.38 51.47
C GLY B 163 -6.78 -10.76 50.86
N ARG B 164 -5.70 -10.71 51.64
CA ARG B 164 -4.43 -10.19 51.11
C ARG B 164 -3.92 -11.04 49.96
N HIS B 165 -4.06 -12.36 50.08
CA HIS B 165 -3.56 -13.24 49.03
C HIS B 165 -4.38 -13.12 47.75
N VAL B 166 -5.70 -13.00 47.87
CA VAL B 166 -6.53 -12.80 46.69
C VAL B 166 -6.26 -11.44 46.06
N GLY B 167 -6.03 -10.43 46.89
CA GLY B 167 -5.65 -9.13 46.34
C GLY B 167 -4.32 -9.18 45.60
N VAL B 168 -3.35 -9.92 46.13
CA VAL B 168 -2.07 -10.09 45.44
C VAL B 168 -2.27 -10.82 44.12
N ALA B 169 -3.14 -11.83 44.11
CA ALA B 169 -3.44 -12.53 42.86
C ALA B 169 -4.06 -11.60 41.83
N VAL B 170 -5.01 -10.76 42.26
CA VAL B 170 -5.65 -9.81 41.35
C VAL B 170 -4.63 -8.83 40.81
N ARG B 171 -3.77 -8.30 41.69
CA ARG B 171 -2.75 -7.35 41.27
C ARG B 171 -1.80 -7.98 40.26
N ASP B 172 -1.32 -9.19 40.55
CA ASP B 172 -0.39 -9.85 39.64
C ASP B 172 -1.03 -10.17 38.31
N HIS B 173 -2.31 -10.58 38.32
CA HIS B 173 -3.02 -10.83 37.06
C HIS B 173 -3.15 -9.55 36.25
N GLN B 174 -3.47 -8.43 36.91
CA GLN B 174 -3.63 -7.17 36.18
C GLN B 174 -2.31 -6.63 35.67
N MET B 175 -1.21 -6.87 36.39
CA MET B 175 0.10 -6.40 35.92
C MET B 175 0.49 -7.06 34.61
N ALA B 176 0.39 -8.39 34.54
CA ALA B 176 0.58 -9.13 33.29
C ALA B 176 -0.78 -9.44 32.68
N SER B 177 -1.41 -8.39 32.13
CA SER B 177 -2.76 -8.50 31.60
C SER B 177 -2.84 -7.82 30.25
N THR B 178 -3.79 -8.27 29.45
CA THR B 178 -4.11 -7.66 28.17
C THR B 178 -5.12 -6.54 28.39
N GLY B 179 -5.69 -6.03 27.30
CA GLY B 179 -6.72 -5.01 27.41
C GLY B 179 -8.09 -5.59 27.70
N GLY B 180 -8.18 -6.41 28.76
CA GLY B 180 -9.42 -7.06 29.14
C GLY B 180 -10.12 -6.34 30.27
N THR B 181 -11.39 -6.70 30.45
CA THR B 181 -12.19 -6.11 31.51
C THR B 181 -11.62 -6.46 32.88
N LYS B 182 -11.71 -5.53 33.81
CA LYS B 182 -11.12 -5.74 35.13
C LYS B 182 -11.92 -6.75 35.93
N VAL B 183 -11.24 -7.36 36.89
CA VAL B 183 -11.88 -8.33 37.80
C VAL B 183 -12.60 -7.57 38.90
N VAL B 184 -13.77 -8.07 39.30
CA VAL B 184 -14.60 -7.43 40.29
C VAL B 184 -14.45 -8.19 41.62
N ALA B 185 -14.06 -7.46 42.65
CA ALA B 185 -13.80 -8.02 43.97
C ALA B 185 -14.66 -7.34 45.02
N MET B 186 -15.27 -8.16 45.86
CA MET B 186 -16.11 -7.71 46.96
C MET B 186 -15.48 -8.13 48.28
N GLY B 187 -15.41 -7.19 49.20
CA GLY B 187 -14.90 -7.48 50.53
C GLY B 187 -15.98 -7.31 51.58
N VAL B 188 -16.42 -8.41 52.16
CA VAL B 188 -17.40 -8.39 53.24
C VAL B 188 -16.61 -8.48 54.54
N ALA B 189 -16.42 -7.34 55.19
CA ALA B 189 -15.52 -7.24 56.33
C ALA B 189 -16.26 -6.67 57.53
N PRO B 190 -15.83 -7.01 58.75
CA PRO B 190 -16.50 -6.48 59.94
C PRO B 190 -16.16 -5.02 60.14
N TRP B 191 -17.16 -4.23 60.53
CA TRP B 191 -16.92 -2.89 61.03
C TRP B 191 -16.55 -2.99 62.50
N GLY B 192 -15.30 -2.67 62.82
CA GLY B 192 -14.80 -2.85 64.16
C GLY B 192 -13.36 -3.32 64.13
N VAL B 193 -12.99 -3.97 63.03
CA VAL B 193 -11.61 -4.35 62.76
C VAL B 193 -11.03 -3.57 61.60
N VAL B 194 -11.78 -2.61 61.06
CA VAL B 194 -11.27 -1.77 59.98
C VAL B 194 -10.45 -0.64 60.58
N ARG B 195 -9.16 -0.60 60.22
CA ARG B 195 -8.24 0.38 60.75
C ARG B 195 -8.50 1.73 60.11
N ASN B 196 -8.41 2.80 60.91
CA ASN B 196 -8.59 4.17 60.44
C ASN B 196 -9.94 4.34 59.77
N ARG B 197 -10.97 3.69 60.30
CA ARG B 197 -12.30 3.78 59.72
C ARG B 197 -13.04 5.05 60.12
N ASP B 198 -12.55 5.78 61.13
CA ASP B 198 -13.18 7.03 61.52
C ASP B 198 -13.18 8.06 60.39
N THR B 199 -12.24 7.95 59.45
CA THR B 199 -12.23 8.85 58.31
C THR B 199 -13.37 8.58 57.34
N LEU B 200 -14.08 7.47 57.50
CA LEU B 200 -15.18 7.11 56.61
C LEU B 200 -16.53 7.65 57.07
N ILE B 201 -16.59 8.27 58.24
CA ILE B 201 -17.85 8.67 58.85
C ILE B 201 -18.19 10.09 58.41
N ASN B 202 -19.28 10.21 57.67
CA ASN B 202 -19.84 11.49 57.22
C ASN B 202 -21.32 11.30 56.90
N PRO B 203 -22.23 11.72 57.77
CA PRO B 203 -23.65 11.46 57.54
C PRO B 203 -24.20 12.05 56.26
N LYS B 204 -23.58 13.14 55.76
CA LYS B 204 -24.05 13.73 54.51
C LYS B 204 -23.62 12.93 53.29
N GLY B 205 -22.73 11.96 53.48
CA GLY B 205 -22.24 11.15 52.38
C GLY B 205 -20.77 11.39 52.11
N SER B 206 -19.92 10.45 52.52
CA SER B 206 -18.48 10.57 52.35
C SER B 206 -18.09 10.02 50.98
N PHE B 207 -18.46 10.77 49.94
CA PHE B 207 -18.28 10.28 48.59
C PHE B 207 -16.80 10.36 48.18
N PRO B 208 -16.13 11.50 48.26
CA PRO B 208 -14.66 11.39 48.11
C PRO B 208 -13.98 11.14 49.44
N ALA B 209 -14.24 9.97 50.03
CA ALA B 209 -13.73 9.69 51.37
C ALA B 209 -12.26 9.30 51.31
N ARG B 210 -11.40 10.14 51.87
CA ARG B 210 -9.97 9.88 51.86
C ARG B 210 -9.62 8.89 52.97
N TYR B 211 -9.06 7.75 52.59
CA TYR B 211 -8.83 6.64 53.51
C TYR B 211 -7.32 6.44 53.71
N ARG B 212 -6.91 6.31 54.97
CA ARG B 212 -5.51 6.06 55.32
C ARG B 212 -5.32 4.56 55.40
N TRP B 213 -4.64 3.99 54.40
CA TRP B 213 -4.54 2.55 54.24
C TRP B 213 -3.15 2.00 54.54
N ARG B 214 -2.19 2.86 54.89
CA ARG B 214 -0.84 2.39 55.17
C ARG B 214 -0.14 3.40 56.08
N GLY B 215 0.98 2.96 56.64
CA GLY B 215 1.77 3.79 57.52
C GLY B 215 1.60 3.55 58.99
N ASP B 216 0.60 2.76 59.39
CA ASP B 216 0.39 2.44 60.79
C ASP B 216 1.14 1.17 61.17
N PRO B 217 1.61 1.06 62.41
CA PRO B 217 2.26 -0.19 62.84
C PRO B 217 1.30 -1.37 62.74
N GLU B 218 1.84 -2.51 62.33
CA GLU B 218 1.00 -3.69 62.13
C GLU B 218 0.51 -4.21 63.47
N ASP B 219 -0.80 -4.47 63.54
CA ASP B 219 -1.45 -4.97 64.74
C ASP B 219 -2.33 -6.16 64.37
N GLY B 220 -2.49 -7.07 65.32
CA GLY B 220 -3.32 -8.24 65.11
C GLY B 220 -4.79 -8.04 65.35
N VAL B 221 -5.22 -6.81 65.63
CA VAL B 221 -6.62 -6.50 65.92
C VAL B 221 -7.28 -5.77 64.75
N GLN B 222 -6.75 -4.62 64.37
CA GLN B 222 -7.30 -3.82 63.28
C GLN B 222 -6.44 -3.95 62.04
N PHE B 223 -7.08 -4.02 60.88
CA PHE B 223 -6.43 -4.18 59.60
C PHE B 223 -7.00 -3.17 58.61
N PRO B 224 -6.19 -2.69 57.68
CA PRO B 224 -6.69 -1.74 56.68
C PRO B 224 -7.51 -2.45 55.62
N LEU B 225 -8.08 -1.65 54.72
CA LEU B 225 -8.83 -2.16 53.59
C LEU B 225 -7.89 -2.38 52.40
N ASP B 226 -7.97 -3.57 51.81
CA ASP B 226 -7.17 -3.91 50.65
C ASP B 226 -7.73 -3.20 49.42
N TYR B 227 -6.91 -2.39 48.75
CA TYR B 227 -7.44 -1.55 47.68
C TYR B 227 -7.67 -2.32 46.38
N ASN B 228 -7.28 -3.59 46.32
CA ASN B 228 -7.56 -4.38 45.13
C ASN B 228 -9.02 -4.82 45.04
N TYR B 229 -9.86 -4.36 45.96
CA TYR B 229 -11.26 -4.76 46.00
C TYR B 229 -12.14 -3.65 45.47
N SER B 230 -13.06 -4.00 44.58
CA SER B 230 -13.92 -3.02 43.95
C SER B 230 -14.93 -2.44 44.93
N ALA B 231 -15.45 -3.26 45.85
CA ALA B 231 -16.45 -2.75 46.79
C ALA B 231 -16.24 -3.37 48.16
N PHE B 232 -16.73 -2.65 49.17
CA PHE B 232 -16.58 -3.02 50.58
C PHE B 232 -17.93 -2.95 51.27
N PHE B 233 -18.30 -4.03 51.94
CA PHE B 233 -19.48 -4.09 52.80
C PHE B 233 -18.98 -4.27 54.23
N LEU B 234 -19.07 -3.20 55.02
CA LEU B 234 -18.58 -3.20 56.39
C LEU B 234 -19.77 -3.53 57.29
N VAL B 235 -19.82 -4.78 57.76
CA VAL B 235 -20.95 -5.29 58.52
C VAL B 235 -20.73 -4.92 59.98
N ASP B 236 -21.52 -3.99 60.48
CA ASP B 236 -21.41 -3.49 61.85
C ASP B 236 -22.44 -4.23 62.70
N ASP B 237 -21.96 -5.14 63.55
CA ASP B 237 -22.82 -5.81 64.52
C ASP B 237 -22.75 -5.17 65.90
N GLY B 238 -22.05 -4.04 66.04
CA GLY B 238 -21.99 -3.30 67.28
C GLY B 238 -20.70 -3.47 68.07
N THR B 239 -19.90 -4.49 67.74
CA THR B 239 -18.69 -4.75 68.49
C THR B 239 -17.53 -3.89 67.98
N HIS B 240 -16.37 -4.08 68.62
CA HIS B 240 -15.15 -3.38 68.24
C HIS B 240 -13.98 -4.32 68.49
N GLY B 241 -13.25 -4.65 67.43
CA GLY B 241 -12.11 -5.54 67.52
C GLY B 241 -12.43 -7.01 67.48
N CYS B 242 -13.70 -7.37 67.24
CA CYS B 242 -14.11 -8.77 67.22
C CYS B 242 -14.28 -9.25 65.78
N LEU B 243 -13.80 -10.45 65.52
CA LEU B 243 -13.88 -11.07 64.20
C LEU B 243 -14.99 -12.11 64.18
N GLY B 244 -15.63 -12.25 63.02
CA GLY B 244 -16.67 -13.25 62.81
C GLY B 244 -18.09 -12.73 62.88
N GLY B 245 -18.29 -11.44 63.10
CA GLY B 245 -19.63 -10.89 63.14
C GLY B 245 -20.25 -10.61 61.80
N GLU B 246 -19.51 -10.84 60.72
CA GLU B 246 -19.99 -10.57 59.37
C GLU B 246 -20.31 -11.83 58.59
N ASN B 247 -20.06 -13.01 59.16
CA ASN B 247 -20.26 -14.26 58.43
C ASN B 247 -21.72 -14.48 58.06
N ARG B 248 -22.64 -14.14 58.97
CA ARG B 248 -24.05 -14.38 58.72
C ARG B 248 -24.55 -13.56 57.53
N PHE B 249 -24.19 -12.27 57.49
CA PHE B 249 -24.60 -11.43 56.37
C PHE B 249 -23.96 -11.91 55.08
N ARG B 250 -22.70 -12.34 55.13
CA ARG B 250 -22.02 -12.83 53.94
C ARG B 250 -22.73 -14.06 53.38
N LEU B 251 -23.08 -15.01 54.24
CA LEU B 251 -23.77 -16.20 53.80
C LEU B 251 -25.16 -15.87 53.26
N ARG B 252 -25.88 -14.96 53.91
CA ARG B 252 -27.19 -14.58 53.40
C ARG B 252 -27.09 -13.90 52.04
N LEU B 253 -26.08 -13.04 51.86
CA LEU B 253 -25.87 -12.38 50.57
C LEU B 253 -25.54 -13.40 49.48
N GLU B 254 -24.68 -14.37 49.79
CA GLU B 254 -24.36 -15.41 48.81
C GLU B 254 -25.60 -16.21 48.44
N SER B 255 -26.39 -16.59 49.44
CA SER B 255 -27.62 -17.34 49.17
C SER B 255 -28.60 -16.54 48.33
N TYR B 256 -28.75 -15.24 48.61
CA TYR B 256 -29.64 -14.41 47.82
C TYR B 256 -29.16 -14.28 46.39
N ILE B 257 -27.85 -14.12 46.18
CA ILE B 257 -27.32 -14.04 44.83
C ILE B 257 -27.53 -15.35 44.09
N SER B 258 -27.47 -16.48 44.81
CA SER B 258 -27.70 -17.78 44.19
C SER B 258 -29.10 -17.90 43.59
N GLN B 259 -30.05 -17.08 44.03
CA GLN B 259 -31.43 -17.16 43.59
C GLN B 259 -31.77 -16.16 42.49
N GLN B 260 -30.84 -15.30 42.11
CA GLN B 260 -31.10 -14.35 41.03
C GLN B 260 -30.86 -15.02 39.68
N LYS B 261 -31.31 -14.36 38.62
CA LYS B 261 -31.27 -14.91 37.27
C LYS B 261 -30.26 -14.16 36.41
N THR B 262 -29.55 -14.90 35.57
CA THR B 262 -28.59 -14.30 34.66
C THR B 262 -29.29 -13.81 33.40
N GLY B 263 -28.58 -12.96 32.65
CA GLY B 263 -29.07 -12.49 31.37
C GLY B 263 -30.10 -11.39 31.51
N VAL B 264 -30.65 -10.99 30.36
CA VAL B 264 -31.67 -9.95 30.34
C VAL B 264 -32.93 -10.47 30.99
N GLY B 265 -33.50 -9.67 31.90
CA GLY B 265 -34.67 -10.13 32.63
C GLY B 265 -34.33 -11.27 33.57
N GLY B 266 -35.37 -11.99 33.98
CA GLY B 266 -35.20 -13.15 34.82
C GLY B 266 -35.28 -14.45 34.03
N THR B 267 -34.95 -14.37 32.74
CA THR B 267 -35.12 -15.51 31.86
C THR B 267 -34.05 -16.56 32.05
N GLY B 268 -32.84 -16.16 32.45
CA GLY B 268 -31.72 -17.07 32.46
C GLY B 268 -31.72 -18.08 33.59
N ILE B 269 -30.57 -18.68 33.85
CA ILE B 269 -30.42 -19.64 34.93
C ILE B 269 -30.12 -18.89 36.23
N ASP B 270 -30.25 -19.60 37.35
CA ASP B 270 -29.83 -19.04 38.63
C ASP B 270 -28.33 -18.80 38.62
N ILE B 271 -27.91 -17.67 39.20
CA ILE B 271 -26.50 -17.30 39.25
C ILE B 271 -25.75 -18.36 40.04
N PRO B 272 -24.73 -19.00 39.47
CA PRO B 272 -23.99 -20.02 40.22
C PRO B 272 -23.06 -19.39 41.25
N VAL B 273 -23.18 -19.85 42.50
CA VAL B 273 -22.34 -19.39 43.59
C VAL B 273 -21.56 -20.58 44.12
N LEU B 274 -20.23 -20.45 44.12
CA LEU B 274 -19.32 -21.52 44.50
C LEU B 274 -18.40 -21.00 45.59
N LEU B 275 -18.13 -21.83 46.59
CA LEU B 275 -17.24 -21.48 47.69
C LEU B 275 -15.92 -22.23 47.50
N LEU B 276 -14.82 -21.49 47.44
CA LEU B 276 -13.49 -22.07 47.32
C LEU B 276 -12.81 -22.02 48.68
N LEU B 277 -12.38 -23.18 49.17
CA LEU B 277 -11.84 -23.31 50.52
C LEU B 277 -10.35 -23.64 50.44
N ILE B 278 -9.53 -22.79 51.07
CA ILE B 278 -8.10 -23.01 51.20
C ILE B 278 -7.74 -22.96 52.68
N ASP B 279 -7.12 -24.01 53.18
CA ASP B 279 -6.75 -24.10 54.60
C ASP B 279 -8.01 -23.92 55.44
N GLY B 280 -7.87 -23.35 56.64
CA GLY B 280 -9.00 -23.05 57.49
C GLY B 280 -8.81 -23.60 58.90
N ASP B 281 -9.88 -23.52 59.67
CA ASP B 281 -9.90 -23.98 61.05
C ASP B 281 -11.32 -24.46 61.38
N GLU B 282 -11.61 -24.58 62.67
CA GLU B 282 -12.92 -25.07 63.10
C GLU B 282 -14.02 -24.12 62.66
N LYS B 283 -13.79 -22.81 62.77
CA LYS B 283 -14.76 -21.84 62.27
C LYS B 283 -14.97 -22.00 60.77
N MET B 284 -13.93 -22.38 60.04
CA MET B 284 -14.10 -22.66 58.62
C MET B 284 -14.95 -23.91 58.39
N LEU B 285 -14.83 -24.91 59.27
CA LEU B 285 -15.73 -26.06 59.21
C LEU B 285 -17.17 -25.64 59.43
N THR B 286 -17.40 -24.72 60.38
CA THR B 286 -18.75 -24.20 60.58
C THR B 286 -19.24 -23.45 59.35
N ARG B 287 -18.37 -22.67 58.73
CA ARG B 287 -18.73 -21.96 57.50
C ARG B 287 -19.14 -22.94 56.41
N ILE B 288 -18.36 -24.01 56.24
CA ILE B 288 -18.67 -25.01 55.22
C ILE B 288 -19.98 -25.71 55.53
N GLU B 289 -20.22 -26.03 56.81
CA GLU B 289 -21.48 -26.67 57.17
C GLU B 289 -22.67 -25.77 56.88
N ASN B 290 -22.56 -24.48 57.21
CA ASN B 290 -23.65 -23.55 56.94
C ASN B 290 -23.89 -23.39 55.44
N ALA B 291 -22.81 -23.28 54.65
CA ALA B 291 -22.96 -23.15 53.22
C ALA B 291 -23.59 -24.40 52.60
N THR B 292 -23.16 -25.58 53.06
CA THR B 292 -23.75 -26.82 52.57
C THR B 292 -25.23 -26.90 52.93
N GLN B 293 -25.58 -26.49 54.16
CA GLN B 293 -27.00 -26.46 54.54
C GLN B 293 -27.77 -25.45 53.73
N ALA B 294 -27.09 -24.42 53.21
CA ALA B 294 -27.71 -23.42 52.35
C ALA B 294 -27.68 -23.82 50.87
N GLN B 295 -27.30 -25.06 50.56
CA GLN B 295 -27.25 -25.57 49.19
C GLN B 295 -26.29 -24.75 48.32
N LEU B 296 -25.05 -24.65 48.80
CA LEU B 296 -23.99 -23.95 48.09
C LEU B 296 -22.83 -24.91 47.87
N PRO B 297 -22.43 -25.17 46.63
CA PRO B 297 -21.30 -26.08 46.39
C PRO B 297 -20.01 -25.54 46.99
N CYS B 298 -19.18 -26.46 47.48
CA CYS B 298 -17.91 -26.11 48.10
C CYS B 298 -16.80 -26.87 47.41
N LEU B 299 -15.82 -26.14 46.88
CA LEU B 299 -14.64 -26.71 46.24
C LEU B 299 -13.48 -26.62 47.22
N LEU B 300 -12.95 -27.77 47.64
CA LEU B 300 -11.91 -27.84 48.65
C LEU B 300 -10.58 -28.10 47.97
N VAL B 301 -9.60 -27.24 48.24
CA VAL B 301 -8.30 -27.33 47.57
C VAL B 301 -7.46 -28.37 48.30
N ALA B 302 -7.12 -29.46 47.61
CA ALA B 302 -6.29 -30.48 48.20
C ALA B 302 -4.84 -30.01 48.30
N GLY B 303 -4.19 -30.37 49.40
CA GLY B 303 -2.82 -29.94 49.67
C GLY B 303 -2.70 -28.62 50.40
N SER B 304 -3.81 -28.03 50.86
CA SER B 304 -3.74 -26.76 51.56
C SER B 304 -3.37 -26.94 53.03
N GLY B 305 -4.21 -27.64 53.79
CA GLY B 305 -3.94 -27.84 55.20
C GLY B 305 -5.20 -28.21 55.96
N GLY B 306 -5.32 -27.65 57.16
CA GLY B 306 -6.44 -28.00 58.02
C GLY B 306 -7.76 -27.54 57.44
N ALA B 307 -8.81 -28.32 57.71
CA ALA B 307 -10.19 -28.03 57.34
C ALA B 307 -10.42 -28.08 55.83
N ALA B 308 -9.35 -28.25 55.07
CA ALA B 308 -9.42 -28.43 53.62
C ALA B 308 -8.92 -29.79 53.18
N ASP B 309 -7.72 -30.17 53.60
CA ASP B 309 -7.25 -31.53 53.39
C ASP B 309 -8.03 -32.52 54.24
N CYS B 310 -8.52 -32.09 55.40
CA CYS B 310 -9.33 -32.97 56.24
C CYS B 310 -10.61 -33.36 55.54
N LEU B 311 -11.36 -32.38 55.05
CA LEU B 311 -12.62 -32.68 54.37
C LEU B 311 -12.38 -33.42 53.06
N ALA B 312 -11.32 -33.07 52.34
CA ALA B 312 -11.02 -33.77 51.09
C ALA B 312 -10.67 -35.23 51.35
N GLU B 313 -9.85 -35.50 52.37
CA GLU B 313 -9.50 -36.87 52.70
C GLU B 313 -10.72 -37.66 53.18
N THR B 314 -11.60 -37.01 53.95
CA THR B 314 -12.83 -37.66 54.36
C THR B 314 -13.72 -37.99 53.16
N LEU B 315 -13.82 -37.06 52.21
CA LEU B 315 -14.65 -37.27 51.04
C LEU B 315 -14.11 -38.39 50.16
N GLU B 316 -12.80 -38.43 49.94
CA GLU B 316 -12.22 -39.50 49.14
C GLU B 316 -12.13 -40.81 49.89
N ASP B 317 -12.23 -40.77 51.23
CA ASP B 317 -12.24 -42.01 52.01
C ASP B 317 -13.62 -42.67 51.94
N THR B 318 -14.67 -41.87 51.77
CA THR B 318 -16.05 -42.34 51.71
C THR B 318 -16.40 -43.25 52.89
N ALA B 331 -10.53 -41.93 60.98
CA ALA B 331 -11.73 -41.14 61.24
C ALA B 331 -11.45 -40.06 62.28
N ARG B 332 -10.95 -40.47 63.45
CA ARG B 332 -10.60 -39.52 64.49
C ARG B 332 -9.15 -39.11 64.44
N ASP B 333 -8.28 -39.96 63.88
CA ASP B 333 -6.86 -39.62 63.79
C ASP B 333 -6.63 -38.41 62.89
N ARG B 334 -7.37 -38.33 61.78
CA ARG B 334 -7.23 -37.17 60.89
C ARG B 334 -7.64 -35.89 61.58
N ILE B 335 -8.73 -35.92 62.34
CA ILE B 335 -9.15 -34.73 63.08
C ILE B 335 -8.12 -34.37 64.14
N ARG B 336 -7.55 -35.38 64.79
CA ARG B 336 -6.53 -35.11 65.80
C ARG B 336 -5.29 -34.47 65.20
N ARG B 337 -4.83 -34.97 64.04
CA ARG B 337 -3.60 -34.45 63.46
C ARG B 337 -3.81 -33.10 62.79
N PHE B 338 -4.98 -32.89 62.17
CA PHE B 338 -5.25 -31.60 61.54
C PHE B 338 -5.60 -30.54 62.58
N PHE B 339 -6.29 -30.94 63.66
CA PHE B 339 -6.80 -30.02 64.67
C PHE B 339 -6.34 -30.44 66.05
N PRO B 340 -5.09 -30.17 66.42
CA PRO B 340 -4.67 -30.41 67.81
C PRO B 340 -5.38 -29.45 68.75
N LYS B 341 -5.53 -29.89 70.01
CA LYS B 341 -6.26 -29.14 71.03
C LYS B 341 -7.67 -28.80 70.58
N GLY B 342 -8.35 -29.77 69.97
CA GLY B 342 -9.72 -29.62 69.56
C GLY B 342 -10.58 -30.78 70.01
N ASP B 343 -11.68 -30.49 70.69
CA ASP B 343 -12.56 -31.55 71.21
C ASP B 343 -13.07 -32.41 70.06
N LEU B 344 -12.95 -33.73 70.23
CA LEU B 344 -13.19 -34.65 69.12
C LEU B 344 -14.67 -34.88 68.84
N GLU B 345 -15.51 -34.86 69.87
CA GLU B 345 -16.92 -35.23 69.67
C GLU B 345 -17.64 -34.22 68.78
N VAL B 346 -17.53 -32.93 69.11
CA VAL B 346 -18.24 -31.91 68.35
C VAL B 346 -17.68 -31.81 66.93
N LEU B 347 -16.36 -31.88 66.78
CA LEU B 347 -15.77 -31.83 65.45
C LEU B 347 -16.17 -33.04 64.62
N GLN B 348 -16.22 -34.23 65.24
CA GLN B 348 -16.63 -35.42 64.53
C GLN B 348 -18.08 -35.32 64.07
N ALA B 349 -18.96 -34.85 64.95
CA ALA B 349 -20.36 -34.69 64.57
C ALA B 349 -20.50 -33.65 63.45
N GLN B 350 -19.71 -32.58 63.51
CA GLN B 350 -19.76 -31.57 62.46
C GLN B 350 -19.28 -32.14 61.13
N VAL B 351 -18.22 -32.96 61.15
CA VAL B 351 -17.74 -33.58 59.92
C VAL B 351 -18.76 -34.57 59.38
N GLU B 352 -19.47 -35.27 60.26
CA GLU B 352 -20.54 -36.16 59.81
C GLU B 352 -21.66 -35.37 59.13
N ARG B 353 -22.05 -34.24 59.73
CA ARG B 353 -23.05 -33.39 59.09
C ARG B 353 -22.55 -32.80 57.77
N ILE B 354 -21.24 -32.55 57.67
CA ILE B 354 -20.65 -32.13 56.40
C ILE B 354 -20.83 -33.21 55.36
N MET B 355 -20.46 -34.44 55.70
CA MET B 355 -20.51 -35.55 54.75
C MET B 355 -21.94 -35.99 54.45
N THR B 356 -22.91 -35.56 55.25
CA THR B 356 -24.30 -35.88 54.97
C THR B 356 -24.69 -35.44 53.55
N ARG B 357 -24.43 -34.16 53.23
CA ARG B 357 -24.65 -33.66 51.87
C ARG B 357 -23.30 -33.62 51.16
N LYS B 358 -22.85 -34.80 50.74
CA LYS B 358 -21.55 -34.93 50.10
C LYS B 358 -21.59 -34.69 48.60
N GLU B 359 -22.77 -34.47 48.03
CA GLU B 359 -22.87 -34.12 46.62
C GLU B 359 -22.56 -32.64 46.38
N LEU B 360 -22.55 -31.83 47.43
CA LEU B 360 -22.18 -30.42 47.31
C LEU B 360 -20.69 -30.19 47.53
N LEU B 361 -19.93 -31.24 47.79
CA LEU B 361 -18.49 -31.09 48.00
C LEU B 361 -17.71 -31.63 46.81
N THR B 362 -16.77 -30.84 46.33
CA THR B 362 -15.88 -31.23 45.25
C THR B 362 -14.45 -30.98 45.70
N VAL B 363 -13.51 -31.74 45.15
CA VAL B 363 -12.11 -31.66 45.54
C VAL B 363 -11.30 -31.18 44.34
N TYR B 364 -10.51 -30.12 44.54
CA TYR B 364 -9.59 -29.61 43.54
C TYR B 364 -8.26 -30.35 43.76
N SER B 365 -8.11 -31.48 43.10
CA SER B 365 -6.96 -32.35 43.33
C SER B 365 -5.67 -31.67 42.89
N SER B 366 -4.57 -32.09 43.52
CA SER B 366 -3.26 -31.53 43.20
C SER B 366 -2.87 -31.80 41.76
N GLU B 367 -3.44 -32.84 41.14
CA GLU B 367 -3.14 -33.12 39.74
C GLU B 367 -3.72 -32.04 38.83
N ASP B 368 -4.88 -31.50 39.18
CA ASP B 368 -5.53 -30.50 38.35
C ASP B 368 -4.69 -29.24 38.24
N GLY B 369 -4.54 -28.73 37.01
CA GLY B 369 -3.84 -27.49 36.80
C GLY B 369 -4.75 -26.28 36.87
N SER B 370 -4.14 -25.09 36.80
CA SER B 370 -4.91 -23.86 36.88
C SER B 370 -5.82 -23.70 35.65
N GLU B 371 -5.32 -24.08 34.47
CA GLU B 371 -6.09 -23.91 33.24
C GLU B 371 -7.37 -24.72 33.24
N GLU B 372 -7.49 -25.70 34.14
CA GLU B 372 -8.68 -26.52 34.27
C GLU B 372 -9.62 -26.04 35.35
N PHE B 373 -9.49 -24.77 35.76
CA PHE B 373 -10.33 -24.25 36.84
C PHE B 373 -11.81 -24.26 36.45
N GLU B 374 -12.13 -23.61 35.32
CA GLU B 374 -13.54 -23.43 34.94
C GLU B 374 -14.24 -24.77 34.81
N THR B 375 -13.61 -25.72 34.11
CA THR B 375 -14.21 -27.04 33.95
C THR B 375 -14.55 -27.64 35.30
N ILE B 376 -13.63 -27.55 36.26
CA ILE B 376 -13.89 -28.08 37.59
C ILE B 376 -15.12 -27.40 38.19
N VAL B 377 -15.20 -26.08 38.06
CA VAL B 377 -16.37 -25.36 38.54
C VAL B 377 -17.62 -25.94 37.91
N LEU B 378 -17.58 -26.20 36.60
CA LEU B 378 -18.72 -26.83 35.93
C LEU B 378 -19.09 -28.14 36.61
N LYS B 379 -18.09 -29.02 36.82
CA LYS B 379 -18.39 -30.32 37.42
C LYS B 379 -18.79 -30.18 38.88
N ALA B 380 -18.60 -29.01 39.48
CA ALA B 380 -19.09 -28.78 40.83
C ALA B 380 -20.51 -28.23 40.80
N LEU B 381 -20.89 -27.54 39.73
CA LEU B 381 -22.20 -26.90 39.67
C LEU B 381 -23.27 -27.88 39.20
N VAL B 382 -23.03 -28.57 38.08
CA VAL B 382 -24.03 -29.49 37.56
C VAL B 382 -24.24 -30.65 38.53
N LYS B 383 -23.19 -31.11 39.18
CA LYS B 383 -23.35 -32.13 40.22
C LYS B 383 -24.22 -31.62 41.36
N ALA B 384 -24.16 -30.33 41.66
CA ALA B 384 -25.07 -29.75 42.64
C ALA B 384 -26.50 -29.74 42.12
N CYS B 385 -26.67 -29.57 40.80
CA CYS B 385 -28.01 -29.57 40.23
C CYS B 385 -28.70 -30.92 40.41
N GLY B 386 -27.95 -32.01 40.21
CA GLY B 386 -28.50 -33.34 40.39
C GLY B 386 -28.44 -33.81 41.83
N TYR B 393 -32.51 -25.50 38.07
CA TYR B 393 -31.93 -26.45 37.13
C TYR B 393 -31.03 -25.76 36.11
N LEU B 394 -29.89 -26.39 35.80
CA LEU B 394 -28.98 -25.89 34.79
C LEU B 394 -28.23 -27.06 34.17
N ASP B 395 -27.70 -26.83 32.97
CA ASP B 395 -26.83 -27.77 32.29
C ASP B 395 -25.59 -27.04 31.81
N GLU B 396 -24.63 -27.80 31.29
CA GLU B 396 -23.36 -27.22 30.87
C GLU B 396 -23.53 -26.22 29.73
N LEU B 397 -24.49 -26.46 28.83
CA LEU B 397 -24.71 -25.55 27.72
C LEU B 397 -25.24 -24.20 28.19
N ARG B 398 -26.22 -24.22 29.11
CA ARG B 398 -26.76 -22.96 29.61
C ARG B 398 -25.74 -22.21 30.45
N LEU B 399 -24.88 -22.92 31.20
CA LEU B 399 -23.78 -22.26 31.89
C LEU B 399 -22.79 -21.66 30.92
N ALA B 400 -22.48 -22.36 29.83
CA ALA B 400 -21.57 -21.84 28.82
C ALA B 400 -22.15 -20.61 28.12
N VAL B 401 -23.48 -20.55 28.01
CA VAL B 401 -24.10 -19.36 27.42
C VAL B 401 -24.16 -18.22 28.43
N ALA B 402 -24.38 -18.54 29.71
CA ALA B 402 -24.40 -17.50 30.74
C ALA B 402 -23.07 -16.79 30.80
N TRP B 403 -21.98 -17.54 30.80
CA TRP B 403 -20.66 -17.00 30.54
C TRP B 403 -20.52 -16.80 29.03
N ASN B 404 -19.42 -16.19 28.60
CA ASN B 404 -19.20 -15.96 27.17
C ASN B 404 -18.21 -16.96 26.59
N ARG B 405 -18.30 -18.22 27.04
CA ARG B 405 -17.34 -19.26 26.70
C ARG B 405 -17.93 -20.15 25.61
N VAL B 406 -17.60 -19.84 24.36
CA VAL B 406 -18.06 -20.67 23.25
C VAL B 406 -17.23 -21.94 23.16
N ASP B 407 -15.99 -21.91 23.62
CA ASP B 407 -15.15 -23.11 23.60
C ASP B 407 -15.74 -24.20 24.49
N ILE B 408 -16.25 -23.82 25.66
CA ILE B 408 -16.89 -24.80 26.54
C ILE B 408 -18.11 -25.40 25.87
N ALA B 409 -18.91 -24.57 25.21
CA ALA B 409 -20.09 -25.07 24.50
C ALA B 409 -19.71 -26.03 23.39
N GLN B 410 -18.67 -25.71 22.63
CA GLN B 410 -18.21 -26.60 21.57
C GLN B 410 -17.73 -27.92 22.14
N SER B 411 -16.96 -27.88 23.23
CA SER B 411 -16.49 -29.11 23.85
C SER B 411 -17.65 -29.96 24.36
N GLU B 412 -18.65 -29.32 24.98
CA GLU B 412 -19.80 -30.06 25.49
C GLU B 412 -20.60 -30.68 24.36
N LEU B 413 -20.77 -29.96 23.25
CA LEU B 413 -21.54 -30.50 22.14
C LEU B 413 -20.79 -31.61 21.42
N PHE B 414 -19.45 -31.54 21.41
CA PHE B 414 -18.68 -32.52 20.66
C PHE B 414 -18.53 -33.85 21.41
N ARG B 415 -18.77 -33.87 22.71
CA ARG B 415 -18.56 -35.10 23.46
C ARG B 415 -19.71 -36.07 23.24
N GLY B 416 -19.39 -37.35 23.04
CA GLY B 416 -20.37 -38.33 22.61
C GLY B 416 -20.97 -39.16 23.72
N ASP B 417 -20.42 -39.08 24.93
CA ASP B 417 -20.98 -39.84 26.04
C ASP B 417 -22.38 -39.33 26.41
N ILE B 418 -22.57 -38.02 26.36
CA ILE B 418 -23.88 -37.42 26.60
C ILE B 418 -24.57 -37.21 25.26
N GLN B 419 -25.90 -37.24 25.27
CA GLN B 419 -26.71 -36.98 24.08
C GLN B 419 -27.66 -35.85 24.41
N TRP B 420 -27.32 -34.64 23.96
CA TRP B 420 -28.15 -33.48 24.25
C TRP B 420 -29.48 -33.57 23.53
N ARG B 421 -30.57 -33.36 24.25
CA ARG B 421 -31.90 -33.45 23.67
C ARG B 421 -32.32 -32.09 23.12
N SER B 422 -33.53 -32.04 22.56
CA SER B 422 -34.00 -30.82 21.92
C SER B 422 -34.30 -29.72 22.93
N PHE B 423 -34.75 -30.08 24.14
CA PHE B 423 -35.07 -29.07 25.13
C PHE B 423 -33.83 -28.44 25.77
N HIS B 424 -32.70 -29.15 25.82
CA HIS B 424 -31.46 -28.51 26.21
C HIS B 424 -31.02 -27.47 25.18
N LEU B 425 -31.03 -27.86 23.90
CA LEU B 425 -30.58 -26.98 22.83
C LEU B 425 -31.50 -25.78 22.66
N GLU B 426 -32.81 -25.96 22.81
CA GLU B 426 -33.73 -24.84 22.67
C GLU B 426 -33.55 -23.83 23.80
N ALA B 427 -33.35 -24.32 25.02
CA ALA B 427 -33.09 -23.42 26.15
C ALA B 427 -31.79 -22.64 25.93
N SER B 428 -30.74 -23.34 25.51
CA SER B 428 -29.48 -22.65 25.25
C SER B 428 -29.61 -21.65 24.12
N LEU B 429 -30.35 -22.00 23.06
CA LEU B 429 -30.55 -21.09 21.95
C LEU B 429 -31.34 -19.85 22.36
N MET B 430 -32.37 -20.03 23.19
CA MET B 430 -33.12 -18.89 23.68
C MET B 430 -32.24 -17.99 24.53
N ASP B 431 -31.39 -18.58 25.38
CA ASP B 431 -30.46 -17.79 26.18
C ASP B 431 -29.49 -17.02 25.29
N ALA B 432 -28.98 -17.67 24.24
CA ALA B 432 -28.04 -17.03 23.33
C ALA B 432 -28.70 -15.90 22.55
N LEU B 433 -29.95 -16.11 22.12
CA LEU B 433 -30.67 -15.06 21.38
C LEU B 433 -30.98 -13.87 22.27
N LEU B 434 -31.45 -14.13 23.50
CA LEU B 434 -31.78 -13.04 24.40
C LEU B 434 -30.56 -12.23 24.80
N ASN B 435 -29.42 -12.89 24.98
CA ASN B 435 -28.21 -12.27 25.50
C ASN B 435 -27.27 -11.76 24.41
N ASP B 436 -27.69 -11.84 23.14
CA ASP B 436 -26.91 -11.34 22.01
C ASP B 436 -25.54 -12.06 21.91
N ARG B 437 -25.62 -13.36 21.65
CA ARG B 437 -24.45 -14.23 21.48
C ARG B 437 -24.53 -14.90 20.11
N PRO B 438 -24.17 -14.17 19.05
CA PRO B 438 -24.32 -14.75 17.70
C PRO B 438 -23.53 -16.02 17.47
N GLU B 439 -22.34 -16.13 18.06
CA GLU B 439 -21.53 -17.34 17.90
C GLU B 439 -22.25 -18.54 18.48
N PHE B 440 -22.89 -18.37 19.64
CA PHE B 440 -23.63 -19.47 20.24
C PHE B 440 -24.81 -19.91 19.38
N VAL B 441 -25.53 -18.95 18.79
CA VAL B 441 -26.67 -19.34 17.97
C VAL B 441 -26.21 -20.02 16.69
N ARG B 442 -25.09 -19.56 16.12
CA ARG B 442 -24.54 -20.24 14.94
C ARG B 442 -24.10 -21.66 15.29
N LEU B 443 -23.47 -21.83 16.46
CA LEU B 443 -23.00 -23.16 16.87
C LEU B 443 -24.16 -24.10 17.20
N LEU B 444 -25.22 -23.58 17.81
CA LEU B 444 -26.36 -24.41 18.17
C LEU B 444 -27.23 -24.74 16.98
N ILE B 445 -27.28 -23.88 15.95
CA ILE B 445 -28.02 -24.22 14.75
C ILE B 445 -27.20 -25.13 13.85
N SER B 446 -25.87 -24.97 13.81
CA SER B 446 -25.04 -25.91 13.07
C SER B 446 -25.15 -27.31 13.68
N HIS B 447 -25.14 -27.41 14.99
CA HIS B 447 -25.60 -28.62 15.66
C HIS B 447 -27.09 -28.81 15.37
N GLY B 448 -27.53 -30.06 15.35
CA GLY B 448 -28.90 -30.33 14.95
C GLY B 448 -29.90 -29.64 15.87
N LEU B 449 -30.89 -28.99 15.25
CA LEU B 449 -31.96 -28.32 15.97
C LEU B 449 -33.02 -27.91 14.97
N SER B 450 -34.30 -28.08 15.35
CA SER B 450 -35.42 -27.68 14.51
C SER B 450 -35.82 -26.26 14.88
N LEU B 451 -35.63 -25.33 13.94
CA LEU B 451 -35.95 -23.93 14.21
C LEU B 451 -37.45 -23.68 14.15
N GLY B 452 -38.18 -24.41 13.30
CA GLY B 452 -39.61 -24.23 13.24
C GLY B 452 -40.31 -24.62 14.53
N HIS B 453 -39.84 -25.70 15.16
CA HIS B 453 -40.39 -26.10 16.45
C HIS B 453 -39.92 -25.19 17.57
N PHE B 454 -38.71 -24.65 17.48
CA PHE B 454 -38.19 -23.78 18.54
C PHE B 454 -38.98 -22.50 18.66
N LEU B 455 -39.17 -21.78 17.56
CA LEU B 455 -39.70 -20.43 17.62
C LEU B 455 -41.21 -20.48 17.71
N THR B 456 -41.73 -20.37 18.92
CA THR B 456 -43.15 -20.26 19.21
C THR B 456 -43.54 -18.79 19.36
N PRO B 457 -44.83 -18.46 19.24
CA PRO B 457 -45.22 -17.05 19.41
C PRO B 457 -44.85 -16.49 20.77
N MET B 458 -44.91 -17.29 21.83
CA MET B 458 -44.46 -16.84 23.14
C MET B 458 -42.96 -16.51 23.13
N ARG B 459 -42.16 -17.37 22.48
CA ARG B 459 -40.73 -17.12 22.39
C ARG B 459 -40.44 -15.85 21.58
N LEU B 460 -41.18 -15.62 20.50
CA LEU B 460 -40.98 -14.40 19.72
C LEU B 460 -41.37 -13.17 20.51
N ALA B 461 -42.44 -13.26 21.30
CA ALA B 461 -42.81 -12.16 22.19
C ALA B 461 -41.71 -11.89 23.21
N GLN B 462 -41.14 -12.95 23.78
CA GLN B 462 -40.03 -12.78 24.73
C GLN B 462 -38.82 -12.15 24.04
N LEU B 463 -38.55 -12.54 22.80
CA LEU B 463 -37.43 -11.97 22.06
C LEU B 463 -37.63 -10.47 21.83
N TYR B 464 -38.85 -10.07 21.48
CA TYR B 464 -39.09 -8.65 21.27
C TYR B 464 -39.13 -7.87 22.58
N SER B 465 -39.49 -8.54 23.68
CA SER B 465 -39.48 -7.89 24.99
C SER B 465 -38.09 -7.81 25.60
N ALA B 466 -37.05 -8.18 24.85
CA ALA B 466 -35.67 -8.09 25.32
C ALA B 466 -34.97 -6.82 24.85
N ALA B 467 -35.68 -5.94 24.19
CA ALA B 467 -35.09 -4.69 23.75
C ALA B 467 -34.91 -3.73 24.92
N PRO B 468 -33.87 -2.91 24.89
CA PRO B 468 -33.69 -1.92 25.96
C PRO B 468 -34.84 -0.94 26.01
N SER B 469 -35.16 -0.48 27.23
CA SER B 469 -36.26 0.47 27.39
C SER B 469 -35.96 1.80 26.72
N ASN B 470 -34.68 2.09 26.48
CA ASN B 470 -34.28 3.33 25.82
C ASN B 470 -34.13 3.19 24.32
N SER B 471 -34.40 2.02 23.76
CA SER B 471 -34.18 1.78 22.34
C SER B 471 -35.32 2.36 21.50
N LEU B 472 -35.02 2.58 20.22
CA LEU B 472 -36.04 3.07 19.29
C LEU B 472 -37.14 2.04 19.08
N ILE B 473 -36.78 0.76 19.02
CA ILE B 473 -37.77 -0.29 18.79
C ILE B 473 -38.73 -0.39 19.96
N ARG B 474 -38.24 -0.19 21.18
CA ARG B 474 -39.13 -0.17 22.34
C ARG B 474 -40.13 0.97 22.25
N ASN B 475 -39.66 2.16 21.83
CA ASN B 475 -40.55 3.29 21.64
C ASN B 475 -41.61 3.00 20.59
N LEU B 476 -41.20 2.41 19.46
CA LEU B 476 -42.15 2.11 18.40
C LEU B 476 -43.17 1.06 18.85
N LEU B 477 -42.72 0.05 19.60
CA LEU B 477 -43.64 -0.97 20.09
C LEU B 477 -44.62 -0.38 21.10
N ASP B 478 -44.16 0.54 21.95
CA ASP B 478 -45.06 1.21 22.87
C ASP B 478 -46.08 2.06 22.12
N GLN B 479 -45.65 2.75 21.07
CA GLN B 479 -46.58 3.54 20.27
C GLN B 479 -47.62 2.65 19.59
N ALA B 480 -47.19 1.50 19.08
CA ALA B 480 -48.11 0.63 18.35
C ALA B 480 -49.08 -0.11 19.27
N SER B 481 -48.85 -0.07 20.58
CA SER B 481 -49.69 -0.77 21.54
C SER B 481 -50.76 0.12 22.16
N HIS B 482 -50.99 1.30 21.59
CA HIS B 482 -51.98 2.24 22.14
C HIS B 482 -53.38 1.61 22.20
N PRO B 500 -48.75 -9.78 23.27
CA PRO B 500 -47.88 -9.94 22.10
C PRO B 500 -47.47 -8.61 21.48
N PRO B 501 -46.29 -8.56 20.88
CA PRO B 501 -45.84 -7.31 20.26
C PRO B 501 -46.66 -6.98 19.01
N ASP B 502 -46.42 -5.78 18.49
CA ASP B 502 -47.11 -5.28 17.31
C ASP B 502 -46.12 -5.02 16.19
N VAL B 503 -45.23 -5.98 15.93
CA VAL B 503 -44.16 -5.80 14.95
C VAL B 503 -44.75 -5.50 13.58
N GLY B 504 -45.90 -6.09 13.23
CA GLY B 504 -46.52 -5.78 11.95
C GLY B 504 -46.89 -4.32 11.81
N HIS B 505 -47.48 -3.73 12.86
CA HIS B 505 -47.81 -2.31 12.84
C HIS B 505 -46.56 -1.45 12.74
N VAL B 506 -45.49 -1.83 13.44
CA VAL B 506 -44.25 -1.07 13.37
C VAL B 506 -43.67 -1.10 11.97
N LEU B 507 -43.69 -2.28 11.33
CA LEU B 507 -43.20 -2.38 9.96
C LEU B 507 -44.07 -1.57 9.00
N ARG B 508 -45.39 -1.61 9.19
CA ARG B 508 -46.28 -0.81 8.36
C ARG B 508 -45.98 0.68 8.49
N MET B 509 -45.79 1.16 9.72
CA MET B 509 -45.53 2.58 9.92
C MET B 509 -44.11 2.96 9.50
N LEU B 510 -43.19 2.01 9.40
CA LEU B 510 -41.82 2.32 9.01
C LEU B 510 -41.66 2.31 7.49
N LEU B 511 -42.00 1.19 6.86
CA LEU B 511 -41.80 1.01 5.43
C LEU B 511 -43.05 1.33 4.61
N GLY B 512 -44.03 1.99 5.21
CA GLY B 512 -45.29 2.18 4.52
C GLY B 512 -45.97 0.85 4.28
N LYS B 513 -46.70 0.76 3.16
CA LYS B 513 -47.33 -0.49 2.77
C LYS B 513 -46.84 -0.87 1.38
N MET B 514 -47.01 -2.15 1.05
CA MET B 514 -46.47 -2.79 -0.15
C MET B 514 -44.93 -2.81 -0.15
N CYS B 515 -44.32 -2.54 1.00
CA CYS B 515 -42.90 -2.79 1.22
C CYS B 515 -42.62 -3.37 2.60
N ALA B 516 -43.61 -3.43 3.48
CA ALA B 516 -43.44 -3.88 4.85
C ALA B 516 -43.92 -5.33 5.00
N PRO B 517 -43.03 -6.22 5.49
CA PRO B 517 -43.39 -7.60 5.84
C PRO B 517 -44.49 -7.66 6.91
N GLY B 555 -43.83 -24.92 13.05
CA GLY B 555 -43.98 -25.13 11.63
C GLY B 555 -42.66 -25.22 10.87
N GLN B 556 -42.38 -24.19 10.08
CA GLN B 556 -41.19 -24.11 9.25
C GLN B 556 -40.21 -23.13 9.86
N ALA B 557 -38.91 -23.34 9.57
CA ALA B 557 -37.83 -22.50 10.05
C ALA B 557 -38.10 -21.03 9.70
N PRO B 558 -38.38 -20.19 10.68
CA PRO B 558 -38.71 -18.78 10.42
C PRO B 558 -37.49 -17.88 10.42
N TRP B 559 -36.68 -18.00 9.36
CA TRP B 559 -35.49 -17.16 9.25
C TRP B 559 -35.85 -15.71 8.97
N SER B 560 -36.97 -15.47 8.29
CA SER B 560 -37.39 -14.10 8.03
C SER B 560 -37.83 -13.39 9.30
N ASP B 561 -38.54 -14.10 10.17
CA ASP B 561 -38.95 -13.51 11.44
C ASP B 561 -37.75 -13.14 12.30
N LEU B 562 -36.76 -14.04 12.37
CA LEU B 562 -35.56 -13.76 13.14
C LEU B 562 -34.74 -12.64 12.52
N LEU B 563 -34.69 -12.58 11.19
CA LEU B 563 -34.00 -11.49 10.52
C LEU B 563 -34.66 -10.15 10.82
N LEU B 564 -36.00 -10.10 10.77
CA LEU B 564 -36.71 -8.87 11.10
C LEU B 564 -36.46 -8.48 12.55
N TRP B 565 -36.50 -9.45 13.47
CA TRP B 565 -36.24 -9.16 14.87
C TRP B 565 -34.84 -8.60 15.07
N ALA B 566 -33.84 -9.20 14.42
CA ALA B 566 -32.47 -8.74 14.58
C ALA B 566 -32.24 -7.39 13.91
N LEU B 567 -32.99 -7.08 12.86
CA LEU B 567 -32.85 -5.78 12.21
C LEU B 567 -33.51 -4.68 13.05
N LEU B 568 -34.67 -4.97 13.64
CA LEU B 568 -35.35 -3.98 14.46
C LEU B 568 -34.54 -3.63 15.70
N LEU B 569 -33.94 -4.63 16.34
CA LEU B 569 -33.12 -4.42 17.52
C LEU B 569 -31.68 -4.05 17.20
N ASN B 570 -31.32 -3.97 15.92
CA ASN B 570 -30.01 -3.51 15.48
C ASN B 570 -28.89 -4.39 16.02
N ARG B 571 -29.01 -5.70 15.79
CA ARG B 571 -27.99 -6.67 16.16
C ARG B 571 -27.33 -7.16 14.87
N ALA B 572 -26.15 -6.62 14.59
CA ALA B 572 -25.55 -6.76 13.26
C ALA B 572 -25.19 -8.21 12.94
N GLN B 573 -24.47 -8.87 13.85
CA GLN B 573 -23.97 -10.21 13.55
C GLN B 573 -25.10 -11.22 13.42
N MET B 574 -26.09 -11.16 14.31
CA MET B 574 -27.21 -12.08 14.22
C MET B 574 -28.06 -11.80 13.00
N ALA B 575 -28.24 -10.52 12.65
CA ALA B 575 -28.96 -10.19 11.43
C ALA B 575 -28.26 -10.76 10.20
N MET B 576 -26.93 -10.63 10.15
CA MET B 576 -26.17 -11.19 9.04
C MET B 576 -26.30 -12.70 8.97
N TYR B 577 -26.26 -13.37 10.13
CA TYR B 577 -26.42 -14.82 10.16
C TYR B 577 -27.80 -15.22 9.66
N PHE B 578 -28.85 -14.56 10.13
CA PHE B 578 -30.20 -14.88 9.70
C PHE B 578 -30.42 -14.59 8.23
N TRP B 579 -29.71 -13.59 7.69
CA TRP B 579 -29.75 -13.37 6.25
C TRP B 579 -29.06 -14.50 5.50
N GLU B 580 -27.90 -14.94 5.99
CA GLU B 580 -27.18 -16.04 5.36
C GLU B 580 -27.94 -17.35 5.42
N MET B 581 -28.86 -17.50 6.37
CA MET B 581 -29.65 -18.73 6.47
C MET B 581 -31.00 -18.62 5.77
N GLY B 582 -31.36 -17.45 5.27
CA GLY B 582 -32.66 -17.25 4.65
C GLY B 582 -32.69 -17.69 3.20
N SER B 583 -33.78 -17.30 2.52
CA SER B 583 -34.04 -17.75 1.15
C SER B 583 -34.04 -16.64 0.13
N ASN B 584 -34.83 -15.59 0.31
CA ASN B 584 -34.93 -14.50 -0.67
C ASN B 584 -33.80 -13.50 -0.39
N ALA B 585 -32.59 -13.92 -0.74
CA ALA B 585 -31.40 -13.25 -0.22
C ALA B 585 -31.23 -11.85 -0.78
N VAL B 586 -31.34 -11.66 -2.09
CA VAL B 586 -31.11 -10.34 -2.67
C VAL B 586 -32.18 -9.36 -2.23
N SER B 587 -33.45 -9.77 -2.29
CA SER B 587 -34.53 -8.90 -1.87
C SER B 587 -34.48 -8.64 -0.37
N SER B 588 -34.09 -9.64 0.43
CA SER B 588 -33.99 -9.43 1.87
C SER B 588 -32.82 -8.51 2.22
N ALA B 589 -31.72 -8.57 1.47
CA ALA B 589 -30.63 -7.62 1.69
C ALA B 589 -31.06 -6.21 1.36
N LEU B 590 -31.76 -6.03 0.24
CA LEU B 590 -32.26 -4.69 -0.10
C LEU B 590 -33.29 -4.20 0.92
N GLY B 591 -34.17 -5.09 1.37
CA GLY B 591 -35.16 -4.69 2.36
C GLY B 591 -34.55 -4.37 3.71
N ALA B 592 -33.51 -5.13 4.10
CA ALA B 592 -32.78 -4.82 5.32
C ALA B 592 -32.10 -3.46 5.22
N CYS B 593 -31.48 -3.18 4.07
CA CYS B 593 -30.86 -1.88 3.85
C CYS B 593 -31.90 -0.77 3.96
N LEU B 594 -33.06 -0.96 3.34
CA LEU B 594 -34.12 0.04 3.38
C LEU B 594 -34.61 0.26 4.80
N LEU B 595 -34.89 -0.81 5.53
CA LEU B 595 -35.39 -0.69 6.89
C LEU B 595 -34.37 -0.02 7.82
N LEU B 596 -33.10 -0.39 7.68
CA LEU B 596 -32.08 0.23 8.53
C LEU B 596 -31.92 1.71 8.20
N ARG B 597 -31.95 2.08 6.92
CA ARG B 597 -31.84 3.49 6.57
C ARG B 597 -33.05 4.27 7.04
N VAL B 598 -34.24 3.67 7.01
CA VAL B 598 -35.43 4.34 7.51
C VAL B 598 -35.34 4.53 9.02
N MET B 599 -34.90 3.51 9.74
CA MET B 599 -34.85 3.60 11.20
C MET B 599 -33.71 4.50 11.68
N ALA B 600 -32.66 4.66 10.87
CA ALA B 600 -31.56 5.52 11.26
C ALA B 600 -31.97 6.99 11.31
N ARG B 601 -33.05 7.36 10.63
CA ARG B 601 -33.54 8.74 10.72
C ARG B 601 -34.27 8.98 12.03
N LEU B 602 -34.97 7.96 12.54
CA LEU B 602 -35.72 8.07 13.78
C LEU B 602 -34.86 7.81 15.01
N GLU B 603 -33.54 7.83 14.87
CA GLU B 603 -32.67 7.51 16.00
C GLU B 603 -32.34 8.79 16.77
N PRO B 604 -32.71 8.88 18.05
CA PRO B 604 -32.31 10.05 18.85
C PRO B 604 -30.80 10.19 18.99
N ASP B 605 -30.07 9.07 18.98
CA ASP B 605 -28.62 9.07 19.14
C ASP B 605 -27.95 9.03 17.78
N ALA B 606 -26.98 9.92 17.58
CA ALA B 606 -26.26 9.96 16.31
C ALA B 606 -25.40 8.71 16.11
N GLU B 607 -24.85 8.15 17.19
CA GLU B 607 -24.04 6.95 17.06
C GLU B 607 -24.87 5.72 16.73
N GLU B 608 -26.08 5.62 17.27
CA GLU B 608 -26.96 4.53 16.88
C GLU B 608 -27.40 4.65 15.42
N ALA B 609 -27.65 5.87 14.94
CA ALA B 609 -27.92 6.07 13.53
C ALA B 609 -26.71 5.70 12.67
N ALA B 610 -25.50 6.03 13.13
CA ALA B 610 -24.31 5.64 12.40
C ALA B 610 -24.17 4.12 12.35
N ARG B 611 -24.48 3.43 13.45
CA ARG B 611 -24.44 1.98 13.45
C ARG B 611 -25.46 1.39 12.48
N ARG B 612 -26.68 1.94 12.46
CA ARG B 612 -27.69 1.45 11.52
C ARG B 612 -27.26 1.70 10.08
N LYS B 613 -26.67 2.86 9.79
CA LYS B 613 -26.22 3.14 8.44
C LYS B 613 -25.05 2.24 8.04
N ASP B 614 -24.17 1.93 8.99
CA ASP B 614 -23.10 0.98 8.70
C ASP B 614 -23.65 -0.41 8.37
N LEU B 615 -24.62 -0.87 9.15
CA LEU B 615 -25.24 -2.16 8.86
C LEU B 615 -25.96 -2.14 7.53
N ALA B 616 -26.62 -1.03 7.20
CA ALA B 616 -27.29 -0.91 5.91
C ALA B 616 -26.30 -0.95 4.75
N PHE B 617 -25.15 -0.31 4.92
CA PHE B 617 -24.11 -0.39 3.89
C PHE B 617 -23.60 -1.82 3.73
N LYS B 618 -23.42 -2.52 4.84
CA LYS B 618 -22.99 -3.92 4.77
C LYS B 618 -24.02 -4.78 4.03
N PHE B 619 -25.30 -4.58 4.33
CA PHE B 619 -26.34 -5.36 3.65
C PHE B 619 -26.42 -5.02 2.17
N GLU B 620 -26.27 -3.74 1.83
CA GLU B 620 -26.25 -3.35 0.42
C GLU B 620 -25.07 -4.00 -0.30
N GLY B 621 -23.91 -4.06 0.34
CA GLY B 621 -22.77 -4.73 -0.25
C GLY B 621 -23.00 -6.21 -0.44
N MET B 622 -23.65 -6.86 0.54
CA MET B 622 -23.98 -8.27 0.41
C MET B 622 -24.91 -8.50 -0.78
N GLY B 623 -25.93 -7.66 -0.92
CA GLY B 623 -26.81 -7.76 -2.07
C GLY B 623 -26.09 -7.55 -3.39
N VAL B 624 -25.18 -6.57 -3.43
CA VAL B 624 -24.43 -6.32 -4.66
C VAL B 624 -23.57 -7.52 -5.03
N ASP B 625 -22.88 -8.09 -4.03
CA ASP B 625 -22.02 -9.24 -4.29
C ASP B 625 -22.83 -10.44 -4.76
N LEU B 626 -23.96 -10.71 -4.12
CA LEU B 626 -24.77 -11.86 -4.51
C LEU B 626 -25.37 -11.68 -5.89
N PHE B 627 -25.86 -10.48 -6.20
CA PHE B 627 -26.41 -10.27 -7.54
C PHE B 627 -25.32 -10.33 -8.60
N GLY B 628 -24.10 -9.87 -8.28
CA GLY B 628 -23.00 -10.04 -9.22
C GLY B 628 -22.71 -11.50 -9.49
N GLU B 629 -22.68 -12.32 -8.44
CA GLU B 629 -22.49 -13.75 -8.61
C GLU B 629 -23.58 -14.35 -9.51
N CYS B 630 -24.84 -14.04 -9.19
CA CYS B 630 -25.95 -14.60 -9.95
C CYS B 630 -25.92 -14.15 -11.40
N TYR B 631 -25.60 -12.88 -11.65
CA TYR B 631 -25.59 -12.35 -13.01
C TYR B 631 -24.43 -12.92 -13.81
N ARG B 632 -23.28 -13.14 -13.18
CA ARG B 632 -22.20 -13.85 -13.86
C ARG B 632 -22.62 -15.27 -14.21
N SER B 633 -23.42 -15.90 -13.35
CA SER B 633 -23.91 -17.23 -13.66
C SER B 633 -24.89 -17.21 -14.83
N SER B 634 -25.90 -16.35 -14.78
CA SER B 634 -26.95 -16.34 -15.79
C SER B 634 -27.63 -14.98 -15.78
N GLU B 635 -27.71 -14.35 -16.95
CA GLU B 635 -28.33 -13.03 -17.06
C GLU B 635 -29.85 -13.11 -17.02
N VAL B 636 -30.45 -14.12 -17.65
CA VAL B 636 -31.90 -14.20 -17.72
C VAL B 636 -32.48 -14.48 -16.35
N ARG B 637 -31.90 -15.45 -15.62
CA ARG B 637 -32.39 -15.75 -14.29
C ARG B 637 -32.12 -14.61 -13.31
N ALA B 638 -30.98 -13.93 -13.47
CA ALA B 638 -30.71 -12.76 -12.65
C ALA B 638 -31.74 -11.66 -12.90
N ALA B 639 -32.11 -11.44 -14.15
CA ALA B 639 -33.14 -10.45 -14.47
C ALA B 639 -34.48 -10.85 -13.88
N ARG B 640 -34.83 -12.13 -13.95
CA ARG B 640 -36.08 -12.59 -13.34
C ARG B 640 -36.06 -12.39 -11.84
N LEU B 641 -34.92 -12.65 -11.20
CA LEU B 641 -34.78 -12.42 -9.76
C LEU B 641 -34.91 -10.95 -9.42
N LEU B 642 -34.36 -10.08 -10.28
CA LEU B 642 -34.42 -8.65 -10.04
C LEU B 642 -35.83 -8.10 -10.24
N LEU B 643 -36.59 -8.67 -11.17
CA LEU B 643 -37.89 -8.13 -11.54
C LEU B 643 -39.06 -8.83 -10.88
N ARG B 644 -38.82 -9.88 -10.11
CA ARG B 644 -39.92 -10.57 -9.44
C ARG B 644 -40.36 -9.81 -8.20
N ARG B 645 -41.58 -10.09 -7.76
CA ARG B 645 -42.15 -9.48 -6.56
C ARG B 645 -41.91 -10.40 -5.37
N CYS B 646 -41.33 -9.86 -4.31
CA CYS B 646 -41.06 -10.64 -3.11
C CYS B 646 -42.22 -10.48 -2.15
N PRO B 647 -42.99 -11.53 -1.86
CA PRO B 647 -44.10 -11.39 -0.90
C PRO B 647 -43.64 -11.04 0.50
N LEU B 648 -42.38 -11.30 0.83
CA LEU B 648 -41.85 -10.94 2.14
C LEU B 648 -41.76 -9.43 2.29
N TRP B 649 -41.56 -8.70 1.20
CA TRP B 649 -41.41 -7.24 1.26
C TRP B 649 -42.55 -6.55 0.52
N GLY B 650 -43.77 -7.02 0.73
CA GLY B 650 -44.94 -6.38 0.17
C GLY B 650 -45.05 -6.43 -1.34
N ASP B 651 -44.65 -7.54 -1.95
CA ASP B 651 -44.70 -7.72 -3.40
C ASP B 651 -43.92 -6.62 -4.14
N ALA B 652 -42.85 -6.13 -3.53
CA ALA B 652 -41.99 -5.12 -4.13
C ALA B 652 -40.85 -5.80 -4.86
N THR B 653 -40.48 -5.25 -6.01
CA THR B 653 -39.35 -5.79 -6.75
C THR B 653 -38.04 -5.27 -6.15
N CYS B 654 -36.94 -5.88 -6.58
CA CYS B 654 -35.63 -5.45 -6.09
C CYS B 654 -35.32 -4.03 -6.51
N LEU B 655 -35.73 -3.63 -7.72
CA LEU B 655 -35.51 -2.26 -8.18
C LEU B 655 -36.28 -1.26 -7.32
N GLN B 656 -37.52 -1.59 -6.95
CA GLN B 656 -38.28 -0.71 -6.07
C GLN B 656 -37.62 -0.59 -4.70
N LEU B 657 -37.16 -1.71 -4.14
CA LEU B 657 -36.49 -1.66 -2.84
C LEU B 657 -35.21 -0.85 -2.91
N ALA B 658 -34.44 -1.01 -3.98
CA ALA B 658 -33.22 -0.23 -4.13
C ALA B 658 -33.50 1.26 -4.31
N MET B 659 -34.56 1.60 -5.05
CA MET B 659 -34.91 3.00 -5.20
C MET B 659 -35.36 3.61 -3.89
N GLN B 660 -36.18 2.89 -3.12
CA GLN B 660 -36.62 3.40 -1.83
C GLN B 660 -35.46 3.53 -0.86
N ALA B 661 -34.51 2.59 -0.88
CA ALA B 661 -33.36 2.60 0.01
C ALA B 661 -32.25 3.53 -0.48
N ASP B 662 -32.40 4.13 -1.65
CA ASP B 662 -31.34 4.97 -2.24
C ASP B 662 -30.03 4.20 -2.35
N ALA B 663 -30.13 2.93 -2.74
CA ALA B 663 -28.97 2.05 -2.83
C ALA B 663 -28.27 2.27 -4.16
N ARG B 664 -27.42 3.30 -4.19
CA ARG B 664 -26.75 3.66 -5.43
C ARG B 664 -25.72 2.63 -5.87
N ALA B 665 -25.10 1.94 -4.92
CA ALA B 665 -24.14 0.90 -5.28
C ALA B 665 -24.81 -0.28 -5.96
N PHE B 666 -26.08 -0.54 -5.61
CA PHE B 666 -26.81 -1.62 -6.27
C PHE B 666 -27.20 -1.24 -7.69
N PHE B 667 -27.58 0.02 -7.91
CA PHE B 667 -27.94 0.46 -9.25
C PHE B 667 -26.72 0.60 -10.15
N ALA B 668 -25.53 0.72 -9.57
CA ALA B 668 -24.33 1.04 -10.33
C ALA B 668 -23.63 -0.17 -10.92
N GLN B 669 -24.05 -1.39 -10.59
CA GLN B 669 -23.38 -2.56 -11.11
C GLN B 669 -23.85 -2.87 -12.53
N ASP B 670 -22.99 -3.55 -13.29
CA ASP B 670 -23.18 -3.67 -14.73
C ASP B 670 -24.44 -4.46 -15.09
N GLY B 671 -24.78 -5.48 -14.30
CA GLY B 671 -25.98 -6.25 -14.62
C GLY B 671 -27.25 -5.43 -14.51
N VAL B 672 -27.36 -4.64 -13.45
CA VAL B 672 -28.54 -3.80 -13.27
C VAL B 672 -28.62 -2.74 -14.37
N GLN B 673 -27.47 -2.15 -14.72
CA GLN B 673 -27.45 -1.14 -15.77
C GLN B 673 -27.82 -1.73 -17.12
N SER B 674 -27.33 -2.92 -17.44
CA SER B 674 -27.69 -3.56 -18.70
C SER B 674 -29.15 -3.98 -18.72
N LEU B 675 -29.70 -4.43 -17.59
CA LEU B 675 -31.12 -4.70 -17.53
C LEU B 675 -31.94 -3.43 -17.73
N LEU B 676 -31.49 -2.31 -17.16
CA LEU B 676 -32.16 -1.04 -17.37
C LEU B 676 -32.11 -0.62 -18.83
N THR B 677 -30.98 -0.82 -19.50
CA THR B 677 -30.90 -0.53 -20.93
C THR B 677 -31.86 -1.40 -21.73
N GLN B 678 -31.93 -2.69 -21.38
CA GLN B 678 -32.85 -3.60 -22.06
C GLN B 678 -34.30 -3.17 -21.88
N LYS B 679 -34.66 -2.74 -20.67
CA LYS B 679 -36.00 -2.20 -20.45
C LYS B 679 -36.22 -0.89 -21.19
N TRP B 680 -35.17 -0.08 -21.31
CA TRP B 680 -35.27 1.18 -22.05
C TRP B 680 -35.59 0.94 -23.51
N TRP B 681 -34.96 -0.06 -24.13
CA TRP B 681 -35.26 -0.33 -25.52
C TRP B 681 -36.53 -1.14 -25.73
N GLY B 682 -37.18 -1.59 -24.65
CA GLY B 682 -38.46 -2.26 -24.78
C GLY B 682 -38.34 -3.56 -25.53
N ASP B 683 -39.32 -3.80 -26.40
CA ASP B 683 -39.38 -5.03 -27.19
C ASP B 683 -38.40 -5.04 -28.36
N MET B 684 -37.56 -4.02 -28.49
CA MET B 684 -36.51 -3.98 -29.48
C MET B 684 -35.20 -4.47 -28.88
N ALA B 685 -34.20 -4.66 -29.74
CA ALA B 685 -32.89 -5.09 -29.29
C ALA B 685 -32.12 -3.90 -28.74
N SER B 686 -31.42 -4.14 -27.62
CA SER B 686 -30.65 -3.07 -26.98
C SER B 686 -29.49 -2.60 -27.84
N THR B 687 -29.06 -3.39 -28.82
CA THR B 687 -27.98 -3.02 -29.72
C THR B 687 -28.47 -2.29 -30.96
N THR B 688 -29.75 -1.95 -31.03
CA THR B 688 -30.28 -1.23 -32.18
C THR B 688 -29.59 0.13 -32.30
N PRO B 689 -29.06 0.47 -33.48
CA PRO B 689 -28.42 1.78 -33.64
C PRO B 689 -29.42 2.91 -33.52
N ILE B 690 -28.93 4.08 -33.09
CA ILE B 690 -29.79 5.24 -32.94
C ILE B 690 -30.26 5.74 -34.30
N TRP B 691 -29.39 5.70 -35.31
CA TRP B 691 -29.80 6.14 -36.64
C TRP B 691 -30.89 5.25 -37.21
N ALA B 692 -30.82 3.94 -36.92
CA ALA B 692 -31.88 3.04 -37.34
C ALA B 692 -33.20 3.38 -36.64
N LEU B 693 -33.13 3.73 -35.36
CA LEU B 693 -34.33 4.15 -34.63
C LEU B 693 -34.93 5.41 -35.26
N VAL B 694 -34.08 6.37 -35.61
CA VAL B 694 -34.58 7.60 -36.24
C VAL B 694 -35.22 7.29 -37.58
N LEU B 695 -34.57 6.43 -38.39
CA LEU B 695 -35.10 6.07 -39.69
C LEU B 695 -36.46 5.39 -39.56
N ALA B 696 -36.60 4.48 -38.59
CA ALA B 696 -37.89 3.84 -38.38
C ALA B 696 -38.93 4.82 -37.83
N PHE B 697 -38.50 5.78 -37.01
CA PHE B 697 -39.42 6.78 -36.46
C PHE B 697 -40.00 7.66 -37.56
N PHE B 698 -39.17 8.09 -38.51
CA PHE B 698 -39.67 8.94 -39.59
C PHE B 698 -40.18 8.14 -40.78
N CYS B 699 -39.96 6.83 -40.81
CA CYS B 699 -40.49 5.94 -41.84
C CYS B 699 -41.09 4.72 -41.18
N PRO B 700 -42.36 4.75 -40.78
CA PRO B 700 -42.95 3.65 -39.99
C PRO B 700 -42.85 2.29 -40.67
N PRO B 701 -43.07 2.18 -41.99
CA PRO B 701 -42.97 0.84 -42.59
C PRO B 701 -41.62 0.18 -42.41
N LEU B 702 -40.55 0.97 -42.25
CA LEU B 702 -39.22 0.42 -42.05
C LEU B 702 -39.09 -0.39 -40.76
N ILE B 703 -40.06 -0.30 -39.85
CA ILE B 703 -40.00 -1.14 -38.67
C ILE B 703 -40.23 -2.61 -39.02
N TYR B 704 -40.78 -2.88 -40.20
CA TYR B 704 -41.01 -4.26 -40.63
C TYR B 704 -39.86 -4.83 -41.45
N THR B 705 -38.81 -4.05 -41.71
CA THR B 705 -37.67 -4.53 -42.47
C THR B 705 -36.61 -5.06 -41.51
N ARG B 706 -35.40 -5.32 -42.04
CA ARG B 706 -34.29 -5.80 -41.23
C ARG B 706 -33.71 -4.73 -40.32
N LEU B 707 -34.16 -3.49 -40.44
CA LEU B 707 -33.51 -2.38 -39.76
C LEU B 707 -33.58 -2.54 -38.24
N ILE B 708 -34.73 -2.96 -37.72
CA ILE B 708 -34.95 -3.08 -36.28
C ILE B 708 -35.15 -4.56 -35.96
N THR B 709 -34.31 -5.10 -35.10
CA THR B 709 -34.40 -6.51 -34.69
C THR B 709 -35.23 -6.59 -33.42
N PHE B 710 -36.50 -6.94 -33.57
CA PHE B 710 -37.38 -7.06 -32.42
C PHE B 710 -37.13 -8.39 -31.69
N ARG B 711 -37.42 -8.40 -30.40
CA ARG B 711 -37.22 -9.57 -29.56
C ARG B 711 -38.47 -9.89 -28.74
N CYS B 768 -48.11 -7.42 -37.38
CA CYS B 768 -48.40 -6.08 -37.86
C CYS B 768 -48.82 -5.16 -36.72
N LEU B 769 -50.00 -5.40 -36.17
CA LEU B 769 -50.50 -4.59 -35.06
C LEU B 769 -49.61 -4.74 -33.83
N ARG B 770 -49.26 -5.97 -33.47
CA ARG B 770 -48.42 -6.20 -32.31
C ARG B 770 -47.04 -5.57 -32.47
N ARG B 771 -46.46 -5.71 -33.67
CA ARG B 771 -45.17 -5.09 -33.94
C ARG B 771 -45.26 -3.57 -33.88
N TRP B 772 -46.36 -3.01 -34.38
CA TRP B 772 -46.57 -1.56 -34.33
C TRP B 772 -46.60 -1.07 -32.89
N PHE B 773 -47.37 -1.75 -32.03
CA PHE B 773 -47.44 -1.34 -30.63
C PHE B 773 -46.12 -1.59 -29.91
N HIS B 774 -45.39 -2.65 -30.28
CA HIS B 774 -44.09 -2.89 -29.69
C HIS B 774 -43.12 -1.76 -30.00
N PHE B 775 -43.12 -1.30 -31.25
CA PHE B 775 -42.20 -0.21 -31.62
C PHE B 775 -42.63 1.09 -30.96
N TRP B 776 -43.91 1.43 -31.02
CA TRP B 776 -44.35 2.73 -30.53
C TRP B 776 -44.66 2.73 -29.03
N GLY B 777 -44.38 1.64 -28.32
CA GLY B 777 -44.56 1.62 -26.90
C GLY B 777 -43.27 1.56 -26.11
N ALA B 778 -42.16 1.35 -26.80
CA ALA B 778 -40.87 1.29 -26.12
C ALA B 778 -40.56 2.65 -25.50
N PRO B 779 -39.95 2.68 -24.31
CA PRO B 779 -39.64 3.97 -23.67
C PRO B 779 -38.72 4.85 -24.50
N VAL B 780 -37.79 4.27 -25.25
CA VAL B 780 -36.89 5.07 -26.06
C VAL B 780 -37.65 5.75 -27.21
N THR B 781 -38.62 5.04 -27.80
CA THR B 781 -39.43 5.64 -28.85
C THR B 781 -40.31 6.75 -28.31
N ILE B 782 -40.87 6.56 -27.11
CA ILE B 782 -41.67 7.61 -26.49
C ILE B 782 -40.81 8.83 -26.18
N PHE B 783 -39.58 8.59 -25.70
CA PHE B 783 -38.66 9.68 -25.43
C PHE B 783 -38.33 10.45 -26.70
N MET B 784 -38.05 9.73 -27.80
CA MET B 784 -37.75 10.40 -29.06
C MET B 784 -38.96 11.19 -29.57
N GLY B 785 -40.15 10.61 -29.45
CA GLY B 785 -41.34 11.32 -29.88
C GLY B 785 -41.59 12.58 -29.08
N ASN B 786 -41.39 12.51 -27.76
CA ASN B 786 -41.55 13.70 -26.94
C ASN B 786 -40.48 14.74 -27.20
N VAL B 787 -39.26 14.31 -27.52
CA VAL B 787 -38.20 15.25 -27.89
C VAL B 787 -38.58 15.99 -29.17
N VAL B 788 -39.06 15.26 -30.17
CA VAL B 788 -39.48 15.88 -31.42
C VAL B 788 -40.65 16.82 -31.17
N SER B 789 -41.61 16.40 -30.35
CA SER B 789 -42.76 17.23 -30.04
C SER B 789 -42.34 18.52 -29.33
N TYR B 790 -41.38 18.43 -28.40
CA TYR B 790 -40.97 19.62 -27.67
C TYR B 790 -40.17 20.56 -28.55
N LEU B 791 -39.36 20.01 -29.46
CA LEU B 791 -38.67 20.85 -30.43
C LEU B 791 -39.66 21.59 -31.32
N LEU B 792 -40.70 20.89 -31.79
CA LEU B 792 -41.70 21.56 -32.61
C LEU B 792 -42.52 22.56 -31.80
N PHE B 793 -42.73 22.30 -30.51
CA PHE B 793 -43.41 23.26 -29.66
C PHE B 793 -42.58 24.53 -29.50
N LEU B 794 -41.26 24.38 -29.33
CA LEU B 794 -40.40 25.56 -29.25
C LEU B 794 -40.37 26.30 -30.59
N LEU B 795 -40.38 25.57 -31.70
CA LEU B 795 -40.43 26.20 -33.01
C LEU B 795 -41.72 27.01 -33.18
N LEU B 796 -42.85 26.44 -32.79
CA LEU B 796 -44.12 27.16 -32.87
C LEU B 796 -44.14 28.36 -31.93
N PHE B 797 -43.58 28.20 -30.72
CA PHE B 797 -43.51 29.30 -29.77
C PHE B 797 -42.71 30.46 -30.34
N SER B 798 -41.54 30.16 -30.92
CA SER B 798 -40.72 31.21 -31.51
C SER B 798 -41.40 31.84 -32.72
N ARG B 799 -42.09 31.03 -33.54
CA ARG B 799 -42.82 31.58 -34.69
C ARG B 799 -43.91 32.53 -34.26
N VAL B 800 -44.67 32.18 -33.21
CA VAL B 800 -45.72 33.06 -32.73
C VAL B 800 -45.12 34.30 -32.09
N LEU B 801 -44.02 34.14 -31.35
CA LEU B 801 -43.45 35.26 -30.62
C LEU B 801 -42.81 36.28 -31.55
N LEU B 802 -42.16 35.81 -32.62
CA LEU B 802 -41.42 36.71 -33.50
C LEU B 802 -42.23 37.22 -34.68
N VAL B 803 -43.33 36.55 -35.04
CA VAL B 803 -44.08 36.93 -36.23
C VAL B 803 -45.55 37.19 -35.92
N ASP B 804 -46.22 36.20 -35.34
CA ASP B 804 -47.67 36.21 -35.24
C ASP B 804 -48.20 36.97 -34.05
N PHE B 805 -47.34 37.50 -33.19
CA PHE B 805 -47.78 38.20 -31.98
C PHE B 805 -48.04 39.66 -32.34
N GLN B 806 -49.30 40.04 -32.40
CA GLN B 806 -49.75 41.37 -32.74
C GLN B 806 -50.81 41.81 -31.75
N PRO B 807 -51.02 43.12 -31.57
CA PRO B 807 -52.08 43.58 -30.68
C PRO B 807 -53.48 43.18 -31.12
N ALA B 808 -53.63 42.63 -32.33
CA ALA B 808 -54.88 42.10 -32.84
C ALA B 808 -55.32 40.90 -32.01
N PRO B 809 -56.53 40.38 -32.19
CA PRO B 809 -56.91 39.16 -31.51
C PRO B 809 -56.04 38.00 -31.97
N PRO B 810 -55.83 37.00 -31.12
CA PRO B 810 -54.95 35.89 -31.47
C PRO B 810 -55.41 35.16 -32.72
N GLY B 811 -54.45 34.74 -33.54
CA GLY B 811 -54.72 34.01 -34.76
C GLY B 811 -54.72 32.51 -34.55
N SER B 812 -54.73 31.78 -35.66
CA SER B 812 -54.82 30.33 -35.60
C SER B 812 -53.58 29.72 -34.94
N LEU B 813 -52.39 30.21 -35.30
CA LEU B 813 -51.16 29.64 -34.73
C LEU B 813 -51.04 29.96 -33.25
N GLU B 814 -51.45 31.16 -32.83
CA GLU B 814 -51.40 31.49 -31.41
C GLU B 814 -52.38 30.64 -30.61
N LEU B 815 -53.55 30.37 -31.17
CA LEU B 815 -54.51 29.48 -30.49
C LEU B 815 -53.98 28.04 -30.45
N LEU B 816 -53.31 27.61 -31.51
CA LEU B 816 -52.67 26.30 -31.48
C LEU B 816 -51.60 26.24 -30.40
N LEU B 817 -50.83 27.32 -30.23
CA LEU B 817 -49.85 27.37 -29.15
C LEU B 817 -50.53 27.33 -27.79
N TYR B 818 -51.67 28.00 -27.65
CA TYR B 818 -52.44 27.94 -26.40
C TYR B 818 -52.88 26.51 -26.11
N PHE B 819 -53.39 25.81 -27.12
CA PHE B 819 -53.82 24.43 -26.93
C PHE B 819 -52.64 23.53 -26.58
N TRP B 820 -51.49 23.73 -27.22
CA TRP B 820 -50.31 22.93 -26.93
C TRP B 820 -49.83 23.16 -25.51
N ALA B 821 -49.83 24.42 -25.05
CA ALA B 821 -49.46 24.69 -23.66
C ALA B 821 -50.48 24.11 -22.69
N PHE B 822 -51.76 24.08 -23.07
CA PHE B 822 -52.76 23.46 -22.23
C PHE B 822 -52.52 21.96 -22.11
N THR B 823 -52.18 21.29 -23.20
CA THR B 823 -51.88 19.87 -23.13
C THR B 823 -50.62 19.61 -22.30
N LEU B 824 -49.62 20.49 -22.41
CA LEU B 824 -48.44 20.37 -21.56
C LEU B 824 -48.81 20.50 -20.08
N LEU B 825 -49.69 21.45 -19.75
CA LEU B 825 -50.13 21.61 -18.37
C LEU B 825 -50.90 20.39 -17.89
N CYS B 826 -51.74 19.82 -18.76
CA CYS B 826 -52.47 18.61 -18.38
C CYS B 826 -51.53 17.44 -18.15
N GLU B 827 -50.49 17.31 -18.96
CA GLU B 827 -49.50 16.25 -18.74
C GLU B 827 -48.77 16.46 -17.42
N GLU B 828 -48.42 17.70 -17.10
CA GLU B 828 -47.75 17.97 -15.83
C GLU B 828 -48.68 17.65 -14.65
N LEU B 829 -49.96 17.99 -14.78
CA LEU B 829 -50.92 17.68 -13.72
C LEU B 829 -51.08 16.17 -13.55
N ARG B 830 -51.13 15.44 -14.67
CA ARG B 830 -51.23 13.99 -14.60
C ARG B 830 -50.01 13.39 -13.92
N GLN B 831 -48.82 13.89 -14.25
CA GLN B 831 -47.60 13.38 -13.60
C GLN B 831 -47.59 13.71 -12.12
N GLY B 832 -48.07 14.89 -11.75
CA GLY B 832 -48.14 15.24 -10.34
C GLY B 832 -49.13 14.39 -9.57
N LEU B 833 -50.27 14.05 -10.20
CA LEU B 833 -51.24 13.18 -9.54
C LEU B 833 -50.71 11.76 -9.39
N SER B 834 -50.14 11.20 -10.47
CA SER B 834 -49.67 9.83 -10.47
C SER B 834 -48.32 9.65 -9.80
N GLY B 835 -47.86 10.62 -9.03
CA GLY B 835 -46.58 10.52 -8.34
C GLY B 835 -46.70 10.10 -6.90
N SER B 851 -51.72 10.85 0.04
CA SER B 851 -52.62 11.96 0.27
C SER B 851 -52.35 13.11 -0.69
N LEU B 852 -53.37 13.92 -0.94
CA LEU B 852 -53.25 15.01 -1.91
C LEU B 852 -52.24 16.05 -1.45
N SER B 853 -52.30 16.43 -0.17
CA SER B 853 -51.39 17.45 0.35
C SER B 853 -49.94 16.99 0.31
N GLN B 854 -49.69 15.73 0.68
CA GLN B 854 -48.32 15.21 0.65
C GLN B 854 -47.80 15.13 -0.77
N ARG B 855 -48.64 14.71 -1.71
CA ARG B 855 -48.23 14.67 -3.11
C ARG B 855 -47.93 16.07 -3.65
N LEU B 856 -48.75 17.05 -3.28
CA LEU B 856 -48.50 18.42 -3.73
C LEU B 856 -47.21 18.96 -3.13
N ARG B 857 -46.94 18.67 -1.86
CA ARG B 857 -45.68 19.09 -1.26
C ARG B 857 -44.49 18.41 -1.92
N LEU B 858 -44.62 17.12 -2.26
CA LEU B 858 -43.58 16.43 -2.99
C LEU B 858 -43.32 17.07 -4.34
N TYR B 859 -44.40 17.41 -5.06
CA TYR B 859 -44.25 18.06 -6.36
C TYR B 859 -43.59 19.41 -6.23
N LEU B 860 -43.97 20.21 -5.24
CA LEU B 860 -43.43 21.54 -5.06
C LEU B 860 -42.06 21.55 -4.39
N ALA B 861 -41.58 20.40 -3.91
CA ALA B 861 -40.23 20.32 -3.36
C ALA B 861 -39.17 19.98 -4.40
N ASP B 862 -39.58 19.68 -5.63
CA ASP B 862 -38.65 19.36 -6.70
C ASP B 862 -38.29 20.61 -7.48
N SER B 863 -36.99 20.85 -7.65
CA SER B 863 -36.51 22.08 -8.27
C SER B 863 -36.95 22.17 -9.74
N TRP B 864 -36.84 21.07 -10.48
CA TRP B 864 -37.20 21.11 -11.89
C TRP B 864 -38.70 21.25 -12.08
N ASN B 865 -39.50 20.64 -11.20
CA ASN B 865 -40.94 20.87 -11.25
C ASN B 865 -41.27 22.30 -10.84
N GLN B 866 -40.48 22.90 -9.95
CA GLN B 866 -40.64 24.33 -9.69
C GLN B 866 -40.39 25.15 -10.95
N CYS B 867 -39.34 24.80 -11.70
CA CYS B 867 -39.06 25.50 -12.94
C CYS B 867 -40.19 25.33 -13.95
N ASP B 868 -40.72 24.12 -14.08
CA ASP B 868 -41.81 23.87 -15.01
C ASP B 868 -43.07 24.61 -14.60
N LEU B 869 -43.35 24.66 -13.29
CA LEU B 869 -44.48 25.45 -12.80
C LEU B 869 -44.28 26.92 -13.10
N VAL B 870 -43.05 27.43 -12.94
CA VAL B 870 -42.76 28.82 -13.27
C VAL B 870 -42.99 29.07 -14.75
N ALA B 871 -42.57 28.13 -15.60
CA ALA B 871 -42.79 28.27 -17.04
C ALA B 871 -44.28 28.36 -17.37
N LEU B 872 -45.07 27.42 -16.85
CA LEU B 872 -46.51 27.44 -17.17
C LEU B 872 -47.20 28.66 -16.56
N THR B 873 -46.81 29.05 -15.34
CA THR B 873 -47.40 30.23 -14.72
C THR B 873 -47.07 31.50 -15.50
N CYS B 874 -45.82 31.63 -15.97
CA CYS B 874 -45.46 32.80 -16.76
C CYS B 874 -46.17 32.79 -18.10
N PHE B 875 -46.37 31.62 -18.69
CA PHE B 875 -47.12 31.55 -19.94
C PHE B 875 -48.56 32.03 -19.72
N LEU B 876 -49.20 31.56 -18.65
CA LEU B 876 -50.55 32.01 -18.35
C LEU B 876 -50.59 33.51 -18.07
N LEU B 877 -49.63 34.01 -17.31
CA LEU B 877 -49.59 35.43 -16.98
C LEU B 877 -49.40 36.29 -18.23
N GLY B 878 -48.51 35.89 -19.12
CA GLY B 878 -48.29 36.64 -20.34
C GLY B 878 -49.48 36.62 -21.27
N VAL B 879 -50.14 35.45 -21.38
CA VAL B 879 -51.35 35.36 -22.21
C VAL B 879 -52.45 36.24 -21.62
N GLY B 880 -52.63 36.21 -20.30
CA GLY B 880 -53.62 37.06 -19.69
C GLY B 880 -53.34 38.54 -19.88
N CYS B 881 -52.07 38.94 -19.75
CA CYS B 881 -51.71 40.33 -19.99
C CYS B 881 -51.98 40.72 -21.44
N ARG B 882 -51.59 39.87 -22.39
CA ARG B 882 -51.77 40.20 -23.80
C ARG B 882 -53.25 40.32 -24.16
N LEU B 883 -54.07 39.40 -23.66
CA LEU B 883 -55.50 39.47 -23.95
C LEU B 883 -56.13 40.74 -23.41
N THR B 884 -55.63 41.25 -22.30
CA THR B 884 -56.04 42.56 -21.82
C THR B 884 -55.59 43.63 -22.81
N PRO B 885 -56.48 44.55 -23.20
CA PRO B 885 -56.06 45.57 -24.19
C PRO B 885 -54.90 46.44 -23.73
N GLY B 886 -54.83 46.74 -22.43
CA GLY B 886 -53.80 47.66 -21.96
C GLY B 886 -52.40 47.07 -21.96
N LEU B 887 -52.27 45.84 -21.48
CA LEU B 887 -50.95 45.28 -21.16
C LEU B 887 -50.45 44.34 -22.25
N TYR B 888 -50.28 44.87 -23.46
CA TYR B 888 -49.77 44.04 -24.54
C TYR B 888 -48.24 43.89 -24.47
N HIS B 889 -47.53 45.01 -24.29
CA HIS B 889 -46.07 44.96 -24.24
C HIS B 889 -45.58 44.17 -23.02
N LEU B 890 -46.27 44.31 -21.89
CA LEU B 890 -45.93 43.50 -20.72
C LEU B 890 -46.10 42.02 -21.01
N GLY B 891 -47.18 41.65 -21.70
CA GLY B 891 -47.37 40.27 -22.08
C GLY B 891 -46.27 39.77 -23.02
N ARG B 892 -45.88 40.60 -23.97
CA ARG B 892 -44.77 40.24 -24.87
C ARG B 892 -43.50 39.97 -24.09
N THR B 893 -43.17 40.87 -23.15
CA THR B 893 -41.94 40.70 -22.36
C THR B 893 -41.99 39.44 -21.51
N VAL B 894 -43.13 39.20 -20.86
CA VAL B 894 -43.27 38.01 -20.02
C VAL B 894 -43.14 36.75 -20.86
N LEU B 895 -43.76 36.73 -22.04
CA LEU B 895 -43.66 35.55 -22.89
C LEU B 895 -42.26 35.39 -23.48
N CYS B 896 -41.53 36.49 -23.70
CA CYS B 896 -40.15 36.38 -24.15
C CYS B 896 -39.28 35.70 -23.11
N ILE B 897 -39.43 36.08 -21.84
CA ILE B 897 -38.68 35.39 -20.78
C ILE B 897 -39.17 33.96 -20.60
N ASP B 898 -40.48 33.76 -20.74
CA ASP B 898 -41.06 32.44 -20.60
C ASP B 898 -40.55 31.48 -21.67
N PHE B 899 -40.25 32.00 -22.87
CA PHE B 899 -39.64 31.14 -23.89
C PHE B 899 -38.29 30.61 -23.42
N MET B 900 -37.48 31.46 -22.78
CA MET B 900 -36.20 31.00 -22.25
C MET B 900 -36.42 29.93 -21.20
N VAL B 901 -37.39 30.15 -20.30
CA VAL B 901 -37.66 29.16 -19.26
C VAL B 901 -38.09 27.83 -19.88
N PHE B 902 -38.91 27.88 -20.93
CA PHE B 902 -39.29 26.65 -21.63
C PHE B 902 -38.10 25.98 -22.30
N THR B 903 -37.23 26.78 -22.94
CA THR B 903 -36.13 26.21 -23.70
C THR B 903 -35.10 25.53 -22.80
N VAL B 904 -34.83 26.11 -21.63
CA VAL B 904 -33.83 25.52 -20.75
C VAL B 904 -34.28 24.18 -20.15
N ARG B 905 -35.51 23.75 -20.43
CA ARG B 905 -35.96 22.44 -19.96
C ARG B 905 -35.53 21.31 -20.88
N LEU B 906 -34.90 21.62 -22.01
CA LEU B 906 -34.28 20.57 -22.81
C LEU B 906 -33.20 19.84 -22.04
N LEU B 907 -32.47 20.55 -21.17
CA LEU B 907 -31.46 19.90 -20.34
C LEU B 907 -32.11 18.88 -19.41
N HIS B 908 -33.22 19.25 -18.78
CA HIS B 908 -33.93 18.31 -17.91
C HIS B 908 -34.52 17.15 -18.70
N ILE B 909 -34.96 17.41 -19.92
CA ILE B 909 -35.47 16.33 -20.77
C ILE B 909 -34.36 15.34 -21.10
N PHE B 910 -33.17 15.84 -21.42
CA PHE B 910 -32.06 14.99 -21.85
C PHE B 910 -31.20 14.51 -20.69
N THR B 911 -31.56 14.83 -19.45
CA THR B 911 -30.90 14.22 -18.31
C THR B 911 -30.94 12.70 -18.39
N VAL B 912 -32.03 12.13 -18.90
CA VAL B 912 -32.13 10.68 -19.03
C VAL B 912 -31.12 10.13 -20.02
N ASN B 913 -30.72 10.95 -20.99
CA ASN B 913 -29.81 10.47 -22.04
C ASN B 913 -28.48 10.04 -21.42
N LYS B 914 -27.88 9.00 -22.01
CA LYS B 914 -26.69 8.40 -21.44
C LYS B 914 -25.49 9.33 -21.53
N GLN B 915 -25.33 10.00 -22.67
CA GLN B 915 -24.14 10.83 -22.90
C GLN B 915 -24.20 12.13 -22.11
N LEU B 916 -25.36 12.77 -22.06
CA LEU B 916 -25.46 14.12 -21.51
C LEU B 916 -25.70 14.13 -20.01
N GLY B 917 -26.27 13.06 -19.46
CA GLY B 917 -26.74 13.03 -18.09
C GLY B 917 -25.69 13.31 -17.02
N PRO B 918 -24.62 12.52 -16.98
CA PRO B 918 -23.59 12.74 -15.95
C PRO B 918 -22.97 14.13 -16.00
N LYS B 919 -22.74 14.67 -17.19
CA LYS B 919 -22.17 16.01 -17.27
C LYS B 919 -23.18 17.07 -16.90
N ILE B 920 -24.45 16.86 -17.24
CA ILE B 920 -25.50 17.78 -16.82
C ILE B 920 -25.59 17.83 -15.30
N VAL B 921 -25.46 16.68 -14.63
CA VAL B 921 -25.53 16.71 -13.18
C VAL B 921 -24.23 17.23 -12.57
N ILE B 922 -23.10 17.10 -13.29
CA ILE B 922 -21.86 17.74 -12.84
C ILE B 922 -21.98 19.25 -12.90
N VAL B 923 -22.70 19.78 -13.89
CA VAL B 923 -22.82 21.22 -14.06
C VAL B 923 -23.40 21.88 -12.82
N SER B 924 -24.38 21.25 -12.18
CA SER B 924 -25.02 21.83 -11.01
C SER B 924 -24.08 21.94 -9.82
N LYS B 925 -22.95 21.24 -9.83
CA LYS B 925 -21.99 21.29 -8.72
C LYS B 925 -20.98 22.42 -8.87
N MET B 926 -21.04 23.20 -9.94
CA MET B 926 -20.13 24.32 -10.17
C MET B 926 -20.66 25.64 -9.67
N MET B 927 -21.87 25.66 -9.10
CA MET B 927 -22.50 26.92 -8.74
C MET B 927 -21.80 27.60 -7.58
N LYS B 928 -21.15 26.84 -6.70
CA LYS B 928 -20.39 27.47 -5.62
C LYS B 928 -19.20 28.24 -6.16
N ASP B 929 -18.47 27.66 -7.12
CA ASP B 929 -17.38 28.38 -7.76
C ASP B 929 -17.92 29.59 -8.52
N VAL B 930 -19.06 29.44 -9.20
CA VAL B 930 -19.65 30.57 -9.89
C VAL B 930 -19.99 31.69 -8.93
N PHE B 931 -20.54 31.36 -7.77
CA PHE B 931 -20.94 32.37 -6.80
C PHE B 931 -19.72 33.05 -6.19
N PHE B 932 -18.64 32.29 -5.92
CA PHE B 932 -17.42 32.92 -5.46
C PHE B 932 -16.87 33.90 -6.50
N PHE B 933 -16.87 33.49 -7.77
CA PHE B 933 -16.43 34.37 -8.84
C PHE B 933 -17.29 35.63 -8.89
N LEU B 934 -18.61 35.48 -8.77
CA LEU B 934 -19.50 36.63 -8.84
C LEU B 934 -19.32 37.57 -7.66
N PHE B 935 -19.10 37.02 -6.46
CA PHE B 935 -18.88 37.86 -5.29
C PHE B 935 -17.58 38.67 -5.42
N PHE B 936 -16.49 38.00 -5.77
CA PHE B 936 -15.22 38.71 -5.95
C PHE B 936 -15.33 39.75 -7.06
N LEU B 937 -15.96 39.38 -8.17
CA LEU B 937 -16.14 40.28 -9.30
C LEU B 937 -17.01 41.48 -8.92
N GLY B 938 -18.06 41.26 -8.14
CA GLY B 938 -18.91 42.36 -7.73
C GLY B 938 -18.19 43.34 -6.83
N VAL B 939 -17.40 42.84 -5.88
CA VAL B 939 -16.62 43.73 -5.02
C VAL B 939 -15.65 44.55 -5.86
N TRP B 940 -14.92 43.87 -6.76
CA TRP B 940 -13.95 44.57 -7.60
C TRP B 940 -14.63 45.57 -8.54
N LEU B 941 -15.78 45.20 -9.10
CA LEU B 941 -16.51 46.12 -9.97
C LEU B 941 -16.97 47.35 -9.21
N VAL B 942 -17.50 47.17 -7.99
CA VAL B 942 -17.92 48.33 -7.20
C VAL B 942 -16.73 49.26 -6.97
N ALA B 943 -15.63 48.70 -6.48
CA ALA B 943 -14.47 49.54 -6.17
C ALA B 943 -13.98 50.28 -7.41
N TYR B 944 -13.70 49.55 -8.48
CA TYR B 944 -13.12 50.15 -9.69
C TYR B 944 -14.09 51.14 -10.33
N GLY B 945 -15.36 50.77 -10.45
CA GLY B 945 -16.32 51.63 -11.12
C GLY B 945 -16.57 52.92 -10.38
N VAL B 946 -16.72 52.84 -9.05
CA VAL B 946 -16.93 54.07 -8.29
C VAL B 946 -15.68 54.95 -8.34
N ALA B 947 -14.49 54.34 -8.26
CA ALA B 947 -13.27 55.13 -8.35
C ALA B 947 -13.14 55.84 -9.69
N THR B 948 -13.43 55.13 -10.78
CA THR B 948 -13.31 55.72 -12.11
C THR B 948 -14.36 56.80 -12.33
N GLU B 949 -15.59 56.57 -11.87
CA GLU B 949 -16.64 57.57 -12.00
C GLU B 949 -16.31 58.81 -11.18
N GLY B 950 -15.72 58.64 -10.00
CA GLY B 950 -15.31 59.78 -9.21
C GLY B 950 -14.16 60.54 -9.83
N LEU B 951 -13.19 59.83 -10.40
CA LEU B 951 -12.06 60.50 -11.04
C LEU B 951 -12.48 61.27 -12.28
N LEU B 952 -13.36 60.67 -13.10
CA LEU B 952 -13.72 61.31 -14.36
C LEU B 952 -14.69 62.47 -14.19
N ARG B 953 -15.56 62.41 -13.18
CA ARG B 953 -16.53 63.46 -12.91
C ARG B 953 -17.38 63.82 -14.13
N PRO B 954 -18.16 62.89 -14.67
CA PRO B 954 -18.99 63.21 -15.83
C PRO B 954 -20.04 64.27 -15.49
N ARG B 955 -20.38 65.08 -16.47
CA ARG B 955 -21.38 66.13 -16.25
C ARG B 955 -22.80 65.58 -16.40
N ASP B 956 -23.00 64.62 -17.29
CA ASP B 956 -24.30 63.96 -17.44
C ASP B 956 -24.43 62.84 -16.41
N SER B 957 -24.54 63.25 -15.14
CA SER B 957 -24.59 62.32 -14.02
C SER B 957 -26.02 62.08 -13.57
N ASP B 958 -26.80 61.48 -14.47
CA ASP B 958 -28.08 60.92 -14.07
C ASP B 958 -27.86 59.60 -13.34
N PHE B 959 -28.85 59.18 -12.58
CA PHE B 959 -28.73 57.93 -11.83
C PHE B 959 -28.55 56.71 -12.73
N PRO B 960 -29.36 56.51 -13.78
CA PRO B 960 -29.07 55.39 -14.70
C PRO B 960 -27.72 55.52 -15.38
N SER B 961 -27.29 56.73 -15.72
CA SER B 961 -25.98 56.91 -16.33
C SER B 961 -24.86 56.55 -15.36
N ILE B 962 -25.00 56.94 -14.10
CA ILE B 962 -24.00 56.58 -13.09
C ILE B 962 -23.96 55.08 -12.90
N LEU B 963 -25.11 54.43 -12.81
CA LEU B 963 -25.12 52.98 -12.67
C LEU B 963 -24.50 52.30 -13.87
N ARG B 964 -24.80 52.80 -15.07
CA ARG B 964 -24.20 52.24 -16.29
C ARG B 964 -22.69 52.34 -16.27
N ARG B 965 -22.16 53.55 -16.04
CA ARG B 965 -20.72 53.73 -16.06
C ARG B 965 -20.02 53.09 -14.87
N VAL B 966 -20.75 52.77 -13.80
CA VAL B 966 -20.13 52.11 -12.65
C VAL B 966 -20.11 50.59 -12.79
N PHE B 967 -21.16 50.00 -13.37
CA PHE B 967 -21.24 48.54 -13.44
C PHE B 967 -21.15 47.99 -14.85
N TYR B 968 -21.92 48.54 -15.79
CA TYR B 968 -22.09 47.89 -17.08
C TYR B 968 -20.84 48.03 -17.96
N ARG B 969 -20.27 49.22 -18.03
CA ARG B 969 -19.06 49.42 -18.84
C ARG B 969 -17.86 48.62 -18.30
N PRO B 970 -17.53 48.66 -17.01
CA PRO B 970 -16.45 47.77 -16.52
C PRO B 970 -16.75 46.31 -16.73
N TYR B 971 -18.02 45.90 -16.65
CA TYR B 971 -18.36 44.50 -16.90
C TYR B 971 -18.05 44.11 -18.34
N LEU B 972 -18.37 44.99 -19.29
CA LEU B 972 -18.07 44.71 -20.69
C LEU B 972 -16.58 44.78 -20.98
N GLN B 973 -15.80 45.52 -20.18
CA GLN B 973 -14.36 45.51 -20.36
C GLN B 973 -13.76 44.12 -20.17
N ILE B 974 -14.42 43.26 -19.39
CA ILE B 974 -13.98 41.88 -19.22
C ILE B 974 -14.11 41.05 -20.48
N PHE B 975 -14.92 41.50 -21.44
CA PHE B 975 -15.16 40.76 -22.67
C PHE B 975 -14.62 41.48 -23.89
N GLY B 976 -13.58 42.29 -23.71
CA GLY B 976 -12.91 42.95 -24.80
C GLY B 976 -13.52 44.26 -25.25
N GLN B 977 -14.48 44.80 -24.51
CA GLN B 977 -15.13 46.05 -24.88
C GLN B 977 -14.53 47.15 -24.02
N ILE B 978 -13.43 47.71 -24.49
CA ILE B 978 -12.67 48.71 -23.72
C ILE B 978 -12.76 50.05 -24.45
N PRO B 979 -13.66 50.94 -24.03
CA PRO B 979 -13.81 52.25 -24.69
C PRO B 979 -12.77 53.27 -24.23
N GLN B 980 -11.59 53.23 -24.85
CA GLN B 980 -10.51 54.13 -24.47
C GLN B 980 -10.88 55.58 -24.72
N GLU B 981 -11.63 55.86 -25.78
CA GLU B 981 -11.95 57.23 -26.13
C GLU B 981 -12.87 57.90 -25.12
N ASP B 982 -13.59 57.12 -24.31
CA ASP B 982 -14.49 57.65 -23.30
C ASP B 982 -13.86 57.80 -21.93
N MET B 983 -12.65 57.28 -21.74
CA MET B 983 -11.97 57.34 -20.45
C MET B 983 -10.58 57.95 -20.51
N ASP B 984 -9.93 57.92 -21.66
CA ASP B 984 -8.57 58.44 -21.81
C ASP B 984 -8.67 59.85 -22.41
N VAL B 985 -8.29 60.84 -21.61
CA VAL B 985 -8.44 62.23 -22.02
C VAL B 985 -7.52 62.57 -23.19
N ALA B 986 -6.37 61.90 -23.28
CA ALA B 986 -5.47 62.12 -24.41
C ALA B 986 -6.10 61.77 -25.75
N LEU B 987 -7.15 60.95 -25.74
CA LEU B 987 -7.86 60.57 -26.95
C LEU B 987 -9.09 61.44 -27.20
N MET B 988 -9.34 62.43 -26.36
CA MET B 988 -10.47 63.33 -26.51
C MET B 988 -9.99 64.70 -26.95
N GLU B 989 -10.93 65.54 -27.37
CA GLU B 989 -10.64 66.92 -27.67
C GLU B 989 -10.87 67.77 -26.42
N HIS B 990 -9.90 68.62 -26.10
CA HIS B 990 -9.95 69.41 -24.88
C HIS B 990 -10.81 70.64 -25.14
N SER B 991 -11.97 70.71 -24.48
CA SER B 991 -12.92 71.77 -24.69
C SER B 991 -13.30 72.40 -23.36
N ASN B 992 -13.78 73.64 -23.43
CA ASN B 992 -14.20 74.39 -22.24
C ASN B 992 -15.71 74.21 -22.05
N CYS B 993 -16.09 72.97 -21.77
CA CYS B 993 -17.50 72.59 -21.63
C CYS B 993 -17.99 72.61 -20.19
N SER B 994 -17.16 73.03 -19.24
CA SER B 994 -17.57 73.09 -17.84
C SER B 994 -17.24 74.46 -17.26
N SER B 995 -18.18 75.01 -16.50
CA SER B 995 -17.95 76.30 -15.86
C SER B 995 -17.11 76.15 -14.59
N GLU B 996 -17.00 74.93 -14.07
CA GLU B 996 -16.20 74.70 -12.87
C GLU B 996 -14.72 74.85 -13.18
N PRO B 997 -13.92 75.29 -12.21
CA PRO B 997 -12.48 75.46 -12.46
C PRO B 997 -11.80 74.14 -12.76
N GLY B 998 -10.77 74.20 -13.60
CA GLY B 998 -10.03 73.03 -14.03
C GLY B 998 -10.13 72.84 -15.53
N PHE B 999 -9.49 71.77 -15.99
CA PHE B 999 -9.46 71.42 -17.40
C PHE B 999 -10.43 70.27 -17.67
N TRP B 1000 -11.08 70.31 -18.82
CA TRP B 1000 -12.12 69.35 -19.17
C TRP B 1000 -11.94 68.91 -20.61
N ALA B 1001 -12.46 67.72 -20.90
CA ALA B 1001 -12.40 67.15 -22.24
C ALA B 1001 -13.75 66.54 -22.59
N HIS B 1002 -14.00 66.40 -23.88
CA HIS B 1002 -15.29 65.91 -24.36
C HIS B 1002 -15.16 64.47 -24.84
N PRO B 1003 -15.72 63.50 -24.12
CA PRO B 1003 -15.74 62.12 -24.63
C PRO B 1003 -16.80 61.97 -25.70
N PRO B 1004 -16.49 61.26 -26.79
CA PRO B 1004 -17.45 61.14 -27.89
C PRO B 1004 -18.59 60.17 -27.63
N GLY B 1005 -18.49 59.32 -26.62
CA GLY B 1005 -19.52 58.32 -26.41
C GLY B 1005 -20.86 58.92 -26.07
N ALA B 1006 -21.92 58.24 -26.52
CA ALA B 1006 -23.28 58.72 -26.29
C ALA B 1006 -23.64 58.71 -24.80
N GLN B 1007 -23.26 57.64 -24.10
CA GLN B 1007 -23.60 57.48 -22.70
C GLN B 1007 -22.47 57.87 -21.76
N ALA B 1008 -21.41 58.48 -22.28
CA ALA B 1008 -20.42 59.12 -21.44
C ALA B 1008 -20.98 60.46 -20.93
N GLY B 1009 -20.21 61.15 -20.11
CA GLY B 1009 -20.73 62.35 -19.48
C GLY B 1009 -20.70 63.59 -20.33
N THR B 1010 -20.23 63.48 -21.58
CA THR B 1010 -20.10 64.57 -22.56
C THR B 1010 -19.10 65.62 -22.10
N CYS B 1011 -18.57 65.47 -20.90
CA CYS B 1011 -17.53 66.34 -20.36
C CYS B 1011 -16.93 65.69 -19.12
N VAL B 1012 -15.61 65.48 -19.11
CA VAL B 1012 -14.95 64.80 -18.01
C VAL B 1012 -13.72 65.59 -17.60
N SER B 1013 -13.28 65.36 -16.37
CA SER B 1013 -12.11 66.02 -15.82
C SER B 1013 -10.84 65.30 -16.26
N GLN B 1014 -9.80 66.09 -16.52
CA GLN B 1014 -8.50 65.55 -16.90
C GLN B 1014 -7.44 65.79 -15.83
N TYR B 1015 -7.86 65.95 -14.58
CA TYR B 1015 -6.90 66.30 -13.52
C TYR B 1015 -5.91 65.18 -13.29
N ALA B 1016 -6.38 63.95 -13.11
CA ALA B 1016 -5.52 62.81 -12.81
C ALA B 1016 -5.88 61.63 -13.72
N ASN B 1017 -5.96 61.90 -15.02
CA ASN B 1017 -6.37 60.88 -15.98
C ASN B 1017 -5.36 59.75 -16.09
N TRP B 1018 -4.09 60.01 -15.75
CA TRP B 1018 -3.12 58.93 -15.68
C TRP B 1018 -3.53 57.88 -14.67
N LEU B 1019 -4.18 58.30 -13.58
CA LEU B 1019 -4.69 57.35 -12.62
C LEU B 1019 -5.87 56.56 -13.15
N VAL B 1020 -6.70 57.17 -14.00
CA VAL B 1020 -7.77 56.43 -14.67
C VAL B 1020 -7.18 55.35 -15.56
N VAL B 1021 -6.12 55.69 -16.30
CA VAL B 1021 -5.46 54.70 -17.16
C VAL B 1021 -4.85 53.58 -16.33
N LEU B 1022 -4.17 53.95 -15.23
CA LEU B 1022 -3.58 52.94 -14.35
C LEU B 1022 -4.64 52.04 -13.74
N LEU B 1023 -5.79 52.61 -13.36
CA LEU B 1023 -6.88 51.81 -12.83
C LEU B 1023 -7.42 50.86 -13.87
N LEU B 1024 -7.50 51.29 -15.13
CA LEU B 1024 -7.91 50.37 -16.18
C LEU B 1024 -6.92 49.21 -16.33
N VAL B 1025 -5.62 49.53 -16.27
CA VAL B 1025 -4.59 48.48 -16.36
C VAL B 1025 -4.75 47.47 -15.22
N ILE B 1026 -4.92 47.97 -14.00
CA ILE B 1026 -5.07 47.11 -12.84
C ILE B 1026 -6.37 46.31 -12.92
N PHE B 1027 -7.44 46.93 -13.39
CA PHE B 1027 -8.72 46.22 -13.54
C PHE B 1027 -8.59 45.07 -14.51
N LEU B 1028 -7.94 45.32 -15.66
CA LEU B 1028 -7.76 44.24 -16.64
C LEU B 1028 -6.93 43.11 -16.05
N LEU B 1029 -5.86 43.45 -15.34
CA LEU B 1029 -5.04 42.42 -14.69
C LEU B 1029 -5.85 41.60 -13.70
N VAL B 1030 -6.60 42.27 -12.83
CA VAL B 1030 -7.30 41.57 -11.75
C VAL B 1030 -8.47 40.75 -12.28
N ALA B 1031 -9.23 41.29 -13.22
CA ALA B 1031 -10.46 40.65 -13.67
C ALA B 1031 -10.22 39.68 -14.84
N ASN B 1032 -9.60 40.15 -15.91
CA ASN B 1032 -9.49 39.34 -17.11
C ASN B 1032 -8.44 38.24 -16.99
N ILE B 1033 -7.54 38.34 -16.02
CA ILE B 1033 -6.41 37.43 -15.90
C ILE B 1033 -6.46 36.63 -14.60
N LEU B 1034 -6.65 37.31 -13.47
CA LEU B 1034 -6.58 36.61 -12.18
C LEU B 1034 -7.88 35.91 -11.85
N LEU B 1035 -9.01 36.63 -11.93
CA LEU B 1035 -10.29 36.05 -11.53
C LEU B 1035 -10.72 34.95 -12.49
N VAL B 1036 -10.57 35.16 -13.79
CA VAL B 1036 -11.00 34.16 -14.77
C VAL B 1036 -10.18 32.89 -14.65
N ASN B 1037 -8.85 33.02 -14.53
CA ASN B 1037 -8.00 31.85 -14.39
C ASN B 1037 -8.21 31.14 -13.06
N LEU B 1038 -8.47 31.91 -12.00
CA LEU B 1038 -8.81 31.30 -10.72
C LEU B 1038 -10.10 30.50 -10.82
N LEU B 1039 -11.09 31.03 -11.52
CA LEU B 1039 -12.32 30.28 -11.74
C LEU B 1039 -12.08 29.01 -12.54
N ILE B 1040 -11.20 29.08 -13.55
CA ILE B 1040 -10.84 27.89 -14.31
C ILE B 1040 -10.23 26.83 -13.39
N ALA B 1041 -9.31 27.24 -12.52
CA ALA B 1041 -8.69 26.30 -11.60
C ALA B 1041 -9.70 25.68 -10.64
N MET B 1042 -10.60 26.50 -10.11
CA MET B 1042 -11.65 25.99 -9.22
C MET B 1042 -12.57 25.02 -9.95
N PHE B 1043 -12.94 25.33 -11.18
CA PHE B 1043 -13.77 24.43 -11.98
C PHE B 1043 -13.07 23.10 -12.20
N SER B 1044 -11.78 23.13 -12.54
CA SER B 1044 -11.05 21.89 -12.77
C SER B 1044 -11.01 21.04 -11.50
N TYR B 1045 -10.71 21.66 -10.37
CA TYR B 1045 -10.65 20.93 -9.11
C TYR B 1045 -12.01 20.32 -8.78
N THR B 1046 -13.08 21.09 -8.90
CA THR B 1046 -14.41 20.60 -8.55
C THR B 1046 -14.84 19.47 -9.49
N PHE B 1047 -14.55 19.61 -10.79
CA PHE B 1047 -14.88 18.57 -11.74
C PHE B 1047 -14.20 17.26 -11.38
N GLY B 1048 -12.88 17.31 -11.15
CA GLY B 1048 -12.17 16.11 -10.75
C GLY B 1048 -12.66 15.54 -9.43
N LYS B 1049 -13.14 16.40 -8.52
CA LYS B 1049 -13.58 15.92 -7.22
C LYS B 1049 -14.94 15.24 -7.30
N VAL B 1050 -15.86 15.76 -8.11
CA VAL B 1050 -17.25 15.28 -8.11
C VAL B 1050 -17.57 14.34 -9.26
N GLN B 1051 -16.59 14.04 -10.12
CA GLN B 1051 -16.81 13.12 -11.24
C GLN B 1051 -17.52 11.83 -10.82
N GLY B 1052 -16.89 11.06 -9.93
CA GLY B 1052 -17.39 9.72 -9.62
C GLY B 1052 -18.73 9.74 -8.91
N ASN B 1053 -18.90 10.64 -7.95
CA ASN B 1053 -20.18 10.73 -7.25
C ASN B 1053 -21.30 11.15 -8.17
N SER B 1054 -21.03 12.06 -9.12
CA SER B 1054 -22.05 12.42 -10.09
C SER B 1054 -22.40 11.23 -10.98
N ASP B 1055 -21.41 10.45 -11.38
CA ASP B 1055 -21.69 9.27 -12.20
C ASP B 1055 -22.56 8.28 -11.44
N LEU B 1056 -22.24 8.04 -10.16
CA LEU B 1056 -23.05 7.14 -9.35
C LEU B 1056 -24.48 7.65 -9.19
N TYR B 1057 -24.64 8.96 -8.96
CA TYR B 1057 -25.97 9.53 -8.85
C TYR B 1057 -26.77 9.34 -10.13
N TRP B 1058 -26.14 9.58 -11.28
CA TRP B 1058 -26.84 9.42 -12.54
C TRP B 1058 -27.25 7.96 -12.76
N LYS B 1059 -26.36 7.02 -12.44
CA LYS B 1059 -26.71 5.61 -12.55
C LYS B 1059 -27.88 5.26 -11.66
N ALA B 1060 -27.91 5.81 -10.45
CA ALA B 1060 -29.02 5.53 -9.53
C ALA B 1060 -30.33 6.07 -10.06
N GLN B 1061 -30.33 7.29 -10.61
CA GLN B 1061 -31.56 7.91 -11.06
C GLN B 1061 -32.02 7.42 -12.42
N ARG B 1062 -31.17 6.70 -13.15
CA ARG B 1062 -31.55 6.16 -14.45
C ARG B 1062 -32.79 5.29 -14.38
N TYR B 1063 -32.91 4.47 -13.33
CA TYR B 1063 -34.08 3.61 -13.20
C TYR B 1063 -35.36 4.41 -13.07
N ARG B 1064 -35.34 5.45 -12.23
CA ARG B 1064 -36.53 6.28 -12.05
C ARG B 1064 -36.89 6.99 -13.34
N LEU B 1065 -35.89 7.48 -14.08
CA LEU B 1065 -36.18 8.13 -15.35
C LEU B 1065 -36.80 7.18 -16.35
N ILE B 1066 -36.25 5.96 -16.45
CA ILE B 1066 -36.79 4.97 -17.39
C ILE B 1066 -38.21 4.57 -16.99
N ARG B 1067 -38.45 4.38 -15.68
CA ARG B 1067 -39.79 4.05 -15.21
C ARG B 1067 -40.78 5.16 -15.54
N GLU B 1068 -40.37 6.42 -15.35
CA GLU B 1068 -41.25 7.54 -15.66
C GLU B 1068 -41.57 7.60 -17.15
N PHE B 1069 -40.58 7.36 -18.01
CA PHE B 1069 -40.87 7.36 -19.44
C PHE B 1069 -41.69 6.15 -19.86
N HIS B 1070 -41.62 5.06 -19.09
CA HIS B 1070 -42.47 3.91 -19.37
C HIS B 1070 -43.92 4.19 -18.97
N SER B 1071 -44.12 4.99 -17.93
CA SER B 1071 -45.47 5.23 -17.42
C SER B 1071 -46.26 6.24 -18.23
N ARG B 1072 -45.64 6.95 -19.18
CA ARG B 1072 -46.35 8.03 -19.84
C ARG B 1072 -46.99 7.56 -21.15
N PRO B 1073 -47.99 8.29 -21.65
CA PRO B 1073 -48.69 7.86 -22.87
C PRO B 1073 -47.76 7.80 -24.07
N ALA B 1074 -48.08 6.88 -24.98
CA ALA B 1074 -47.31 6.69 -26.21
C ALA B 1074 -47.50 7.82 -27.21
N LEU B 1075 -48.44 8.73 -26.98
CA LEU B 1075 -48.65 9.87 -27.84
C LEU B 1075 -47.79 11.05 -27.38
N ALA B 1076 -47.53 11.97 -28.29
CA ALA B 1076 -46.79 13.18 -27.96
C ALA B 1076 -47.70 14.39 -28.05
N PRO B 1077 -47.44 15.44 -27.27
CA PRO B 1077 -48.29 16.62 -27.33
C PRO B 1077 -48.20 17.27 -28.70
N PRO B 1078 -49.27 17.95 -29.13
CA PRO B 1078 -50.52 18.21 -28.43
C PRO B 1078 -51.53 17.06 -28.59
N PHE B 1079 -51.13 15.95 -29.20
CA PHE B 1079 -52.04 14.83 -29.39
C PHE B 1079 -52.30 14.05 -28.11
N ILE B 1080 -51.46 14.24 -27.08
CA ILE B 1080 -51.65 13.52 -25.83
C ILE B 1080 -53.03 13.73 -25.24
N VAL B 1081 -53.69 14.85 -25.57
CA VAL B 1081 -55.02 15.10 -25.05
C VAL B 1081 -55.94 13.93 -25.37
N ILE B 1082 -55.79 13.34 -26.56
CA ILE B 1082 -56.54 12.14 -26.91
C ILE B 1082 -56.41 11.10 -25.80
N SER B 1083 -55.18 10.67 -25.53
CA SER B 1083 -54.97 9.68 -24.49
C SER B 1083 -55.45 10.19 -23.15
N HIS B 1084 -55.29 11.49 -22.90
CA HIS B 1084 -55.75 12.04 -21.62
C HIS B 1084 -57.25 11.84 -21.48
N LEU B 1085 -58.01 12.06 -22.56
CA LEU B 1085 -59.44 11.82 -22.51
C LEU B 1085 -59.72 10.37 -22.14
N ARG B 1086 -58.94 9.44 -22.70
CA ARG B 1086 -59.11 8.05 -22.31
C ARG B 1086 -58.88 7.87 -20.82
N LEU B 1087 -57.80 8.47 -20.30
CA LEU B 1087 -57.51 8.36 -18.88
C LEU B 1087 -58.54 9.10 -18.05
N LEU B 1088 -59.35 9.95 -18.67
CA LEU B 1088 -60.42 10.63 -17.95
C LEU B 1088 -61.74 9.86 -18.08
N LEU B 1089 -61.84 8.97 -19.05
CA LEU B 1089 -63.06 8.16 -19.17
C LEU B 1089 -62.96 6.90 -18.33
N ARG B 1090 -61.77 6.32 -18.23
CA ARG B 1090 -61.55 5.11 -17.43
C ARG B 1090 -61.13 5.44 -16.02
N GLN B 1091 -61.93 6.27 -15.34
CA GLN B 1091 -61.70 6.61 -13.95
C GLN B 1091 -62.93 7.27 -13.33
N PHE B 1109 -41.42 -4.16 -16.46
CA PHE B 1109 -40.70 -3.92 -15.21
C PHE B 1109 -41.16 -4.87 -14.12
N ARG B 1110 -41.76 -5.98 -14.52
CA ARG B 1110 -42.16 -7.02 -13.58
C ARG B 1110 -42.20 -8.35 -14.31
N VAL B 1111 -42.05 -9.43 -13.54
CA VAL B 1111 -42.23 -10.78 -14.06
C VAL B 1111 -43.13 -11.53 -13.09
N TYR B 1112 -43.90 -12.47 -13.65
CA TYR B 1112 -44.78 -13.33 -12.85
C TYR B 1112 -44.37 -14.77 -13.09
N LEU B 1113 -43.93 -15.45 -12.03
CA LEU B 1113 -43.45 -16.81 -12.09
C LEU B 1113 -44.44 -17.74 -11.39
N SER B 1114 -44.65 -18.92 -11.98
CA SER B 1114 -45.42 -19.95 -11.30
C SER B 1114 -44.68 -20.43 -10.06
N LYS B 1115 -45.37 -21.21 -9.24
CA LYS B 1115 -44.77 -21.69 -8.00
C LYS B 1115 -43.55 -22.56 -8.26
N GLU B 1116 -43.62 -23.42 -9.28
CA GLU B 1116 -42.46 -24.25 -9.61
C GLU B 1116 -41.28 -23.40 -10.07
N ALA B 1117 -41.52 -22.46 -10.97
CA ALA B 1117 -40.44 -21.61 -11.48
C ALA B 1117 -39.86 -20.74 -10.36
N GLU B 1118 -40.72 -20.21 -9.50
CA GLU B 1118 -40.23 -19.41 -8.38
C GLU B 1118 -39.39 -20.25 -7.43
N ARG B 1119 -39.83 -21.47 -7.14
CA ARG B 1119 -39.05 -22.35 -6.27
C ARG B 1119 -37.69 -22.67 -6.88
N LYS B 1120 -37.67 -22.96 -8.19
CA LYS B 1120 -36.40 -23.23 -8.85
C LYS B 1120 -35.48 -22.03 -8.81
N LEU B 1121 -36.03 -20.83 -9.05
CA LEU B 1121 -35.22 -19.62 -9.02
C LEU B 1121 -34.66 -19.35 -7.64
N LEU B 1122 -35.46 -19.57 -6.60
CA LEU B 1122 -34.99 -19.35 -5.24
C LEU B 1122 -33.92 -20.37 -4.86
N THR B 1123 -34.06 -21.62 -5.29
CA THR B 1123 -33.03 -22.62 -5.06
C THR B 1123 -31.73 -22.26 -5.77
N TRP B 1124 -31.83 -21.77 -7.00
CA TRP B 1124 -30.65 -21.33 -7.75
C TRP B 1124 -29.96 -20.17 -7.03
N GLU B 1125 -30.74 -19.21 -6.55
CA GLU B 1125 -30.17 -18.09 -5.80
C GLU B 1125 -29.51 -18.56 -4.51
N SER B 1126 -30.13 -19.52 -3.81
CA SER B 1126 -29.54 -20.04 -2.58
C SER B 1126 -28.23 -20.77 -2.86
N VAL B 1127 -28.17 -21.50 -3.97
CA VAL B 1127 -26.92 -22.17 -4.35
C VAL B 1127 -25.82 -21.14 -4.58
N HIS B 1128 -26.15 -20.06 -5.28
CA HIS B 1128 -25.12 -19.05 -5.52
C HIS B 1128 -24.72 -18.34 -4.24
N LYS B 1129 -25.68 -18.10 -3.34
CA LYS B 1129 -25.35 -17.49 -2.06
C LYS B 1129 -24.42 -18.38 -1.24
N GLU B 1130 -24.69 -19.69 -1.21
CA GLU B 1130 -23.85 -20.59 -0.46
C GLU B 1130 -22.46 -20.69 -1.07
N ASN B 1131 -22.35 -20.67 -2.40
CA ASN B 1131 -21.04 -20.64 -3.03
C ASN B 1131 -20.28 -19.36 -2.69
N PHE B 1132 -20.97 -18.22 -2.71
CA PHE B 1132 -20.34 -16.94 -2.37
C PHE B 1132 -19.85 -16.92 -0.93
N LEU B 1133 -20.68 -17.42 0.00
CA LEU B 1133 -20.28 -17.49 1.39
C LEU B 1133 -19.11 -18.43 1.61
N LEU B 1134 -19.11 -19.59 0.94
CA LEU B 1134 -17.98 -20.51 1.05
C LEU B 1134 -16.70 -19.89 0.52
N ALA B 1135 -16.79 -19.19 -0.62
CA ALA B 1135 -15.62 -18.54 -1.17
C ALA B 1135 -15.08 -17.46 -0.23
N ARG B 1136 -15.97 -16.68 0.36
CA ARG B 1136 -15.55 -15.65 1.30
C ARG B 1136 -14.88 -16.26 2.53
N ALA B 1137 -15.46 -17.35 3.06
CA ALA B 1137 -14.86 -18.02 4.21
C ALA B 1137 -13.49 -18.57 3.87
N ARG B 1138 -13.35 -19.18 2.69
CA ARG B 1138 -12.05 -19.71 2.26
C ARG B 1138 -11.03 -18.58 2.12
N ASP B 1139 -11.44 -17.46 1.53
CA ASP B 1139 -10.53 -16.33 1.38
C ASP B 1139 -10.09 -15.79 2.73
N LYS B 1140 -11.01 -15.70 3.69
CA LYS B 1140 -10.64 -15.23 5.02
C LYS B 1140 -9.70 -16.21 5.71
N ARG B 1141 -9.97 -17.51 5.59
CA ARG B 1141 -9.16 -18.51 6.29
C ARG B 1141 -7.73 -18.54 5.76
N GLU B 1142 -7.54 -18.35 4.46
CA GLU B 1142 -6.23 -18.47 3.84
C GLU B 1142 -5.43 -17.18 3.85
N SER B 1143 -5.92 -16.13 4.50
CA SER B 1143 -5.17 -14.91 4.60
C SER B 1143 -4.01 -15.07 5.58
N ASP B 1144 -3.03 -14.17 5.48
CA ASP B 1144 -1.85 -14.27 6.32
C ASP B 1144 -2.16 -14.02 7.78
N SER B 1145 -3.14 -13.16 8.07
CA SER B 1145 -3.50 -12.88 9.46
C SER B 1145 -4.02 -14.15 10.15
N GLU B 1146 -4.93 -14.87 9.51
CA GLU B 1146 -5.48 -16.08 10.10
C GLU B 1146 -4.45 -17.20 10.14
N ARG B 1147 -3.59 -17.29 9.13
CA ARG B 1147 -2.51 -18.27 9.17
C ARG B 1147 -1.59 -18.01 10.35
N LEU B 1148 -1.22 -16.75 10.56
CA LEU B 1148 -0.36 -16.41 11.69
C LEU B 1148 -1.05 -16.70 13.02
N LYS B 1149 -2.35 -16.40 13.11
CA LYS B 1149 -3.10 -16.68 14.34
C LYS B 1149 -3.14 -18.17 14.64
N ARG B 1150 -3.41 -18.99 13.61
CA ARG B 1150 -3.43 -20.43 13.81
C ARG B 1150 -2.05 -20.97 14.17
N THR B 1151 -1.00 -20.41 13.55
CA THR B 1151 0.36 -20.81 13.90
C THR B 1151 0.68 -20.49 15.35
N SER B 1152 0.25 -19.31 15.81
CA SER B 1152 0.47 -18.94 17.21
C SER B 1152 -0.27 -19.90 18.15
N GLN B 1153 -1.52 -20.23 17.81
CA GLN B 1153 -2.27 -21.17 18.64
C GLN B 1153 -1.61 -22.54 18.68
N LYS B 1154 -1.13 -23.02 17.53
CA LYS B 1154 -0.50 -24.33 17.50
C LYS B 1154 0.86 -24.32 18.19
N VAL B 1155 1.56 -23.19 18.18
CA VAL B 1155 2.80 -23.08 18.94
C VAL B 1155 2.50 -23.09 20.44
N ASP B 1156 1.38 -22.47 20.85
CA ASP B 1156 0.95 -22.56 22.24
C ASP B 1156 0.66 -24.01 22.62
N LEU B 1157 -0.02 -24.74 21.74
CA LEU B 1157 -0.30 -26.15 22.00
C LEU B 1157 0.99 -26.95 22.10
N ALA B 1158 1.95 -26.66 21.22
CA ALA B 1158 3.25 -27.33 21.28
C ALA B 1158 3.98 -27.01 22.57
N LEU B 1159 3.89 -25.76 23.04
CA LEU B 1159 4.51 -25.41 24.31
C LEU B 1159 3.86 -26.17 25.45
N LYS B 1160 2.54 -26.32 25.43
CA LYS B 1160 1.86 -27.09 26.47
C LYS B 1160 2.33 -28.54 26.46
N GLN B 1161 2.42 -29.15 25.28
CA GLN B 1161 2.88 -30.54 25.21
C GLN B 1161 4.34 -30.67 25.64
N LEU B 1162 5.17 -29.69 25.27
CA LEU B 1162 6.57 -29.71 25.71
C LEU B 1162 6.68 -29.59 27.22
N GLY B 1163 5.84 -28.74 27.83
CA GLY B 1163 5.82 -28.66 29.28
C GLY B 1163 5.41 -29.98 29.92
N HIS B 1164 4.39 -30.63 29.35
CA HIS B 1164 3.97 -31.93 29.87
C HIS B 1164 5.11 -32.95 29.77
N ILE B 1165 5.84 -32.94 28.65
CA ILE B 1165 6.99 -33.84 28.52
C ILE B 1165 8.07 -33.49 29.54
N ARG B 1166 8.35 -32.20 29.72
CA ARG B 1166 9.41 -31.77 30.61
C ARG B 1166 9.10 -32.09 32.07
N GLU B 1167 7.82 -32.13 32.44
CA GLU B 1167 7.45 -32.43 33.82
C GLU B 1167 7.96 -33.80 34.25
N TYR B 1168 7.82 -34.80 33.38
CA TYR B 1168 8.30 -36.14 33.70
C TYR B 1168 9.58 -36.46 32.94
N GLN C 8 -38.95 -36.73 -11.40
CA GLN C 8 -39.84 -36.07 -12.34
C GLN C 8 -41.12 -36.87 -12.54
N SER C 9 -41.85 -36.56 -13.61
CA SER C 9 -43.13 -37.19 -13.89
C SER C 9 -42.99 -38.57 -14.52
N TRP C 10 -41.78 -38.97 -14.91
CA TRP C 10 -41.55 -40.27 -15.51
C TRP C 10 -41.15 -41.33 -14.48
N ILE C 11 -40.94 -40.95 -13.23
CA ILE C 11 -40.47 -41.90 -12.22
C ILE C 11 -41.45 -43.04 -11.99
N PRO C 12 -42.76 -42.80 -11.81
CA PRO C 12 -43.67 -43.94 -11.60
C PRO C 12 -43.73 -44.91 -12.78
N LYS C 13 -43.38 -44.46 -13.98
CA LYS C 13 -43.47 -45.31 -15.15
C LYS C 13 -42.39 -46.40 -15.13
N ILE C 14 -41.23 -46.11 -14.55
CA ILE C 14 -40.11 -47.03 -14.58
C ILE C 14 -39.76 -47.59 -13.19
N PHE C 15 -40.23 -46.96 -12.12
CA PHE C 15 -39.99 -47.45 -10.77
C PHE C 15 -41.30 -47.90 -10.15
N LYS C 16 -41.27 -49.04 -9.48
CA LYS C 16 -42.48 -49.68 -8.96
C LYS C 16 -42.44 -49.74 -7.43
N LYS C 17 -43.58 -50.10 -6.86
CA LYS C 17 -43.74 -50.35 -5.44
C LYS C 17 -44.51 -51.64 -5.27
N LYS C 18 -44.25 -52.34 -4.19
CA LYS C 18 -44.80 -53.66 -3.95
C LYS C 18 -45.90 -53.58 -2.89
N THR C 19 -47.08 -54.08 -3.24
CA THR C 19 -48.22 -54.12 -2.33
C THR C 19 -48.69 -55.57 -2.18
N CYS C 20 -48.91 -55.98 -0.94
CA CYS C 20 -49.26 -57.37 -0.65
C CYS C 20 -50.71 -57.64 -1.00
N THR C 21 -50.95 -58.80 -1.61
CA THR C 21 -52.29 -59.24 -1.97
C THR C 21 -52.70 -60.53 -1.28
N THR C 22 -51.87 -61.57 -1.33
CA THR C 22 -52.18 -62.83 -0.68
C THR C 22 -51.96 -62.71 0.82
N PHE C 23 -52.94 -63.17 1.60
CA PHE C 23 -52.91 -63.05 3.05
C PHE C 23 -52.50 -64.38 3.66
N ILE C 24 -51.44 -64.35 4.47
CA ILE C 24 -50.99 -65.51 5.23
C ILE C 24 -50.82 -65.08 6.68
N VAL C 25 -51.39 -65.87 7.60
CA VAL C 25 -51.37 -65.47 9.01
C VAL C 25 -49.98 -65.66 9.59
N ASP C 26 -49.71 -64.93 10.67
CA ASP C 26 -48.44 -65.01 11.37
C ASP C 26 -48.35 -66.30 12.17
N THR C 59 -47.94 -71.41 2.74
CA THR C 59 -47.92 -71.21 4.19
C THR C 59 -46.79 -70.26 4.58
N VAL C 60 -45.82 -70.08 3.68
CA VAL C 60 -44.70 -69.17 3.87
C VAL C 60 -44.89 -68.00 2.92
N TRP C 61 -44.81 -66.79 3.45
CA TRP C 61 -45.09 -65.58 2.68
C TRP C 61 -43.91 -65.28 1.78
N ASP C 62 -44.06 -65.56 0.48
CA ASP C 62 -43.02 -65.21 -0.48
C ASP C 62 -43.07 -63.73 -0.79
N SER C 63 -41.90 -63.09 -0.79
CA SER C 63 -41.84 -61.65 -1.07
C SER C 63 -42.11 -61.34 -2.53
N ASP C 64 -41.86 -62.27 -3.44
CA ASP C 64 -42.04 -62.03 -4.86
C ASP C 64 -43.33 -62.62 -5.42
N ALA C 65 -43.83 -63.71 -4.82
CA ALA C 65 -45.02 -64.38 -5.35
C ALA C 65 -46.32 -63.79 -4.81
N HIS C 66 -46.32 -63.37 -3.54
CA HIS C 66 -47.52 -62.88 -2.88
C HIS C 66 -47.62 -61.36 -2.90
N THR C 67 -47.02 -60.70 -3.88
CA THR C 67 -46.99 -59.25 -3.94
C THR C 67 -47.18 -58.79 -5.38
N THR C 68 -47.72 -57.59 -5.54
CA THR C 68 -47.95 -57.01 -6.85
C THR C 68 -47.24 -55.67 -6.96
N GLU C 69 -46.66 -55.41 -8.12
CA GLU C 69 -45.90 -54.19 -8.35
C GLU C 69 -46.74 -53.19 -9.14
N LYS C 70 -46.84 -51.98 -8.62
CA LYS C 70 -47.64 -50.90 -9.19
C LYS C 70 -46.75 -49.68 -9.35
N PRO C 71 -47.14 -48.73 -10.22
CA PRO C 71 -46.34 -47.51 -10.35
C PRO C 71 -46.14 -46.81 -9.02
N THR C 72 -44.92 -46.36 -8.74
CA THR C 72 -44.59 -45.86 -7.42
C THR C 72 -45.31 -44.55 -7.13
N ASP C 73 -45.62 -44.33 -5.85
CA ASP C 73 -46.32 -43.14 -5.41
C ASP C 73 -45.50 -42.26 -4.48
N ALA C 74 -44.36 -42.75 -3.99
CA ALA C 74 -43.50 -41.98 -3.09
C ALA C 74 -42.17 -41.75 -3.78
N TYR C 75 -41.93 -40.50 -4.18
CA TYR C 75 -40.67 -40.12 -4.81
C TYR C 75 -40.57 -38.61 -4.78
N GLY C 76 -39.35 -38.10 -4.88
CA GLY C 76 -39.16 -36.66 -4.96
C GLY C 76 -38.14 -36.11 -3.99
N GLU C 77 -38.46 -34.99 -3.35
CA GLU C 77 -37.56 -34.35 -2.42
C GLU C 77 -38.19 -34.24 -1.04
N LEU C 78 -37.33 -34.25 -0.03
CA LEU C 78 -37.70 -34.24 1.37
C LEU C 78 -37.29 -32.92 2.01
N ASP C 79 -38.24 -32.27 2.66
CA ASP C 79 -37.99 -31.16 3.55
C ASP C 79 -38.26 -31.65 4.97
N PHE C 80 -37.21 -31.79 5.76
CA PHE C 80 -37.37 -32.11 7.17
C PHE C 80 -37.99 -30.90 7.87
N THR C 81 -39.27 -31.01 8.20
CA THR C 81 -40.05 -29.86 8.65
C THR C 81 -39.46 -29.27 9.92
N GLY C 82 -39.33 -27.95 9.93
CA GLY C 82 -38.74 -27.24 11.06
C GLY C 82 -37.26 -26.96 10.91
N ALA C 83 -36.49 -27.98 10.57
CA ALA C 83 -35.06 -27.79 10.35
C ALA C 83 -34.82 -27.01 9.07
N GLY C 84 -34.01 -25.96 9.14
CA GLY C 84 -33.70 -25.15 7.98
C GLY C 84 -32.55 -25.72 7.18
N ARG C 85 -32.71 -26.94 6.69
CA ARG C 85 -31.67 -27.63 5.93
C ARG C 85 -32.11 -27.77 4.47
N LYS C 86 -31.18 -28.25 3.65
CA LYS C 86 -31.50 -28.52 2.26
C LYS C 86 -32.42 -29.73 2.13
N HIS C 87 -33.11 -29.81 1.01
CA HIS C 87 -34.01 -30.92 0.74
C HIS C 87 -33.22 -32.13 0.26
N SER C 88 -33.52 -33.30 0.82
CA SER C 88 -32.92 -34.53 0.35
C SER C 88 -33.69 -35.07 -0.84
N ASN C 89 -33.15 -36.09 -1.48
CA ASN C 89 -33.84 -36.77 -2.58
C ASN C 89 -34.19 -38.18 -2.13
N PHE C 90 -35.47 -38.52 -2.20
CA PHE C 90 -35.94 -39.82 -1.75
C PHE C 90 -36.69 -40.53 -2.86
N LEU C 91 -36.58 -41.85 -2.86
CA LEU C 91 -37.30 -42.67 -3.82
C LEU C 91 -37.72 -43.99 -3.18
N ARG C 92 -39.02 -44.24 -3.16
CA ARG C 92 -39.55 -45.55 -2.79
C ARG C 92 -39.51 -46.45 -4.02
N LEU C 93 -38.72 -47.51 -3.94
CA LEU C 93 -38.46 -48.37 -5.09
C LEU C 93 -38.65 -49.83 -4.69
N SER C 94 -39.06 -50.63 -5.67
CA SER C 94 -39.32 -52.04 -5.42
C SER C 94 -38.03 -52.78 -5.08
N ASP C 95 -38.18 -53.93 -4.41
CA ASP C 95 -37.03 -54.74 -4.06
C ASP C 95 -36.31 -55.24 -5.31
N ARG C 96 -37.06 -55.62 -6.34
CA ARG C 96 -36.49 -56.14 -7.57
C ARG C 96 -36.34 -55.03 -8.62
N THR C 97 -35.60 -54.00 -8.24
CA THR C 97 -35.31 -52.86 -9.12
C THR C 97 -33.86 -52.93 -9.56
N ASP C 98 -33.63 -52.89 -10.87
CA ASP C 98 -32.28 -53.01 -11.40
C ASP C 98 -31.45 -51.80 -10.99
N PRO C 99 -30.20 -52.00 -10.57
CA PRO C 99 -29.39 -50.87 -10.09
C PRO C 99 -29.08 -49.83 -11.16
N ALA C 100 -29.17 -50.19 -12.44
CA ALA C 100 -28.86 -49.23 -13.50
C ALA C 100 -29.83 -48.05 -13.48
N ALA C 101 -31.12 -48.32 -13.31
CA ALA C 101 -32.11 -47.26 -13.34
C ALA C 101 -31.93 -46.30 -12.16
N VAL C 102 -31.73 -46.82 -10.96
CA VAL C 102 -31.57 -45.95 -9.80
C VAL C 102 -30.26 -45.19 -9.87
N TYR C 103 -29.19 -45.83 -10.37
CA TYR C 103 -27.93 -45.12 -10.51
C TYR C 103 -28.03 -43.98 -11.52
N SER C 104 -28.72 -44.22 -12.65
CA SER C 104 -28.92 -43.17 -13.63
C SER C 104 -29.79 -42.05 -13.06
N LEU C 105 -30.78 -42.40 -12.25
CA LEU C 105 -31.59 -41.39 -11.59
C LEU C 105 -30.75 -40.52 -10.65
N VAL C 106 -29.86 -41.16 -9.89
CA VAL C 106 -29.04 -40.41 -8.94
C VAL C 106 -28.07 -39.50 -9.67
N THR C 107 -27.35 -40.03 -10.66
CA THR C 107 -26.28 -39.27 -11.30
C THR C 107 -26.83 -38.17 -12.21
N ARG C 108 -27.86 -38.48 -12.98
CA ARG C 108 -28.34 -37.54 -13.99
C ARG C 108 -29.51 -36.69 -13.50
N THR C 109 -30.59 -37.33 -13.04
CA THR C 109 -31.79 -36.60 -12.68
C THR C 109 -31.61 -35.81 -11.38
N TRP C 110 -31.00 -36.43 -10.37
CA TRP C 110 -30.80 -35.79 -9.08
C TRP C 110 -29.54 -34.95 -9.01
N GLY C 111 -28.71 -34.96 -10.05
CA GLY C 111 -27.53 -34.13 -10.07
C GLY C 111 -26.44 -34.48 -9.07
N PHE C 112 -26.17 -35.77 -8.88
CA PHE C 112 -25.07 -36.20 -8.03
C PHE C 112 -23.88 -36.58 -8.91
N ARG C 113 -22.70 -36.06 -8.58
CA ARG C 113 -21.50 -36.46 -9.28
C ARG C 113 -21.21 -37.93 -9.03
N ALA C 114 -20.69 -38.60 -10.05
CA ALA C 114 -20.33 -40.00 -9.89
C ALA C 114 -19.24 -40.13 -8.84
N PRO C 115 -19.34 -41.11 -7.94
CA PRO C 115 -18.35 -41.21 -6.87
C PRO C 115 -17.00 -41.69 -7.37
N ASN C 116 -15.94 -41.20 -6.74
CA ASN C 116 -14.60 -41.72 -6.95
C ASN C 116 -14.30 -42.90 -6.04
N LEU C 117 -15.18 -43.18 -5.08
CA LEU C 117 -15.06 -44.24 -4.10
C LEU C 117 -16.39 -44.36 -3.40
N VAL C 118 -16.75 -45.59 -3.01
CA VAL C 118 -17.97 -45.84 -2.25
C VAL C 118 -17.60 -46.65 -1.03
N VAL C 119 -17.87 -46.11 0.16
CA VAL C 119 -17.65 -46.83 1.41
C VAL C 119 -19.00 -47.21 1.98
N SER C 120 -19.25 -48.51 2.08
CA SER C 120 -20.50 -49.04 2.63
C SER C 120 -20.24 -49.44 4.08
N VAL C 121 -20.87 -48.74 5.01
CA VAL C 121 -20.66 -48.99 6.44
C VAL C 121 -21.72 -49.96 6.93
N LEU C 122 -21.26 -51.02 7.62
CA LEU C 122 -22.12 -52.10 8.08
C LEU C 122 -21.99 -52.27 9.58
N GLY C 123 -22.90 -53.06 10.13
CA GLY C 123 -22.80 -53.46 11.52
C GLY C 123 -23.47 -52.48 12.45
N GLY C 124 -22.75 -52.08 13.50
CA GLY C 124 -23.27 -51.16 14.48
C GLY C 124 -23.78 -51.86 15.73
N SER C 125 -23.01 -51.81 16.81
CA SER C 125 -23.43 -52.40 18.06
C SER C 125 -24.60 -51.63 18.66
N GLY C 126 -25.48 -52.36 19.33
CA GLY C 126 -26.61 -51.72 19.98
C GLY C 126 -26.16 -50.73 21.04
N GLY C 127 -26.87 -49.61 21.12
CA GLY C 127 -26.56 -48.59 22.08
C GLY C 127 -26.27 -47.25 21.44
N PRO C 128 -26.93 -46.19 21.93
CA PRO C 128 -26.70 -44.85 21.36
C PRO C 128 -25.28 -44.34 21.54
N VAL C 129 -24.50 -44.92 22.46
CA VAL C 129 -23.15 -44.46 22.76
C VAL C 129 -22.15 -45.41 22.10
N LEU C 130 -21.32 -44.87 21.22
CA LEU C 130 -20.20 -45.60 20.65
C LEU C 130 -18.93 -45.35 21.49
N GLN C 131 -17.95 -46.21 21.29
CA GLN C 131 -16.65 -45.98 21.89
C GLN C 131 -16.01 -44.73 21.30
N THR C 132 -15.33 -43.96 22.13
CA THR C 132 -14.81 -42.66 21.69
C THR C 132 -13.83 -42.81 20.55
N TRP C 133 -12.98 -43.85 20.60
CA TRP C 133 -12.04 -44.08 19.51
C TRP C 133 -12.78 -44.44 18.22
N LEU C 134 -13.86 -45.19 18.33
CA LEU C 134 -14.67 -45.50 17.15
C LEU C 134 -15.31 -44.26 16.56
N GLN C 135 -15.81 -43.36 17.39
CA GLN C 135 -16.37 -42.10 16.90
C GLN C 135 -15.29 -41.26 16.22
N ASP C 136 -14.09 -41.23 16.82
CA ASP C 136 -12.98 -40.51 16.20
C ASP C 136 -12.60 -41.12 14.87
N LEU C 137 -12.67 -42.45 14.76
CA LEU C 137 -12.40 -43.12 13.49
C LEU C 137 -13.46 -42.76 12.45
N LEU C 138 -14.73 -42.76 12.84
CA LEU C 138 -15.79 -42.42 11.90
C LEU C 138 -15.70 -40.97 11.43
N ARG C 139 -15.37 -40.05 12.33
CA ARG C 139 -15.32 -38.64 11.96
C ARG C 139 -14.00 -38.28 11.27
N ARG C 140 -12.88 -38.43 11.98
CA ARG C 140 -11.59 -38.05 11.45
C ARG C 140 -11.10 -38.98 10.34
N GLY C 141 -11.50 -40.23 10.35
CA GLY C 141 -11.01 -41.18 9.36
C GLY C 141 -11.93 -41.34 8.17
N LEU C 142 -13.20 -41.68 8.40
CA LEU C 142 -14.09 -42.03 7.31
C LEU C 142 -14.64 -40.80 6.60
N VAL C 143 -15.20 -39.86 7.36
CA VAL C 143 -15.86 -38.71 6.75
C VAL C 143 -14.82 -37.78 6.13
N ARG C 144 -13.68 -37.59 6.79
CA ARG C 144 -12.64 -36.73 6.24
C ARG C 144 -12.09 -37.30 4.93
N ALA C 145 -11.82 -38.61 4.91
CA ALA C 145 -11.35 -39.26 3.68
C ALA C 145 -12.40 -39.20 2.58
N ALA C 146 -13.67 -39.39 2.95
CA ALA C 146 -14.75 -39.31 1.96
C ALA C 146 -14.84 -37.91 1.36
N GLN C 147 -14.66 -36.88 2.17
CA GLN C 147 -14.68 -35.52 1.65
C GLN C 147 -13.47 -35.25 0.76
N SER C 148 -12.29 -35.74 1.16
CA SER C 148 -11.08 -35.46 0.39
C SER C 148 -11.08 -36.19 -0.94
N THR C 149 -11.55 -37.43 -0.97
CA THR C 149 -11.52 -38.23 -2.18
C THR C 149 -12.81 -38.14 -3.00
N GLY C 150 -13.79 -37.39 -2.53
CA GLY C 150 -15.06 -37.29 -3.24
C GLY C 150 -15.86 -38.58 -3.27
N ALA C 151 -15.95 -39.28 -2.14
CA ALA C 151 -16.58 -40.57 -2.05
C ALA C 151 -18.03 -40.45 -1.59
N TRP C 152 -18.76 -41.55 -1.75
CA TRP C 152 -20.12 -41.71 -1.24
C TRP C 152 -20.09 -42.62 -0.02
N ILE C 153 -20.67 -42.16 1.08
CA ILE C 153 -20.83 -42.99 2.27
C ILE C 153 -22.23 -43.59 2.22
N VAL C 154 -22.31 -44.92 2.10
CA VAL C 154 -23.57 -45.62 1.94
C VAL C 154 -23.81 -46.47 3.19
N THR C 155 -24.97 -46.28 3.81
CA THR C 155 -25.37 -47.09 4.94
C THR C 155 -26.88 -47.02 5.05
N GLY C 156 -27.43 -47.48 6.18
CA GLY C 156 -28.83 -47.26 6.44
C GLY C 156 -29.12 -45.79 6.67
N GLY C 157 -30.22 -45.31 6.12
CA GLY C 157 -30.57 -43.92 6.28
C GLY C 157 -31.37 -43.59 7.51
N LEU C 158 -31.67 -44.57 8.35
CA LEU C 158 -32.51 -44.35 9.51
C LEU C 158 -31.71 -43.78 10.66
N HIS C 159 -32.42 -43.09 11.57
CA HIS C 159 -31.81 -42.45 12.72
C HIS C 159 -31.65 -43.45 13.87
N THR C 160 -30.86 -44.49 13.61
CA THR C 160 -30.60 -45.52 14.62
C THR C 160 -29.38 -46.32 14.23
N GLY C 161 -28.63 -46.76 15.24
CA GLY C 161 -27.53 -47.67 15.00
C GLY C 161 -26.39 -47.03 14.25
N ILE C 162 -25.80 -47.81 13.33
CA ILE C 162 -24.63 -47.33 12.60
C ILE C 162 -25.00 -46.16 11.70
N GLY C 163 -26.25 -46.11 11.22
CA GLY C 163 -26.70 -44.95 10.48
C GLY C 163 -26.68 -43.69 11.33
N ARG C 164 -27.18 -43.79 12.56
CA ARG C 164 -27.14 -42.64 13.47
C ARG C 164 -25.70 -42.23 13.76
N HIS C 165 -24.82 -43.21 13.95
CA HIS C 165 -23.43 -42.88 14.27
C HIS C 165 -22.71 -42.24 13.10
N VAL C 166 -22.95 -42.72 11.88
CA VAL C 166 -22.34 -42.10 10.71
C VAL C 166 -22.91 -40.70 10.48
N GLY C 167 -24.21 -40.51 10.75
CA GLY C 167 -24.78 -39.18 10.67
C GLY C 167 -24.16 -38.23 11.69
N VAL C 168 -23.93 -38.71 12.91
CA VAL C 168 -23.26 -37.90 13.92
C VAL C 168 -21.85 -37.54 13.49
N ALA C 169 -21.14 -38.50 12.89
CA ALA C 169 -19.80 -38.22 12.38
C ALA C 169 -19.82 -37.15 11.29
N VAL C 170 -20.79 -37.25 10.36
CA VAL C 170 -20.91 -36.26 9.29
C VAL C 170 -21.22 -34.88 9.88
N ARG C 171 -22.15 -34.83 10.83
CA ARG C 171 -22.51 -33.57 11.46
C ARG C 171 -21.32 -32.94 12.17
N ASP C 172 -20.59 -33.74 12.95
CA ASP C 172 -19.45 -33.22 13.68
C ASP C 172 -18.34 -32.76 12.74
N HIS C 173 -18.13 -33.49 11.65
CA HIS C 173 -17.14 -33.06 10.66
C HIS C 173 -17.53 -31.74 10.03
N GLN C 174 -18.82 -31.58 9.70
CA GLN C 174 -19.26 -30.34 9.06
C GLN C 174 -19.25 -29.16 10.03
N MET C 175 -19.50 -29.40 11.32
CA MET C 175 -19.45 -28.31 12.29
C MET C 175 -18.06 -27.71 12.39
N ALA C 176 -17.05 -28.55 12.55
CA ALA C 176 -15.65 -28.12 12.52
C ALA C 176 -15.08 -28.40 11.13
N SER C 177 -15.52 -27.58 10.16
CA SER C 177 -15.16 -27.78 8.77
C SER C 177 -14.75 -26.46 8.14
N THR C 178 -13.93 -26.56 7.11
CA THR C 178 -13.54 -25.41 6.30
C THR C 178 -14.57 -25.22 5.19
N GLY C 179 -14.24 -24.36 4.22
CA GLY C 179 -15.12 -24.15 3.09
C GLY C 179 -14.97 -25.22 2.02
N GLY C 180 -15.09 -26.49 2.43
CA GLY C 180 -14.93 -27.61 1.53
C GLY C 180 -16.26 -28.17 1.07
N THR C 181 -16.18 -28.98 0.02
CA THR C 181 -17.38 -29.61 -0.53
C THR C 181 -18.00 -30.55 0.49
N LYS C 182 -19.33 -30.61 0.49
CA LYS C 182 -20.03 -31.42 1.48
C LYS C 182 -19.87 -32.90 1.20
N VAL C 183 -20.02 -33.70 2.24
CA VAL C 183 -19.95 -35.16 2.12
C VAL C 183 -21.29 -35.68 1.62
N VAL C 184 -21.25 -36.70 0.76
CA VAL C 184 -22.44 -37.26 0.15
C VAL C 184 -22.76 -38.58 0.85
N ALA C 185 -23.98 -38.67 1.39
CA ALA C 185 -24.44 -39.83 2.14
C ALA C 185 -25.70 -40.41 1.51
N MET C 186 -25.69 -41.73 1.37
CA MET C 186 -26.81 -42.48 0.83
C MET C 186 -27.35 -43.41 1.91
N GLY C 187 -28.67 -43.41 2.06
CA GLY C 187 -29.31 -44.30 2.99
C GLY C 187 -30.21 -45.29 2.27
N VAL C 188 -29.81 -46.56 2.26
CA VAL C 188 -30.60 -47.63 1.68
C VAL C 188 -31.37 -48.27 2.82
N ALA C 189 -32.64 -47.91 2.96
CA ALA C 189 -33.42 -48.30 4.12
C ALA C 189 -34.70 -49.01 3.68
N PRO C 190 -35.24 -49.89 4.52
CA PRO C 190 -36.48 -50.59 4.14
C PRO C 190 -37.67 -49.66 4.22
N TRP C 191 -38.57 -49.79 3.23
CA TRP C 191 -39.88 -49.17 3.33
C TRP C 191 -40.77 -50.09 4.15
N GLY C 192 -41.16 -49.65 5.34
CA GLY C 192 -41.90 -50.48 6.25
C GLY C 192 -41.45 -50.25 7.67
N VAL C 193 -40.21 -49.79 7.82
CA VAL C 193 -39.68 -49.35 9.10
C VAL C 193 -39.44 -47.86 9.13
N VAL C 194 -39.83 -47.15 8.08
CA VAL C 194 -39.68 -45.70 8.03
C VAL C 194 -40.88 -45.08 8.75
N ARG C 195 -40.59 -44.35 9.83
CA ARG C 195 -41.63 -43.73 10.65
C ARG C 195 -42.21 -42.52 9.93
N ASN C 196 -43.52 -42.35 10.03
CA ASN C 196 -44.23 -41.22 9.44
C ASN C 196 -43.98 -41.14 7.94
N ARG C 197 -43.91 -42.29 7.29
CA ARG C 197 -43.66 -42.33 5.86
C ARG C 197 -44.90 -42.05 5.02
N ASP C 198 -46.09 -42.08 5.63
CA ASP C 198 -47.32 -41.77 4.91
C ASP C 198 -47.32 -40.35 4.34
N THR C 199 -46.56 -39.44 4.96
CA THR C 199 -46.44 -38.09 4.43
C THR C 199 -45.65 -38.02 3.14
N LEU C 200 -44.98 -39.11 2.75
CA LEU C 200 -44.18 -39.13 1.54
C LEU C 200 -44.96 -39.58 0.32
N ILE C 201 -46.22 -40.00 0.48
CA ILE C 201 -46.99 -40.61 -0.59
C ILE C 201 -47.75 -39.53 -1.34
N ASN C 202 -47.40 -39.34 -2.60
CA ASN C 202 -48.08 -38.42 -3.52
C ASN C 202 -47.80 -38.86 -4.95
N PRO C 203 -48.75 -39.51 -5.62
CA PRO C 203 -48.47 -40.04 -6.97
C PRO C 203 -48.09 -38.99 -7.98
N LYS C 204 -48.51 -37.73 -7.79
CA LYS C 204 -48.14 -36.68 -8.72
C LYS C 204 -46.70 -36.21 -8.52
N GLY C 205 -46.06 -36.64 -7.44
CA GLY C 205 -44.70 -36.25 -7.14
C GLY C 205 -44.62 -35.37 -5.91
N SER C 206 -44.14 -35.95 -4.80
CA SER C 206 -44.04 -35.23 -3.54
C SER C 206 -42.70 -34.52 -3.47
N PHE C 207 -42.57 -33.47 -4.29
CA PHE C 207 -41.29 -32.80 -4.42
C PHE C 207 -40.99 -31.94 -3.19
N PRO C 208 -41.85 -31.02 -2.78
CA PRO C 208 -41.58 -30.46 -1.44
C PRO C 208 -42.26 -31.27 -0.35
N ALA C 209 -41.81 -32.51 -0.17
CA ALA C 209 -42.47 -33.41 0.76
C ALA C 209 -42.07 -33.09 2.20
N ARG C 210 -43.02 -32.62 2.99
CA ARG C 210 -42.75 -32.26 4.38
C ARG C 210 -42.74 -33.52 5.23
N TYR C 211 -41.61 -33.79 5.88
CA TYR C 211 -41.40 -35.04 6.61
C TYR C 211 -41.30 -34.76 8.10
N ARG C 212 -42.04 -35.53 8.91
CA ARG C 212 -42.01 -35.43 10.36
C ARG C 212 -40.95 -36.39 10.89
N TRP C 213 -39.82 -35.82 11.33
CA TRP C 213 -38.64 -36.60 11.67
C TRP C 213 -38.37 -36.65 13.17
N ARG C 214 -39.18 -35.99 13.99
CA ARG C 214 -38.95 -35.98 15.43
C ARG C 214 -40.26 -35.70 16.14
N GLY C 215 -40.27 -35.95 17.45
CA GLY C 215 -41.43 -35.72 18.27
C GLY C 215 -42.25 -36.94 18.61
N ASP C 216 -41.98 -38.08 17.97
CA ASP C 216 -42.70 -39.31 18.27
C ASP C 216 -41.98 -40.11 19.33
N PRO C 217 -42.71 -40.84 20.17
CA PRO C 217 -42.05 -41.70 21.17
C PRO C 217 -41.16 -42.73 20.49
N GLU C 218 -40.01 -43.00 21.10
CA GLU C 218 -39.05 -43.92 20.51
C GLU C 218 -39.59 -45.35 20.55
N ASP C 219 -39.52 -46.04 19.41
CA ASP C 219 -40.00 -47.40 19.29
C ASP C 219 -38.93 -48.23 18.60
N GLY C 220 -38.90 -49.52 18.93
CA GLY C 220 -37.94 -50.43 18.34
C GLY C 220 -38.33 -50.99 16.99
N VAL C 221 -39.44 -50.55 16.42
CA VAL C 221 -39.95 -51.05 15.15
C VAL C 221 -39.74 -50.03 14.03
N GLN C 222 -40.30 -48.85 14.17
CA GLN C 222 -40.18 -47.80 13.17
C GLN C 222 -39.20 -46.73 13.62
N PHE C 223 -38.40 -46.23 12.67
CA PHE C 223 -37.39 -45.23 12.92
C PHE C 223 -37.50 -44.13 11.88
N PRO C 224 -37.19 -42.89 12.26
CA PRO C 224 -37.24 -41.79 11.30
C PRO C 224 -36.04 -41.83 10.35
N LEU C 225 -36.07 -40.90 9.39
CA LEU C 225 -34.97 -40.75 8.46
C LEU C 225 -33.96 -39.75 9.02
N ASP C 226 -32.69 -40.14 9.01
CA ASP C 226 -31.61 -39.29 9.48
C ASP C 226 -31.34 -38.20 8.43
N TYR C 227 -31.43 -36.93 8.83
CA TYR C 227 -31.36 -35.86 7.84
C TYR C 227 -29.94 -35.56 7.39
N ASN C 228 -28.93 -36.20 7.99
CA ASN C 228 -27.56 -36.01 7.54
C ASN C 228 -27.26 -36.75 6.25
N TYR C 229 -28.26 -37.39 5.64
CA TYR C 229 -28.07 -38.18 4.44
C TYR C 229 -28.59 -37.43 3.23
N SER C 230 -27.77 -37.39 2.17
CA SER C 230 -28.12 -36.64 0.97
C SER C 230 -29.26 -37.30 0.22
N ALA C 231 -29.31 -38.63 0.19
CA ALA C 231 -30.36 -39.30 -0.57
C ALA C 231 -30.83 -40.55 0.18
N PHE C 232 -32.06 -40.95 -0.14
CA PHE C 232 -32.73 -42.08 0.52
C PHE C 232 -33.33 -42.99 -0.54
N PHE C 233 -32.99 -44.28 -0.47
CA PHE C 233 -33.60 -45.32 -1.28
C PHE C 233 -34.40 -46.22 -0.35
N LEU C 234 -35.72 -46.10 -0.41
CA LEU C 234 -36.62 -46.85 0.46
C LEU C 234 -37.04 -48.10 -0.31
N VAL C 235 -36.44 -49.23 0.04
CA VAL C 235 -36.64 -50.48 -0.67
C VAL C 235 -37.88 -51.16 -0.11
N ASP C 236 -38.95 -51.18 -0.88
CA ASP C 236 -40.23 -51.75 -0.48
C ASP C 236 -40.32 -53.17 -1.02
N ASP C 237 -40.20 -54.15 -0.12
CA ASP C 237 -40.40 -55.54 -0.48
C ASP C 237 -41.80 -56.04 -0.14
N GLY C 238 -42.68 -55.16 0.32
CA GLY C 238 -44.06 -55.49 0.60
C GLY C 238 -44.39 -55.67 2.06
N THR C 239 -43.38 -55.81 2.92
CA THR C 239 -43.62 -56.04 4.33
C THR C 239 -43.85 -54.73 5.07
N HIS C 240 -44.08 -54.86 6.38
CA HIS C 240 -44.28 -53.71 7.27
C HIS C 240 -43.68 -54.06 8.62
N GLY C 241 -42.68 -53.29 9.05
CA GLY C 241 -42.03 -53.51 10.32
C GLY C 241 -40.93 -54.55 10.32
N CYS C 242 -40.58 -55.07 9.15
CA CYS C 242 -39.55 -56.11 9.04
C CYS C 242 -38.24 -55.51 8.56
N LEU C 243 -37.15 -55.93 9.17
CA LEU C 243 -35.81 -55.47 8.82
C LEU C 243 -35.09 -56.52 7.99
N GLY C 244 -34.24 -56.06 7.07
CA GLY C 244 -33.43 -56.94 6.26
C GLY C 244 -33.93 -57.17 4.85
N GLY C 245 -35.04 -56.56 4.46
CA GLY C 245 -35.55 -56.72 3.12
C GLY C 245 -34.89 -55.86 2.08
N GLU C 246 -33.95 -55.01 2.48
CA GLU C 246 -33.27 -54.10 1.57
C GLU C 246 -31.82 -54.50 1.30
N ASN C 247 -31.32 -55.56 1.94
CA ASN C 247 -29.93 -55.94 1.80
C ASN C 247 -29.59 -56.36 0.37
N ARG C 248 -30.51 -57.09 -0.27
CA ARG C 248 -30.24 -57.59 -1.62
C ARG C 248 -30.08 -56.43 -2.60
N PHE C 249 -30.98 -55.45 -2.55
CA PHE C 249 -30.86 -54.31 -3.44
C PHE C 249 -29.60 -53.51 -3.14
N ARG C 250 -29.26 -53.37 -1.86
CA ARG C 250 -28.05 -52.63 -1.50
C ARG C 250 -26.81 -53.29 -2.07
N LEU C 251 -26.71 -54.62 -1.93
CA LEU C 251 -25.56 -55.34 -2.47
C LEU C 251 -25.52 -55.26 -3.99
N ARG C 252 -26.68 -55.38 -4.65
CA ARG C 252 -26.68 -55.27 -6.10
C ARG C 252 -26.27 -53.87 -6.56
N LEU C 253 -26.72 -52.83 -5.85
CA LEU C 253 -26.32 -51.47 -6.19
C LEU C 253 -24.82 -51.26 -6.01
N GLU C 254 -24.27 -51.78 -4.91
CA GLU C 254 -22.83 -51.67 -4.68
C GLU C 254 -22.06 -52.39 -5.78
N SER C 255 -22.49 -53.60 -6.15
CA SER C 255 -21.82 -54.34 -7.20
C SER C 255 -21.90 -53.61 -8.54
N TYR C 256 -23.06 -53.02 -8.86
CA TYR C 256 -23.19 -52.28 -10.11
C TYR C 256 -22.29 -51.06 -10.12
N ILE C 257 -22.20 -50.34 -8.99
CA ILE C 257 -21.32 -49.18 -8.93
C ILE C 257 -19.86 -49.61 -9.08
N SER C 258 -19.51 -50.79 -8.57
CA SER C 258 -18.15 -51.30 -8.71
C SER C 258 -17.73 -51.48 -10.16
N GLN C 259 -18.69 -51.59 -11.08
CA GLN C 259 -18.40 -51.84 -12.48
C GLN C 259 -18.42 -50.58 -13.34
N GLN C 260 -18.75 -49.43 -12.77
CA GLN C 260 -18.73 -48.19 -13.53
C GLN C 260 -17.32 -47.62 -13.57
N LYS C 261 -17.11 -46.65 -14.45
CA LYS C 261 -15.80 -46.08 -14.71
C LYS C 261 -15.72 -44.65 -14.20
N THR C 262 -14.57 -44.30 -13.62
CA THR C 262 -14.34 -42.95 -13.14
C THR C 262 -13.90 -42.04 -14.27
N GLY C 263 -13.98 -40.73 -14.01
CA GLY C 263 -13.50 -39.75 -14.95
C GLY C 263 -14.45 -39.51 -16.11
N VAL C 264 -14.01 -38.67 -17.03
CA VAL C 264 -14.82 -38.35 -18.21
C VAL C 264 -14.94 -39.60 -19.08
N GLY C 265 -16.17 -39.90 -19.51
CA GLY C 265 -16.39 -41.11 -20.27
C GLY C 265 -16.16 -42.35 -19.43
N GLY C 266 -15.97 -43.47 -20.13
CA GLY C 266 -15.66 -44.72 -19.48
C GLY C 266 -14.18 -45.05 -19.52
N THR C 267 -13.36 -44.00 -19.62
CA THR C 267 -11.92 -44.21 -19.81
C THR C 267 -11.22 -44.62 -18.53
N GLY C 268 -11.71 -44.20 -17.38
CA GLY C 268 -10.99 -44.38 -16.13
C GLY C 268 -11.01 -45.80 -15.59
N ILE C 269 -10.69 -45.93 -14.31
CA ILE C 269 -10.70 -47.23 -13.64
C ILE C 269 -12.10 -47.52 -13.12
N ASP C 270 -12.35 -48.78 -12.76
CA ASP C 270 -13.59 -49.12 -12.10
C ASP C 270 -13.68 -48.42 -10.75
N ILE C 271 -14.88 -47.94 -10.43
CA ILE C 271 -15.10 -47.22 -9.18
C ILE C 271 -14.82 -48.16 -8.02
N PRO C 272 -13.91 -47.82 -7.11
CA PRO C 272 -13.62 -48.71 -5.99
C PRO C 272 -14.73 -48.67 -4.95
N VAL C 273 -15.24 -49.84 -4.59
CA VAL C 273 -16.27 -49.97 -3.56
C VAL C 273 -15.71 -50.82 -2.43
N LEU C 274 -15.72 -50.26 -1.22
CA LEU C 274 -15.14 -50.87 -0.04
C LEU C 274 -16.21 -50.93 1.04
N LEU C 275 -16.25 -52.04 1.76
CA LEU C 275 -17.20 -52.24 2.86
C LEU C 275 -16.45 -52.11 4.18
N LEU C 276 -16.90 -51.20 5.03
CA LEU C 276 -16.32 -51.01 6.35
C LEU C 276 -17.23 -51.65 7.39
N LEU C 277 -16.68 -52.57 8.17
CA LEU C 277 -17.46 -53.36 9.12
C LEU C 277 -17.09 -52.98 10.54
N ILE C 278 -18.09 -52.57 11.32
CA ILE C 278 -17.94 -52.27 12.74
C ILE C 278 -18.95 -53.11 13.50
N ASP C 279 -18.48 -53.90 14.45
CA ASP C 279 -19.34 -54.78 15.25
C ASP C 279 -20.13 -55.68 14.30
N GLY C 280 -21.34 -56.08 14.67
CA GLY C 280 -22.19 -56.87 13.81
C GLY C 280 -22.73 -58.10 14.53
N ASP C 281 -23.37 -58.96 13.75
CA ASP C 281 -23.95 -60.20 14.25
C ASP C 281 -23.91 -61.24 13.13
N GLU C 282 -24.70 -62.30 13.27
CA GLU C 282 -24.70 -63.37 12.29
C GLU C 282 -25.16 -62.87 10.92
N LYS C 283 -26.18 -62.01 10.90
CA LYS C 283 -26.61 -61.41 9.65
C LYS C 283 -25.51 -60.58 9.03
N MET C 284 -24.67 -59.95 9.86
CA MET C 284 -23.52 -59.23 9.33
C MET C 284 -22.49 -60.19 8.74
N LEU C 285 -22.34 -61.38 9.32
CA LEU C 285 -21.50 -62.40 8.71
C LEU C 285 -22.04 -62.81 7.34
N THR C 286 -23.36 -62.94 7.22
CA THR C 286 -23.96 -63.23 5.92
C THR C 286 -23.71 -62.10 4.93
N ARG C 287 -23.82 -60.86 5.40
CA ARG C 287 -23.54 -59.71 4.53
C ARG C 287 -22.10 -59.75 4.03
N ILE C 288 -21.15 -60.04 4.93
CA ILE C 288 -19.75 -60.10 4.54
C ILE C 288 -19.52 -61.24 3.56
N GLU C 289 -20.15 -62.39 3.78
CA GLU C 289 -19.99 -63.51 2.85
C GLU C 289 -20.52 -63.17 1.47
N ASN C 290 -21.69 -62.52 1.41
CA ASN C 290 -22.25 -62.14 0.12
C ASN C 290 -21.37 -61.10 -0.58
N ALA C 291 -20.86 -60.11 0.16
CA ALA C 291 -20.00 -59.12 -0.44
C ALA C 291 -18.71 -59.73 -0.96
N THR C 292 -18.12 -60.64 -0.18
CA THR C 292 -16.91 -61.32 -0.61
C THR C 292 -17.17 -62.16 -1.87
N GLN C 293 -18.32 -62.85 -1.91
CA GLN C 293 -18.68 -63.60 -3.11
C GLN C 293 -18.92 -62.69 -4.29
N ALA C 294 -19.29 -61.43 -4.03
CA ALA C 294 -19.47 -60.43 -5.08
C ALA C 294 -18.19 -59.67 -5.40
N GLN C 295 -17.05 -60.12 -4.89
CA GLN C 295 -15.74 -59.51 -5.15
C GLN C 295 -15.72 -58.05 -4.69
N LEU C 296 -16.04 -57.86 -3.42
CA LEU C 296 -16.02 -56.54 -2.79
C LEU C 296 -15.10 -56.59 -1.58
N PRO C 297 -14.05 -55.78 -1.53
CA PRO C 297 -13.16 -55.79 -0.36
C PRO C 297 -13.89 -55.38 0.91
N CYS C 298 -13.50 -56.00 2.02
CA CYS C 298 -14.11 -55.74 3.32
C CYS C 298 -13.02 -55.35 4.31
N LEU C 299 -13.15 -54.18 4.90
CA LEU C 299 -12.23 -53.68 5.92
C LEU C 299 -12.90 -53.86 7.29
N LEU C 300 -12.30 -54.69 8.14
CA LEU C 300 -12.87 -55.04 9.42
C LEU C 300 -12.15 -54.26 10.52
N VAL C 301 -12.91 -53.53 11.33
CA VAL C 301 -12.33 -52.67 12.35
C VAL C 301 -12.01 -53.53 13.58
N ALA C 302 -10.72 -53.64 13.91
CA ALA C 302 -10.31 -54.39 15.07
C ALA C 302 -10.65 -53.64 16.34
N GLY C 303 -11.10 -54.37 17.36
CA GLY C 303 -11.51 -53.78 18.62
C GLY C 303 -12.98 -53.38 18.69
N SER C 304 -13.77 -53.72 17.67
CA SER C 304 -15.18 -53.35 17.68
C SER C 304 -16.01 -54.32 18.50
N GLY C 305 -16.05 -55.58 18.09
CA GLY C 305 -16.85 -56.56 18.83
C GLY C 305 -17.15 -57.77 17.95
N GLY C 306 -18.38 -58.27 18.10
CA GLY C 306 -18.76 -59.48 17.39
C GLY C 306 -18.79 -59.27 15.88
N ALA C 307 -18.45 -60.33 15.15
CA ALA C 307 -18.49 -60.39 13.70
C ALA C 307 -17.45 -59.50 13.03
N ALA C 308 -16.75 -58.70 13.84
CA ALA C 308 -15.64 -57.87 13.37
C ALA C 308 -14.32 -58.26 13.98
N ASP C 309 -14.26 -58.35 15.31
CA ASP C 309 -13.08 -58.92 15.96
C ASP C 309 -12.97 -60.41 15.69
N CYS C 310 -14.10 -61.09 15.51
CA CYS C 310 -14.06 -62.52 15.20
C CYS C 310 -13.36 -62.77 13.86
N LEU C 311 -13.80 -62.08 12.81
CA LEU C 311 -13.19 -62.27 11.50
C LEU C 311 -11.74 -61.77 11.48
N ALA C 312 -11.46 -60.67 12.18
CA ALA C 312 -10.10 -60.17 12.23
C ALA C 312 -9.16 -61.16 12.93
N GLU C 313 -9.62 -61.72 14.05
CA GLU C 313 -8.81 -62.70 14.77
C GLU C 313 -8.62 -63.97 13.94
N THR C 314 -9.67 -64.40 13.23
CA THR C 314 -9.52 -65.54 12.33
C THR C 314 -8.53 -65.26 11.22
N LEU C 315 -8.58 -64.06 10.64
CA LEU C 315 -7.67 -63.71 9.55
C LEU C 315 -6.22 -63.64 10.02
N GLU C 316 -5.98 -63.04 11.19
CA GLU C 316 -4.62 -62.97 11.71
C GLU C 316 -4.15 -64.29 12.29
N ASP C 317 -5.09 -65.20 12.60
CA ASP C 317 -4.70 -66.54 13.07
C ASP C 317 -4.25 -67.41 11.92
N THR C 318 -4.77 -67.16 10.72
CA THR C 318 -4.46 -67.93 9.51
C THR C 318 -4.61 -69.43 9.74
N ALA C 331 -10.71 -71.92 17.36
CA ALA C 331 -11.53 -72.01 16.17
C ALA C 331 -13.02 -71.92 16.52
N ARG C 332 -13.47 -72.79 17.42
CA ARG C 332 -14.86 -72.76 17.86
C ARG C 332 -15.04 -71.92 19.12
N ASP C 333 -13.99 -71.79 19.93
CA ASP C 333 -14.10 -70.99 21.15
C ASP C 333 -14.37 -69.52 20.84
N ARG C 334 -13.72 -68.99 19.79
CA ARG C 334 -13.97 -67.60 19.42
C ARG C 334 -15.40 -67.39 18.98
N ILE C 335 -15.95 -68.32 18.20
CA ILE C 335 -17.35 -68.20 17.78
C ILE C 335 -18.27 -68.31 18.99
N ARG C 336 -17.94 -69.19 19.94
CA ARG C 336 -18.77 -69.33 21.14
C ARG C 336 -18.76 -68.06 21.97
N ARG C 337 -17.59 -67.44 22.16
CA ARG C 337 -17.51 -66.26 23.02
C ARG C 337 -18.07 -65.01 22.33
N PHE C 338 -17.87 -64.89 21.01
CA PHE C 338 -18.42 -63.73 20.31
C PHE C 338 -19.91 -63.88 20.07
N PHE C 339 -20.39 -65.11 19.84
CA PHE C 339 -21.77 -65.39 19.48
C PHE C 339 -22.36 -66.43 20.41
N PRO C 340 -22.74 -66.05 21.64
CA PRO C 340 -23.48 -66.99 22.49
C PRO C 340 -24.87 -67.26 21.92
N LYS C 341 -25.39 -68.45 22.24
CA LYS C 341 -26.68 -68.92 21.73
C LYS C 341 -26.70 -68.91 20.20
N GLY C 342 -25.60 -69.37 19.60
CA GLY C 342 -25.51 -69.50 18.16
C GLY C 342 -25.01 -70.86 17.74
N ASP C 343 -25.74 -71.53 16.85
CA ASP C 343 -25.36 -72.87 16.43
C ASP C 343 -23.98 -72.84 15.77
N LEU C 344 -23.11 -73.76 16.22
CA LEU C 344 -21.70 -73.69 15.85
C LEU C 344 -21.42 -74.19 14.44
N GLU C 345 -22.17 -75.18 13.95
CA GLU C 345 -21.85 -75.79 12.67
C GLU C 345 -22.03 -74.80 11.51
N VAL C 346 -23.19 -74.15 11.45
CA VAL C 346 -23.48 -73.24 10.35
C VAL C 346 -22.56 -72.02 10.41
N LEU C 347 -22.35 -71.48 11.62
CA LEU C 347 -21.45 -70.34 11.76
C LEU C 347 -20.02 -70.70 11.38
N GLN C 348 -19.57 -71.90 11.77
CA GLN C 348 -18.23 -72.34 11.42
C GLN C 348 -18.07 -72.49 9.91
N ALA C 349 -19.06 -73.10 9.25
CA ALA C 349 -19.00 -73.24 7.81
C ALA C 349 -19.02 -71.87 7.12
N GLN C 350 -19.81 -70.94 7.65
CA GLN C 350 -19.85 -69.60 7.08
C GLN C 350 -18.50 -68.90 7.24
N VAL C 351 -17.85 -69.06 8.40
CA VAL C 351 -16.55 -68.45 8.61
C VAL C 351 -15.50 -69.09 7.69
N GLU C 352 -15.62 -70.40 7.45
CA GLU C 352 -14.72 -71.04 6.50
C GLU C 352 -14.91 -70.48 5.10
N ARG C 353 -16.17 -70.30 4.68
CA ARG C 353 -16.41 -69.70 3.37
C ARG C 353 -15.94 -68.24 3.32
N ILE C 354 -15.98 -67.54 4.45
CA ILE C 354 -15.41 -66.20 4.54
C ILE C 354 -13.91 -66.25 4.27
N MET C 355 -13.21 -67.14 4.97
CA MET C 355 -11.77 -67.23 4.87
C MET C 355 -11.31 -67.83 3.55
N THR C 356 -12.22 -68.45 2.79
CA THR C 356 -11.87 -68.96 1.47
C THR C 356 -11.27 -67.87 0.60
N ARG C 357 -11.97 -66.74 0.47
CA ARG C 357 -11.44 -65.58 -0.24
C ARG C 357 -10.92 -64.58 0.78
N LYS C 358 -9.74 -64.89 1.33
CA LYS C 358 -9.14 -64.07 2.37
C LYS C 358 -8.32 -62.92 1.82
N GLU C 359 -8.15 -62.82 0.50
CA GLU C 359 -7.48 -61.68 -0.08
C GLU C 359 -8.39 -60.46 -0.17
N LEU C 360 -9.69 -60.64 -0.01
CA LEU C 360 -10.63 -59.52 0.00
C LEU C 360 -10.87 -58.98 1.41
N LEU C 361 -10.23 -59.55 2.42
CA LEU C 361 -10.40 -59.08 3.78
C LEU C 361 -9.15 -58.34 4.26
N THR C 362 -9.37 -57.16 4.83
CA THR C 362 -8.30 -56.37 5.41
C THR C 362 -8.71 -55.99 6.83
N VAL C 363 -7.73 -55.77 7.69
CA VAL C 363 -7.97 -55.46 9.10
C VAL C 363 -7.48 -54.06 9.39
N TYR C 364 -8.35 -53.23 9.95
CA TYR C 364 -8.00 -51.89 10.41
C TYR C 364 -7.53 -52.03 11.86
N SER C 365 -6.24 -52.26 12.03
CA SER C 365 -5.69 -52.55 13.35
C SER C 365 -5.83 -51.35 14.29
N SER C 366 -5.88 -51.65 15.58
CA SER C 366 -6.01 -50.59 16.59
C SER C 366 -4.82 -49.65 16.58
N GLU C 367 -3.67 -50.11 16.07
CA GLU C 367 -2.50 -49.24 15.98
C GLU C 367 -2.71 -48.14 14.95
N ASP C 368 -3.42 -48.45 13.86
CA ASP C 368 -3.62 -47.48 12.79
C ASP C 368 -4.44 -46.29 13.29
N GLY C 369 -3.98 -45.08 12.95
CA GLY C 369 -4.72 -43.88 13.28
C GLY C 369 -5.70 -43.49 12.19
N SER C 370 -6.50 -42.46 12.50
CA SER C 370 -7.50 -42.00 11.54
C SER C 370 -6.84 -41.40 10.30
N GLU C 371 -5.74 -40.66 10.49
CA GLU C 371 -5.08 -40.01 9.36
C GLU C 371 -4.54 -40.99 8.33
N GLU C 372 -4.44 -42.27 8.70
CA GLU C 372 -3.98 -43.32 7.79
C GLU C 372 -5.13 -44.08 7.16
N PHE C 373 -6.33 -43.49 7.14
CA PHE C 373 -7.48 -44.19 6.57
C PHE C 373 -7.29 -44.47 5.08
N GLU C 374 -7.03 -43.41 4.30
CA GLU C 374 -6.98 -43.55 2.85
C GLU C 374 -5.94 -44.58 2.43
N THR C 375 -4.74 -44.49 3.00
CA THR C 375 -3.69 -45.44 2.66
C THR C 375 -4.17 -46.87 2.88
N ILE C 376 -4.84 -47.12 4.02
CA ILE C 376 -5.36 -48.45 4.28
C ILE C 376 -6.33 -48.86 3.18
N VAL C 377 -7.22 -47.95 2.80
CA VAL C 377 -8.13 -48.24 1.70
C VAL C 377 -7.35 -48.65 0.46
N LEU C 378 -6.28 -47.91 0.16
CA LEU C 378 -5.42 -48.28 -0.97
C LEU C 378 -4.93 -49.71 -0.83
N LYS C 379 -4.38 -50.06 0.33
CA LYS C 379 -3.84 -51.40 0.51
C LYS C 379 -4.94 -52.45 0.55
N ALA C 380 -6.20 -52.03 0.67
CA ALA C 380 -7.30 -52.97 0.57
C ALA C 380 -7.78 -53.11 -0.87
N LEU C 381 -7.58 -52.08 -1.69
CA LEU C 381 -8.08 -52.11 -3.06
C LEU C 381 -7.10 -52.81 -3.99
N VAL C 382 -5.83 -52.41 -3.96
CA VAL C 382 -4.84 -53.02 -4.86
C VAL C 382 -4.65 -54.49 -4.53
N LYS C 383 -4.70 -54.85 -3.25
CA LYS C 383 -4.65 -56.26 -2.88
C LYS C 383 -5.85 -57.01 -3.45
N ALA C 384 -7.00 -56.36 -3.57
CA ALA C 384 -8.14 -56.99 -4.24
C ALA C 384 -7.87 -57.15 -5.73
N CYS C 385 -7.11 -56.21 -6.32
CA CYS C 385 -6.81 -56.31 -7.74
C CYS C 385 -5.97 -57.55 -8.04
N GLY C 386 -4.99 -57.85 -7.19
CA GLY C 386 -4.16 -59.02 -7.36
C GLY C 386 -4.78 -60.27 -6.78
N TYR C 393 -8.60 -53.87 -13.42
CA TYR C 393 -7.23 -53.64 -12.97
C TYR C 393 -7.01 -52.17 -12.59
N LEU C 394 -6.27 -51.96 -11.50
CA LEU C 394 -5.91 -50.63 -11.06
C LEU C 394 -4.58 -50.69 -10.30
N ASP C 395 -3.92 -49.54 -10.23
CA ASP C 395 -2.72 -49.38 -9.42
C ASP C 395 -2.88 -48.12 -8.57
N GLU C 396 -1.90 -47.92 -7.68
CA GLU C 396 -1.99 -46.80 -6.74
C GLU C 396 -1.96 -45.45 -7.46
N LEU C 397 -1.23 -45.35 -8.57
CA LEU C 397 -1.17 -44.09 -9.29
C LEU C 397 -2.51 -43.74 -9.93
N ARG C 398 -3.17 -44.72 -10.55
CA ARG C 398 -4.46 -44.45 -11.17
C ARG C 398 -5.53 -44.16 -10.11
N LEU C 399 -5.45 -44.81 -8.95
CA LEU C 399 -6.35 -44.45 -7.85
C LEU C 399 -6.09 -43.05 -7.35
N ALA C 400 -4.82 -42.65 -7.24
CA ALA C 400 -4.47 -41.31 -6.81
C ALA C 400 -4.94 -40.26 -7.81
N VAL C 401 -4.99 -40.62 -9.10
CA VAL C 401 -5.50 -39.69 -10.10
C VAL C 401 -7.02 -39.66 -10.09
N ALA C 402 -7.66 -40.81 -9.84
CA ALA C 402 -9.12 -40.85 -9.76
C ALA C 402 -9.62 -39.94 -8.65
N TRP C 403 -8.99 -40.03 -7.48
CA TRP C 403 -9.14 -39.03 -6.45
C TRP C 403 -8.28 -37.83 -6.81
N ASN C 404 -8.37 -36.75 -6.04
CA ASN C 404 -7.57 -35.56 -6.33
C ASN C 404 -6.39 -35.45 -5.37
N ARG C 405 -5.77 -36.59 -5.06
CA ARG C 405 -4.72 -36.68 -4.05
C ARG C 405 -3.37 -36.74 -4.74
N VAL C 406 -2.73 -35.57 -4.88
CA VAL C 406 -1.39 -35.53 -5.47
C VAL C 406 -0.35 -35.98 -4.47
N ASP C 407 -0.62 -35.82 -3.18
CA ASP C 407 0.33 -36.27 -2.14
C ASP C 407 0.50 -37.78 -2.20
N ILE C 408 -0.59 -38.52 -2.41
CA ILE C 408 -0.50 -39.97 -2.52
C ILE C 408 0.32 -40.35 -3.74
N ALA C 409 0.11 -39.66 -4.86
CA ALA C 409 0.89 -39.94 -6.07
C ALA C 409 2.38 -39.67 -5.85
N GLN C 410 2.70 -38.56 -5.18
CA GLN C 410 4.09 -38.26 -4.89
C GLN C 410 4.72 -39.32 -4.00
N SER C 411 3.99 -39.75 -2.97
CA SER C 411 4.52 -40.78 -2.08
C SER C 411 4.74 -42.10 -2.83
N GLU C 412 3.79 -42.47 -3.69
CA GLU C 412 3.93 -43.70 -4.46
C GLU C 412 5.11 -43.63 -5.43
N LEU C 413 5.31 -42.48 -6.07
CA LEU C 413 6.42 -42.36 -7.01
C LEU C 413 7.75 -42.31 -6.29
N PHE C 414 7.79 -41.78 -5.07
CA PHE C 414 9.06 -41.62 -4.37
C PHE C 414 9.54 -42.92 -3.73
N ARG C 415 8.66 -43.91 -3.55
CA ARG C 415 9.08 -45.13 -2.88
C ARG C 415 9.88 -46.02 -3.82
N GLY C 416 10.97 -46.58 -3.31
CA GLY C 416 11.93 -47.28 -4.15
C GLY C 416 11.77 -48.79 -4.21
N ASP C 417 10.92 -49.35 -3.34
CA ASP C 417 10.70 -50.79 -3.37
C ASP C 417 10.01 -51.22 -4.65
N ILE C 418 9.06 -50.42 -5.13
CA ILE C 418 8.39 -50.66 -6.40
C ILE C 418 9.09 -49.87 -7.48
N GLN C 419 9.03 -50.38 -8.71
CA GLN C 419 9.60 -49.70 -9.87
C GLN C 419 8.49 -49.55 -10.90
N TRP C 420 7.92 -48.35 -10.97
CA TRP C 420 6.82 -48.09 -11.89
C TRP C 420 7.31 -48.15 -13.33
N ARG C 421 6.61 -48.90 -14.17
CA ARG C 421 6.99 -49.04 -15.56
C ARG C 421 6.34 -47.95 -16.41
N SER C 422 6.61 -47.98 -17.71
CA SER C 422 6.12 -46.93 -18.59
C SER C 422 4.61 -47.02 -18.79
N PHE C 423 4.03 -48.22 -18.77
CA PHE C 423 2.60 -48.36 -18.98
C PHE C 423 1.77 -47.94 -17.77
N HIS C 424 2.33 -48.02 -16.56
CA HIS C 424 1.66 -47.42 -15.41
C HIS C 424 1.62 -45.90 -15.54
N LEU C 425 2.76 -45.29 -15.85
CA LEU C 425 2.86 -43.84 -15.94
C LEU C 425 2.04 -43.29 -17.10
N GLU C 426 2.00 -43.98 -18.24
CA GLU C 426 1.21 -43.50 -19.35
C GLU C 426 -0.28 -43.56 -19.06
N ALA C 427 -0.73 -44.62 -18.39
CA ALA C 427 -2.14 -44.70 -18.00
C ALA C 427 -2.49 -43.59 -17.03
N SER C 428 -1.64 -43.37 -16.02
CA SER C 428 -1.90 -42.29 -15.07
C SER C 428 -1.88 -40.93 -15.75
N LEU C 429 -0.96 -40.72 -16.69
CA LEU C 429 -0.89 -39.45 -17.40
C LEU C 429 -2.12 -39.22 -18.27
N MET C 430 -2.60 -40.27 -18.94
CA MET C 430 -3.82 -40.13 -19.72
C MET C 430 -5.01 -39.81 -18.82
N ASP C 431 -5.10 -40.46 -17.66
CA ASP C 431 -6.17 -40.15 -16.72
C ASP C 431 -6.08 -38.70 -16.25
N ALA C 432 -4.87 -38.23 -15.96
CA ALA C 432 -4.68 -36.86 -15.48
C ALA C 432 -5.02 -35.85 -16.58
N LEU C 433 -4.65 -36.14 -17.82
CA LEU C 433 -4.96 -35.24 -18.93
C LEU C 433 -6.45 -35.19 -19.20
N LEU C 434 -7.12 -36.35 -19.21
CA LEU C 434 -8.55 -36.38 -19.47
C LEU C 434 -9.35 -35.68 -18.38
N ASN C 435 -8.92 -35.82 -17.13
CA ASN C 435 -9.66 -35.33 -15.98
C ASN C 435 -9.24 -33.93 -15.54
N ASP C 436 -8.36 -33.27 -16.29
CA ASP C 436 -7.92 -31.90 -16.01
C ASP C 436 -7.26 -31.80 -14.62
N ARG C 437 -6.11 -32.49 -14.51
CA ARG C 437 -5.30 -32.51 -13.29
C ARG C 437 -3.90 -32.04 -13.64
N PRO C 438 -3.69 -30.73 -13.77
CA PRO C 438 -2.36 -30.25 -14.21
C PRO C 438 -1.23 -30.62 -13.28
N GLU C 439 -1.48 -30.66 -11.97
CA GLU C 439 -0.44 -31.03 -11.02
C GLU C 439 0.02 -32.47 -11.24
N PHE C 440 -0.92 -33.37 -11.54
CA PHE C 440 -0.56 -34.75 -11.81
C PHE C 440 0.28 -34.87 -13.07
N VAL C 441 -0.07 -34.12 -14.13
CA VAL C 441 0.71 -34.23 -15.36
C VAL C 441 2.10 -33.65 -15.17
N ARG C 442 2.21 -32.55 -14.41
CA ARG C 442 3.52 -31.99 -14.10
C ARG C 442 4.36 -32.98 -13.29
N LEU C 443 3.74 -33.65 -12.32
CA LEU C 443 4.47 -34.62 -11.48
C LEU C 443 4.87 -35.86 -12.26
N LEU C 444 4.02 -36.32 -13.17
CA LEU C 444 4.32 -37.51 -13.95
C LEU C 444 5.33 -37.24 -15.06
N ILE C 445 5.38 -36.01 -15.59
CA ILE C 445 6.40 -35.69 -16.57
C ILE C 445 7.73 -35.37 -15.90
N SER C 446 7.70 -34.76 -14.70
CA SER C 446 8.94 -34.56 -13.96
C SER C 446 9.56 -35.91 -13.59
N HIS C 447 8.75 -36.86 -13.17
CA HIS C 447 9.16 -38.25 -13.13
C HIS C 447 9.42 -38.72 -14.56
N GLY C 448 10.34 -39.67 -14.72
CA GLY C 448 10.72 -40.07 -16.06
C GLY C 448 9.55 -40.61 -16.86
N LEU C 449 9.43 -40.13 -18.09
CA LEU C 449 8.39 -40.58 -19.01
C LEU C 449 8.70 -40.03 -20.40
N SER C 450 8.50 -40.85 -21.42
CA SER C 450 8.71 -40.44 -22.81
C SER C 450 7.40 -39.92 -23.37
N LEU C 451 7.35 -38.62 -23.66
CA LEU C 451 6.12 -38.02 -24.17
C LEU C 451 5.89 -38.35 -25.64
N GLY C 452 6.96 -38.51 -26.42
CA GLY C 452 6.80 -38.89 -27.82
C GLY C 452 6.17 -40.26 -27.99
N HIS C 453 6.57 -41.20 -27.14
CA HIS C 453 5.97 -42.53 -27.17
C HIS C 453 4.56 -42.53 -26.59
N PHE C 454 4.30 -41.68 -25.60
CA PHE C 454 2.98 -41.65 -24.97
C PHE C 454 1.90 -41.19 -25.94
N LEU C 455 2.10 -40.06 -26.59
CA LEU C 455 1.03 -39.42 -27.35
C LEU C 455 0.94 -40.07 -28.73
N THR C 456 0.01 -41.00 -28.86
CA THR C 456 -0.34 -41.65 -30.12
C THR C 456 -1.56 -40.94 -30.74
N PRO C 457 -1.78 -41.12 -32.05
CA PRO C 457 -2.96 -40.47 -32.65
C PRO C 457 -4.27 -40.88 -32.01
N MET C 458 -4.40 -42.14 -31.58
CA MET C 458 -5.59 -42.57 -30.86
C MET C 458 -5.73 -41.81 -29.54
N ARG C 459 -4.62 -41.64 -28.81
CA ARG C 459 -4.67 -40.89 -27.56
C ARG C 459 -5.05 -39.42 -27.79
N LEU C 460 -4.53 -38.82 -28.86
CA LEU C 460 -4.89 -37.43 -29.15
C LEU C 460 -6.36 -37.31 -29.54
N ALA C 461 -6.88 -38.30 -30.28
CA ALA C 461 -8.31 -38.32 -30.58
C ALA C 461 -9.13 -38.45 -29.30
N GLN C 462 -8.71 -39.30 -28.38
CA GLN C 462 -9.40 -39.42 -27.11
C GLN C 462 -9.34 -38.12 -26.32
N LEU C 463 -8.20 -37.44 -26.36
CA LEU C 463 -8.06 -36.16 -25.66
C LEU C 463 -9.02 -35.12 -26.23
N TYR C 464 -9.15 -35.06 -27.55
CA TYR C 464 -10.07 -34.10 -28.13
C TYR C 464 -11.53 -34.50 -27.93
N SER C 465 -11.80 -35.79 -27.79
CA SER C 465 -13.16 -36.26 -27.52
C SER C 465 -13.56 -36.11 -26.06
N ALA C 466 -12.72 -35.47 -25.24
CA ALA C 466 -13.02 -35.23 -23.84
C ALA C 466 -13.60 -33.85 -23.59
N ALA C 467 -13.86 -33.08 -24.63
CA ALA C 467 -14.45 -31.77 -24.48
C ALA C 467 -15.93 -31.88 -24.16
N PRO C 468 -16.46 -30.96 -23.37
CA PRO C 468 -17.90 -30.98 -23.08
C PRO C 468 -18.72 -30.80 -24.35
N SER C 469 -19.89 -31.44 -24.37
CA SER C 469 -20.76 -31.34 -25.53
C SER C 469 -21.27 -29.92 -25.74
N ASN C 470 -21.26 -29.10 -24.68
CA ASN C 470 -21.71 -27.72 -24.76
C ASN C 470 -20.58 -26.74 -25.06
N SER C 471 -19.35 -27.21 -25.23
CA SER C 471 -18.21 -26.33 -25.41
C SER C 471 -18.14 -25.81 -26.84
N LEU C 472 -17.42 -24.70 -27.00
CA LEU C 472 -17.21 -24.12 -28.32
C LEU C 472 -16.37 -25.04 -29.20
N ILE C 473 -15.36 -25.69 -28.61
CA ILE C 473 -14.50 -26.57 -29.38
C ILE C 473 -15.26 -27.77 -29.90
N ARG C 474 -16.21 -28.29 -29.12
CA ARG C 474 -17.04 -29.39 -29.61
C ARG C 474 -17.88 -28.95 -30.80
N ASN C 475 -18.44 -27.73 -30.73
CA ASN C 475 -19.21 -27.20 -31.85
C ASN C 475 -18.35 -27.07 -33.09
N LEU C 476 -17.13 -26.53 -32.93
CA LEU C 476 -16.24 -26.36 -34.08
C LEU C 476 -15.83 -27.70 -34.67
N LEU C 477 -15.56 -28.70 -33.81
CA LEU C 477 -15.19 -30.02 -34.31
C LEU C 477 -16.36 -30.67 -35.04
N ASP C 478 -17.58 -30.49 -34.55
CA ASP C 478 -18.74 -31.01 -35.25
C ASP C 478 -18.93 -30.33 -36.60
N GLN C 479 -18.70 -29.02 -36.66
CA GLN C 479 -18.80 -28.31 -37.93
C GLN C 479 -17.74 -28.79 -38.91
N ALA C 480 -16.52 -29.03 -38.44
CA ALA C 480 -15.44 -29.44 -39.33
C ALA C 480 -15.57 -30.88 -39.79
N SER C 481 -16.47 -31.66 -39.20
CA SER C 481 -16.64 -33.07 -39.54
C SER C 481 -17.77 -33.30 -40.54
N HIS C 482 -18.28 -32.24 -41.16
CA HIS C 482 -19.39 -32.37 -42.12
C HIS C 482 -19.05 -33.31 -43.26
N PRO C 500 -11.10 -39.68 -36.28
CA PRO C 500 -10.16 -38.67 -35.78
C PRO C 500 -10.70 -37.26 -35.87
N PRO C 501 -10.27 -36.39 -34.96
CA PRO C 501 -10.75 -35.00 -35.00
C PRO C 501 -10.20 -34.25 -36.21
N ASP C 502 -10.71 -33.03 -36.38
CA ASP C 502 -10.32 -32.18 -37.49
C ASP C 502 -9.72 -30.88 -36.96
N VAL C 503 -8.78 -31.01 -36.01
CA VAL C 503 -8.19 -29.84 -35.36
C VAL C 503 -7.52 -28.94 -36.38
N GLY C 504 -6.93 -29.50 -37.43
CA GLY C 504 -6.32 -28.67 -38.46
C GLY C 504 -7.33 -27.76 -39.15
N HIS C 505 -8.50 -28.31 -39.50
CA HIS C 505 -9.55 -27.50 -40.11
C HIS C 505 -10.05 -26.42 -39.15
N VAL C 506 -10.18 -26.76 -37.87
CA VAL C 506 -10.64 -25.77 -36.89
C VAL C 506 -9.63 -24.64 -36.78
N LEU C 507 -8.33 -24.96 -36.73
CA LEU C 507 -7.31 -23.93 -36.68
C LEU C 507 -7.31 -23.07 -37.94
N ARG C 508 -7.48 -23.71 -39.10
CA ARG C 508 -7.56 -22.96 -40.36
C ARG C 508 -8.73 -21.98 -40.34
N MET C 509 -9.90 -22.44 -39.89
CA MET C 509 -11.06 -21.56 -39.88
C MET C 509 -10.99 -20.51 -38.77
N LEU C 510 -10.17 -20.73 -37.74
CA LEU C 510 -10.06 -19.76 -36.65
C LEU C 510 -9.02 -18.69 -36.96
N LEU C 511 -7.79 -19.11 -37.24
CA LEU C 511 -6.68 -18.19 -37.45
C LEU C 511 -6.43 -17.88 -38.92
N GLY C 512 -7.38 -18.22 -39.79
CA GLY C 512 -7.12 -18.08 -41.22
C GLY C 512 -6.01 -19.03 -41.65
N LYS C 513 -5.23 -18.60 -42.64
CA LYS C 513 -4.09 -19.36 -43.08
C LYS C 513 -2.85 -18.49 -42.97
N MET C 514 -1.69 -19.15 -42.96
CA MET C 514 -0.38 -18.55 -42.69
C MET C 514 -0.27 -18.02 -41.26
N CYS C 515 -1.22 -18.39 -40.39
CA CYS C 515 -1.11 -18.19 -38.96
C CYS C 515 -1.59 -19.39 -38.16
N ALA C 516 -2.19 -20.38 -38.80
CA ALA C 516 -2.77 -21.54 -38.14
C ALA C 516 -1.83 -22.74 -38.23
N PRO C 517 -1.45 -23.32 -37.08
CA PRO C 517 -0.69 -24.57 -37.03
C PRO C 517 -1.43 -25.73 -37.71
N GLY C 555 7.20 -40.73 -31.64
CA GLY C 555 8.31 -39.96 -32.18
C GLY C 555 8.95 -39.03 -31.16
N GLN C 556 8.74 -37.73 -31.36
CA GLN C 556 9.31 -36.69 -30.51
C GLN C 556 8.22 -36.11 -29.61
N ALA C 557 8.65 -35.58 -28.46
CA ALA C 557 7.76 -34.97 -27.48
C ALA C 557 6.91 -33.88 -28.14
N PRO C 558 5.61 -34.11 -28.28
CA PRO C 558 4.73 -33.15 -28.96
C PRO C 558 4.12 -32.12 -28.00
N TRP C 559 4.97 -31.20 -27.54
CA TRP C 559 4.49 -30.15 -26.65
C TRP C 559 3.59 -29.16 -27.37
N SER C 560 3.81 -28.95 -28.66
CA SER C 560 2.95 -28.04 -29.43
C SER C 560 1.56 -28.61 -29.60
N ASP C 561 1.45 -29.92 -29.85
CA ASP C 561 0.13 -30.54 -29.96
C ASP C 561 -0.64 -30.45 -28.67
N LEU C 562 0.02 -30.72 -27.54
CA LEU C 562 -0.64 -30.62 -26.24
C LEU C 562 -1.00 -29.18 -25.91
N LEU C 563 -0.14 -28.23 -26.28
CA LEU C 563 -0.47 -26.82 -26.05
C LEU C 563 -1.69 -26.41 -26.87
N LEU C 564 -1.77 -26.82 -28.13
CA LEU C 564 -2.94 -26.51 -28.94
C LEU C 564 -4.19 -27.15 -28.36
N TRP C 565 -4.09 -28.41 -27.92
CA TRP C 565 -5.23 -29.07 -27.31
C TRP C 565 -5.71 -28.34 -26.06
N ALA C 566 -4.77 -27.92 -25.20
CA ALA C 566 -5.14 -27.24 -23.98
C ALA C 566 -5.68 -25.83 -24.24
N LEU C 567 -5.23 -25.20 -25.33
CA LEU C 567 -5.75 -23.88 -25.67
C LEU C 567 -7.16 -23.97 -26.24
N LEU C 568 -7.41 -24.98 -27.10
CA LEU C 568 -8.73 -25.14 -27.68
C LEU C 568 -9.77 -25.47 -26.62
N LEU C 569 -9.43 -26.32 -25.66
CA LEU C 569 -10.34 -26.68 -24.59
C LEU C 569 -10.33 -25.70 -23.42
N ASN C 570 -9.49 -24.66 -23.49
CA ASN C 570 -9.47 -23.59 -22.50
C ASN C 570 -9.12 -24.11 -21.11
N ARG C 571 -8.01 -24.85 -21.03
CA ARG C 571 -7.48 -25.35 -19.77
C ARG C 571 -6.22 -24.56 -19.44
N ALA C 572 -6.36 -23.59 -18.54
CA ALA C 572 -5.33 -22.57 -18.36
C ALA C 572 -4.03 -23.15 -17.81
N GLN C 573 -4.11 -23.93 -16.74
CA GLN C 573 -2.90 -24.41 -16.08
C GLN C 573 -2.13 -25.38 -16.96
N MET C 574 -2.83 -26.30 -17.62
CA MET C 574 -2.15 -27.24 -18.50
C MET C 574 -1.58 -26.54 -19.73
N ALA C 575 -2.30 -25.54 -20.25
CA ALA C 575 -1.76 -24.77 -21.36
C ALA C 575 -0.48 -24.05 -20.96
N MET C 576 -0.47 -23.45 -19.77
CA MET C 576 0.74 -22.79 -19.29
C MET C 576 1.89 -23.76 -19.11
N TYR C 577 1.60 -24.95 -18.58
CA TYR C 577 2.64 -25.96 -18.42
C TYR C 577 3.21 -26.39 -19.77
N PHE C 578 2.34 -26.66 -20.74
CA PHE C 578 2.80 -27.08 -22.07
C PHE C 578 3.55 -25.97 -22.78
N TRP C 579 3.23 -24.71 -22.49
CA TRP C 579 4.02 -23.61 -23.01
C TRP C 579 5.41 -23.58 -22.35
N GLU C 580 5.46 -23.77 -21.04
CA GLU C 580 6.74 -23.78 -20.33
C GLU C 580 7.62 -24.95 -20.75
N MET C 581 7.04 -26.02 -21.28
CA MET C 581 7.84 -27.16 -21.73
C MET C 581 8.16 -27.12 -23.23
N GLY C 582 7.61 -26.16 -23.96
CA GLY C 582 7.80 -26.08 -25.39
C GLY C 582 9.11 -25.40 -25.78
N SER C 583 9.22 -25.08 -27.07
CA SER C 583 10.46 -24.54 -27.63
C SER C 583 10.32 -23.13 -28.17
N ASN C 584 9.39 -22.87 -29.06
CA ASN C 584 9.23 -21.54 -29.68
C ASN C 584 8.38 -20.69 -28.76
N ALA C 585 8.99 -20.27 -27.65
CA ALA C 585 8.21 -19.77 -26.53
C ALA C 585 7.55 -18.42 -26.82
N VAL C 586 8.30 -17.46 -27.37
CA VAL C 586 7.73 -16.14 -27.60
C VAL C 586 6.64 -16.19 -28.67
N SER C 587 6.93 -16.87 -29.78
CA SER C 587 5.93 -16.99 -30.84
C SER C 587 4.74 -17.82 -30.40
N SER C 588 4.96 -18.85 -29.58
CA SER C 588 3.84 -19.65 -29.09
C SER C 588 2.99 -18.88 -28.10
N ALA C 589 3.60 -18.01 -27.28
CA ALA C 589 2.82 -17.16 -26.40
C ALA C 589 1.97 -16.18 -27.20
N LEU C 590 2.55 -15.56 -28.22
CA LEU C 590 1.77 -14.65 -29.06
C LEU C 590 0.67 -15.40 -29.82
N GLY C 591 0.96 -16.59 -30.32
CA GLY C 591 -0.05 -17.37 -31.02
C GLY C 591 -1.16 -17.85 -30.10
N ALA C 592 -0.81 -18.22 -28.87
CA ALA C 592 -1.81 -18.59 -27.88
C ALA C 592 -2.71 -17.39 -27.56
N CYS C 593 -2.10 -16.22 -27.39
CA CYS C 593 -2.88 -15.01 -27.15
C CYS C 593 -3.84 -14.75 -28.32
N LEU C 594 -3.34 -14.87 -29.54
CA LEU C 594 -4.17 -14.64 -30.73
C LEU C 594 -5.32 -15.63 -30.79
N LEU C 595 -5.03 -16.91 -30.60
CA LEU C 595 -6.07 -17.94 -30.69
C LEU C 595 -7.12 -17.76 -29.61
N LEU C 596 -6.69 -17.44 -28.38
CA LEU C 596 -7.66 -17.25 -27.30
C LEU C 596 -8.52 -16.02 -27.56
N ARG C 597 -7.94 -14.93 -28.06
CA ARG C 597 -8.73 -13.74 -28.36
C ARG C 597 -9.70 -14.00 -29.50
N VAL C 598 -9.29 -14.80 -30.49
CA VAL C 598 -10.19 -15.14 -31.59
C VAL C 598 -11.34 -16.00 -31.08
N MET C 599 -11.05 -16.99 -30.24
CA MET C 599 -12.10 -17.89 -29.78
C MET C 599 -13.01 -17.23 -28.76
N ALA C 600 -12.53 -16.19 -28.06
CA ALA C 600 -13.37 -15.50 -27.10
C ALA C 600 -14.52 -14.73 -27.76
N ARG C 601 -14.39 -14.43 -29.05
CA ARG C 601 -15.48 -13.79 -29.77
C ARG C 601 -16.58 -14.79 -30.11
N LEU C 602 -16.22 -16.03 -30.38
CA LEU C 602 -17.18 -17.07 -30.73
C LEU C 602 -17.76 -17.76 -29.50
N GLU C 603 -17.61 -17.18 -28.32
CA GLU C 603 -18.10 -17.82 -27.10
C GLU C 603 -19.53 -17.40 -26.83
N PRO C 604 -20.49 -18.34 -26.81
CA PRO C 604 -21.87 -17.98 -26.43
C PRO C 604 -21.97 -17.44 -25.02
N ASP C 605 -21.10 -17.89 -24.11
CA ASP C 605 -21.13 -17.48 -22.72
C ASP C 605 -20.16 -16.34 -22.49
N ALA C 606 -20.62 -15.27 -21.83
CA ALA C 606 -19.76 -14.13 -21.55
C ALA C 606 -18.65 -14.49 -20.56
N GLU C 607 -18.94 -15.38 -19.61
CA GLU C 607 -17.92 -15.76 -18.64
C GLU C 607 -16.84 -16.63 -19.26
N GLU C 608 -17.19 -17.51 -20.20
CA GLU C 608 -16.17 -18.26 -20.92
C GLU C 608 -15.31 -17.36 -21.78
N ALA C 609 -15.89 -16.35 -22.42
CA ALA C 609 -15.10 -15.36 -23.14
C ALA C 609 -14.19 -14.59 -22.20
N ALA C 610 -14.67 -14.24 -21.00
CA ALA C 610 -13.83 -13.57 -20.03
C ALA C 610 -12.66 -14.46 -19.60
N ARG C 611 -12.92 -15.75 -19.42
CA ARG C 611 -11.85 -16.68 -19.08
C ARG C 611 -10.82 -16.77 -20.19
N ARG C 612 -11.27 -16.84 -21.44
CA ARG C 612 -10.34 -16.89 -22.56
C ARG C 612 -9.53 -15.61 -22.67
N LYS C 613 -10.16 -14.45 -22.43
CA LYS C 613 -9.43 -13.19 -22.48
C LYS C 613 -8.43 -13.07 -21.33
N ASP C 614 -8.79 -13.60 -20.16
CA ASP C 614 -7.84 -13.62 -19.05
C ASP C 614 -6.62 -14.49 -19.38
N LEU C 615 -6.86 -15.67 -19.96
CA LEU C 615 -5.75 -16.53 -20.34
C LEU C 615 -4.90 -15.88 -21.42
N ALA C 616 -5.54 -15.18 -22.37
CA ALA C 616 -4.80 -14.48 -23.41
C ALA C 616 -3.93 -13.36 -22.82
N PHE C 617 -4.46 -12.64 -21.84
CA PHE C 617 -3.65 -11.62 -21.17
C PHE C 617 -2.46 -12.25 -20.44
N LYS C 618 -2.68 -13.39 -19.79
CA LYS C 618 -1.58 -14.08 -19.13
C LYS C 618 -0.50 -14.50 -20.13
N PHE C 619 -0.91 -15.05 -21.28
CA PHE C 619 0.05 -15.47 -22.28
C PHE C 619 0.80 -14.28 -22.88
N GLU C 620 0.09 -13.17 -23.11
CA GLU C 620 0.76 -11.97 -23.60
C GLU C 620 1.79 -11.47 -22.59
N GLY C 621 1.45 -11.52 -21.29
CA GLY C 621 2.42 -11.14 -20.28
C GLY C 621 3.62 -12.04 -20.24
N MET C 622 3.40 -13.35 -20.41
CA MET C 622 4.52 -14.30 -20.47
C MET C 622 5.43 -13.98 -21.64
N GLY C 623 4.85 -13.71 -22.80
CA GLY C 623 5.66 -13.32 -23.96
C GLY C 623 6.43 -12.04 -23.72
N VAL C 624 5.79 -11.05 -23.11
CA VAL C 624 6.46 -9.78 -22.82
C VAL C 624 7.64 -9.99 -21.88
N ASP C 625 7.43 -10.79 -20.82
CA ASP C 625 8.50 -11.04 -19.86
C ASP C 625 9.66 -11.78 -20.51
N LEU C 626 9.37 -12.81 -21.31
CA LEU C 626 10.43 -13.57 -21.94
C LEU C 626 11.20 -12.74 -22.96
N PHE C 627 10.49 -11.94 -23.76
CA PHE C 627 11.21 -11.10 -24.72
C PHE C 627 12.03 -10.02 -24.01
N GLY C 628 11.54 -9.51 -22.88
CA GLY C 628 12.36 -8.59 -22.11
C GLY C 628 13.63 -9.24 -21.61
N GLU C 629 13.53 -10.45 -21.09
CA GLU C 629 14.71 -11.19 -20.67
C GLU C 629 15.70 -11.36 -21.83
N CYS C 630 15.18 -11.83 -22.97
CA CYS C 630 16.05 -12.09 -24.12
C CYS C 630 16.69 -10.81 -24.63
N TYR C 631 15.94 -9.71 -24.66
CA TYR C 631 16.47 -8.45 -25.18
C TYR C 631 17.49 -7.85 -24.23
N ARG C 632 17.30 -8.00 -22.91
CA ARG C 632 18.33 -7.60 -21.97
C ARG C 632 19.59 -8.43 -22.17
N SER C 633 19.43 -9.72 -22.52
CA SER C 633 20.60 -10.54 -22.81
C SER C 633 21.32 -10.09 -24.07
N SER C 634 20.59 -9.94 -25.17
CA SER C 634 21.20 -9.63 -26.45
C SER C 634 20.16 -9.01 -27.36
N GLU C 635 20.48 -7.85 -27.93
CA GLU C 635 19.55 -7.15 -28.81
C GLU C 635 19.49 -7.77 -30.20
N VAL C 636 20.63 -8.22 -30.73
CA VAL C 636 20.66 -8.75 -32.09
C VAL C 636 19.91 -10.07 -32.16
N ARG C 637 20.17 -10.97 -31.20
CA ARG C 637 19.46 -12.24 -31.19
C ARG C 637 17.98 -12.07 -30.87
N ALA C 638 17.65 -11.11 -30.01
CA ALA C 638 16.25 -10.82 -29.75
C ALA C 638 15.55 -10.31 -31.00
N ALA C 639 16.22 -9.46 -31.78
CA ALA C 639 15.64 -8.98 -33.04
C ALA C 639 15.46 -10.12 -34.03
N ARG C 640 16.43 -11.03 -34.10
CA ARG C 640 16.29 -12.19 -34.98
C ARG C 640 15.13 -13.07 -34.56
N LEU C 641 14.96 -13.25 -33.25
CA LEU C 641 13.84 -14.02 -32.73
C LEU C 641 12.52 -13.35 -33.06
N LEU C 642 12.48 -12.02 -32.99
CA LEU C 642 11.26 -11.28 -33.26
C LEU C 642 10.91 -11.30 -34.75
N LEU C 643 11.91 -11.31 -35.62
CA LEU C 643 11.69 -11.19 -37.05
C LEU C 643 11.71 -12.51 -37.80
N ARG C 644 11.98 -13.62 -37.12
CA ARG C 644 11.97 -14.91 -37.79
C ARG C 644 10.55 -15.42 -37.99
N ARG C 645 10.40 -16.34 -38.93
CA ARG C 645 9.11 -16.96 -39.22
C ARG C 645 9.00 -18.28 -38.46
N CYS C 646 7.91 -18.43 -37.70
CA CYS C 646 7.70 -19.64 -36.93
C CYS C 646 6.87 -20.61 -37.75
N PRO C 647 7.41 -21.76 -38.16
CA PRO C 647 6.60 -22.72 -38.93
C PRO C 647 5.43 -23.27 -38.16
N LEU C 648 5.47 -23.20 -36.83
CA LEU C 648 4.35 -23.66 -36.02
C LEU C 648 3.13 -22.77 -36.20
N TRP C 649 3.33 -21.49 -36.49
CA TRP C 649 2.23 -20.53 -36.64
C TRP C 649 2.16 -20.00 -38.06
N GLY C 650 2.30 -20.89 -39.04
CA GLY C 650 2.14 -20.52 -40.43
C GLY C 650 3.19 -19.58 -40.98
N ASP C 651 4.43 -19.74 -40.56
CA ASP C 651 5.54 -18.89 -41.00
C ASP C 651 5.28 -17.41 -40.73
N ALA C 652 4.55 -17.11 -39.65
CA ALA C 652 4.27 -15.75 -39.25
C ALA C 652 5.32 -15.28 -38.26
N THR C 653 5.71 -14.01 -38.39
CA THR C 653 6.66 -13.45 -37.44
C THR C 653 5.95 -13.04 -36.15
N CYS C 654 6.75 -12.75 -35.13
CA CYS C 654 6.18 -12.33 -33.86
C CYS C 654 5.43 -11.01 -33.98
N LEU C 655 5.93 -10.09 -34.82
CA LEU C 655 5.23 -8.82 -35.04
C LEU C 655 3.88 -9.04 -35.70
N GLN C 656 3.80 -9.95 -36.67
CA GLN C 656 2.52 -10.26 -37.30
C GLN C 656 1.55 -10.86 -36.29
N LEU C 657 2.02 -11.79 -35.46
CA LEU C 657 1.15 -12.40 -34.46
C LEU C 657 0.67 -11.36 -33.46
N ALA C 658 1.55 -10.46 -33.03
CA ALA C 658 1.14 -9.42 -32.10
C ALA C 658 0.15 -8.44 -32.73
N MET C 659 0.33 -8.11 -34.01
CA MET C 659 -0.61 -7.23 -34.67
C MET C 659 -1.98 -7.89 -34.82
N GLN C 660 -2.00 -9.17 -35.21
CA GLN C 660 -3.27 -9.87 -35.32
C GLN C 660 -3.96 -10.02 -33.97
N ALA C 661 -3.19 -10.27 -32.91
CA ALA C 661 -3.74 -10.44 -31.57
C ALA C 661 -4.04 -9.12 -30.88
N ASP C 662 -3.70 -7.99 -31.49
CA ASP C 662 -3.86 -6.68 -30.87
C ASP C 662 -3.15 -6.61 -29.52
N ALA C 663 -1.96 -7.20 -29.46
CA ALA C 663 -1.19 -7.29 -28.22
C ALA C 663 -0.42 -6.00 -28.03
N ARG C 664 -1.10 -5.00 -27.45
CA ARG C 664 -0.51 -3.69 -27.28
C ARG C 664 0.61 -3.69 -26.25
N ALA C 665 0.51 -4.54 -25.23
CA ALA C 665 1.57 -4.62 -24.24
C ALA C 665 2.87 -5.16 -24.83
N PHE C 666 2.76 -6.03 -25.85
CA PHE C 666 3.96 -6.54 -26.50
C PHE C 666 4.61 -5.48 -27.37
N PHE C 667 3.81 -4.66 -28.06
CA PHE C 667 4.36 -3.61 -28.89
C PHE C 667 4.93 -2.46 -28.04
N ALA C 668 4.51 -2.35 -26.79
CA ALA C 668 4.86 -1.19 -25.98
C ALA C 668 6.19 -1.32 -25.25
N GLN C 669 6.84 -2.47 -25.29
CA GLN C 669 8.10 -2.63 -24.58
C GLN C 669 9.25 -2.05 -25.38
N ASP C 670 10.31 -1.66 -24.67
CA ASP C 670 11.36 -0.84 -25.26
C ASP C 670 12.11 -1.55 -26.37
N GLY C 671 12.32 -2.87 -26.25
CA GLY C 671 13.03 -3.58 -27.29
C GLY C 671 12.29 -3.59 -28.61
N VAL C 672 10.98 -3.84 -28.57
CA VAL C 672 10.17 -3.85 -29.78
C VAL C 672 10.13 -2.46 -30.39
N GLN C 673 9.99 -1.42 -29.56
CA GLN C 673 9.96 -0.05 -30.07
C GLN C 673 11.28 0.34 -30.71
N SER C 674 12.41 -0.04 -30.10
CA SER C 674 13.70 0.28 -30.68
C SER C 674 13.95 -0.51 -31.97
N LEU C 675 13.49 -1.76 -32.03
CA LEU C 675 13.57 -2.49 -33.28
C LEU C 675 12.72 -1.84 -34.36
N LEU C 676 11.55 -1.33 -34.00
CA LEU C 676 10.71 -0.63 -34.96
C LEU C 676 11.39 0.65 -35.45
N THR C 677 12.04 1.38 -34.55
CA THR C 677 12.79 2.56 -34.96
C THR C 677 13.92 2.20 -35.92
N GLN C 678 14.63 1.10 -35.62
CA GLN C 678 15.72 0.65 -36.48
C GLN C 678 15.20 0.27 -37.87
N LYS C 679 14.04 -0.39 -37.93
CA LYS C 679 13.43 -0.69 -39.22
C LYS C 679 12.95 0.58 -39.92
N TRP C 680 12.49 1.56 -39.15
CA TRP C 680 12.05 2.83 -39.72
C TRP C 680 13.19 3.55 -40.42
N TRP C 681 14.38 3.55 -39.81
CA TRP C 681 15.50 4.21 -40.46
C TRP C 681 16.17 3.36 -41.54
N GLY C 682 15.73 2.12 -41.71
CA GLY C 682 16.25 1.31 -42.80
C GLY C 682 17.73 1.01 -42.66
N ASP C 683 18.44 1.10 -43.78
CA ASP C 683 19.86 0.82 -43.81
C ASP C 683 20.71 1.95 -43.27
N MET C 684 20.09 3.00 -42.73
CA MET C 684 20.80 4.08 -42.06
C MET C 684 20.82 3.83 -40.56
N ALA C 685 21.59 4.65 -39.85
CA ALA C 685 21.67 4.55 -38.40
C ALA C 685 20.47 5.22 -37.76
N SER C 686 19.93 4.57 -36.72
CA SER C 686 18.76 5.10 -36.05
C SER C 686 19.05 6.41 -35.32
N THR C 687 20.32 6.71 -35.06
CA THR C 687 20.71 7.95 -34.39
C THR C 687 20.98 9.08 -35.38
N THR C 688 20.70 8.88 -36.66
CA THR C 688 20.91 9.93 -37.65
C THR C 688 20.04 11.13 -37.33
N PRO C 689 20.60 12.34 -37.26
CA PRO C 689 19.78 13.52 -36.99
C PRO C 689 18.82 13.81 -38.12
N ILE C 690 17.70 14.45 -37.78
CA ILE C 690 16.69 14.78 -38.77
C ILE C 690 17.21 15.84 -39.73
N TRP C 691 17.96 16.82 -39.21
CA TRP C 691 18.51 17.85 -40.08
C TRP C 691 19.49 17.26 -41.09
N ALA C 692 20.27 16.26 -40.66
CA ALA C 692 21.16 15.57 -41.59
C ALA C 692 20.36 14.84 -42.68
N LEU C 693 19.24 14.23 -42.29
CA LEU C 693 18.38 13.57 -43.28
C LEU C 693 17.84 14.59 -44.29
N VAL C 694 17.41 15.75 -43.80
CA VAL C 694 16.91 16.78 -44.71
C VAL C 694 18.01 17.25 -45.65
N LEU C 695 19.21 17.49 -45.11
CA LEU C 695 20.33 17.94 -45.93
C LEU C 695 20.67 16.92 -47.01
N ALA C 696 20.68 15.63 -46.66
CA ALA C 696 20.94 14.61 -47.66
C ALA C 696 19.78 14.49 -48.67
N PHE C 697 18.55 14.71 -48.22
CA PHE C 697 17.40 14.65 -49.11
C PHE C 697 17.46 15.74 -50.17
N PHE C 698 17.82 16.96 -49.78
CA PHE C 698 17.89 18.06 -50.73
C PHE C 698 19.26 18.17 -51.41
N CYS C 699 20.25 17.42 -50.94
CA CYS C 699 21.58 17.35 -51.57
C CYS C 699 22.00 15.90 -51.67
N PRO C 700 21.63 15.19 -52.74
CA PRO C 700 21.89 13.74 -52.82
C PRO C 700 23.35 13.36 -52.64
N PRO C 701 24.31 14.10 -53.23
CA PRO C 701 25.71 13.68 -53.04
C PRO C 701 26.15 13.63 -51.59
N LEU C 702 25.51 14.41 -50.71
CA LEU C 702 25.87 14.40 -49.31
C LEU C 702 25.60 13.06 -48.63
N ILE C 703 24.86 12.16 -49.26
CA ILE C 703 24.69 10.83 -48.68
C ILE C 703 26.00 10.05 -48.69
N TYR C 704 26.97 10.47 -49.50
CA TYR C 704 28.26 9.79 -49.57
C TYR C 704 29.29 10.40 -48.62
N THR C 705 28.95 11.45 -47.89
CA THR C 705 29.88 12.07 -46.95
C THR C 705 29.68 11.47 -45.56
N ARG C 706 30.30 12.10 -44.55
CA ARG C 706 30.16 11.64 -43.17
C ARG C 706 28.79 11.93 -42.58
N LEU C 707 27.94 12.64 -43.30
CA LEU C 707 26.70 13.13 -42.71
C LEU C 707 25.79 11.98 -42.28
N ILE C 708 25.68 10.94 -43.11
CA ILE C 708 24.79 9.81 -42.85
C ILE C 708 25.66 8.57 -42.65
N THR C 709 25.52 7.95 -41.48
CA THR C 709 26.27 6.74 -41.14
C THR C 709 25.43 5.52 -41.52
N PHE C 710 25.73 4.94 -42.68
CA PHE C 710 25.00 3.76 -43.12
C PHE C 710 25.49 2.52 -42.38
N ARG C 711 24.62 1.53 -42.27
CA ARG C 711 24.93 0.28 -41.58
C ARG C 711 24.54 -0.92 -42.43
N CYS C 768 28.02 2.99 -54.53
CA CYS C 768 27.33 4.07 -55.23
C CYS C 768 25.86 3.74 -55.46
N LEU C 769 25.61 2.78 -56.34
CA LEU C 769 24.23 2.37 -56.64
C LEU C 769 23.56 1.77 -55.41
N ARG C 770 24.25 0.87 -54.71
CA ARG C 770 23.68 0.23 -53.54
C ARG C 770 23.41 1.25 -52.43
N ARG C 771 24.34 2.19 -52.23
CA ARG C 771 24.14 3.24 -51.23
C ARG C 771 22.97 4.14 -51.62
N TRP C 772 22.84 4.44 -52.91
CA TRP C 772 21.72 5.25 -53.39
C TRP C 772 20.39 4.59 -53.09
N PHE C 773 20.28 3.29 -53.40
CA PHE C 773 19.02 2.59 -53.12
C PHE C 773 18.79 2.42 -51.63
N HIS C 774 19.87 2.25 -50.85
CA HIS C 774 19.72 2.17 -49.40
C HIS C 774 19.15 3.45 -48.83
N PHE C 775 19.64 4.60 -49.30
CA PHE C 775 19.14 5.88 -48.79
C PHE C 775 17.71 6.12 -49.25
N TRP C 776 17.44 5.91 -50.54
CA TRP C 776 16.12 6.26 -51.06
C TRP C 776 15.10 5.13 -50.90
N GLY C 777 15.44 4.06 -50.19
CA GLY C 777 14.49 3.01 -49.94
C GLY C 777 14.06 2.92 -48.47
N ALA C 778 14.74 3.65 -47.61
CA ALA C 778 14.40 3.62 -46.20
C ALA C 778 13.00 4.19 -45.99
N PRO C 779 12.21 3.62 -45.08
CA PRO C 779 10.85 4.13 -44.87
C PRO C 779 10.80 5.59 -44.45
N VAL C 780 11.79 6.06 -43.68
CA VAL C 780 11.79 7.46 -43.26
C VAL C 780 12.03 8.39 -44.45
N THR C 781 12.89 7.98 -45.38
CA THR C 781 13.12 8.78 -46.58
C THR C 781 11.88 8.81 -47.46
N ILE C 782 11.18 7.67 -47.59
CA ILE C 782 9.95 7.64 -48.36
C ILE C 782 8.89 8.53 -47.71
N PHE C 783 8.81 8.49 -46.39
CA PHE C 783 7.87 9.35 -45.67
C PHE C 783 8.18 10.82 -45.91
N MET C 784 9.46 11.20 -45.83
CA MET C 784 9.84 12.59 -46.07
C MET C 784 9.53 13.00 -47.50
N GLY C 785 9.81 12.12 -48.47
CA GLY C 785 9.52 12.43 -49.85
C GLY C 785 8.03 12.61 -50.11
N ASN C 786 7.21 11.75 -49.50
CA ASN C 786 5.77 11.90 -49.66
C ASN C 786 5.23 13.13 -48.94
N VAL C 787 5.83 13.52 -47.81
CA VAL C 787 5.45 14.75 -47.15
C VAL C 787 5.74 15.95 -48.04
N VAL C 788 6.93 15.98 -48.63
CA VAL C 788 7.29 17.08 -49.54
C VAL C 788 6.37 17.09 -50.75
N SER C 789 6.08 15.91 -51.30
CA SER C 789 5.18 15.83 -52.44
C SER C 789 3.78 16.33 -52.10
N TYR C 790 3.27 15.98 -50.92
CA TYR C 790 1.92 16.41 -50.56
C TYR C 790 1.87 17.90 -50.28
N LEU C 791 2.94 18.45 -49.69
CA LEU C 791 3.00 19.90 -49.51
C LEU C 791 3.00 20.61 -50.85
N LEU C 792 3.78 20.10 -51.82
CA LEU C 792 3.78 20.72 -53.14
C LEU C 792 2.45 20.52 -53.86
N PHE C 793 1.77 19.40 -53.62
CA PHE C 793 0.44 19.21 -54.18
C PHE C 793 -0.55 20.22 -53.63
N LEU C 794 -0.49 20.48 -52.33
CA LEU C 794 -1.36 21.50 -51.75
C LEU C 794 -1.01 22.89 -52.26
N LEU C 795 0.29 23.17 -52.47
CA LEU C 795 0.70 24.44 -53.04
C LEU C 795 0.15 24.61 -54.45
N LEU C 796 0.24 23.56 -55.27
CA LEU C 796 -0.31 23.62 -56.62
C LEU C 796 -1.82 23.75 -56.61
N PHE C 797 -2.49 23.04 -55.69
CA PHE C 797 -3.93 23.13 -55.57
C PHE C 797 -4.37 24.54 -55.23
N SER C 798 -3.70 25.17 -54.25
CA SER C 798 -4.03 26.54 -53.89
C SER C 798 -3.71 27.52 -55.03
N ARG C 799 -2.61 27.30 -55.75
CA ARG C 799 -2.27 28.15 -56.87
C ARG C 799 -3.32 28.08 -57.97
N VAL C 800 -3.81 26.88 -58.28
CA VAL C 800 -4.83 26.74 -59.30
C VAL C 800 -6.15 27.32 -58.81
N LEU C 801 -6.47 27.12 -57.53
CA LEU C 801 -7.76 27.55 -57.00
C LEU C 801 -7.84 29.07 -56.91
N LEU C 802 -6.75 29.72 -56.52
CA LEU C 802 -6.78 31.16 -56.29
C LEU C 802 -6.40 31.99 -57.51
N VAL C 803 -5.73 31.41 -58.49
CA VAL C 803 -5.25 32.18 -59.63
C VAL C 803 -5.73 31.60 -60.95
N ASP C 804 -5.43 30.33 -61.21
CA ASP C 804 -5.57 29.75 -62.53
C ASP C 804 -6.97 29.24 -62.82
N PHE C 805 -7.90 29.31 -61.87
CA PHE C 805 -9.25 28.79 -62.05
C PHE C 805 -10.10 29.88 -62.70
N GLN C 806 -10.40 29.70 -63.98
CA GLN C 806 -11.19 30.62 -64.78
C GLN C 806 -12.23 29.85 -65.55
N PRO C 807 -13.33 30.50 -65.96
CA PRO C 807 -14.33 29.81 -66.78
C PRO C 807 -13.81 29.34 -68.13
N ALA C 808 -12.60 29.75 -68.52
CA ALA C 808 -11.93 29.30 -69.74
C ALA C 808 -11.63 27.81 -69.64
N PRO C 809 -11.20 27.16 -70.71
CA PRO C 809 -10.77 25.77 -70.60
C PRO C 809 -9.56 25.65 -69.69
N PRO C 810 -9.39 24.51 -69.03
CA PRO C 810 -8.28 24.36 -68.09
C PRO C 810 -6.92 24.56 -68.75
N GLY C 811 -6.01 25.20 -68.01
CA GLY C 811 -4.67 25.45 -68.49
C GLY C 811 -3.71 24.34 -68.11
N SER C 812 -2.42 24.62 -68.30
CA SER C 812 -1.39 23.61 -68.06
C SER C 812 -1.31 23.23 -66.58
N LEU C 813 -1.38 24.22 -65.68
CA LEU C 813 -1.27 23.91 -64.26
C LEU C 813 -2.50 23.17 -63.76
N GLU C 814 -3.68 23.50 -64.27
CA GLU C 814 -4.88 22.78 -63.86
C GLU C 814 -4.85 21.34 -64.35
N LEU C 815 -4.33 21.11 -65.56
CA LEU C 815 -4.19 19.74 -66.05
C LEU C 815 -3.13 18.97 -65.25
N LEU C 816 -2.06 19.66 -64.85
CA LEU C 816 -1.07 19.03 -63.97
C LEU C 816 -1.70 18.64 -62.65
N LEU C 817 -2.56 19.50 -62.11
CA LEU C 817 -3.28 19.17 -60.87
C LEU C 817 -4.20 17.97 -61.10
N TYR C 818 -4.85 17.90 -62.25
CA TYR C 818 -5.69 16.74 -62.57
C TYR C 818 -4.86 15.47 -62.59
N PHE C 819 -3.69 15.51 -63.22
CA PHE C 819 -2.82 14.34 -63.29
C PHE C 819 -2.32 13.95 -61.90
N TRP C 820 -1.98 14.93 -61.07
CA TRP C 820 -1.53 14.65 -59.71
C TRP C 820 -2.63 14.01 -58.88
N ALA C 821 -3.87 14.51 -59.00
CA ALA C 821 -4.97 13.88 -58.30
C ALA C 821 -5.25 12.48 -58.83
N PHE C 822 -5.05 12.26 -60.12
CA PHE C 822 -5.21 10.92 -60.69
C PHE C 822 -4.17 9.96 -60.11
N THR C 823 -2.93 10.40 -59.98
CA THR C 823 -1.91 9.55 -59.38
C THR C 823 -2.21 9.28 -57.91
N LEU C 824 -2.73 10.28 -57.19
CA LEU C 824 -3.15 10.05 -55.81
C LEU C 824 -4.26 9.01 -55.74
N LEU C 825 -5.23 9.08 -56.65
CA LEU C 825 -6.30 8.09 -56.68
C LEU C 825 -5.77 6.70 -57.00
N CYS C 826 -4.81 6.62 -57.91
CA CYS C 826 -4.21 5.32 -58.24
C CYS C 826 -3.46 4.75 -57.05
N GLU C 827 -2.75 5.59 -56.30
CA GLU C 827 -2.07 5.12 -55.10
C GLU C 827 -3.07 4.63 -54.06
N GLU C 828 -4.18 5.34 -53.89
CA GLU C 828 -5.20 4.90 -52.95
C GLU C 828 -5.81 3.57 -53.38
N LEU C 829 -6.04 3.40 -54.68
CA LEU C 829 -6.57 2.13 -55.20
C LEU C 829 -5.58 1.00 -54.98
N ARG C 830 -4.29 1.26 -55.21
CA ARG C 830 -3.27 0.25 -54.98
C ARG C 830 -3.24 -0.15 -53.51
N GLN C 831 -3.31 0.82 -52.60
CA GLN C 831 -3.31 0.50 -51.17
C GLN C 831 -4.55 -0.28 -50.78
N GLY C 832 -5.70 0.05 -51.36
CA GLY C 832 -6.91 -0.70 -51.08
C GLY C 832 -6.85 -2.13 -51.59
N LEU C 833 -6.24 -2.33 -52.76
CA LEU C 833 -6.09 -3.69 -53.29
C LEU C 833 -5.12 -4.50 -52.45
N SER C 834 -3.95 -3.93 -52.13
CA SER C 834 -2.91 -4.65 -51.42
C SER C 834 -3.16 -4.72 -49.92
N GLY C 835 -4.37 -4.45 -49.46
CA GLY C 835 -4.68 -4.52 -48.04
C GLY C 835 -5.35 -5.80 -47.63
N SER C 851 -10.85 -11.83 -50.35
CA SER C 851 -11.87 -11.59 -51.35
C SER C 851 -12.05 -10.11 -51.62
N LEU C 852 -12.55 -9.79 -52.82
CA LEU C 852 -12.69 -8.39 -53.23
C LEU C 852 -13.71 -7.67 -52.36
N SER C 853 -14.86 -8.30 -52.11
CA SER C 853 -15.91 -7.67 -51.32
C SER C 853 -15.46 -7.42 -49.89
N GLN C 854 -14.77 -8.38 -49.28
CA GLN C 854 -14.29 -8.20 -47.91
C GLN C 854 -13.24 -7.10 -47.84
N ARG C 855 -12.34 -7.05 -48.82
CA ARG C 855 -11.35 -5.98 -48.85
C ARG C 855 -12.00 -4.61 -49.03
N LEU C 856 -13.02 -4.52 -49.89
CA LEU C 856 -13.72 -3.25 -50.07
C LEU C 856 -14.45 -2.83 -48.80
N ARG C 857 -15.07 -3.78 -48.10
CA ARG C 857 -15.72 -3.46 -46.83
C ARG C 857 -14.71 -3.02 -45.78
N LEU C 858 -13.54 -3.67 -45.75
CA LEU C 858 -12.48 -3.24 -44.85
C LEU C 858 -12.03 -1.83 -45.16
N TYR C 859 -11.86 -1.51 -46.45
CA TYR C 859 -11.45 -0.17 -46.84
C TYR C 859 -12.50 0.87 -46.46
N LEU C 860 -13.77 0.56 -46.68
CA LEU C 860 -14.85 1.49 -46.39
C LEU C 860 -15.23 1.54 -44.93
N ALA C 861 -14.68 0.66 -44.09
CA ALA C 861 -14.91 0.72 -42.66
C ALA C 861 -13.91 1.60 -41.92
N ASP C 862 -12.88 2.08 -42.61
CA ASP C 862 -11.88 2.94 -41.99
C ASP C 862 -12.25 4.40 -42.16
N SER C 863 -12.25 5.14 -41.04
CA SER C 863 -12.70 6.52 -41.06
C SER C 863 -11.81 7.41 -41.92
N TRP C 864 -10.50 7.24 -41.81
CA TRP C 864 -9.59 8.09 -42.59
C TRP C 864 -9.65 7.76 -44.07
N ASN C 865 -9.84 6.48 -44.41
CA ASN C 865 -10.05 6.15 -45.81
C ASN C 865 -11.40 6.67 -46.30
N GLN C 866 -12.40 6.74 -45.42
CA GLN C 866 -13.64 7.43 -45.79
C GLN C 866 -13.38 8.90 -46.10
N CYS C 867 -12.55 9.56 -45.29
CA CYS C 867 -12.23 10.95 -45.54
C CYS C 867 -11.47 11.12 -46.86
N ASP C 868 -10.53 10.22 -47.15
CA ASP C 868 -9.77 10.30 -48.39
C ASP C 868 -10.67 10.03 -49.60
N LEU C 869 -11.60 9.09 -49.47
CA LEU C 869 -12.58 8.85 -50.53
C LEU C 869 -13.46 10.07 -50.74
N VAL C 870 -13.86 10.73 -49.66
CA VAL C 870 -14.65 11.96 -49.77
C VAL C 870 -13.85 13.04 -50.48
N ALA C 871 -12.56 13.15 -50.16
CA ALA C 871 -11.71 14.13 -50.83
C ALA C 871 -11.63 13.87 -52.33
N LEU C 872 -11.33 12.63 -52.72
CA LEU C 872 -11.22 12.34 -54.15
C LEU C 872 -12.56 12.46 -54.87
N THR C 873 -13.65 12.03 -54.21
CA THR C 873 -14.97 12.16 -54.81
C THR C 873 -15.36 13.62 -55.01
N CYS C 874 -15.07 14.47 -54.02
CA CYS C 874 -15.38 15.88 -54.17
C CYS C 874 -14.52 16.53 -55.23
N PHE C 875 -13.25 16.11 -55.35
CA PHE C 875 -12.41 16.63 -56.42
C PHE C 875 -12.99 16.27 -57.78
N LEU C 876 -13.40 15.01 -57.97
CA LEU C 876 -14.01 14.60 -59.22
C LEU C 876 -15.30 15.36 -59.49
N LEU C 877 -16.14 15.53 -58.46
CA LEU C 877 -17.40 16.23 -58.62
C LEU C 877 -17.19 17.69 -59.01
N GLY C 878 -16.24 18.36 -58.35
CA GLY C 878 -15.96 19.75 -58.68
C GLY C 878 -15.38 19.92 -60.07
N VAL C 879 -14.49 19.01 -60.47
CA VAL C 879 -13.93 19.08 -61.82
C VAL C 879 -15.03 18.85 -62.86
N GLY C 880 -15.91 17.87 -62.61
CA GLY C 880 -17.00 17.65 -63.53
C GLY C 880 -17.94 18.82 -63.64
N CYS C 881 -18.25 19.45 -62.50
CA CYS C 881 -19.10 20.64 -62.53
C CYS C 881 -18.43 21.78 -63.29
N ARG C 882 -17.15 22.01 -63.04
CA ARG C 882 -16.45 23.11 -63.71
C ARG C 882 -16.37 22.89 -65.21
N LEU C 883 -16.08 21.66 -65.64
CA LEU C 883 -16.00 21.38 -67.07
C LEU C 883 -17.34 21.61 -67.76
N THR C 884 -18.45 21.37 -67.06
CA THR C 884 -19.75 21.73 -67.57
C THR C 884 -19.85 23.25 -67.68
N PRO C 885 -20.32 23.79 -68.80
CA PRO C 885 -20.38 25.26 -68.92
C PRO C 885 -21.27 25.94 -67.89
N GLY C 886 -22.36 25.28 -67.49
CA GLY C 886 -23.30 25.93 -66.59
C GLY C 886 -22.78 26.05 -65.17
N LEU C 887 -22.20 24.99 -64.64
CA LEU C 887 -21.92 24.89 -63.20
C LEU C 887 -20.47 25.20 -62.87
N TYR C 888 -20.04 26.42 -63.18
CA TYR C 888 -18.67 26.80 -62.86
C TYR C 888 -18.53 27.22 -61.39
N HIS C 889 -19.44 28.07 -60.91
CA HIS C 889 -19.36 28.53 -59.52
C HIS C 889 -19.56 27.37 -58.54
N LEU C 890 -20.46 26.45 -58.87
CA LEU C 890 -20.64 25.27 -58.02
C LEU C 890 -19.36 24.45 -57.96
N GLY C 891 -18.68 24.29 -59.10
CA GLY C 891 -17.42 23.59 -59.10
C GLY C 891 -16.35 24.29 -58.27
N ARG C 892 -16.31 25.62 -58.36
CA ARG C 892 -15.37 26.39 -57.53
C ARG C 892 -15.64 26.16 -56.05
N THR C 893 -16.91 26.22 -55.65
CA THR C 893 -17.25 26.02 -54.24
C THR C 893 -16.89 24.62 -53.76
N VAL C 894 -17.22 23.61 -54.57
CA VAL C 894 -16.92 22.23 -54.19
C VAL C 894 -15.42 22.04 -54.06
N LEU C 895 -14.64 22.60 -54.99
CA LEU C 895 -13.19 22.45 -54.92
C LEU C 895 -12.59 23.25 -53.77
N CYS C 896 -13.22 24.36 -53.39
CA CYS C 896 -12.76 25.11 -52.21
C CYS C 896 -12.92 24.28 -50.94
N ILE C 897 -14.06 23.61 -50.78
CA ILE C 897 -14.22 22.73 -49.61
C ILE C 897 -13.32 21.51 -49.72
N ASP C 898 -13.14 21.00 -50.94
CA ASP C 898 -12.29 19.85 -51.16
C ASP C 898 -10.83 20.14 -50.81
N PHE C 899 -10.39 21.38 -51.01
CA PHE C 899 -9.04 21.74 -50.57
C PHE C 899 -8.90 21.58 -49.06
N MET C 900 -9.90 21.99 -48.29
CA MET C 900 -9.86 21.80 -46.85
C MET C 900 -9.79 20.32 -46.50
N VAL C 901 -10.61 19.51 -47.18
CA VAL C 901 -10.59 18.07 -46.92
C VAL C 901 -9.22 17.47 -47.22
N PHE C 902 -8.59 17.92 -48.31
CA PHE C 902 -7.24 17.46 -48.63
C PHE C 902 -6.23 17.92 -47.58
N THR C 903 -6.34 19.17 -47.13
CA THR C 903 -5.34 19.73 -46.22
C THR C 903 -5.39 19.05 -44.86
N VAL C 904 -6.59 18.73 -44.37
CA VAL C 904 -6.69 18.11 -43.05
C VAL C 904 -6.13 16.70 -43.01
N ARG C 905 -5.70 16.16 -44.15
CA ARG C 905 -5.07 14.84 -44.16
C ARG C 905 -3.59 14.89 -43.80
N LEU C 906 -3.03 16.08 -43.61
CA LEU C 906 -1.68 16.17 -43.07
C LEU C 906 -1.61 15.57 -41.67
N LEU C 907 -2.67 15.70 -40.88
CA LEU C 907 -2.70 15.09 -39.56
C LEU C 907 -2.61 13.57 -39.66
N HIS C 908 -3.36 12.98 -40.58
CA HIS C 908 -3.30 11.53 -40.78
C HIS C 908 -1.94 11.11 -41.33
N ILE C 909 -1.33 11.94 -42.17
CA ILE C 909 0.01 11.64 -42.67
C ILE C 909 1.02 11.62 -41.53
N PHE C 910 0.93 12.60 -40.62
CA PHE C 910 1.91 12.74 -39.55
C PHE C 910 1.54 11.96 -38.30
N THR C 911 0.44 11.20 -38.32
CA THR C 911 0.15 10.28 -37.23
C THR C 911 1.32 9.34 -36.98
N VAL C 912 2.03 8.92 -38.03
CA VAL C 912 3.18 8.03 -37.87
C VAL C 912 4.30 8.72 -37.11
N ASN C 913 4.39 10.05 -37.21
CA ASN C 913 5.48 10.78 -36.57
C ASN C 913 5.47 10.56 -35.06
N LYS C 914 6.66 10.51 -34.47
CA LYS C 914 6.78 10.18 -33.06
C LYS C 914 6.22 11.28 -32.16
N GLN C 915 6.50 12.53 -32.49
CA GLN C 915 6.11 13.65 -31.63
C GLN C 915 4.61 13.93 -31.72
N LEU C 916 4.05 13.89 -32.93
CA LEU C 916 2.68 14.35 -33.12
C LEU C 916 1.65 13.25 -32.90
N GLY C 917 2.04 11.99 -33.04
CA GLY C 917 1.11 10.87 -33.05
C GLY C 917 0.25 10.71 -31.82
N PRO C 918 0.86 10.57 -30.64
CA PRO C 918 0.06 10.39 -29.42
C PRO C 918 -0.90 11.54 -29.14
N LYS C 919 -0.49 12.77 -29.41
CA LYS C 919 -1.39 13.90 -29.17
C LYS C 919 -2.48 13.97 -30.22
N ILE C 920 -2.16 13.59 -31.46
CA ILE C 920 -3.18 13.52 -32.50
C ILE C 920 -4.25 12.50 -32.13
N VAL C 921 -3.84 11.35 -31.58
CA VAL C 921 -4.85 10.37 -31.20
C VAL C 921 -5.57 10.77 -29.91
N ILE C 922 -4.93 11.57 -29.06
CA ILE C 922 -5.62 12.13 -27.91
C ILE C 922 -6.71 13.10 -28.35
N VAL C 923 -6.47 13.84 -29.43
CA VAL C 923 -7.43 14.85 -29.89
C VAL C 923 -8.78 14.22 -30.19
N SER C 924 -8.79 13.02 -30.78
CA SER C 924 -10.05 12.38 -31.13
C SER C 924 -10.88 11.99 -29.92
N LYS C 925 -10.30 11.95 -28.73
CA LYS C 925 -11.02 11.59 -27.52
C LYS C 925 -11.71 12.78 -26.85
N MET C 926 -11.56 13.98 -27.39
CA MET C 926 -12.17 15.18 -26.84
C MET C 926 -13.53 15.51 -27.47
N MET C 927 -13.99 14.69 -28.42
CA MET C 927 -15.19 15.03 -29.16
C MET C 927 -16.45 14.94 -28.30
N LYS C 928 -16.44 14.09 -27.27
CA LYS C 928 -17.59 14.04 -26.37
C LYS C 928 -17.73 15.34 -25.58
N ASP C 929 -16.62 15.88 -25.07
CA ASP C 929 -16.65 17.17 -24.41
C ASP C 929 -17.06 18.27 -25.38
N VAL C 930 -16.56 18.21 -26.62
CA VAL C 930 -16.95 19.19 -27.62
C VAL C 930 -18.45 19.14 -27.88
N PHE C 931 -19.01 17.94 -27.97
CA PHE C 931 -20.44 17.79 -28.25
C PHE C 931 -21.28 18.26 -27.07
N PHE C 932 -20.84 17.98 -25.84
CA PHE C 932 -21.56 18.52 -24.68
C PHE C 932 -21.54 20.05 -24.70
N PHE C 933 -20.39 20.64 -24.99
CA PHE C 933 -20.29 22.10 -25.09
C PHE C 933 -21.24 22.62 -26.16
N LEU C 934 -21.28 21.97 -27.32
CA LEU C 934 -22.12 22.43 -28.42
C LEU C 934 -23.60 22.30 -28.09
N PHE C 935 -23.99 21.22 -27.40
CA PHE C 935 -25.40 21.05 -27.02
C PHE C 935 -25.82 22.13 -26.03
N PHE C 936 -25.04 22.34 -24.97
CA PHE C 936 -25.37 23.37 -24.00
C PHE C 936 -25.39 24.75 -24.65
N LEU C 937 -24.40 25.03 -25.50
CA LEU C 937 -24.34 26.31 -26.19
C LEU C 937 -25.51 26.51 -27.12
N GLY C 938 -25.93 25.45 -27.83
CA GLY C 938 -27.07 25.58 -28.72
C GLY C 938 -28.35 25.86 -27.98
N VAL C 939 -28.58 25.18 -26.86
CA VAL C 939 -29.77 25.46 -26.05
C VAL C 939 -29.76 26.91 -25.57
N TRP C 940 -28.62 27.35 -25.03
CA TRP C 940 -28.51 28.72 -24.52
C TRP C 940 -28.66 29.74 -25.64
N LEU C 941 -28.07 29.47 -26.81
CA LEU C 941 -28.20 30.37 -27.95
C LEU C 941 -29.64 30.49 -28.40
N VAL C 942 -30.37 29.36 -28.49
CA VAL C 942 -31.76 29.42 -28.89
C VAL C 942 -32.55 30.28 -27.90
N ALA C 943 -32.41 30.01 -26.60
CA ALA C 943 -33.17 30.76 -25.60
C ALA C 943 -32.86 32.25 -25.67
N TYR C 944 -31.57 32.60 -25.60
CA TYR C 944 -31.18 34.01 -25.55
C TYR C 944 -31.52 34.72 -26.85
N GLY C 945 -31.24 34.11 -28.00
CA GLY C 945 -31.48 34.77 -29.26
C GLY C 945 -32.94 35.00 -29.54
N VAL C 946 -33.78 34.00 -29.26
CA VAL C 946 -35.21 34.20 -29.47
C VAL C 946 -35.76 35.25 -28.52
N ALA C 947 -35.30 35.24 -27.26
CA ALA C 947 -35.77 36.25 -26.31
C ALA C 947 -35.37 37.65 -26.75
N THR C 948 -34.13 37.83 -27.20
CA THR C 948 -33.67 39.15 -27.61
C THR C 948 -34.37 39.61 -28.88
N GLU C 949 -34.57 38.71 -29.84
CA GLU C 949 -35.29 39.06 -31.05
C GLU C 949 -36.74 39.43 -30.76
N GLY C 950 -37.37 38.73 -29.82
CA GLY C 950 -38.72 39.08 -29.43
C GLY C 950 -38.80 40.41 -28.71
N LEU C 951 -37.84 40.69 -27.84
CA LEU C 951 -37.84 41.95 -27.12
C LEU C 951 -37.59 43.13 -28.05
N LEU C 952 -36.65 42.99 -28.98
CA LEU C 952 -36.30 44.12 -29.83
C LEU C 952 -37.31 44.39 -30.93
N ARG C 953 -38.00 43.36 -31.41
CA ARG C 953 -39.01 43.50 -32.46
C ARG C 953 -38.50 44.25 -33.68
N PRO C 954 -37.49 43.73 -34.38
CA PRO C 954 -37.00 44.42 -35.57
C PRO C 954 -38.06 44.48 -36.67
N ARG C 955 -38.02 45.55 -37.45
CA ARG C 955 -38.99 45.71 -38.53
C ARG C 955 -38.57 44.94 -39.78
N ASP C 956 -37.26 44.85 -40.05
CA ASP C 956 -36.75 44.06 -41.16
C ASP C 956 -36.63 42.60 -40.73
N SER C 957 -37.79 41.97 -40.53
CA SER C 957 -37.86 40.60 -40.05
C SER C 957 -38.06 39.61 -41.20
N ASP C 958 -37.06 39.55 -42.07
CA ASP C 958 -36.98 38.46 -43.03
C ASP C 958 -36.49 37.20 -42.32
N PHE C 959 -36.74 36.05 -42.93
CA PHE C 959 -36.32 34.79 -42.32
C PHE C 959 -34.80 34.68 -42.18
N PRO C 960 -34.00 34.96 -43.22
CA PRO C 960 -32.54 34.97 -42.98
C PRO C 960 -32.10 35.99 -41.96
N SER C 961 -32.74 37.16 -41.91
CA SER C 961 -32.39 38.16 -40.92
C SER C 961 -32.71 37.69 -39.51
N ILE C 962 -33.86 37.03 -39.34
CA ILE C 962 -34.22 36.49 -38.03
C ILE C 962 -33.24 35.41 -37.62
N LEU C 963 -32.88 34.51 -38.54
CA LEU C 963 -31.91 33.48 -38.20
C LEU C 963 -30.57 34.08 -37.84
N ARG C 964 -30.14 35.11 -38.58
CA ARG C 964 -28.88 35.78 -38.29
C ARG C 964 -28.89 36.38 -36.89
N ARG C 965 -29.90 37.20 -36.59
CA ARG C 965 -29.93 37.85 -35.29
C ARG C 965 -30.24 36.89 -34.14
N VAL C 966 -30.75 35.70 -34.43
CA VAL C 966 -31.02 34.73 -33.37
C VAL C 966 -29.80 33.84 -33.08
N PHE C 967 -29.03 33.48 -34.10
CA PHE C 967 -27.91 32.56 -33.89
C PHE C 967 -26.55 33.19 -34.12
N TYR C 968 -26.36 33.90 -35.25
CA TYR C 968 -25.03 34.29 -35.65
C TYR C 968 -24.46 35.42 -34.79
N ARG C 969 -25.27 36.45 -34.52
CA ARG C 969 -24.80 37.55 -33.68
C ARG C 969 -24.51 37.12 -32.25
N PRO C 970 -25.39 36.39 -31.55
CA PRO C 970 -25.01 35.88 -30.22
C PRO C 970 -23.80 34.97 -30.26
N TYR C 971 -23.62 34.19 -31.33
CA TYR C 971 -22.44 33.34 -31.43
C TYR C 971 -21.17 34.17 -31.50
N LEU C 972 -21.19 35.27 -32.26
CA LEU C 972 -20.03 36.15 -32.35
C LEU C 972 -19.81 36.92 -31.07
N GLN C 973 -20.84 37.13 -30.26
CA GLN C 973 -20.64 37.78 -28.96
C GLN C 973 -19.70 36.97 -28.07
N ILE C 974 -19.63 35.66 -28.27
CA ILE C 974 -18.71 34.81 -27.51
C ILE C 974 -17.25 35.08 -27.85
N PHE C 975 -16.98 35.72 -28.98
CA PHE C 975 -15.62 35.99 -29.43
C PHE C 975 -15.30 37.47 -29.44
N GLY C 976 -15.97 38.25 -28.59
CA GLY C 976 -15.68 39.65 -28.43
C GLY C 976 -16.38 40.58 -29.40
N GLN C 977 -17.33 40.08 -30.18
CA GLN C 977 -18.03 40.89 -31.17
C GLN C 977 -19.40 41.24 -30.57
N ILE C 978 -19.43 42.32 -29.80
CA ILE C 978 -20.64 42.71 -29.08
C ILE C 978 -21.15 44.03 -29.65
N PRO C 979 -22.14 44.00 -30.55
CA PRO C 979 -22.67 45.23 -31.16
C PRO C 979 -23.67 45.95 -30.27
N GLN C 980 -23.15 46.77 -29.36
CA GLN C 980 -24.01 47.48 -28.42
C GLN C 980 -24.94 48.46 -29.13
N GLU C 981 -24.47 49.07 -30.22
CA GLU C 981 -25.27 50.08 -30.90
C GLU C 981 -26.49 49.49 -31.59
N ASP C 982 -26.49 48.18 -31.86
CA ASP C 982 -27.61 47.51 -32.50
C ASP C 982 -28.62 46.92 -31.52
N MET C 983 -28.30 46.89 -30.23
CA MET C 983 -29.17 46.31 -29.23
C MET C 983 -29.50 47.24 -28.08
N ASP C 984 -28.68 48.24 -27.81
CA ASP C 984 -28.88 49.16 -26.70
C ASP C 984 -29.52 50.44 -27.26
N VAL C 985 -30.76 50.68 -26.88
CA VAL C 985 -31.53 51.80 -27.43
C VAL C 985 -30.94 53.12 -27.00
N ALA C 986 -30.32 53.18 -25.82
CA ALA C 986 -29.68 54.41 -25.37
C ALA C 986 -28.55 54.86 -26.29
N LEU C 987 -28.01 53.95 -27.08
CA LEU C 987 -26.95 54.26 -28.04
C LEU C 987 -27.49 54.54 -29.44
N MET C 988 -28.80 54.52 -29.63
CA MET C 988 -29.43 54.79 -30.91
C MET C 988 -30.12 56.14 -30.88
N GLU C 989 -30.50 56.62 -32.06
CA GLU C 989 -31.31 57.82 -32.16
C GLU C 989 -32.78 57.43 -32.18
N HIS C 990 -33.57 58.11 -31.36
CA HIS C 990 -34.98 57.79 -31.19
C HIS C 990 -35.76 58.44 -32.32
N SER C 991 -36.32 57.62 -33.21
CA SER C 991 -37.01 58.10 -34.39
C SER C 991 -38.39 57.46 -34.48
N ASN C 992 -39.29 58.14 -35.20
CA ASN C 992 -40.66 57.66 -35.39
C ASN C 992 -40.73 56.87 -36.69
N CYS C 993 -40.04 55.74 -36.70
CA CYS C 993 -39.93 54.90 -37.88
C CYS C 993 -40.93 53.77 -37.91
N SER C 994 -41.84 53.69 -36.95
CA SER C 994 -42.85 52.63 -36.92
C SER C 994 -44.23 53.24 -36.71
N SER C 995 -45.20 52.75 -37.47
CA SER C 995 -46.57 53.22 -37.32
C SER C 995 -47.26 52.58 -36.14
N GLU C 996 -46.72 51.49 -35.62
CA GLU C 996 -47.31 50.81 -34.47
C GLU C 996 -47.13 51.66 -33.21
N PRO C 997 -48.06 51.58 -32.27
CA PRO C 997 -47.94 52.38 -31.05
C PRO C 997 -46.73 51.98 -30.23
N GLY C 998 -46.16 52.96 -29.53
CA GLY C 998 -44.96 52.76 -28.74
C GLY C 998 -43.81 53.62 -29.25
N PHE C 999 -42.68 53.47 -28.57
CA PHE C 999 -41.47 54.21 -28.89
C PHE C 999 -40.49 53.30 -29.63
N TRP C 1000 -39.78 53.87 -30.60
CA TRP C 1000 -38.90 53.11 -31.46
C TRP C 1000 -37.59 53.86 -31.65
N ALA C 1001 -36.54 53.10 -31.98
CA ALA C 1001 -35.22 53.66 -32.20
C ALA C 1001 -34.61 53.02 -33.43
N HIS C 1002 -33.65 53.71 -34.03
CA HIS C 1002 -33.04 53.25 -35.27
C HIS C 1002 -31.65 52.69 -35.00
N PRO C 1003 -31.45 51.38 -35.10
CA PRO C 1003 -30.09 50.83 -34.99
C PRO C 1003 -29.31 51.07 -36.27
N PRO C 1004 -28.04 51.46 -36.16
CA PRO C 1004 -27.26 51.78 -37.37
C PRO C 1004 -26.78 50.57 -38.14
N GLY C 1005 -26.82 49.37 -37.57
CA GLY C 1005 -26.29 48.22 -38.26
C GLY C 1005 -27.04 47.88 -39.53
N ALA C 1006 -26.29 47.37 -40.51
CA ALA C 1006 -26.88 47.03 -41.80
C ALA C 1006 -27.89 45.89 -41.67
N GLN C 1007 -27.55 44.87 -40.89
CA GLN C 1007 -28.39 43.69 -40.76
C GLN C 1007 -29.25 43.72 -39.50
N ALA C 1008 -29.29 44.85 -38.80
CA ALA C 1008 -30.28 45.05 -37.76
C ALA C 1008 -31.64 45.36 -38.40
N GLY C 1009 -32.66 45.53 -37.57
CA GLY C 1009 -33.99 45.69 -38.12
C GLY C 1009 -34.33 47.07 -38.61
N THR C 1010 -33.39 48.02 -38.52
CA THR C 1010 -33.52 49.42 -38.93
C THR C 1010 -34.56 50.16 -38.08
N CYS C 1011 -35.23 49.44 -37.18
CA CYS C 1011 -36.17 50.02 -36.23
C CYS C 1011 -36.49 48.98 -35.17
N VAL C 1012 -36.27 49.32 -33.90
CA VAL C 1012 -36.47 48.37 -32.81
C VAL C 1012 -37.27 49.05 -31.70
N SER C 1013 -37.90 48.23 -30.87
CA SER C 1013 -38.69 48.71 -29.76
C SER C 1013 -37.80 49.01 -28.56
N GLN C 1014 -38.15 50.07 -27.83
CA GLN C 1014 -37.43 50.45 -26.62
C GLN C 1014 -38.27 50.27 -25.36
N TYR C 1015 -39.25 49.38 -25.40
CA TYR C 1015 -40.16 49.23 -24.28
C TYR C 1015 -39.44 48.71 -23.04
N ALA C 1016 -38.68 47.63 -23.18
CA ALA C 1016 -37.99 47.01 -22.05
C ALA C 1016 -36.53 46.74 -22.41
N ASN C 1017 -35.86 47.76 -22.94
CA ASN C 1017 -34.48 47.59 -23.40
C ASN C 1017 -33.52 47.31 -22.25
N TRP C 1018 -33.87 47.71 -21.03
CA TRP C 1018 -33.07 47.33 -19.87
C TRP C 1018 -33.00 45.82 -19.74
N LEU C 1019 -34.07 45.12 -20.11
CA LEU C 1019 -34.05 43.67 -20.08
C LEU C 1019 -33.18 43.10 -21.18
N VAL C 1020 -33.10 43.76 -22.33
CA VAL C 1020 -32.17 43.35 -23.37
C VAL C 1020 -30.74 43.47 -22.87
N VAL C 1021 -30.42 44.57 -22.19
CA VAL C 1021 -29.08 44.76 -21.63
C VAL C 1021 -28.79 43.70 -20.57
N LEU C 1022 -29.76 43.43 -19.69
CA LEU C 1022 -29.57 42.41 -18.66
C LEU C 1022 -29.39 41.03 -19.27
N LEU C 1023 -30.12 40.73 -20.34
CA LEU C 1023 -29.95 39.46 -21.03
C LEU C 1023 -28.57 39.35 -21.66
N LEU C 1024 -28.04 40.44 -22.21
CA LEU C 1024 -26.68 40.42 -22.72
C LEU C 1024 -25.68 40.14 -21.59
N VAL C 1025 -25.87 40.77 -20.44
CA VAL C 1025 -24.99 40.53 -19.29
C VAL C 1025 -25.02 39.05 -18.89
N ILE C 1026 -26.22 38.49 -18.77
CA ILE C 1026 -26.38 37.10 -18.38
C ILE C 1026 -25.80 36.17 -19.44
N PHE C 1027 -25.99 36.50 -20.72
CA PHE C 1027 -25.45 35.68 -21.80
C PHE C 1027 -23.94 35.64 -21.73
N LEU C 1028 -23.30 36.81 -21.54
CA LEU C 1028 -21.85 36.84 -21.43
C LEU C 1028 -21.37 36.02 -20.25
N LEU C 1029 -22.04 36.15 -19.11
CA LEU C 1029 -21.67 35.35 -17.94
C LEU C 1029 -21.78 33.86 -18.22
N VAL C 1030 -22.89 33.42 -18.80
CA VAL C 1030 -23.14 32.00 -18.97
C VAL C 1030 -22.24 31.41 -20.05
N ALA C 1031 -22.05 32.11 -21.15
CA ALA C 1031 -21.34 31.56 -22.30
C ALA C 1031 -19.83 31.81 -22.23
N ASN C 1032 -19.42 33.06 -22.07
CA ASN C 1032 -18.00 33.39 -22.17
C ASN C 1032 -17.22 32.97 -20.93
N ILE C 1033 -17.90 32.72 -19.82
CA ILE C 1033 -17.25 32.46 -18.54
C ILE C 1033 -17.54 31.05 -18.04
N LEU C 1034 -18.81 30.65 -18.00
CA LEU C 1034 -19.16 29.37 -17.40
C LEU C 1034 -18.93 28.21 -18.38
N LEU C 1035 -19.47 28.32 -19.59
CA LEU C 1035 -19.38 27.21 -20.54
C LEU C 1035 -17.94 26.99 -21.01
N VAL C 1036 -17.22 28.07 -21.30
CA VAL C 1036 -15.85 27.93 -21.79
C VAL C 1036 -14.95 27.33 -20.72
N ASN C 1037 -15.06 27.81 -19.48
CA ASN C 1037 -14.23 27.28 -18.41
C ASN C 1037 -14.63 25.85 -18.05
N LEU C 1038 -15.92 25.53 -18.13
CA LEU C 1038 -16.35 24.16 -17.94
C LEU C 1038 -15.76 23.24 -19.00
N LEU C 1039 -15.73 23.69 -20.25
CA LEU C 1039 -15.10 22.91 -21.30
C LEU C 1039 -13.61 22.73 -21.05
N ILE C 1040 -12.94 23.77 -20.55
CA ILE C 1040 -11.52 23.64 -20.21
C ILE C 1040 -11.32 22.56 -19.14
N ALA C 1041 -12.17 22.57 -18.11
CA ALA C 1041 -12.06 21.58 -17.04
C ALA C 1041 -12.31 20.17 -17.58
N MET C 1042 -13.32 20.00 -18.42
CA MET C 1042 -13.60 18.70 -19.02
C MET C 1042 -12.44 18.23 -19.89
N PHE C 1043 -11.86 19.13 -20.68
CA PHE C 1043 -10.70 18.78 -21.51
C PHE C 1043 -9.53 18.33 -20.65
N SER C 1044 -9.26 19.05 -19.56
CA SER C 1044 -8.15 18.67 -18.69
C SER C 1044 -8.37 17.28 -18.09
N TYR C 1045 -9.58 17.03 -17.59
CA TYR C 1045 -9.88 15.73 -17.02
C TYR C 1045 -9.73 14.62 -18.05
N THR C 1046 -10.28 14.81 -19.24
CA THR C 1046 -10.21 13.78 -20.27
C THR C 1046 -8.78 13.54 -20.72
N PHE C 1047 -8.00 14.60 -20.87
CA PHE C 1047 -6.60 14.46 -21.25
C PHE C 1047 -5.84 13.62 -20.23
N GLY C 1048 -5.96 13.97 -18.95
CA GLY C 1048 -5.31 13.19 -17.92
C GLY C 1048 -5.79 11.75 -17.86
N LYS C 1049 -7.07 11.52 -18.20
CA LYS C 1049 -7.62 10.18 -18.13
C LYS C 1049 -7.14 9.29 -19.27
N VAL C 1050 -7.02 9.85 -20.48
CA VAL C 1050 -6.75 9.03 -21.67
C VAL C 1050 -5.30 9.09 -22.12
N GLN C 1051 -4.44 9.83 -21.41
CA GLN C 1051 -3.03 9.92 -21.76
C GLN C 1051 -2.39 8.55 -22.03
N GLY C 1052 -2.39 7.68 -21.01
CA GLY C 1052 -1.65 6.43 -21.11
C GLY C 1052 -2.20 5.47 -22.14
N ASN C 1053 -3.52 5.34 -22.20
CA ASN C 1053 -4.13 4.46 -23.20
C ASN C 1053 -3.89 4.95 -24.60
N SER C 1054 -3.90 6.27 -24.82
CA SER C 1054 -3.56 6.79 -26.15
C SER C 1054 -2.11 6.50 -26.49
N ASP C 1055 -1.22 6.63 -25.53
CA ASP C 1055 0.19 6.31 -25.80
C ASP C 1055 0.37 4.85 -26.17
N LEU C 1056 -0.30 3.95 -25.44
CA LEU C 1056 -0.23 2.53 -25.75
C LEU C 1056 -0.80 2.24 -27.14
N TYR C 1057 -1.91 2.86 -27.49
CA TYR C 1057 -2.48 2.66 -28.82
C TYR C 1057 -1.52 3.12 -29.91
N TRP C 1058 -0.90 4.29 -29.71
CA TRP C 1058 0.04 4.77 -30.73
C TRP C 1058 1.23 3.84 -30.87
N LYS C 1059 1.76 3.34 -29.75
CA LYS C 1059 2.86 2.38 -29.81
C LYS C 1059 2.45 1.13 -30.56
N ALA C 1060 1.23 0.65 -30.33
CA ALA C 1060 0.75 -0.55 -31.02
C ALA C 1060 0.64 -0.32 -32.52
N GLN C 1061 0.12 0.83 -32.94
CA GLN C 1061 -0.11 1.09 -34.36
C GLN C 1061 1.15 1.53 -35.09
N ARG C 1062 2.22 1.86 -34.37
CA ARG C 1062 3.46 2.26 -35.00
C ARG C 1062 3.99 1.20 -35.96
N TYR C 1063 3.88 -0.08 -35.57
CA TYR C 1063 4.36 -1.15 -36.44
C TYR C 1063 3.62 -1.18 -37.76
N ARG C 1064 2.29 -1.07 -37.71
CA ARG C 1064 1.49 -1.10 -38.93
C ARG C 1064 1.82 0.10 -39.81
N LEU C 1065 2.01 1.28 -39.20
CA LEU C 1065 2.36 2.45 -39.98
C LEU C 1065 3.71 2.29 -40.67
N ILE C 1066 4.71 1.77 -39.94
CA ILE C 1066 6.04 1.57 -40.52
C ILE C 1066 5.98 0.53 -41.63
N ARG C 1067 5.23 -0.56 -41.43
CA ARG C 1067 5.08 -1.57 -42.46
C ARG C 1067 4.43 -1.00 -43.71
N GLU C 1068 3.40 -0.17 -43.54
CA GLU C 1068 2.73 0.44 -44.68
C GLU C 1068 3.68 1.36 -45.44
N PHE C 1069 4.48 2.15 -44.73
CA PHE C 1069 5.43 3.02 -45.42
C PHE C 1069 6.56 2.22 -46.06
N HIS C 1070 6.85 1.03 -45.55
CA HIS C 1070 7.84 0.17 -46.18
C HIS C 1070 7.29 -0.45 -47.47
N SER C 1071 5.99 -0.71 -47.50
CA SER C 1071 5.39 -1.39 -48.65
C SER C 1071 5.15 -0.48 -49.85
N ARG C 1072 5.30 0.84 -49.71
CA ARG C 1072 4.91 1.73 -50.79
C ARG C 1072 6.10 2.07 -51.68
N PRO C 1073 5.84 2.51 -52.91
CA PRO C 1073 6.95 2.81 -53.85
C PRO C 1073 7.85 3.92 -53.34
N ALA C 1074 9.12 3.82 -53.72
CA ALA C 1074 10.13 4.81 -53.33
C ALA C 1074 9.96 6.15 -54.04
N LEU C 1075 9.09 6.23 -55.04
CA LEU C 1075 8.81 7.47 -55.72
C LEU C 1075 7.68 8.22 -55.04
N ALA C 1076 7.62 9.52 -55.27
CA ALA C 1076 6.55 10.34 -54.73
C ALA C 1076 5.67 10.86 -55.85
N PRO C 1077 4.38 11.10 -55.59
CA PRO C 1077 3.50 11.60 -56.64
C PRO C 1077 3.96 12.97 -57.11
N PRO C 1078 3.69 13.31 -58.38
CA PRO C 1078 2.96 12.55 -59.39
C PRO C 1078 3.85 11.55 -60.12
N PHE C 1079 5.10 11.40 -59.70
CA PHE C 1079 6.01 10.47 -60.38
C PHE C 1079 5.71 9.01 -60.07
N ILE C 1080 4.92 8.74 -59.02
CA ILE C 1080 4.59 7.37 -58.67
C ILE C 1080 3.97 6.61 -59.82
N VAL C 1081 3.34 7.31 -60.77
CA VAL C 1081 2.73 6.64 -61.90
C VAL C 1081 3.75 5.76 -62.61
N ILE C 1082 5.00 6.25 -62.71
CA ILE C 1082 6.08 5.44 -63.26
C ILE C 1082 6.10 4.07 -62.59
N SER C 1083 6.31 4.06 -61.27
CA SER C 1083 6.36 2.79 -60.56
C SER C 1083 5.04 2.04 -60.70
N HIS C 1084 3.93 2.76 -60.75
CA HIS C 1084 2.64 2.09 -60.91
C HIS C 1084 2.60 1.33 -62.21
N LEU C 1085 3.12 1.92 -63.29
CA LEU C 1085 3.19 1.21 -64.56
C LEU C 1085 4.00 -0.07 -64.40
N ARG C 1086 5.11 -0.01 -63.66
CA ARG C 1086 5.86 -1.23 -63.41
C ARG C 1086 5.00 -2.27 -62.70
N LEU C 1087 4.27 -1.84 -61.67
CA LEU C 1087 3.41 -2.76 -60.95
C LEU C 1087 2.25 -3.22 -61.80
N LEU C 1088 2.00 -2.55 -62.93
CA LEU C 1088 0.95 -2.98 -63.85
C LEU C 1088 1.53 -3.87 -64.95
N LEU C 1089 2.84 -3.83 -65.16
CA LEU C 1089 3.45 -4.71 -66.15
C LEU C 1089 3.82 -6.05 -65.55
N ARG C 1090 4.25 -6.06 -64.29
CA ARG C 1090 4.61 -7.30 -63.60
C ARG C 1090 3.43 -7.88 -62.84
N GLN C 1091 2.33 -8.09 -63.55
CA GLN C 1091 1.15 -8.73 -62.98
C GLN C 1091 0.18 -9.17 -64.08
N PHE C 1109 11.89 -6.61 -42.65
CA PHE C 1109 10.92 -7.03 -41.66
C PHE C 1109 10.85 -8.54 -41.54
N ARG C 1110 11.91 -9.21 -42.00
CA ARG C 1110 12.02 -10.65 -41.88
C ARG C 1110 13.49 -11.03 -41.86
N VAL C 1111 13.78 -12.19 -41.26
CA VAL C 1111 15.11 -12.77 -41.29
C VAL C 1111 14.97 -14.24 -41.70
N TYR C 1112 15.99 -14.74 -42.38
CA TYR C 1112 16.04 -16.15 -42.77
C TYR C 1112 17.29 -16.76 -42.17
N LEU C 1113 17.09 -17.76 -41.30
CA LEU C 1113 18.17 -18.42 -40.60
C LEU C 1113 18.33 -19.85 -41.10
N SER C 1114 19.58 -20.28 -41.23
CA SER C 1114 19.84 -21.68 -41.53
C SER C 1114 19.40 -22.56 -40.36
N LYS C 1115 19.39 -23.87 -40.60
CA LYS C 1115 18.93 -24.79 -39.57
C LYS C 1115 19.81 -24.73 -38.33
N GLU C 1116 21.14 -24.62 -38.52
CA GLU C 1116 22.04 -24.52 -37.38
C GLU C 1116 21.79 -23.23 -36.59
N ALA C 1117 21.69 -22.10 -37.29
CA ALA C 1117 21.46 -20.83 -36.61
C ALA C 1117 20.10 -20.81 -35.91
N GLU C 1118 19.08 -21.36 -36.56
CA GLU C 1118 17.76 -21.43 -35.93
C GLU C 1118 17.78 -22.30 -34.69
N ARG C 1119 18.47 -23.44 -34.76
CA ARG C 1119 18.57 -24.31 -33.58
C ARG C 1119 19.29 -23.61 -32.44
N LYS C 1120 20.39 -22.90 -32.75
CA LYS C 1120 21.11 -22.18 -31.72
C LYS C 1120 20.24 -21.09 -31.09
N LEU C 1121 19.49 -20.36 -31.93
CA LEU C 1121 18.62 -19.31 -31.42
C LEU C 1121 17.53 -19.86 -30.54
N LEU C 1122 16.94 -20.99 -30.92
CA LEU C 1122 15.88 -21.60 -30.11
C LEU C 1122 16.44 -22.13 -28.80
N THR C 1123 17.65 -22.69 -28.81
CA THR C 1123 18.28 -23.11 -27.56
C THR C 1123 18.56 -21.93 -26.64
N TRP C 1124 19.03 -20.82 -27.21
CA TRP C 1124 19.27 -19.61 -26.43
C TRP C 1124 17.97 -19.09 -25.81
N GLU C 1125 16.89 -19.08 -26.58
CA GLU C 1125 15.60 -18.67 -26.06
C GLU C 1125 15.11 -19.60 -24.96
N SER C 1126 15.32 -20.91 -25.12
CA SER C 1126 14.90 -21.86 -24.10
C SER C 1126 15.70 -21.67 -22.81
N VAL C 1127 16.99 -21.36 -22.94
CA VAL C 1127 17.81 -21.09 -21.76
C VAL C 1127 17.27 -19.87 -21.02
N HIS C 1128 16.92 -18.82 -21.75
CA HIS C 1128 16.39 -17.64 -21.09
C HIS C 1128 15.03 -17.90 -20.47
N LYS C 1129 14.20 -18.70 -21.14
CA LYS C 1129 12.89 -19.05 -20.57
C LYS C 1129 13.06 -19.84 -19.28
N GLU C 1130 13.99 -20.80 -19.25
CA GLU C 1130 14.19 -21.58 -18.05
C GLU C 1130 14.75 -20.73 -16.91
N ASN C 1131 15.64 -19.78 -17.23
CA ASN C 1131 16.11 -18.86 -16.20
C ASN C 1131 14.98 -17.99 -15.66
N PHE C 1132 14.12 -17.49 -16.55
CA PHE C 1132 12.99 -16.67 -16.12
C PHE C 1132 12.03 -17.46 -15.24
N LEU C 1133 11.73 -18.70 -15.62
CA LEU C 1133 10.85 -19.54 -14.82
C LEU C 1133 11.47 -19.86 -13.46
N LEU C 1134 12.77 -20.16 -13.42
CA LEU C 1134 13.44 -20.41 -12.15
C LEU C 1134 13.41 -19.20 -11.26
N ALA C 1135 13.65 -18.01 -11.82
CA ALA C 1135 13.60 -16.79 -11.03
C ALA C 1135 12.21 -16.54 -10.48
N ARG C 1136 11.19 -16.76 -11.29
CA ARG C 1136 9.81 -16.57 -10.82
C ARG C 1136 9.47 -17.55 -9.70
N ALA C 1137 9.89 -18.82 -9.85
CA ALA C 1137 9.64 -19.82 -8.82
C ALA C 1137 10.36 -19.45 -7.53
N ARG C 1138 11.61 -18.99 -7.63
CA ARG C 1138 12.36 -18.57 -6.44
C ARG C 1138 11.68 -17.38 -5.77
N ASP C 1139 11.22 -16.41 -6.55
CA ASP C 1139 10.54 -15.24 -5.99
C ASP C 1139 9.26 -15.65 -5.27
N LYS C 1140 8.50 -16.58 -5.87
CA LYS C 1140 7.27 -17.04 -5.22
C LYS C 1140 7.58 -17.79 -3.93
N ARG C 1141 8.61 -18.65 -3.95
CA ARG C 1141 8.91 -19.46 -2.77
C ARG C 1141 9.37 -18.61 -1.60
N GLU C 1142 10.11 -17.54 -1.85
CA GLU C 1142 10.70 -16.73 -0.80
C GLU C 1142 9.78 -15.61 -0.33
N SER C 1143 8.55 -15.56 -0.80
CA SER C 1143 7.61 -14.56 -0.31
C SER C 1143 7.14 -14.90 1.09
N ASP C 1144 6.60 -13.90 1.78
CA ASP C 1144 6.16 -14.11 3.16
C ASP C 1144 4.98 -15.04 3.26
N SER C 1145 4.10 -15.05 2.25
CA SER C 1145 2.94 -15.94 2.28
C SER C 1145 3.38 -17.40 2.27
N GLU C 1146 4.30 -17.76 1.37
CA GLU C 1146 4.76 -19.14 1.30
C GLU C 1146 5.62 -19.51 2.49
N ARG C 1147 6.41 -18.58 3.01
CA ARG C 1147 7.17 -18.84 4.23
C ARG C 1147 6.23 -19.14 5.39
N LEU C 1148 5.17 -18.33 5.55
CA LEU C 1148 4.21 -18.57 6.61
C LEU C 1148 3.50 -19.90 6.43
N LYS C 1149 3.14 -20.25 5.18
CA LYS C 1149 2.48 -21.52 4.92
C LYS C 1149 3.37 -22.69 5.28
N ARG C 1150 4.66 -22.63 4.88
CA ARG C 1150 5.59 -23.70 5.22
C ARG C 1150 5.81 -23.78 6.73
N THR C 1151 5.88 -22.63 7.41
CA THR C 1151 6.02 -22.63 8.86
C THR C 1151 4.81 -23.28 9.53
N SER C 1152 3.60 -22.98 9.03
CA SER C 1152 2.41 -23.62 9.58
C SER C 1152 2.44 -25.14 9.37
N GLN C 1153 2.85 -25.57 8.18
CA GLN C 1153 2.94 -27.01 7.92
C GLN C 1153 3.96 -27.68 8.83
N LYS C 1154 5.12 -27.04 9.03
CA LYS C 1154 6.14 -27.63 9.88
C LYS C 1154 5.74 -27.60 11.35
N VAL C 1155 4.95 -26.61 11.76
CA VAL C 1155 4.42 -26.60 13.12
C VAL C 1155 3.41 -27.72 13.30
N ASP C 1156 2.61 -28.01 12.26
CA ASP C 1156 1.72 -29.16 12.30
C ASP C 1156 2.51 -30.45 12.44
N LEU C 1157 3.61 -30.58 11.69
CA LEU C 1157 4.46 -31.76 11.81
C LEU C 1157 5.05 -31.87 13.21
N ALA C 1158 5.48 -30.74 13.78
CA ALA C 1158 6.01 -30.74 15.13
C ALA C 1158 4.94 -31.15 16.14
N LEU C 1159 3.70 -30.69 15.94
CA LEU C 1159 2.62 -31.09 16.83
C LEU C 1159 2.37 -32.59 16.73
N LYS C 1160 2.42 -33.15 15.52
CA LYS C 1160 2.26 -34.60 15.36
C LYS C 1160 3.36 -35.35 16.11
N GLN C 1161 4.61 -34.92 15.95
CA GLN C 1161 5.71 -35.59 16.64
C GLN C 1161 5.59 -35.44 18.16
N LEU C 1162 5.16 -34.26 18.63
CA LEU C 1162 4.97 -34.06 20.05
C LEU C 1162 3.86 -34.96 20.60
N GLY C 1163 2.79 -35.13 19.82
CA GLY C 1163 1.74 -36.06 20.23
C GLY C 1163 2.26 -37.49 20.31
N HIS C 1164 3.07 -37.89 19.32
CA HIS C 1164 3.66 -39.23 19.36
C HIS C 1164 4.54 -39.41 20.60
N ILE C 1165 5.32 -38.38 20.95
CA ILE C 1165 6.14 -38.45 22.15
C ILE C 1165 5.25 -38.53 23.39
N ARG C 1166 4.19 -37.72 23.44
CA ARG C 1166 3.33 -37.65 24.62
C ARG C 1166 2.57 -38.96 24.83
N GLU C 1167 2.28 -39.70 23.75
CA GLU C 1167 1.55 -40.96 23.90
C GLU C 1167 2.30 -41.94 24.78
N TYR C 1168 3.61 -42.04 24.60
CA TYR C 1168 4.42 -42.95 25.43
C TYR C 1168 5.24 -42.18 26.44
N GLN D 8 32.64 -30.05 -32.06
CA GLN D 8 32.73 -29.32 -33.30
C GLN D 8 33.40 -30.16 -34.39
N SER D 9 33.84 -29.50 -35.46
CA SER D 9 34.42 -30.18 -36.61
C SER D 9 35.87 -30.59 -36.38
N TRP D 10 36.49 -30.15 -35.29
CA TRP D 10 37.87 -30.50 -34.98
C TRP D 10 37.98 -31.73 -34.09
N ILE D 11 36.86 -32.25 -33.58
CA ILE D 11 36.91 -33.37 -32.65
C ILE D 11 37.55 -34.62 -33.25
N PRO D 12 37.19 -35.06 -34.47
CA PRO D 12 37.83 -36.26 -35.01
C PRO D 12 39.33 -36.11 -35.22
N LYS D 13 39.83 -34.88 -35.35
CA LYS D 13 41.25 -34.68 -35.62
C LYS D 13 42.09 -34.99 -34.38
N ILE D 14 41.55 -34.78 -33.18
CA ILE D 14 42.31 -34.95 -31.96
C ILE D 14 41.80 -36.11 -31.10
N PHE D 15 40.59 -36.61 -31.34
CA PHE D 15 40.05 -37.74 -30.60
C PHE D 15 39.90 -38.93 -31.55
N LYS D 16 40.30 -40.11 -31.08
CA LYS D 16 40.34 -41.30 -31.91
C LYS D 16 39.37 -42.36 -31.40
N LYS D 17 39.19 -43.39 -32.22
CA LYS D 17 38.40 -44.57 -31.88
C LYS D 17 39.21 -45.80 -32.29
N LYS D 18 39.00 -46.88 -31.56
CA LYS D 18 39.79 -48.09 -31.74
C LYS D 18 38.96 -49.14 -32.44
N THR D 19 39.49 -49.66 -33.55
CA THR D 19 38.85 -50.72 -34.33
C THR D 19 39.79 -51.92 -34.42
N CYS D 20 39.25 -53.10 -34.16
CA CYS D 20 40.06 -54.31 -34.11
C CYS D 20 40.42 -54.78 -35.52
N THR D 21 41.67 -55.21 -35.69
CA THR D 21 42.16 -55.73 -36.95
C THR D 21 42.62 -57.17 -36.85
N THR D 22 43.47 -57.50 -35.87
CA THR D 22 43.94 -58.87 -35.70
C THR D 22 42.85 -59.72 -35.07
N PHE D 23 42.61 -60.90 -35.65
CA PHE D 23 41.55 -61.78 -35.21
C PHE D 23 42.14 -62.90 -34.36
N ILE D 24 41.64 -63.05 -33.15
CA ILE D 24 42.01 -64.15 -32.25
C ILE D 24 40.72 -64.79 -31.75
N VAL D 25 40.64 -66.12 -31.85
CA VAL D 25 39.42 -66.81 -31.49
C VAL D 25 39.24 -66.81 -29.97
N ASP D 26 37.98 -66.97 -29.55
CA ASP D 26 37.64 -67.03 -28.13
C ASP D 26 38.07 -68.37 -27.53
N THR D 59 48.20 -65.14 -28.94
CA THR D 59 47.08 -65.98 -28.53
C THR D 59 46.17 -65.23 -27.55
N VAL D 60 46.71 -64.16 -26.97
CA VAL D 60 45.97 -63.30 -26.06
C VAL D 60 45.73 -61.96 -26.76
N TRP D 61 44.48 -61.53 -26.79
CA TRP D 61 44.09 -60.32 -27.52
C TRP D 61 44.54 -59.09 -26.75
N ASP D 62 45.62 -58.45 -27.23
CA ASP D 62 46.07 -57.21 -26.64
C ASP D 62 45.18 -56.06 -27.08
N SER D 63 44.77 -55.23 -26.13
CA SER D 63 43.90 -54.09 -26.45
C SER D 63 44.64 -53.01 -27.21
N ASP D 64 45.95 -52.90 -27.05
CA ASP D 64 46.73 -51.85 -27.71
C ASP D 64 47.47 -52.33 -28.95
N ALA D 65 47.84 -53.60 -29.01
CA ALA D 65 48.62 -54.11 -30.13
C ALA D 65 47.75 -54.56 -31.30
N HIS D 66 46.59 -55.15 -31.00
CA HIS D 66 45.71 -55.72 -32.02
C HIS D 66 44.60 -54.76 -32.43
N THR D 67 44.81 -53.46 -32.32
CA THR D 67 43.78 -52.48 -32.61
C THR D 67 44.40 -51.28 -33.31
N THR D 68 43.60 -50.60 -34.11
CA THR D 68 44.04 -49.43 -34.85
C THR D 68 43.16 -48.23 -34.50
N GLU D 69 43.78 -47.07 -34.36
CA GLU D 69 43.08 -45.86 -33.98
C GLU D 69 42.83 -44.99 -35.21
N LYS D 70 41.58 -44.59 -35.40
CA LYS D 70 41.12 -43.81 -36.53
C LYS D 70 40.39 -42.59 -36.01
N PRO D 71 40.24 -41.53 -36.82
CA PRO D 71 39.47 -40.37 -36.38
C PRO D 71 38.07 -40.75 -35.93
N THR D 72 37.62 -40.20 -34.80
CA THR D 72 36.38 -40.65 -34.20
C THR D 72 35.18 -40.26 -35.06
N ASP D 73 34.14 -41.10 -35.00
CA ASP D 73 32.93 -40.89 -35.78
C ASP D 73 31.70 -40.65 -34.91
N ALA D 74 31.79 -40.89 -33.60
CA ALA D 74 30.67 -40.69 -32.69
C ALA D 74 31.03 -39.58 -31.71
N TYR D 75 30.39 -38.43 -31.86
CA TYR D 75 30.60 -37.30 -30.96
C TYR D 75 29.47 -36.31 -31.18
N GLY D 76 29.23 -35.47 -30.17
CA GLY D 76 28.24 -34.43 -30.32
C GLY D 76 27.24 -34.37 -29.19
N GLU D 77 25.96 -34.20 -29.53
CA GLU D 77 24.91 -34.08 -28.53
C GLU D 77 23.85 -35.17 -28.74
N LEU D 78 23.24 -35.54 -27.62
CA LEU D 78 22.26 -36.62 -27.54
C LEU D 78 20.89 -36.05 -27.24
N ASP D 79 19.92 -36.41 -28.07
CA ASP D 79 18.51 -36.19 -27.80
C ASP D 79 17.91 -37.57 -27.53
N PHE D 80 17.54 -37.81 -26.27
CA PHE D 80 16.81 -39.03 -25.93
C PHE D 80 15.43 -38.95 -26.55
N THR D 81 15.21 -39.71 -27.62
CA THR D 81 14.02 -39.57 -28.44
C THR D 81 12.76 -39.82 -27.63
N GLY D 82 11.78 -38.94 -27.78
CA GLY D 82 10.54 -39.03 -27.04
C GLY D 82 10.51 -38.22 -25.76
N ALA D 83 11.54 -38.35 -24.93
CA ALA D 83 11.61 -37.57 -23.71
C ALA D 83 11.92 -36.12 -24.05
N GLY D 84 11.13 -35.20 -23.48
CA GLY D 84 11.34 -33.79 -23.72
C GLY D 84 12.36 -33.19 -22.77
N ARG D 85 13.58 -33.70 -22.81
CA ARG D 85 14.65 -33.25 -21.94
C ARG D 85 15.72 -32.53 -22.76
N LYS D 86 16.68 -31.93 -22.04
CA LYS D 86 17.79 -31.29 -22.70
C LYS D 86 18.72 -32.31 -23.34
N HIS D 87 19.50 -31.86 -24.31
CA HIS D 87 20.45 -32.74 -25.00
C HIS D 87 21.71 -32.89 -24.16
N SER D 88 22.17 -34.13 -24.02
CA SER D 88 23.43 -34.37 -23.34
C SER D 88 24.59 -34.21 -24.32
N ASN D 89 25.81 -34.24 -23.79
CA ASN D 89 27.00 -34.17 -24.62
C ASN D 89 27.73 -35.50 -24.52
N PHE D 90 27.95 -36.15 -25.67
CA PHE D 90 28.57 -37.46 -25.69
C PHE D 90 29.81 -37.43 -26.58
N LEU D 91 30.79 -38.25 -26.20
CA LEU D 91 32.00 -38.39 -26.99
C LEU D 91 32.52 -39.81 -26.91
N ARG D 92 32.63 -40.47 -28.07
CA ARG D 92 33.30 -41.75 -28.18
C ARG D 92 34.80 -41.48 -28.33
N LEU D 93 35.58 -41.93 -27.35
CA LEU D 93 36.99 -41.62 -27.28
C LEU D 93 37.80 -42.89 -27.04
N SER D 94 39.03 -42.89 -27.54
CA SER D 94 39.89 -44.06 -27.41
C SER D 94 40.26 -44.30 -25.96
N ASP D 95 40.66 -45.54 -25.66
CA ASP D 95 41.08 -45.89 -24.31
C ASP D 95 42.33 -45.11 -23.92
N ARG D 96 43.26 -44.92 -24.85
CA ARG D 96 44.51 -44.22 -24.59
C ARG D 96 44.40 -42.74 -24.99
N THR D 97 43.42 -42.07 -24.40
CA THR D 97 43.20 -40.65 -24.63
C THR D 97 43.62 -39.86 -23.41
N ASP D 98 44.49 -38.87 -23.61
CA ASP D 98 45.00 -38.10 -22.48
C ASP D 98 43.88 -37.29 -21.83
N PRO D 99 43.81 -37.25 -20.50
CA PRO D 99 42.71 -36.55 -19.83
C PRO D 99 42.67 -35.06 -20.09
N ALA D 100 43.79 -34.45 -20.49
CA ALA D 100 43.81 -33.01 -20.72
C ALA D 100 42.88 -32.61 -21.85
N ALA D 101 42.90 -33.37 -22.95
CA ALA D 101 42.07 -33.03 -24.10
C ALA D 101 40.59 -33.14 -23.78
N VAL D 102 40.17 -34.22 -23.11
CA VAL D 102 38.76 -34.38 -22.79
C VAL D 102 38.32 -33.36 -21.76
N TYR D 103 39.18 -33.06 -20.79
CA TYR D 103 38.82 -32.05 -19.80
C TYR D 103 38.66 -30.68 -20.44
N SER D 104 39.56 -30.32 -21.37
CA SER D 104 39.43 -29.05 -22.06
C SER D 104 38.18 -29.02 -22.94
N LEU D 105 37.83 -30.16 -23.53
CA LEU D 105 36.60 -30.25 -24.30
C LEU D 105 35.38 -30.02 -23.42
N VAL D 106 35.38 -30.61 -22.23
CA VAL D 106 34.23 -30.48 -21.33
C VAL D 106 34.11 -29.04 -20.84
N THR D 107 35.21 -28.46 -20.37
CA THR D 107 35.13 -27.16 -19.72
C THR D 107 34.90 -26.04 -20.73
N ARG D 108 35.60 -26.09 -21.87
CA ARG D 108 35.56 -24.98 -22.81
C ARG D 108 34.54 -25.19 -23.92
N THR D 109 34.64 -26.30 -24.66
CA THR D 109 33.79 -26.50 -25.82
C THR D 109 32.35 -26.81 -25.41
N TRP D 110 32.15 -27.66 -24.41
CA TRP D 110 30.83 -28.06 -23.98
C TRP D 110 30.22 -27.11 -22.95
N GLY D 111 30.98 -26.11 -22.49
CA GLY D 111 30.44 -25.13 -21.57
C GLY D 111 30.10 -25.64 -20.19
N PHE D 112 30.93 -26.50 -19.61
CA PHE D 112 30.73 -26.95 -18.24
C PHE D 112 31.68 -26.17 -17.32
N ARG D 113 31.13 -25.63 -16.24
CA ARG D 113 31.96 -24.98 -15.24
C ARG D 113 32.89 -25.99 -14.59
N ALA D 114 34.10 -25.54 -14.28
CA ALA D 114 35.05 -26.42 -13.61
C ALA D 114 34.50 -26.81 -12.24
N PRO D 115 34.60 -28.08 -11.86
CA PRO D 115 34.02 -28.52 -10.60
C PRO D 115 34.78 -27.99 -9.40
N ASN D 116 34.05 -27.72 -8.32
CA ASN D 116 34.65 -27.43 -7.03
C ASN D 116 34.92 -28.69 -6.23
N LEU D 117 34.44 -29.84 -6.70
CA LEU D 117 34.56 -31.14 -6.06
C LEU D 117 34.11 -32.17 -7.08
N VAL D 118 34.73 -33.34 -7.03
CA VAL D 118 34.34 -34.47 -7.88
C VAL D 118 34.14 -35.68 -7.00
N VAL D 119 32.92 -36.23 -7.00
CA VAL D 119 32.62 -37.45 -6.27
C VAL D 119 32.44 -38.57 -7.27
N SER D 120 33.32 -39.57 -7.22
CA SER D 120 33.27 -40.74 -8.09
C SER D 120 32.61 -41.88 -7.33
N VAL D 121 31.43 -42.28 -7.78
CA VAL D 121 30.67 -43.33 -7.11
C VAL D 121 31.00 -44.67 -7.74
N LEU D 122 31.34 -45.65 -6.88
CA LEU D 122 31.77 -46.96 -7.31
C LEU D 122 30.90 -48.04 -6.71
N GLY D 123 31.06 -49.25 -7.22
CA GLY D 123 30.43 -50.42 -6.63
C GLY D 123 29.03 -50.64 -7.17
N GLY D 124 28.08 -50.84 -6.27
CA GLY D 124 26.71 -51.10 -6.65
C GLY D 124 26.37 -52.58 -6.60
N SER D 125 25.64 -52.99 -5.57
CA SER D 125 25.21 -54.37 -5.46
C SER D 125 24.17 -54.70 -6.53
N GLY D 126 24.21 -55.94 -6.99
CA GLY D 126 23.24 -56.37 -7.97
C GLY D 126 21.82 -56.30 -7.44
N GLY D 127 20.90 -55.89 -8.31
CA GLY D 127 19.51 -55.76 -7.94
C GLY D 127 18.98 -54.36 -8.14
N PRO D 128 17.83 -54.26 -8.83
CA PRO D 128 17.23 -52.93 -9.06
C PRO D 128 16.82 -52.21 -7.79
N VAL D 129 16.67 -52.92 -6.67
CA VAL D 129 16.20 -52.33 -5.42
C VAL D 129 17.41 -52.13 -4.50
N LEU D 130 17.63 -50.89 -4.09
CA LEU D 130 18.61 -50.58 -3.07
C LEU D 130 17.95 -50.52 -1.70
N GLN D 131 18.76 -50.58 -0.66
CA GLN D 131 18.26 -50.36 0.69
C GLN D 131 17.78 -48.93 0.83
N THR D 132 16.68 -48.75 1.57
CA THR D 132 16.05 -47.43 1.64
C THR D 132 16.98 -46.40 2.24
N TRP D 133 17.75 -46.79 3.27
CA TRP D 133 18.71 -45.86 3.86
C TRP D 133 19.80 -45.49 2.86
N LEU D 134 20.23 -46.45 2.03
CA LEU D 134 21.21 -46.14 0.99
C LEU D 134 20.66 -45.17 -0.04
N GLN D 135 19.40 -45.34 -0.45
CA GLN D 135 18.78 -44.40 -1.37
C GLN D 135 18.67 -43.02 -0.74
N ASP D 136 18.32 -42.96 0.54
CA ASP D 136 18.26 -41.68 1.24
C ASP D 136 19.63 -41.04 1.31
N LEU D 137 20.68 -41.84 1.50
CA LEU D 137 22.04 -41.32 1.49
C LEU D 137 22.43 -40.77 0.12
N LEU D 138 22.08 -41.49 -0.94
CA LEU D 138 22.41 -41.03 -2.29
C LEU D 138 21.66 -39.74 -2.65
N ARG D 139 20.39 -39.64 -2.26
CA ARG D 139 19.60 -38.46 -2.61
C ARG D 139 19.88 -37.28 -1.67
N ARG D 140 19.57 -37.46 -0.39
CA ARG D 140 19.72 -36.38 0.59
C ARG D 140 21.18 -36.06 0.89
N GLY D 141 22.08 -37.02 0.78
CA GLY D 141 23.47 -36.78 1.13
C GLY D 141 24.33 -36.41 -0.05
N LEU D 142 24.36 -37.25 -1.08
CA LEU D 142 25.30 -37.06 -2.17
C LEU D 142 24.84 -35.99 -3.14
N VAL D 143 23.60 -36.10 -3.64
CA VAL D 143 23.13 -35.19 -4.67
C VAL D 143 22.93 -33.79 -4.09
N ARG D 144 22.41 -33.71 -2.87
CA ARG D 144 22.20 -32.41 -2.25
C ARG D 144 23.53 -31.69 -2.00
N ALA D 145 24.53 -32.42 -1.50
CA ALA D 145 25.85 -31.83 -1.29
C ALA D 145 26.49 -31.44 -2.62
N ALA D 146 26.31 -32.27 -3.66
CA ALA D 146 26.86 -31.94 -4.96
C ALA D 146 26.24 -30.67 -5.53
N GLN D 147 24.94 -30.49 -5.33
CA GLN D 147 24.28 -29.27 -5.79
C GLN D 147 24.75 -28.06 -4.98
N SER D 148 24.90 -28.22 -3.66
CA SER D 148 25.28 -27.08 -2.82
C SER D 148 26.71 -26.65 -3.08
N THR D 149 27.63 -27.60 -3.27
CA THR D 149 29.04 -27.28 -3.45
C THR D 149 29.44 -27.14 -4.91
N GLY D 150 28.53 -27.33 -5.84
CA GLY D 150 28.86 -27.25 -7.26
C GLY D 150 29.78 -28.35 -7.73
N ALA D 151 29.53 -29.59 -7.33
CA ALA D 151 30.39 -30.71 -7.62
C ALA D 151 29.91 -31.47 -8.85
N TRP D 152 30.80 -32.33 -9.36
CA TRP D 152 30.49 -33.27 -10.43
C TRP D 152 30.34 -34.67 -9.84
N ILE D 153 29.24 -35.33 -10.15
CA ILE D 153 29.04 -36.72 -9.77
C ILE D 153 29.44 -37.59 -10.96
N VAL D 154 30.49 -38.39 -10.79
CA VAL D 154 31.05 -39.19 -11.87
C VAL D 154 30.83 -40.66 -11.55
N THR D 155 30.20 -41.38 -12.46
CA THR D 155 30.01 -42.81 -12.33
C THR D 155 29.81 -43.39 -13.72
N GLY D 156 29.35 -44.64 -13.79
CA GLY D 156 28.94 -45.18 -15.06
C GLY D 156 27.68 -44.50 -15.56
N GLY D 157 27.65 -44.23 -16.86
CA GLY D 157 26.49 -43.56 -17.42
C GLY D 157 25.38 -44.47 -17.87
N LEU D 158 25.52 -45.77 -17.68
CA LEU D 158 24.53 -46.73 -18.17
C LEU D 158 23.37 -46.84 -17.18
N HIS D 159 22.22 -47.27 -17.71
CA HIS D 159 21.00 -47.41 -16.92
C HIS D 159 20.98 -48.77 -16.22
N THR D 160 21.96 -48.97 -15.35
CA THR D 160 22.06 -50.23 -14.60
C THR D 160 22.98 -50.03 -13.41
N GLY D 161 22.66 -50.73 -12.32
CA GLY D 161 23.55 -50.75 -11.18
C GLY D 161 23.64 -49.41 -10.47
N ILE D 162 24.87 -49.08 -10.04
CA ILE D 162 25.07 -47.86 -9.27
C ILE D 162 24.80 -46.64 -10.14
N GLY D 163 25.02 -46.73 -11.45
CA GLY D 163 24.63 -45.65 -12.33
C GLY D 163 23.14 -45.41 -12.33
N ARG D 164 22.35 -46.48 -12.39
CA ARG D 164 20.90 -46.34 -12.32
C ARG D 164 20.48 -45.76 -10.98
N HIS D 165 21.12 -46.19 -9.89
CA HIS D 165 20.73 -45.69 -8.58
C HIS D 165 21.09 -44.23 -8.39
N VAL D 166 22.25 -43.80 -8.88
CA VAL D 166 22.62 -42.40 -8.81
C VAL D 166 21.71 -41.55 -9.69
N GLY D 167 21.32 -42.08 -10.85
CA GLY D 167 20.36 -41.38 -11.68
C GLY D 167 19.01 -41.23 -11.01
N VAL D 168 18.56 -42.27 -10.32
CA VAL D 168 17.31 -42.19 -9.56
C VAL D 168 17.42 -41.16 -8.45
N ALA D 169 18.56 -41.11 -7.77
CA ALA D 169 18.77 -40.10 -6.74
C ALA D 169 18.72 -38.69 -7.32
N VAL D 170 19.36 -38.48 -8.48
CA VAL D 170 19.34 -37.16 -9.11
C VAL D 170 17.92 -36.79 -9.51
N ARG D 171 17.19 -37.73 -10.10
CA ARG D 171 15.81 -37.46 -10.51
C ARG D 171 14.94 -37.12 -9.31
N ASP D 172 15.04 -37.89 -8.23
CA ASP D 172 14.22 -37.64 -7.05
C ASP D 172 14.58 -36.31 -6.41
N HIS D 173 15.86 -35.96 -6.38
CA HIS D 173 16.27 -34.66 -5.86
C HIS D 173 15.70 -33.53 -6.69
N GLN D 174 15.72 -33.67 -8.01
CA GLN D 174 15.22 -32.60 -8.88
C GLN D 174 13.70 -32.49 -8.82
N MET D 175 13.00 -33.61 -8.60
CA MET D 175 11.54 -33.55 -8.50
C MET D 175 11.11 -32.73 -7.30
N ALA D 176 11.68 -33.01 -6.13
CA ALA D 176 11.46 -32.20 -4.93
C ALA D 176 12.63 -31.23 -4.76
N SER D 177 12.65 -30.22 -5.64
CA SER D 177 13.76 -29.28 -5.68
C SER D 177 13.22 -27.85 -5.76
N THR D 178 14.04 -26.92 -5.30
CA THR D 178 13.76 -25.50 -5.42
C THR D 178 14.30 -25.00 -6.75
N GLY D 179 14.34 -23.67 -6.91
CA GLY D 179 14.91 -23.09 -8.12
C GLY D 179 16.42 -23.01 -8.07
N GLY D 180 17.07 -24.14 -7.80
CA GLY D 180 18.51 -24.19 -7.69
C GLY D 180 19.16 -24.73 -8.95
N THR D 181 20.48 -24.52 -9.03
CA THR D 181 21.24 -24.98 -10.18
C THR D 181 21.22 -26.50 -10.26
N LYS D 182 21.19 -27.02 -11.48
CA LYS D 182 21.08 -28.46 -11.66
C LYS D 182 22.38 -29.17 -11.29
N VAL D 183 22.26 -30.44 -10.96
CA VAL D 183 23.41 -31.27 -10.62
C VAL D 183 24.06 -31.75 -11.90
N VAL D 184 25.39 -31.81 -11.92
CA VAL D 184 26.15 -32.20 -13.10
C VAL D 184 26.63 -33.64 -12.90
N ALA D 185 26.27 -34.50 -13.86
CA ALA D 185 26.60 -35.91 -13.82
C ALA D 185 27.38 -36.32 -15.06
N MET D 186 28.45 -37.07 -14.83
CA MET D 186 29.31 -37.60 -15.87
C MET D 186 29.24 -39.12 -15.86
N GLY D 187 29.06 -39.69 -17.04
CA GLY D 187 29.06 -41.13 -17.17
C GLY D 187 30.23 -41.61 -18.01
N VAL D 188 31.19 -42.27 -17.38
CA VAL D 188 32.32 -42.85 -18.07
C VAL D 188 31.99 -44.32 -18.31
N ALA D 189 31.56 -44.64 -19.53
CA ALA D 189 31.02 -45.95 -19.83
C ALA D 189 31.77 -46.57 -20.99
N PRO D 190 31.82 -47.90 -21.06
CA PRO D 190 32.52 -48.55 -22.18
C PRO D 190 31.73 -48.44 -23.47
N TRP D 191 32.44 -48.18 -24.56
CA TRP D 191 31.84 -48.33 -25.89
C TRP D 191 31.93 -49.79 -26.28
N GLY D 192 30.77 -50.45 -26.37
CA GLY D 192 30.74 -51.87 -26.61
C GLY D 192 29.63 -52.52 -25.81
N VAL D 193 29.25 -51.87 -24.70
CA VAL D 193 28.10 -52.26 -23.91
C VAL D 193 26.99 -51.23 -23.99
N VAL D 194 27.16 -50.21 -24.83
CA VAL D 194 26.13 -49.20 -25.00
C VAL D 194 25.12 -49.71 -26.02
N ARG D 195 23.88 -49.87 -25.59
CA ARG D 195 22.81 -50.40 -26.43
C ARG D 195 22.37 -49.35 -27.43
N ASN D 196 22.10 -49.78 -28.66
CA ASN D 196 21.63 -48.91 -29.73
C ASN D 196 22.59 -47.76 -29.97
N ARG D 197 23.89 -48.04 -29.87
CA ARG D 197 24.89 -47.00 -30.06
C ARG D 197 25.18 -46.71 -31.53
N ASP D 198 24.73 -47.58 -32.44
CA ASP D 198 24.92 -47.34 -33.87
C ASP D 198 24.25 -46.05 -34.33
N THR D 199 23.21 -45.60 -33.62
CA THR D 199 22.57 -44.33 -33.95
C THR D 199 23.43 -43.13 -33.62
N LEU D 200 24.54 -43.32 -32.90
CA LEU D 200 25.41 -42.22 -32.51
C LEU D 200 26.53 -41.98 -33.52
N ILE D 201 26.65 -42.81 -34.54
CA ILE D 201 27.78 -42.76 -35.46
C ILE D 201 27.44 -41.83 -36.62
N ASN D 202 28.18 -40.74 -36.72
CA ASN D 202 28.08 -39.77 -37.81
C ASN D 202 29.38 -38.99 -37.89
N PRO D 203 30.26 -39.30 -38.85
CA PRO D 203 31.58 -38.63 -38.89
C PRO D 203 31.50 -37.13 -39.06
N LYS D 204 30.42 -36.60 -39.64
CA LYS D 204 30.29 -35.17 -39.80
C LYS D 204 29.89 -34.48 -38.50
N GLY D 205 29.52 -35.25 -37.50
CA GLY D 205 29.10 -34.70 -36.22
C GLY D 205 27.63 -34.95 -35.95
N SER D 206 27.33 -35.88 -35.05
CA SER D 206 25.96 -36.24 -34.73
C SER D 206 25.46 -35.33 -33.60
N PHE D 207 25.25 -34.07 -33.96
CA PHE D 207 24.91 -33.08 -32.94
C PHE D 207 23.47 -33.25 -32.47
N PRO D 208 22.47 -33.26 -33.34
CA PRO D 208 21.16 -33.69 -32.80
C PRO D 208 20.99 -35.21 -32.93
N ALA D 209 21.81 -35.96 -32.20
CA ALA D 209 21.81 -37.41 -32.35
C ALA D 209 20.62 -38.02 -31.60
N ARG D 210 19.70 -38.60 -32.35
CA ARG D 210 18.50 -39.20 -31.74
C ARG D 210 18.86 -40.58 -31.21
N TYR D 211 18.69 -40.79 -29.91
CA TYR D 211 19.13 -42.00 -29.24
C TYR D 211 17.92 -42.80 -28.76
N ARG D 212 17.92 -44.11 -29.04
CA ARG D 212 16.86 -45.00 -28.59
C ARG D 212 17.26 -45.59 -27.24
N TRP D 213 16.62 -45.12 -26.18
CA TRP D 213 17.03 -45.43 -24.82
C TRP D 213 16.07 -46.36 -24.09
N ARG D 214 14.99 -46.78 -24.74
CA ARG D 214 14.02 -47.67 -24.09
C ARG D 214 13.27 -48.45 -25.16
N GLY D 215 12.57 -49.49 -24.71
CA GLY D 215 11.78 -50.32 -25.59
C GLY D 215 12.40 -51.63 -26.00
N ASP D 216 13.69 -51.84 -25.72
CA ASP D 216 14.36 -53.09 -26.04
C ASP D 216 14.27 -54.05 -24.87
N PRO D 217 14.21 -55.36 -25.14
CA PRO D 217 14.21 -56.35 -24.05
C PRO D 217 15.47 -56.23 -23.22
N GLU D 218 15.33 -56.39 -21.91
CA GLU D 218 16.46 -56.25 -21.01
C GLU D 218 17.45 -57.39 -21.20
N ASP D 219 18.72 -57.03 -21.33
CA ASP D 219 19.79 -57.99 -21.54
C ASP D 219 20.92 -57.67 -20.57
N GLY D 220 21.65 -58.71 -20.18
CA GLY D 220 22.78 -58.56 -19.28
C GLY D 220 24.08 -58.15 -19.93
N VAL D 221 24.07 -57.88 -21.22
CA VAL D 221 25.27 -57.53 -21.97
C VAL D 221 25.29 -56.04 -22.34
N GLN D 222 24.28 -55.58 -23.05
CA GLN D 222 24.20 -54.19 -23.48
C GLN D 222 23.16 -53.45 -22.65
N PHE D 223 23.47 -52.20 -22.30
CA PHE D 223 22.61 -51.36 -21.48
C PHE D 223 22.50 -49.99 -22.13
N PRO D 224 21.35 -49.33 -21.97
CA PRO D 224 21.18 -47.99 -22.55
C PRO D 224 21.91 -46.95 -21.72
N LEU D 225 21.87 -45.72 -22.22
CA LEU D 225 22.44 -44.59 -21.50
C LEU D 225 21.39 -43.96 -20.61
N ASP D 226 21.75 -43.75 -19.35
CA ASP D 226 20.86 -43.12 -18.38
C ASP D 226 20.79 -41.62 -18.67
N TYR D 227 19.58 -41.11 -18.91
CA TYR D 227 19.46 -39.72 -19.36
C TYR D 227 19.62 -38.71 -18.23
N ASN D 228 19.74 -39.15 -16.98
CA ASN D 228 19.97 -38.23 -15.90
C ASN D 228 21.41 -37.74 -15.85
N TYR D 229 22.24 -38.09 -16.82
CA TYR D 229 23.64 -37.72 -16.85
C TYR D 229 23.87 -36.61 -17.85
N SER D 230 24.59 -35.58 -17.42
CA SER D 230 24.83 -34.41 -18.25
C SER D 230 25.77 -34.74 -19.41
N ALA D 231 26.76 -35.59 -19.19
CA ALA D 231 27.71 -35.90 -20.25
C ALA D 231 28.10 -37.37 -20.21
N PHE D 232 28.54 -37.87 -21.37
CA PHE D 232 28.90 -39.27 -21.55
C PHE D 232 30.25 -39.37 -22.24
N PHE D 233 31.17 -40.12 -21.64
CA PHE D 233 32.45 -40.45 -22.23
C PHE D 233 32.44 -41.95 -22.51
N LEU D 234 32.32 -42.31 -23.78
CA LEU D 234 32.25 -43.71 -24.21
C LEU D 234 33.66 -44.15 -24.57
N VAL D 235 34.29 -44.90 -23.68
CA VAL D 235 35.68 -45.30 -23.81
C VAL D 235 35.73 -46.55 -24.65
N ASP D 236 36.21 -46.44 -25.88
CA ASP D 236 36.29 -47.55 -26.82
C ASP D 236 37.69 -48.12 -26.77
N ASP D 237 37.82 -49.31 -26.19
CA ASP D 237 39.08 -50.04 -26.20
C ASP D 237 39.14 -51.09 -27.29
N GLY D 238 38.13 -51.16 -28.17
CA GLY D 238 38.12 -52.07 -29.30
C GLY D 238 37.24 -53.28 -29.11
N THR D 239 36.83 -53.59 -27.89
CA THR D 239 36.04 -54.78 -27.63
C THR D 239 34.55 -54.51 -27.89
N HIS D 240 33.76 -55.57 -27.69
CA HIS D 240 32.30 -55.49 -27.84
C HIS D 240 31.68 -56.41 -26.80
N GLY D 241 30.87 -55.84 -25.91
CA GLY D 241 30.22 -56.60 -24.86
C GLY D 241 31.05 -56.88 -23.64
N CYS D 242 32.24 -56.30 -23.55
CA CYS D 242 33.14 -56.52 -22.42
C CYS D 242 33.09 -55.33 -21.47
N LEU D 243 33.05 -55.61 -20.17
CA LEU D 243 33.01 -54.60 -19.13
C LEU D 243 34.39 -54.46 -18.49
N GLY D 244 34.70 -53.23 -18.08
CA GLY D 244 35.95 -52.95 -17.38
C GLY D 244 37.04 -52.33 -18.22
N GLY D 245 36.80 -52.09 -19.51
CA GLY D 245 37.79 -51.47 -20.36
C GLY D 245 37.89 -49.97 -20.23
N GLU D 246 37.05 -49.35 -19.42
CA GLU D 246 37.02 -47.91 -19.24
C GLU D 246 37.57 -47.46 -17.89
N ASN D 247 37.96 -48.39 -17.02
CA ASN D 247 38.40 -48.03 -15.68
C ASN D 247 39.70 -47.22 -15.72
N ARG D 248 40.62 -47.59 -16.61
CA ARG D 248 41.91 -46.90 -16.67
C ARG D 248 41.72 -45.43 -17.05
N PHE D 249 40.92 -45.16 -18.08
CA PHE D 249 40.68 -43.79 -18.48
C PHE D 249 39.97 -43.02 -17.38
N ARG D 250 39.01 -43.66 -16.70
CA ARG D 250 38.29 -42.99 -15.62
C ARG D 250 39.23 -42.59 -14.50
N LEU D 251 40.12 -43.50 -14.10
CA LEU D 251 41.08 -43.18 -13.05
C LEU D 251 42.04 -42.09 -13.47
N ARG D 252 42.51 -42.14 -14.73
CA ARG D 252 43.41 -41.09 -15.20
C ARG D 252 42.71 -39.73 -15.23
N LEU D 253 41.44 -39.71 -15.66
CA LEU D 253 40.69 -38.45 -15.68
C LEU D 253 40.50 -37.91 -14.27
N GLU D 254 40.17 -38.78 -13.32
CA GLU D 254 40.02 -38.34 -11.94
C GLU D 254 41.32 -37.77 -11.39
N SER D 255 42.44 -38.47 -11.66
CA SER D 255 43.74 -37.99 -11.20
C SER D 255 44.09 -36.65 -11.84
N TYR D 256 43.81 -36.47 -13.13
CA TYR D 256 44.09 -35.20 -13.78
C TYR D 256 43.25 -34.07 -13.20
N ILE D 257 41.97 -34.35 -12.92
CA ILE D 257 41.11 -33.32 -12.32
C ILE D 257 41.62 -32.97 -10.93
N SER D 258 42.16 -33.94 -10.20
CA SER D 258 42.70 -33.68 -8.87
C SER D 258 43.84 -32.66 -8.89
N GLN D 259 44.48 -32.47 -10.03
CA GLN D 259 45.63 -31.58 -10.13
C GLN D 259 45.28 -30.19 -10.68
N GLN D 260 44.03 -29.96 -11.04
CA GLN D 260 43.62 -28.65 -11.52
C GLN D 260 43.31 -27.74 -10.34
N LYS D 261 43.20 -26.44 -10.62
CA LYS D 261 43.03 -25.42 -9.59
C LYS D 261 41.63 -24.83 -9.65
N THR D 262 41.05 -24.57 -8.49
CA THR D 262 39.74 -23.95 -8.41
C THR D 262 39.84 -22.44 -8.52
N GLY D 263 38.70 -21.80 -8.79
CA GLY D 263 38.64 -20.36 -8.83
C GLY D 263 39.19 -19.78 -10.13
N VAL D 264 39.22 -18.45 -10.17
CA VAL D 264 39.73 -17.74 -11.33
C VAL D 264 41.23 -18.00 -11.46
N GLY D 265 41.67 -18.35 -12.66
CA GLY D 265 43.06 -18.70 -12.85
C GLY D 265 43.42 -19.98 -12.12
N GLY D 266 44.73 -20.15 -11.92
CA GLY D 266 45.24 -21.28 -11.18
C GLY D 266 45.59 -20.93 -9.75
N THR D 267 44.93 -19.90 -9.23
CA THR D 267 45.29 -19.37 -7.91
C THR D 267 44.76 -20.25 -6.78
N GLY D 268 43.65 -20.93 -6.98
CA GLY D 268 42.99 -21.63 -5.90
C GLY D 268 43.66 -22.91 -5.46
N ILE D 269 42.92 -23.75 -4.74
CA ILE D 269 43.42 -25.03 -4.28
C ILE D 269 43.21 -26.08 -5.37
N ASP D 270 43.89 -27.22 -5.22
CA ASP D 270 43.63 -28.34 -6.12
C ASP D 270 42.20 -28.83 -5.94
N ILE D 271 41.56 -29.17 -7.05
CA ILE D 271 40.18 -29.64 -7.03
C ILE D 271 40.11 -30.92 -6.22
N PRO D 272 39.30 -30.99 -5.17
CA PRO D 272 39.21 -32.21 -4.37
C PRO D 272 38.42 -33.29 -5.10
N VAL D 273 39.01 -34.47 -5.21
CA VAL D 273 38.36 -35.63 -5.84
C VAL D 273 38.25 -36.72 -4.80
N LEU D 274 37.03 -37.18 -4.57
CA LEU D 274 36.72 -38.17 -3.54
C LEU D 274 35.97 -39.32 -4.20
N LEU D 275 36.30 -40.54 -3.78
CA LEU D 275 35.66 -41.75 -4.29
C LEU D 275 34.72 -42.28 -3.22
N LEU D 276 33.44 -42.44 -3.57
CA LEU D 276 32.45 -42.99 -2.67
C LEU D 276 32.17 -44.43 -3.07
N LEU D 277 32.36 -45.36 -2.14
CA LEU D 277 32.26 -46.79 -2.42
C LEU D 277 31.04 -47.37 -1.71
N ILE D 278 30.16 -47.99 -2.49
CA ILE D 278 28.99 -48.70 -1.98
C ILE D 278 29.04 -50.12 -2.53
N ASP D 279 29.01 -51.10 -1.63
CA ASP D 279 29.08 -52.52 -2.01
C ASP D 279 30.34 -52.74 -2.84
N GLY D 280 30.31 -53.69 -3.77
CA GLY D 280 31.43 -53.93 -4.66
C GLY D 280 31.82 -55.39 -4.68
N ASP D 281 32.94 -55.65 -5.34
CA ASP D 281 33.49 -57.00 -5.47
C ASP D 281 35.01 -56.90 -5.55
N GLU D 282 35.65 -57.96 -6.02
CA GLU D 282 37.11 -57.98 -6.10
C GLU D 282 37.64 -56.91 -7.05
N LYS D 283 36.96 -56.72 -8.19
CA LYS D 283 37.34 -55.64 -9.10
C LYS D 283 37.20 -54.28 -8.42
N MET D 284 36.22 -54.14 -7.52
CA MET D 284 36.12 -52.90 -6.76
C MET D 284 37.27 -52.74 -5.78
N LEU D 285 37.77 -53.85 -5.23
CA LEU D 285 38.98 -53.79 -4.41
C LEU D 285 40.18 -53.32 -5.25
N THR D 286 40.28 -53.81 -6.49
CA THR D 286 41.34 -53.33 -7.37
C THR D 286 41.19 -51.85 -7.68
N ARG D 287 39.95 -51.40 -7.89
CA ARG D 287 39.70 -49.98 -8.13
C ARG D 287 40.14 -49.14 -6.94
N ILE D 288 39.81 -49.59 -5.72
CA ILE D 288 40.18 -48.86 -4.52
C ILE D 288 41.70 -48.85 -4.37
N GLU D 289 42.36 -49.97 -4.65
CA GLU D 289 43.82 -50.00 -4.55
C GLU D 289 44.47 -49.04 -5.53
N ASN D 290 43.98 -49.01 -6.77
CA ASN D 290 44.53 -48.10 -7.77
C ASN D 290 44.29 -46.64 -7.38
N ALA D 291 43.09 -46.32 -6.89
CA ALA D 291 42.80 -44.95 -6.47
C ALA D 291 43.67 -44.54 -5.30
N THR D 292 43.85 -45.43 -4.32
CA THR D 292 44.71 -45.14 -3.19
C THR D 292 46.16 -44.93 -3.64
N GLN D 293 46.63 -45.75 -4.57
CA GLN D 293 47.97 -45.56 -5.12
C GLN D 293 48.08 -44.26 -5.89
N ALA D 294 46.96 -43.77 -6.42
CA ALA D 294 46.92 -42.49 -7.11
C ALA D 294 46.65 -41.31 -6.18
N GLN D 295 46.70 -41.53 -4.87
CA GLN D 295 46.50 -40.49 -3.86
C GLN D 295 45.11 -39.85 -4.00
N LEU D 296 44.10 -40.70 -3.95
CA LEU D 296 42.70 -40.28 -4.01
C LEU D 296 41.97 -40.79 -2.78
N PRO D 297 41.39 -39.92 -1.95
CA PRO D 297 40.66 -40.40 -0.77
C PRO D 297 39.48 -41.25 -1.16
N CYS D 298 39.20 -42.26 -0.32
CA CYS D 298 38.10 -43.19 -0.55
C CYS D 298 37.21 -43.21 0.69
N LEU D 299 35.93 -42.89 0.50
CA LEU D 299 34.93 -42.94 1.55
C LEU D 299 34.11 -44.22 1.38
N LEU D 300 34.18 -45.10 2.37
CA LEU D 300 33.55 -46.41 2.30
C LEU D 300 32.27 -46.38 3.14
N VAL D 301 31.15 -46.74 2.53
CA VAL D 301 29.86 -46.67 3.20
C VAL D 301 29.68 -47.92 4.04
N ALA D 302 29.61 -47.75 5.36
CA ALA D 302 29.40 -48.87 6.26
C ALA D 302 27.97 -49.36 6.18
N GLY D 303 27.80 -50.69 6.21
CA GLY D 303 26.50 -51.30 6.08
C GLY D 303 26.08 -51.63 4.66
N SER D 304 26.97 -51.45 3.68
CA SER D 304 26.62 -51.72 2.30
C SER D 304 26.73 -53.21 1.97
N GLY D 305 27.93 -53.77 2.07
CA GLY D 305 28.12 -55.17 1.76
C GLY D 305 29.58 -55.47 1.47
N GLY D 306 29.78 -56.33 0.47
CA GLY D 306 31.13 -56.77 0.15
C GLY D 306 31.99 -55.63 -0.37
N ALA D 307 33.29 -55.69 -0.05
CA ALA D 307 34.32 -54.77 -0.52
C ALA D 307 34.15 -53.37 0.07
N ALA D 308 33.05 -53.14 0.79
CA ALA D 308 32.83 -51.89 1.50
C ALA D 308 32.77 -52.08 3.00
N ASP D 309 31.95 -53.01 3.48
CA ASP D 309 31.99 -53.38 4.89
C ASP D 309 33.28 -54.12 5.22
N CYS D 310 33.85 -54.85 4.25
CA CYS D 310 35.11 -55.54 4.49
C CYS D 310 36.22 -54.54 4.80
N LEU D 311 36.40 -53.55 3.93
CA LEU D 311 37.46 -52.57 4.13
C LEU D 311 37.19 -51.71 5.37
N ALA D 312 35.91 -51.37 5.62
CA ALA D 312 35.59 -50.58 6.80
C ALA D 312 35.90 -51.36 8.09
N GLU D 313 35.52 -52.64 8.12
CA GLU D 313 35.82 -53.46 9.28
C GLU D 313 37.32 -53.66 9.48
N THR D 314 38.06 -53.82 8.37
CA THR D 314 39.51 -53.90 8.48
C THR D 314 40.11 -52.61 9.00
N LEU D 315 39.60 -51.46 8.54
CA LEU D 315 40.13 -50.17 8.98
C LEU D 315 39.85 -49.92 10.45
N GLU D 316 38.63 -50.24 10.90
CA GLU D 316 38.30 -50.05 12.32
C GLU D 316 38.92 -51.13 13.20
N ASP D 317 39.32 -52.25 12.62
CA ASP D 317 40.01 -53.29 13.39
C ASP D 317 41.45 -52.91 13.65
N THR D 318 42.05 -52.13 12.75
CA THR D 318 43.45 -51.70 12.82
C THR D 318 44.39 -52.87 13.07
N ALA D 331 40.76 -61.83 10.22
CA ALA D 331 41.59 -61.38 9.11
C ALA D 331 41.21 -62.10 7.81
N ARG D 332 41.22 -63.43 7.85
CA ARG D 332 40.82 -64.21 6.68
C ARG D 332 39.35 -64.58 6.72
N ASP D 333 38.75 -64.66 7.92
CA ASP D 333 37.34 -65.01 8.02
C ASP D 333 36.45 -63.96 7.37
N ARG D 334 36.81 -62.68 7.54
CA ARG D 334 36.01 -61.62 6.92
C ARG D 334 36.08 -61.71 5.40
N ILE D 335 37.25 -61.98 4.84
CA ILE D 335 37.38 -62.13 3.39
C ILE D 335 36.60 -63.35 2.92
N ARG D 336 36.62 -64.43 3.71
CA ARG D 336 35.87 -65.63 3.33
C ARG D 336 34.37 -65.38 3.32
N ARG D 337 33.86 -64.67 4.33
CA ARG D 337 32.42 -64.48 4.42
C ARG D 337 31.93 -63.41 3.44
N PHE D 338 32.73 -62.37 3.20
CA PHE D 338 32.32 -61.35 2.24
C PHE D 338 32.52 -61.83 0.81
N PHE D 339 33.54 -62.63 0.56
CA PHE D 339 33.92 -63.07 -0.79
C PHE D 339 34.03 -64.59 -0.84
N PRO D 340 32.91 -65.31 -0.90
CA PRO D 340 32.98 -66.76 -1.14
C PRO D 340 33.49 -67.05 -2.54
N LYS D 341 34.12 -68.22 -2.68
CA LYS D 341 34.74 -68.64 -3.94
C LYS D 341 35.77 -67.61 -4.42
N GLY D 342 36.56 -67.10 -3.49
CA GLY D 342 37.63 -66.18 -3.82
C GLY D 342 38.95 -66.59 -3.18
N ASP D 343 40.00 -66.69 -4.00
CA ASP D 343 41.30 -67.12 -3.49
C ASP D 343 41.79 -66.16 -2.42
N LEU D 344 42.21 -66.74 -1.28
CA LEU D 344 42.49 -65.93 -0.10
C LEU D 344 43.82 -65.20 -0.17
N GLU D 345 44.84 -65.78 -0.80
CA GLU D 345 46.16 -65.19 -0.75
C GLU D 345 46.21 -63.84 -1.48
N VAL D 346 45.71 -63.80 -2.72
CA VAL D 346 45.76 -62.58 -3.51
C VAL D 346 44.87 -61.50 -2.89
N LEU D 347 43.67 -61.89 -2.44
CA LEU D 347 42.78 -60.92 -1.79
C LEU D 347 43.39 -60.39 -0.51
N GLN D 348 44.03 -61.26 0.28
CA GLN D 348 44.66 -60.81 1.52
C GLN D 348 45.80 -59.84 1.24
N ALA D 349 46.64 -60.15 0.25
CA ALA D 349 47.72 -59.24 -0.11
C ALA D 349 47.17 -57.90 -0.62
N GLN D 350 46.08 -57.95 -1.39
CA GLN D 350 45.47 -56.71 -1.87
C GLN D 350 44.92 -55.89 -0.73
N VAL D 351 44.30 -56.54 0.26
CA VAL D 351 43.78 -55.81 1.42
C VAL D 351 44.93 -55.22 2.24
N GLU D 352 46.05 -55.94 2.34
CA GLU D 352 47.21 -55.39 3.02
C GLU D 352 47.73 -54.15 2.30
N ARG D 353 47.81 -54.21 0.97
CA ARG D 353 48.23 -53.03 0.21
C ARG D 353 47.22 -51.89 0.34
N ILE D 354 45.94 -52.22 0.50
CA ILE D 354 44.93 -51.20 0.77
C ILE D 354 45.22 -50.52 2.10
N MET D 355 45.45 -51.31 3.14
CA MET D 355 45.66 -50.77 4.48
C MET D 355 47.02 -50.10 4.62
N THR D 356 47.93 -50.32 3.68
CA THR D 356 49.22 -49.63 3.72
C THR D 356 49.03 -48.12 3.78
N ARG D 357 48.24 -47.56 2.86
CA ARG D 357 47.90 -46.14 2.89
C ARG D 357 46.51 -46.00 3.48
N LYS D 358 46.42 -46.14 4.80
CA LYS D 358 45.16 -46.10 5.51
C LYS D 358 44.72 -44.69 5.88
N GLU D 359 45.54 -43.67 5.61
CA GLU D 359 45.13 -42.30 5.82
C GLU D 359 44.24 -41.79 4.70
N LEU D 360 44.20 -42.48 3.57
CA LEU D 360 43.31 -42.11 2.47
C LEU D 360 41.96 -42.80 2.55
N LEU D 361 41.74 -43.62 3.57
CA LEU D 361 40.46 -44.30 3.73
C LEU D 361 39.66 -43.69 4.88
N THR D 362 38.39 -43.40 4.61
CA THR D 362 37.47 -42.89 5.62
C THR D 362 36.22 -43.76 5.58
N VAL D 363 35.53 -43.84 6.71
CA VAL D 363 34.34 -44.68 6.84
C VAL D 363 33.13 -43.79 7.11
N TYR D 364 32.10 -43.96 6.29
CA TYR D 364 30.81 -43.28 6.48
C TYR D 364 29.98 -44.18 7.38
N SER D 365 30.10 -43.97 8.68
CA SER D 365 29.46 -44.85 9.65
C SER D 365 27.93 -44.76 9.55
N SER D 366 27.28 -45.84 9.97
CA SER D 366 25.81 -45.90 9.93
C SER D 366 25.19 -44.85 10.83
N GLU D 367 25.93 -44.38 11.85
CA GLU D 367 25.42 -43.34 12.73
C GLU D 367 25.29 -42.01 12.00
N ASP D 368 26.21 -41.73 11.07
CA ASP D 368 26.21 -40.46 10.35
C ASP D 368 24.95 -40.33 9.50
N GLY D 369 24.31 -39.16 9.57
CA GLY D 369 23.16 -38.88 8.74
C GLY D 369 23.56 -38.25 7.41
N SER D 370 22.55 -38.08 6.54
CA SER D 370 22.79 -37.50 5.24
C SER D 370 23.22 -36.04 5.35
N GLU D 371 22.62 -35.29 6.27
CA GLU D 371 22.92 -33.87 6.41
C GLU D 371 24.37 -33.62 6.80
N GLU D 372 25.07 -34.65 7.27
CA GLU D 372 26.48 -34.55 7.65
C GLU D 372 27.41 -35.02 6.54
N PHE D 373 26.93 -35.07 5.30
CA PHE D 373 27.76 -35.55 4.20
C PHE D 373 28.97 -34.66 3.99
N GLU D 374 28.73 -33.36 3.77
CA GLU D 374 29.81 -32.44 3.41
C GLU D 374 30.91 -32.44 4.47
N THR D 375 30.53 -32.33 5.73
CA THR D 375 31.52 -32.34 6.81
C THR D 375 32.39 -33.58 6.72
N ILE D 376 31.77 -34.75 6.50
CA ILE D 376 32.55 -35.97 6.37
C ILE D 376 33.54 -35.85 5.22
N VAL D 377 33.09 -35.33 4.08
CA VAL D 377 33.99 -35.10 2.96
C VAL D 377 35.17 -34.25 3.40
N LEU D 378 34.88 -33.18 4.16
CA LEU D 378 35.97 -32.35 4.68
C LEU D 378 36.95 -33.18 5.48
N LYS D 379 36.45 -33.99 6.42
CA LYS D 379 37.35 -34.78 7.25
C LYS D 379 38.04 -35.88 6.45
N ALA D 380 37.58 -36.14 5.24
CA ALA D 380 38.28 -37.08 4.38
C ALA D 380 39.33 -36.37 3.53
N LEU D 381 39.13 -35.09 3.25
CA LEU D 381 40.05 -34.36 2.37
C LEU D 381 41.25 -33.83 3.15
N VAL D 382 41.00 -33.13 4.25
CA VAL D 382 42.10 -32.55 5.03
C VAL D 382 42.99 -33.66 5.60
N LYS D 383 42.38 -34.77 6.02
CA LYS D 383 43.17 -35.91 6.48
C LYS D 383 44.05 -36.44 5.35
N ALA D 384 43.58 -36.36 4.11
CA ALA D 384 44.43 -36.72 2.98
C ALA D 384 45.57 -35.73 2.81
N CYS D 385 45.32 -34.45 3.13
CA CYS D 385 46.36 -33.44 3.01
C CYS D 385 47.52 -33.73 3.96
N GLY D 386 47.23 -34.15 5.18
CA GLY D 386 48.25 -34.48 6.15
C GLY D 386 48.75 -35.90 6.02
N TYR D 393 48.29 -28.69 -0.88
CA TYR D 393 47.89 -28.35 0.48
C TYR D 393 46.57 -27.59 0.49
N LEU D 394 45.72 -27.92 1.47
CA LEU D 394 44.46 -27.22 1.67
C LEU D 394 44.07 -27.29 3.13
N ASP D 395 43.20 -26.36 3.55
CA ASP D 395 42.60 -26.37 4.87
C ASP D 395 41.10 -26.19 4.72
N GLU D 396 40.40 -26.31 5.86
CA GLU D 396 38.93 -26.25 5.83
C GLU D 396 38.43 -24.89 5.35
N LEU D 397 39.15 -23.81 5.67
CA LEU D 397 38.70 -22.49 5.25
C LEU D 397 38.81 -22.33 3.74
N ARG D 398 39.90 -22.78 3.14
CA ARG D 398 40.05 -22.65 1.70
C ARG D 398 39.07 -23.57 0.95
N LEU D 399 38.77 -24.74 1.52
CA LEU D 399 37.72 -25.58 0.95
C LEU D 399 36.36 -24.92 1.05
N ALA D 400 36.07 -24.27 2.19
CA ALA D 400 34.81 -23.58 2.35
C ALA D 400 34.69 -22.40 1.40
N VAL D 401 35.80 -21.78 1.04
CA VAL D 401 35.77 -20.69 0.06
C VAL D 401 35.65 -21.24 -1.35
N ALA D 402 36.30 -22.37 -1.63
CA ALA D 402 36.19 -22.97 -2.95
C ALA D 402 34.75 -23.33 -3.27
N TRP D 403 34.07 -23.94 -2.32
CA TRP D 403 32.62 -24.05 -2.35
C TRP D 403 32.02 -22.72 -1.91
N ASN D 404 30.71 -22.58 -1.99
CA ASN D 404 30.06 -21.33 -1.58
C ASN D 404 29.41 -21.48 -0.21
N ARG D 405 30.08 -22.20 0.69
CA ARG D 405 29.51 -22.56 2.00
C ARG D 405 30.10 -21.63 3.06
N VAL D 406 29.37 -20.56 3.37
CA VAL D 406 29.81 -19.65 4.42
C VAL D 406 29.52 -20.24 5.80
N ASP D 407 28.52 -21.10 5.90
CA ASP D 407 28.21 -21.75 7.18
C ASP D 407 29.37 -22.62 7.64
N ILE D 408 29.99 -23.35 6.72
CA ILE D 408 31.15 -24.17 7.06
C ILE D 408 32.30 -23.30 7.54
N ALA D 409 32.52 -22.17 6.87
CA ALA D 409 33.59 -21.25 7.28
C ALA D 409 33.33 -20.69 8.67
N GLN D 410 32.07 -20.31 8.95
CA GLN D 410 31.72 -19.80 10.27
C GLN D 410 31.94 -20.86 11.35
N SER D 411 31.52 -22.09 11.07
CA SER D 411 31.72 -23.17 12.03
C SER D 411 33.20 -23.43 12.29
N GLU D 412 34.01 -23.43 11.22
CA GLU D 412 35.44 -23.65 11.38
C GLU D 412 36.10 -22.53 12.17
N LEU D 413 35.71 -21.28 11.91
CA LEU D 413 36.30 -20.16 12.64
C LEU D 413 35.86 -20.13 14.09
N PHE D 414 34.65 -20.61 14.38
CA PHE D 414 34.13 -20.52 15.74
C PHE D 414 34.68 -21.61 16.65
N ARG D 415 35.24 -22.68 16.10
CA ARG D 415 35.71 -23.77 16.94
C ARG D 415 37.05 -23.41 17.58
N GLY D 416 37.18 -23.73 18.87
CA GLY D 416 38.31 -23.26 19.65
C GLY D 416 39.46 -24.25 19.80
N ASP D 417 39.24 -25.50 19.39
CA ASP D 417 40.31 -26.49 19.48
C ASP D 417 41.44 -26.15 18.53
N ILE D 418 41.13 -25.66 17.34
CA ILE D 418 42.13 -25.20 16.39
C ILE D 418 42.31 -23.70 16.55
N GLN D 419 43.51 -23.22 16.23
CA GLN D 419 43.82 -21.80 16.26
C GLN D 419 44.34 -21.40 14.88
N TRP D 420 43.47 -20.81 14.07
CA TRP D 420 43.85 -20.42 12.72
C TRP D 420 44.87 -19.30 12.76
N ARG D 421 45.95 -19.47 12.00
CA ARG D 421 47.03 -18.49 11.96
C ARG D 421 46.75 -17.45 10.88
N SER D 422 47.67 -16.49 10.74
CA SER D 422 47.46 -15.41 9.80
C SER D 422 47.57 -15.87 8.36
N PHE D 423 48.41 -16.87 8.08
CA PHE D 423 48.58 -17.34 6.71
C PHE D 423 47.41 -18.19 6.22
N HIS D 424 46.69 -18.85 7.12
CA HIS D 424 45.43 -19.48 6.72
C HIS D 424 44.40 -18.44 6.32
N LEU D 425 44.22 -17.42 7.17
CA LEU D 425 43.23 -16.39 6.93
C LEU D 425 43.54 -15.55 5.71
N GLU D 426 44.82 -15.24 5.47
CA GLU D 426 45.18 -14.46 4.29
C GLU D 426 44.94 -15.24 3.01
N ALA D 427 45.25 -16.53 3.01
CA ALA D 427 44.96 -17.37 1.84
C ALA D 427 43.47 -17.44 1.57
N SER D 428 42.67 -17.66 2.62
CA SER D 428 41.23 -17.70 2.45
C SER D 428 40.68 -16.36 1.98
N LEU D 429 41.22 -15.26 2.50
CA LEU D 429 40.75 -13.94 2.10
C LEU D 429 41.11 -13.65 0.64
N MET D 430 42.30 -14.05 0.21
CA MET D 430 42.66 -13.88 -1.19
C MET D 430 41.76 -14.71 -2.10
N ASP D 431 41.45 -15.94 -1.70
CA ASP D 431 40.52 -16.76 -2.47
C ASP D 431 39.15 -16.12 -2.54
N ALA D 432 38.67 -15.57 -1.42
CA ALA D 432 37.36 -14.94 -1.39
C ALA D 432 37.32 -13.68 -2.24
N LEU D 433 38.39 -12.90 -2.22
CA LEU D 433 38.46 -11.68 -3.03
C LEU D 433 38.53 -12.00 -4.52
N LEU D 434 39.35 -13.00 -4.89
CA LEU D 434 39.47 -13.35 -6.30
C LEU D 434 38.18 -13.93 -6.85
N ASN D 435 37.45 -14.70 -6.04
CA ASN D 435 36.28 -15.43 -6.49
C ASN D 435 34.98 -14.68 -6.25
N ASP D 436 35.04 -13.42 -5.80
CA ASP D 436 33.87 -12.58 -5.59
C ASP D 436 32.90 -13.21 -4.57
N ARG D 437 33.39 -13.31 -3.33
CA ARG D 437 32.64 -13.86 -2.21
C ARG D 437 32.60 -12.81 -1.11
N PRO D 438 31.73 -11.80 -1.23
CA PRO D 438 31.74 -10.71 -0.22
C PRO D 438 31.45 -11.17 1.19
N GLU D 439 30.59 -12.17 1.36
CA GLU D 439 30.28 -12.67 2.70
C GLU D 439 31.51 -13.27 3.36
N PHE D 440 32.32 -13.99 2.58
CA PHE D 440 33.54 -14.57 3.12
C PHE D 440 34.53 -13.49 3.54
N VAL D 441 34.67 -12.42 2.75
CA VAL D 441 35.62 -11.38 3.11
C VAL D 441 35.14 -10.63 4.35
N ARG D 442 33.82 -10.40 4.45
CA ARG D 442 33.28 -9.78 5.65
C ARG D 442 33.51 -10.65 6.88
N LEU D 443 33.31 -11.96 6.74
CA LEU D 443 33.50 -12.88 7.86
C LEU D 443 34.97 -13.01 8.26
N LEU D 444 35.87 -13.00 7.29
CA LEU D 444 37.29 -13.13 7.59
C LEU D 444 37.89 -11.84 8.13
N ILE D 445 37.35 -10.67 7.75
CA ILE D 445 37.82 -9.43 8.35
C ILE D 445 37.21 -9.21 9.72
N SER D 446 35.95 -9.63 9.93
CA SER D 446 35.37 -9.56 11.26
C SER D 446 36.15 -10.44 12.24
N HIS D 447 36.52 -11.63 11.80
CA HIS D 447 37.55 -12.39 12.49
C HIS D 447 38.87 -11.64 12.39
N GLY D 448 39.73 -11.81 13.39
CA GLY D 448 40.95 -11.03 13.43
C GLY D 448 41.82 -11.26 12.21
N LEU D 449 42.29 -10.16 11.62
CA LEU D 449 43.18 -10.20 10.47
C LEU D 449 43.73 -8.81 10.22
N SER D 450 45.01 -8.72 9.90
CA SER D 450 45.65 -7.44 9.59
C SER D 450 45.57 -7.21 8.10
N LEU D 451 44.81 -6.19 7.69
CA LEU D 451 44.64 -5.90 6.27
C LEU D 451 45.86 -5.21 5.68
N GLY D 452 46.57 -4.41 6.47
CA GLY D 452 47.78 -3.76 5.97
C GLY D 452 48.87 -4.75 5.63
N HIS D 453 49.01 -5.79 6.44
CA HIS D 453 49.98 -6.85 6.15
C HIS D 453 49.52 -7.75 5.02
N PHE D 454 48.21 -7.96 4.90
CA PHE D 454 47.68 -8.84 3.86
C PHE D 454 47.95 -8.29 2.46
N LEU D 455 47.56 -7.04 2.22
CA LEU D 455 47.54 -6.51 0.86
C LEU D 455 48.94 -6.03 0.49
N THR D 456 49.67 -6.88 -0.23
CA THR D 456 50.97 -6.57 -0.79
C THR D 456 50.80 -6.14 -2.25
N PRO D 457 51.80 -5.45 -2.82
CA PRO D 457 51.66 -5.05 -4.24
C PRO D 457 51.47 -6.23 -5.18
N MET D 458 52.09 -7.38 -4.90
CA MET D 458 51.86 -8.57 -5.70
C MET D 458 50.40 -9.02 -5.59
N ARG D 459 49.85 -9.00 -4.38
CA ARG D 459 48.45 -9.39 -4.21
C ARG D 459 47.50 -8.42 -4.93
N LEU D 460 47.81 -7.13 -4.89
CA LEU D 460 46.96 -6.16 -5.60
C LEU D 460 47.06 -6.36 -7.12
N ALA D 461 48.25 -6.68 -7.61
CA ALA D 461 48.39 -7.01 -9.03
C ALA D 461 47.58 -8.26 -9.39
N GLN D 462 47.61 -9.27 -8.53
CA GLN D 462 46.80 -10.46 -8.77
C GLN D 462 45.32 -10.14 -8.75
N LEU D 463 44.90 -9.25 -7.83
CA LEU D 463 43.50 -8.86 -7.77
C LEU D 463 43.06 -8.15 -9.04
N TYR D 464 43.91 -7.28 -9.58
CA TYR D 464 43.54 -6.59 -10.81
C TYR D 464 43.62 -7.51 -12.02
N SER D 465 44.47 -8.54 -11.97
CA SER D 465 44.55 -9.52 -13.04
C SER D 465 43.43 -10.55 -13.00
N ALA D 466 42.45 -10.39 -12.11
CA ALA D 466 41.31 -11.29 -12.02
C ALA D 466 40.10 -10.77 -12.77
N ALA D 467 40.22 -9.68 -13.47
CA ALA D 467 39.11 -9.15 -14.25
C ALA D 467 38.91 -9.97 -15.52
N PRO D 468 37.67 -10.11 -15.96
CA PRO D 468 37.41 -10.84 -17.21
C PRO D 468 38.09 -10.17 -18.39
N SER D 469 38.51 -10.99 -19.35
CA SER D 469 39.17 -10.46 -20.54
C SER D 469 38.23 -9.59 -21.37
N ASN D 470 36.92 -9.77 -21.20
CA ASN D 470 35.93 -8.99 -21.94
C ASN D 470 35.46 -7.75 -21.18
N SER D 471 36.00 -7.50 -20.00
CA SER D 471 35.53 -6.39 -19.16
C SER D 471 36.11 -5.07 -19.65
N LEU D 472 35.44 -3.98 -19.26
CA LEU D 472 35.92 -2.64 -19.58
C LEU D 472 37.23 -2.34 -18.87
N ILE D 473 37.37 -2.78 -17.62
CA ILE D 473 38.58 -2.51 -16.86
C ILE D 473 39.77 -3.21 -17.48
N ARG D 474 39.59 -4.42 -18.02
CA ARG D 474 40.68 -5.10 -18.72
C ARG D 474 41.11 -4.32 -19.95
N ASN D 475 40.14 -3.79 -20.71
CA ASN D 475 40.45 -2.97 -21.87
C ASN D 475 41.23 -1.73 -21.46
N LEU D 476 40.80 -1.05 -20.40
CA LEU D 476 41.49 0.16 -19.95
C LEU D 476 42.90 -0.16 -19.47
N LEU D 477 43.08 -1.28 -18.75
CA LEU D 477 44.41 -1.66 -18.29
C LEU D 477 45.32 -2.01 -19.46
N ASP D 478 44.78 -2.67 -20.48
CA ASP D 478 45.57 -2.95 -21.68
C ASP D 478 45.97 -1.67 -22.40
N GLN D 479 45.06 -0.71 -22.47
CA GLN D 479 45.38 0.57 -23.09
C GLN D 479 46.46 1.31 -22.31
N ALA D 480 46.38 1.28 -20.98
CA ALA D 480 47.34 2.01 -20.16
C ALA D 480 48.71 1.35 -20.12
N SER D 481 48.84 0.12 -20.61
CA SER D 481 50.10 -0.61 -20.58
C SER D 481 50.88 -0.50 -21.89
N HIS D 482 50.49 0.41 -22.78
CA HIS D 482 51.17 0.58 -24.06
C HIS D 482 52.65 0.86 -23.90
N PRO D 500 53.08 -5.06 -13.08
CA PRO D 500 52.05 -4.41 -12.26
C PRO D 500 51.04 -3.63 -13.08
N PRO D 501 49.82 -3.53 -12.59
CA PRO D 501 48.78 -2.79 -13.32
C PRO D 501 49.07 -1.29 -13.33
N ASP D 502 48.26 -0.58 -14.12
CA ASP D 502 48.40 0.87 -14.27
C ASP D 502 47.12 1.56 -13.81
N VAL D 503 46.63 1.17 -12.64
CA VAL D 503 45.37 1.70 -12.13
C VAL D 503 45.42 3.22 -12.00
N GLY D 504 46.57 3.78 -11.65
CA GLY D 504 46.69 5.23 -11.57
C GLY D 504 46.43 5.91 -12.90
N HIS D 505 47.00 5.37 -13.98
CA HIS D 505 46.76 5.92 -15.31
C HIS D 505 45.29 5.79 -15.71
N VAL D 506 44.67 4.66 -15.38
CA VAL D 506 43.25 4.47 -15.71
C VAL D 506 42.40 5.49 -14.97
N LEU D 507 42.68 5.71 -13.69
CA LEU D 507 41.93 6.71 -12.94
C LEU D 507 42.16 8.11 -13.50
N ARG D 508 43.40 8.42 -13.88
CA ARG D 508 43.69 9.73 -14.48
C ARG D 508 42.89 9.92 -15.77
N MET D 509 42.86 8.90 -16.63
CA MET D 509 42.14 9.03 -17.89
C MET D 509 40.63 8.98 -17.70
N LEU D 510 40.14 8.45 -16.59
CA LEU D 510 38.70 8.37 -16.36
C LEU D 510 38.17 9.65 -15.71
N LEU D 511 38.74 10.02 -14.55
CA LEU D 511 38.26 11.15 -13.77
C LEU D 511 39.03 12.43 -14.05
N GLY D 512 39.82 12.46 -15.12
CA GLY D 512 40.70 13.60 -15.34
C GLY D 512 41.74 13.69 -14.25
N LYS D 513 42.13 14.91 -13.92
CA LYS D 513 43.06 15.14 -12.82
C LYS D 513 42.41 16.08 -11.81
N MET D 514 42.95 16.06 -10.59
CA MET D 514 42.39 16.74 -9.42
C MET D 514 41.05 16.16 -9.01
N CYS D 515 40.69 14.99 -9.54
CA CYS D 515 39.59 14.19 -9.05
C CYS D 515 39.91 12.71 -9.00
N ALA D 516 41.04 12.28 -9.56
CA ALA D 516 41.41 10.88 -9.66
C ALA D 516 42.40 10.51 -8.55
N PRO D 517 42.08 9.50 -7.73
CA PRO D 517 43.01 8.93 -6.76
C PRO D 517 44.28 8.38 -7.41
N GLY D 555 51.73 -2.22 5.58
CA GLY D 555 51.58 -0.96 6.29
C GLY D 555 50.25 -0.82 6.99
N GLN D 556 49.42 0.08 6.47
CA GLN D 556 48.11 0.38 7.03
C GLN D 556 47.01 -0.25 6.17
N ALA D 557 45.87 -0.53 6.81
CA ALA D 557 44.71 -1.12 6.15
C ALA D 557 44.31 -0.29 4.94
N PRO D 558 44.50 -0.81 3.73
CA PRO D 558 44.20 -0.05 2.51
C PRO D 558 42.76 -0.26 2.03
N TRP D 559 41.82 0.33 2.75
CA TRP D 559 40.42 0.23 2.37
C TRP D 559 40.13 1.03 1.10
N SER D 560 40.85 2.12 0.88
CA SER D 560 40.65 2.91 -0.34
C SER D 560 41.11 2.14 -1.58
N ASP D 561 42.23 1.44 -1.48
CA ASP D 561 42.70 0.63 -2.62
C ASP D 561 41.71 -0.46 -2.95
N LEU D 562 41.19 -1.15 -1.94
CA LEU D 562 40.21 -2.21 -2.19
C LEU D 562 38.90 -1.64 -2.71
N LEU D 563 38.49 -0.46 -2.23
CA LEU D 563 37.29 0.17 -2.76
C LEU D 563 37.47 0.54 -4.22
N LEU D 564 38.62 1.09 -4.59
CA LEU D 564 38.88 1.42 -5.99
C LEU D 564 38.89 0.16 -6.85
N TRP D 565 39.52 -0.90 -6.36
CA TRP D 565 39.54 -2.16 -7.10
C TRP D 565 38.13 -2.70 -7.31
N ALA D 566 37.30 -2.68 -6.27
CA ALA D 566 35.95 -3.20 -6.39
C ALA D 566 35.06 -2.31 -7.27
N LEU D 567 35.34 -1.01 -7.30
CA LEU D 567 34.58 -0.12 -8.17
C LEU D 567 34.95 -0.30 -9.63
N LEU D 568 36.25 -0.46 -9.90
CA LEU D 568 36.70 -0.65 -11.28
C LEU D 568 36.17 -1.96 -11.87
N LEU D 569 36.17 -3.02 -11.08
CA LEU D 569 35.66 -4.31 -11.52
C LEU D 569 34.16 -4.46 -11.36
N ASN D 570 33.48 -3.44 -10.82
CA ASN D 570 32.02 -3.41 -10.72
C ASN D 570 31.49 -4.57 -9.87
N ARG D 571 32.04 -4.69 -8.66
CA ARG D 571 31.59 -5.67 -7.69
C ARG D 571 30.86 -4.92 -6.58
N ALA D 572 29.52 -4.96 -6.63
CA ALA D 572 28.71 -4.05 -5.83
C ALA D 572 28.85 -4.33 -4.34
N GLN D 573 28.69 -5.58 -3.92
CA GLN D 573 28.67 -5.90 -2.50
C GLN D 573 30.01 -5.64 -1.85
N MET D 574 31.09 -6.04 -2.51
CA MET D 574 32.42 -5.81 -1.94
C MET D 574 32.77 -4.33 -1.94
N ALA D 575 32.34 -3.59 -2.97
CA ALA D 575 32.55 -2.15 -2.96
C ALA D 575 31.82 -1.49 -1.80
N MET D 576 30.58 -1.91 -1.55
CA MET D 576 29.83 -1.36 -0.42
C MET D 576 30.50 -1.70 0.90
N TYR D 577 31.00 -2.92 1.04
CA TYR D 577 31.69 -3.30 2.27
C TYR D 577 32.95 -2.46 2.48
N PHE D 578 33.75 -2.29 1.42
CA PHE D 578 34.97 -1.50 1.53
C PHE D 578 34.67 -0.03 1.80
N TRP D 579 33.54 0.46 1.32
CA TRP D 579 33.11 1.81 1.68
C TRP D 579 32.73 1.89 3.15
N GLU D 580 31.99 0.90 3.65
CA GLU D 580 31.59 0.87 5.04
C GLU D 580 32.78 0.73 5.99
N MET D 581 33.90 0.19 5.51
CA MET D 581 35.09 0.05 6.34
C MET D 581 36.08 1.20 6.19
N GLY D 582 35.83 2.12 5.26
CA GLY D 582 36.75 3.20 4.99
C GLY D 582 36.58 4.37 5.94
N SER D 583 37.22 5.49 5.58
CA SER D 583 37.27 6.66 6.45
C SER D 583 36.58 7.89 5.88
N ASN D 584 36.95 8.31 4.68
CA ASN D 584 36.38 9.53 4.07
C ASN D 584 35.07 9.15 3.38
N ALA D 585 34.05 8.90 4.20
CA ALA D 585 32.89 8.17 3.70
C ALA D 585 32.05 9.00 2.73
N VAL D 586 31.76 10.25 3.06
CA VAL D 586 30.90 11.06 2.19
C VAL D 586 31.60 11.34 0.86
N SER D 587 32.87 11.76 0.93
CA SER D 587 33.61 12.04 -0.29
C SER D 587 33.87 10.78 -1.10
N SER D 588 34.09 9.64 -0.43
CA SER D 588 34.29 8.38 -1.16
C SER D 588 33.00 7.90 -1.81
N ALA D 589 31.85 8.14 -1.18
CA ALA D 589 30.58 7.81 -1.81
C ALA D 589 30.35 8.66 -3.04
N LEU D 590 30.62 9.97 -2.95
CA LEU D 590 30.46 10.83 -4.11
C LEU D 590 31.46 10.46 -5.20
N GLY D 591 32.70 10.14 -4.84
CA GLY D 591 33.69 9.75 -5.83
C GLY D 591 33.36 8.42 -6.48
N ALA D 592 32.83 7.47 -5.71
CA ALA D 592 32.38 6.21 -6.27
C ALA D 592 31.23 6.44 -7.25
N CYS D 593 30.28 7.30 -6.88
CA CYS D 593 29.19 7.63 -7.79
C CYS D 593 29.73 8.23 -9.09
N LEU D 594 30.67 9.16 -8.97
CA LEU D 594 31.25 9.81 -10.14
C LEU D 594 31.97 8.80 -11.03
N LEU D 595 32.80 7.95 -10.43
CA LEU D 595 33.56 6.98 -11.21
C LEU D 595 32.64 5.98 -11.90
N LEU D 596 31.61 5.50 -11.20
CA LEU D 596 30.68 4.55 -11.81
C LEU D 596 29.90 5.20 -12.95
N ARG D 597 29.47 6.46 -12.77
CA ARG D 597 28.75 7.13 -13.85
C ARG D 597 29.66 7.38 -15.05
N VAL D 598 30.93 7.69 -14.80
CA VAL D 598 31.87 7.89 -15.89
C VAL D 598 32.11 6.57 -16.64
N MET D 599 32.29 5.47 -15.91
CA MET D 599 32.58 4.20 -16.55
C MET D 599 31.35 3.61 -17.23
N ALA D 600 30.15 3.98 -16.79
CA ALA D 600 28.95 3.46 -17.43
C ALA D 600 28.76 3.99 -18.84
N ARG D 601 29.41 5.10 -19.18
CA ARG D 601 29.37 5.61 -20.55
C ARG D 601 30.27 4.79 -21.47
N LEU D 602 31.39 4.31 -20.96
CA LEU D 602 32.33 3.52 -21.74
C LEU D 602 31.99 2.04 -21.77
N GLU D 603 30.77 1.68 -21.39
CA GLU D 603 30.40 0.27 -21.34
C GLU D 603 29.84 -0.18 -22.69
N PRO D 604 30.46 -1.14 -23.37
CA PRO D 604 29.86 -1.66 -24.61
C PRO D 604 28.50 -2.31 -24.39
N ASP D 605 28.27 -2.89 -23.22
CA ASP D 605 27.03 -3.58 -22.91
C ASP D 605 26.08 -2.64 -22.16
N ALA D 606 24.84 -2.58 -22.63
CA ALA D 606 23.85 -1.71 -21.97
C ALA D 606 23.52 -2.21 -20.57
N GLU D 607 23.51 -3.53 -20.36
CA GLU D 607 23.20 -4.06 -19.05
C GLU D 607 24.31 -3.81 -18.04
N GLU D 608 25.57 -3.86 -18.47
CA GLU D 608 26.67 -3.50 -17.59
C GLU D 608 26.63 -2.02 -17.23
N ALA D 609 26.28 -1.15 -18.18
CA ALA D 609 26.08 0.26 -17.86
C ALA D 609 24.93 0.45 -16.89
N ALA D 610 23.85 -0.31 -17.06
CA ALA D 610 22.73 -0.23 -16.11
C ALA D 610 23.16 -0.66 -14.71
N ARG D 611 23.99 -1.71 -14.63
CA ARG D 611 24.50 -2.15 -13.34
C ARG D 611 25.37 -1.08 -12.69
N ARG D 612 26.24 -0.45 -13.49
CA ARG D 612 27.08 0.62 -12.94
C ARG D 612 26.25 1.80 -12.48
N LYS D 613 25.20 2.16 -13.25
CA LYS D 613 24.34 3.27 -12.84
C LYS D 613 23.54 2.93 -11.59
N ASP D 614 23.12 1.68 -11.45
CA ASP D 614 22.44 1.26 -10.23
C ASP D 614 23.37 1.36 -9.02
N LEU D 615 24.61 0.91 -9.17
CA LEU D 615 25.57 1.01 -8.07
C LEU D 615 25.87 2.47 -7.75
N ALA D 616 25.94 3.32 -8.77
CA ALA D 616 26.17 4.75 -8.54
C ALA D 616 25.01 5.38 -7.80
N PHE D 617 23.78 4.99 -8.13
CA PHE D 617 22.63 5.49 -7.39
C PHE D 617 22.66 5.03 -5.94
N LYS D 618 23.05 3.78 -5.70
CA LYS D 618 23.17 3.28 -4.33
C LYS D 618 24.22 4.07 -3.55
N PHE D 619 25.38 4.35 -4.17
CA PHE D 619 26.42 5.11 -3.49
C PHE D 619 25.98 6.54 -3.22
N GLU D 620 25.27 7.16 -4.17
CA GLU D 620 24.75 8.50 -3.95
C GLU D 620 23.76 8.51 -2.80
N GLY D 621 22.91 7.49 -2.71
CA GLY D 621 22.00 7.40 -1.58
C GLY D 621 22.71 7.23 -0.26
N MET D 622 23.78 6.42 -0.25
CA MET D 622 24.57 6.26 0.98
C MET D 622 25.17 7.59 1.41
N GLY D 623 25.72 8.33 0.46
CA GLY D 623 26.26 9.65 0.77
C GLY D 623 25.20 10.60 1.29
N VAL D 624 24.02 10.59 0.69
CA VAL D 624 22.93 11.45 1.13
C VAL D 624 22.52 11.11 2.55
N ASP D 625 22.38 9.82 2.85
CA ASP D 625 21.98 9.39 4.18
C ASP D 625 23.02 9.77 5.23
N LEU D 626 24.31 9.55 4.92
CA LEU D 626 25.34 9.86 5.88
C LEU D 626 25.46 11.36 6.11
N PHE D 627 25.37 12.17 5.05
CA PHE D 627 25.43 13.61 5.25
C PHE D 627 24.21 14.12 6.00
N GLY D 628 23.04 13.52 5.78
CA GLY D 628 21.89 13.88 6.58
C GLY D 628 22.10 13.60 8.06
N GLU D 629 22.65 12.42 8.37
CA GLU D 629 22.97 12.09 9.75
C GLU D 629 23.93 13.12 10.35
N CYS D 630 25.02 13.40 9.63
CA CYS D 630 26.03 14.33 10.13
C CYS D 630 25.47 15.73 10.32
N TYR D 631 24.63 16.18 9.38
CA TYR D 631 24.08 17.53 9.45
C TYR D 631 23.06 17.65 10.57
N ARG D 632 22.27 16.59 10.81
CA ARG D 632 21.40 16.59 11.97
C ARG D 632 22.22 16.65 13.26
N SER D 633 23.39 16.00 13.27
CA SER D 633 24.25 16.09 14.45
C SER D 633 24.81 17.49 14.64
N SER D 634 25.39 18.07 13.60
CA SER D 634 26.06 19.35 13.72
C SER D 634 26.17 19.99 12.34
N GLU D 635 25.70 21.24 12.23
CA GLU D 635 25.74 21.94 10.95
C GLU D 635 27.13 22.45 10.60
N VAL D 636 27.87 22.94 11.60
CA VAL D 636 29.18 23.53 11.33
C VAL D 636 30.17 22.45 10.87
N ARG D 637 30.20 21.32 11.59
CA ARG D 637 31.09 20.24 11.20
C ARG D 637 30.66 19.60 9.89
N ALA D 638 29.36 19.51 9.64
CA ALA D 638 28.89 19.02 8.35
C ALA D 638 29.32 19.93 7.21
N ALA D 639 29.25 21.25 7.43
CA ALA D 639 29.72 22.19 6.41
C ALA D 639 31.22 22.06 6.18
N ARG D 640 31.99 21.89 7.26
CA ARG D 640 33.42 21.68 7.10
C ARG D 640 33.73 20.41 6.33
N LEU D 641 32.97 19.34 6.60
CA LEU D 641 33.13 18.09 5.88
C LEU D 641 32.78 18.27 4.41
N LEU D 642 31.75 19.07 4.12
CA LEU D 642 31.32 19.28 2.74
C LEU D 642 32.32 20.14 1.97
N LEU D 643 32.97 21.08 2.65
CA LEU D 643 33.83 22.05 1.99
C LEU D 643 35.31 21.71 2.05
N ARG D 644 35.69 20.63 2.73
CA ARG D 644 37.09 20.26 2.80
C ARG D 644 37.52 19.54 1.51
N ARG D 645 38.83 19.53 1.27
CA ARG D 645 39.41 18.87 0.12
C ARG D 645 39.85 17.47 0.53
N CYS D 646 39.41 16.46 -0.23
CA CYS D 646 39.77 15.08 0.06
C CYS D 646 40.99 14.71 -0.76
N PRO D 647 42.14 14.45 -0.15
CA PRO D 647 43.32 14.06 -0.93
C PRO D 647 43.14 12.76 -1.67
N LEU D 648 42.21 11.91 -1.25
CA LEU D 648 41.94 10.67 -1.95
C LEU D 648 41.33 10.92 -3.32
N TRP D 649 40.60 12.02 -3.49
CA TRP D 649 39.93 12.34 -4.74
C TRP D 649 40.49 13.61 -5.36
N GLY D 650 41.80 13.75 -5.35
CA GLY D 650 42.47 14.86 -6.01
C GLY D 650 42.19 16.22 -5.39
N ASP D 651 42.09 16.28 -4.06
CA ASP D 651 41.83 17.53 -3.35
C ASP D 651 40.54 18.20 -3.82
N ALA D 652 39.57 17.40 -4.22
CA ALA D 652 38.27 17.90 -4.65
C ALA D 652 37.31 17.93 -3.46
N THR D 653 36.48 18.97 -3.39
CA THR D 653 35.49 19.04 -2.34
C THR D 653 34.28 18.16 -2.70
N CYS D 654 33.41 17.96 -1.71
CA CYS D 654 32.22 17.16 -1.94
C CYS D 654 31.29 17.82 -2.95
N LEU D 655 31.21 19.15 -2.94
CA LEU D 655 30.38 19.87 -3.91
C LEU D 655 30.91 19.69 -5.32
N GLN D 656 32.23 19.73 -5.50
CA GLN D 656 32.81 19.49 -6.81
C GLN D 656 32.53 18.07 -7.30
N LEU D 657 32.68 17.07 -6.41
CA LEU D 657 32.41 15.70 -6.78
C LEU D 657 30.94 15.51 -7.15
N ALA D 658 30.04 16.12 -6.39
CA ALA D 658 28.61 16.02 -6.70
C ALA D 658 28.27 16.71 -8.01
N MET D 659 28.89 17.86 -8.30
CA MET D 659 28.65 18.52 -9.57
C MET D 659 29.16 17.70 -10.74
N GLN D 660 30.35 17.13 -10.61
CA GLN D 660 30.89 16.30 -11.69
C GLN D 660 30.04 15.04 -11.89
N ALA D 661 29.55 14.45 -10.80
CA ALA D 661 28.75 13.23 -10.86
C ALA D 661 27.29 13.50 -11.22
N ASP D 662 26.89 14.76 -11.31
CA ASP D 662 25.49 15.13 -11.55
C ASP D 662 24.57 14.52 -10.49
N ALA D 663 25.03 14.54 -9.24
CA ALA D 663 24.31 13.93 -8.13
C ALA D 663 23.27 14.91 -7.62
N ARG D 664 22.11 14.91 -8.30
CA ARG D 664 21.06 15.85 -7.96
C ARG D 664 20.43 15.56 -6.61
N ALA D 665 20.37 14.29 -6.22
CA ALA D 665 19.81 13.95 -4.91
C ALA D 665 20.69 14.47 -3.78
N PHE D 666 21.99 14.57 -4.00
CA PHE D 666 22.88 15.11 -2.99
C PHE D 666 22.72 16.62 -2.86
N PHE D 667 22.53 17.31 -3.99
CA PHE D 667 22.34 18.76 -3.93
C PHE D 667 20.97 19.13 -3.39
N ALA D 668 20.01 18.20 -3.43
CA ALA D 668 18.64 18.52 -3.10
C ALA D 668 18.31 18.44 -1.62
N GLN D 669 19.23 17.95 -0.78
CA GLN D 669 18.93 17.83 0.64
C GLN D 669 19.10 19.17 1.35
N ASP D 670 18.40 19.32 2.47
CA ASP D 670 18.24 20.63 3.10
C ASP D 670 19.56 21.19 3.61
N GLY D 671 20.45 20.34 4.12
CA GLY D 671 21.73 20.85 4.61
C GLY D 671 22.58 21.45 3.52
N VAL D 672 22.66 20.79 2.36
CA VAL D 672 23.44 21.31 1.24
C VAL D 672 22.82 22.60 0.74
N GLN D 673 21.49 22.66 0.64
CA GLN D 673 20.83 23.86 0.17
C GLN D 673 21.04 25.03 1.13
N SER D 674 20.97 24.78 2.43
CA SER D 674 21.20 25.85 3.41
C SER D 674 22.66 26.30 3.40
N LEU D 675 23.59 25.37 3.21
CA LEU D 675 24.99 25.77 3.06
C LEU D 675 25.19 26.62 1.81
N LEU D 676 24.50 26.27 0.72
CA LEU D 676 24.58 27.07 -0.49
C LEU D 676 24.01 28.46 -0.27
N THR D 677 22.89 28.57 0.46
CA THR D 677 22.34 29.88 0.79
C THR D 677 23.32 30.69 1.63
N GLN D 678 23.96 30.05 2.61
CA GLN D 678 24.94 30.74 3.44
C GLN D 678 26.12 31.24 2.62
N LYS D 679 26.58 30.43 1.67
CA LYS D 679 27.64 30.90 0.77
C LYS D 679 27.16 32.00 -0.16
N TRP D 680 25.89 31.95 -0.55
CA TRP D 680 25.31 32.99 -1.41
C TRP D 680 25.32 34.34 -0.70
N TRP D 681 24.97 34.36 0.58
CA TRP D 681 24.98 35.63 1.30
C TRP D 681 26.37 36.05 1.76
N GLY D 682 27.38 35.21 1.57
CA GLY D 682 28.74 35.61 1.88
C GLY D 682 28.93 35.87 3.37
N ASP D 683 29.67 36.93 3.67
CA ASP D 683 29.97 37.30 5.05
C ASP D 683 28.81 37.96 5.77
N MET D 684 27.65 38.05 5.13
CA MET D 684 26.44 38.55 5.77
C MET D 684 25.61 37.38 6.30
N ALA D 685 24.58 37.71 7.05
CA ALA D 685 23.68 36.70 7.60
C ALA D 685 22.68 36.26 6.53
N SER D 686 22.44 34.95 6.48
CA SER D 686 21.52 34.41 5.48
C SER D 686 20.09 34.87 5.70
N THR D 687 19.76 35.34 6.90
CA THR D 687 18.42 35.83 7.20
C THR D 687 18.26 37.32 6.92
N THR D 688 19.26 37.95 6.32
CA THR D 688 19.16 39.37 6.00
C THR D 688 18.01 39.61 5.03
N PRO D 689 17.11 40.54 5.32
CA PRO D 689 16.00 40.82 4.40
C PRO D 689 16.50 41.43 3.10
N ILE D 690 15.74 41.20 2.03
CA ILE D 690 16.11 41.72 0.72
C ILE D 690 16.00 43.23 0.69
N TRP D 691 14.98 43.79 1.35
CA TRP D 691 14.83 45.23 1.38
C TRP D 691 15.99 45.89 2.11
N ALA D 692 16.49 45.24 3.17
CA ALA D 692 17.68 45.74 3.86
C ALA D 692 18.90 45.72 2.95
N LEU D 693 19.03 44.66 2.14
CA LEU D 693 20.13 44.60 1.18
C LEU D 693 20.03 45.72 0.16
N VAL D 694 18.83 46.00 -0.33
CA VAL D 694 18.65 47.09 -1.29
C VAL D 694 18.99 48.43 -0.65
N LEU D 695 18.52 48.64 0.58
CA LEU D 695 18.81 49.89 1.28
C LEU D 695 20.30 50.09 1.48
N ALA D 696 21.02 49.03 1.86
CA ALA D 696 22.46 49.14 2.02
C ALA D 696 23.15 49.33 0.67
N PHE D 697 22.62 48.72 -0.39
CA PHE D 697 23.21 48.87 -1.72
C PHE D 697 23.12 50.30 -2.22
N PHE D 698 21.97 50.95 -2.01
CA PHE D 698 21.82 52.33 -2.46
C PHE D 698 22.27 53.35 -1.42
N CYS D 699 22.55 52.91 -0.20
CA CYS D 699 23.10 53.77 0.86
C CYS D 699 24.26 53.06 1.52
N PRO D 700 25.48 53.19 1.00
CA PRO D 700 26.63 52.41 1.52
C PRO D 700 26.85 52.58 3.01
N PRO D 701 26.76 53.80 3.57
CA PRO D 701 27.02 53.91 5.03
C PRO D 701 26.11 53.06 5.88
N LEU D 702 24.91 52.73 5.39
CA LEU D 702 23.99 51.91 6.14
C LEU D 702 24.50 50.49 6.39
N ILE D 703 25.56 50.07 5.68
CA ILE D 703 26.14 48.77 5.98
C ILE D 703 26.79 48.75 7.35
N TYR D 704 27.07 49.92 7.93
CA TYR D 704 27.69 49.99 9.25
C TYR D 704 26.67 50.11 10.37
N THR D 705 25.38 50.17 10.06
CA THR D 705 24.34 50.28 11.07
C THR D 705 23.83 48.89 11.44
N ARG D 706 22.73 48.82 12.18
CA ARG D 706 22.12 47.56 12.58
C ARG D 706 21.44 46.84 11.42
N LEU D 707 21.35 47.48 10.26
CA LEU D 707 20.53 46.95 9.18
C LEU D 707 21.04 45.59 8.70
N ILE D 708 22.35 45.44 8.57
CA ILE D 708 22.96 44.21 8.05
C ILE D 708 23.79 43.59 9.18
N THR D 709 23.46 42.36 9.54
CA THR D 709 24.17 41.62 10.58
C THR D 709 25.27 40.79 9.94
N PHE D 710 26.50 41.30 9.98
CA PHE D 710 27.62 40.58 9.41
C PHE D 710 28.07 39.46 10.36
N ARG D 711 28.68 38.43 9.78
CA ARG D 711 29.14 37.28 10.55
C ARG D 711 30.58 36.94 10.18
N CYS D 768 36.04 48.88 8.93
CA CYS D 768 35.67 49.80 7.87
C CYS D 768 35.99 49.21 6.49
N LEU D 769 37.28 49.09 6.19
CA LEU D 769 37.70 48.53 4.91
C LEU D 769 37.28 47.07 4.77
N ARG D 770 37.52 46.27 5.81
CA ARG D 770 37.16 44.86 5.77
C ARG D 770 35.65 44.67 5.65
N ARG D 771 34.87 45.47 6.38
CA ARG D 771 33.42 45.40 6.27
C ARG D 771 32.95 45.82 4.88
N TRP D 772 33.59 46.83 4.30
CA TRP D 772 33.26 47.28 2.96
C TRP D 772 33.47 46.16 1.94
N PHE D 773 34.63 45.50 2.01
CA PHE D 773 34.89 44.41 1.08
C PHE D 773 34.00 43.21 1.35
N HIS D 774 33.65 42.96 2.62
CA HIS D 774 32.73 41.88 2.94
C HIS D 774 31.37 42.11 2.32
N PHE D 775 30.87 43.34 2.39
CA PHE D 775 29.56 43.64 1.81
C PHE D 775 29.61 43.58 0.29
N TRP D 776 30.61 44.22 -0.30
CA TRP D 776 30.64 44.32 -1.76
C TRP D 776 31.31 43.12 -2.42
N GLY D 777 31.64 42.07 -1.67
CA GLY D 777 32.19 40.88 -2.27
C GLY D 777 31.25 39.68 -2.20
N ALA D 778 30.16 39.82 -1.45
CA ALA D 778 29.22 38.72 -1.33
C ALA D 778 28.58 38.45 -2.70
N PRO D 779 28.34 37.17 -3.04
CA PRO D 779 27.75 36.87 -4.34
C PRO D 779 26.39 37.50 -4.57
N VAL D 780 25.58 37.65 -3.52
CA VAL D 780 24.27 38.26 -3.68
C VAL D 780 24.40 39.75 -4.01
N THR D 781 25.37 40.42 -3.40
CA THR D 781 25.60 41.83 -3.72
C THR D 781 26.11 42.00 -5.15
N ILE D 782 26.99 41.10 -5.59
CA ILE D 782 27.46 41.15 -6.97
C ILE D 782 26.31 40.90 -7.94
N PHE D 783 25.44 39.95 -7.61
CA PHE D 783 24.28 39.68 -8.44
C PHE D 783 23.37 40.90 -8.53
N MET D 784 23.11 41.55 -7.40
CA MET D 784 22.28 42.75 -7.41
C MET D 784 22.92 43.86 -8.22
N GLY D 785 24.23 44.06 -8.06
CA GLY D 785 24.91 45.08 -8.82
C GLY D 785 24.87 44.83 -10.31
N ASN D 786 25.05 43.57 -10.72
CA ASN D 786 24.97 43.24 -12.14
C ASN D 786 23.55 43.36 -12.67
N VAL D 787 22.54 43.06 -11.86
CA VAL D 787 21.16 43.26 -12.27
C VAL D 787 20.89 44.75 -12.52
N VAL D 788 21.34 45.60 -11.59
CA VAL D 788 21.16 47.04 -11.76
C VAL D 788 21.91 47.53 -12.99
N SER D 789 23.14 47.04 -13.18
CA SER D 789 23.92 47.43 -14.34
C SER D 789 23.25 47.02 -15.65
N TYR D 790 22.68 45.81 -15.69
CA TYR D 790 22.04 45.35 -16.93
C TYR D 790 20.75 46.10 -17.19
N LEU D 791 20.00 46.45 -16.13
CA LEU D 791 18.82 47.28 -16.33
C LEU D 791 19.20 48.65 -16.88
N LEU D 792 20.27 49.25 -16.34
CA LEU D 792 20.71 50.54 -16.87
C LEU D 792 21.26 50.42 -18.28
N PHE D 793 21.89 49.29 -18.61
CA PHE D 793 22.34 49.05 -19.98
C PHE D 793 21.16 48.98 -20.93
N LEU D 794 20.09 48.29 -20.54
CA LEU D 794 18.90 48.24 -21.38
C LEU D 794 18.25 49.61 -21.51
N LEU D 795 18.26 50.39 -20.43
CA LEU D 795 17.73 51.74 -20.48
C LEU D 795 18.52 52.60 -21.46
N LEU D 796 19.85 52.52 -21.39
CA LEU D 796 20.69 53.27 -22.33
C LEU D 796 20.50 52.79 -23.77
N PHE D 797 20.37 51.48 -23.95
CA PHE D 797 20.14 50.92 -25.28
C PHE D 797 18.84 51.45 -25.87
N SER D 798 17.76 51.44 -25.08
CA SER D 798 16.48 51.96 -25.57
C SER D 798 16.55 53.46 -25.82
N ARG D 799 17.26 54.20 -24.97
CA ARG D 799 17.40 55.65 -25.17
C ARG D 799 18.14 55.95 -26.47
N VAL D 800 19.21 55.22 -26.76
CA VAL D 800 19.95 55.44 -28.00
C VAL D 800 19.11 55.00 -29.20
N LEU D 801 18.38 53.89 -29.06
CA LEU D 801 17.63 53.35 -30.19
C LEU D 801 16.44 54.23 -30.55
N LEU D 802 15.77 54.79 -29.56
CA LEU D 802 14.55 55.54 -29.81
C LEU D 802 14.77 57.04 -30.00
N VAL D 803 15.91 57.57 -29.56
CA VAL D 803 16.12 59.01 -29.60
C VAL D 803 17.41 59.36 -30.34
N ASP D 804 18.54 58.82 -29.87
CA ASP D 804 19.86 59.28 -30.29
C ASP D 804 20.35 58.64 -31.57
N PHE D 805 19.60 57.71 -32.16
CA PHE D 805 20.04 57.01 -33.36
C PHE D 805 19.63 57.84 -34.58
N GLN D 806 20.61 58.48 -35.21
CA GLN D 806 20.41 59.33 -36.37
C GLN D 806 21.45 58.97 -37.42
N PRO D 807 21.18 59.26 -38.69
CA PRO D 807 22.20 59.00 -39.74
C PRO D 807 23.47 59.81 -39.56
N ALA D 808 23.50 60.77 -38.64
CA ALA D 808 24.69 61.55 -38.29
C ALA D 808 25.74 60.63 -37.66
N PRO D 809 26.97 61.10 -37.46
CA PRO D 809 27.93 60.28 -36.73
C PRO D 809 27.48 60.04 -35.32
N PRO D 810 27.89 58.92 -34.72
CA PRO D 810 27.43 58.59 -33.36
C PRO D 810 27.79 59.66 -32.34
N GLY D 811 26.87 59.90 -31.40
CA GLY D 811 27.07 60.86 -30.35
C GLY D 811 27.69 60.25 -29.11
N SER D 812 27.69 61.03 -28.03
CA SER D 812 28.32 60.59 -26.80
C SER D 812 27.62 59.37 -26.20
N LEU D 813 26.29 59.38 -26.18
CA LEU D 813 25.56 58.26 -25.60
C LEU D 813 25.70 57.00 -26.43
N GLU D 814 25.73 57.13 -27.75
CA GLU D 814 25.93 55.95 -28.60
C GLU D 814 27.32 55.37 -28.42
N LEU D 815 28.34 56.22 -28.26
CA LEU D 815 29.68 55.73 -27.99
C LEU D 815 29.77 55.08 -26.61
N LEU D 816 29.05 55.64 -25.63
CA LEU D 816 28.98 55.00 -24.31
C LEU D 816 28.33 53.63 -24.41
N LEU D 817 27.29 53.51 -25.23
CA LEU D 817 26.67 52.19 -25.46
C LEU D 817 27.65 51.24 -26.13
N TYR D 818 28.45 51.74 -27.08
CA TYR D 818 29.46 50.91 -27.70
C TYR D 818 30.47 50.40 -26.68
N PHE D 819 30.92 51.28 -25.79
CA PHE D 819 31.88 50.89 -24.75
C PHE D 819 31.25 49.88 -23.80
N TRP D 820 29.99 50.07 -23.44
CA TRP D 820 29.31 49.15 -22.53
C TRP D 820 29.17 47.78 -23.18
N ALA D 821 28.80 47.73 -24.46
CA ALA D 821 28.74 46.45 -25.15
C ALA D 821 30.11 45.81 -25.28
N PHE D 822 31.16 46.61 -25.45
CA PHE D 822 32.52 46.07 -25.48
C PHE D 822 32.89 45.44 -24.15
N THR D 823 32.54 46.10 -23.04
CA THR D 823 32.83 45.50 -21.74
C THR D 823 32.02 44.23 -21.51
N LEU D 824 30.78 44.20 -21.99
CA LEU D 824 29.99 42.97 -21.92
C LEU D 824 30.65 41.84 -22.69
N LEU D 825 31.15 42.16 -23.90
CA LEU D 825 31.85 41.15 -24.70
C LEU D 825 33.11 40.67 -24.01
N CYS D 826 33.85 41.58 -23.38
CA CYS D 826 35.05 41.19 -22.65
C CYS D 826 34.71 40.28 -21.48
N GLU D 827 33.63 40.58 -20.76
CA GLU D 827 33.20 39.71 -19.67
C GLU D 827 32.82 38.33 -20.18
N GLU D 828 32.12 38.28 -21.32
CA GLU D 828 31.75 36.98 -21.88
C GLU D 828 32.98 36.19 -22.30
N LEU D 829 33.98 36.88 -22.88
CA LEU D 829 35.22 36.22 -23.26
C LEU D 829 35.97 35.71 -22.04
N ARG D 830 36.00 36.50 -20.97
CA ARG D 830 36.65 36.06 -19.74
C ARG D 830 35.96 34.83 -19.17
N GLN D 831 34.62 34.81 -19.17
CA GLN D 831 33.89 33.65 -18.67
C GLN D 831 34.14 32.42 -19.55
N GLY D 832 34.23 32.62 -20.86
CA GLY D 832 34.53 31.50 -21.74
C GLY D 832 35.92 30.95 -21.54
N LEU D 833 36.90 31.83 -21.30
CA LEU D 833 38.26 31.37 -21.03
C LEU D 833 38.35 30.63 -19.70
N SER D 834 37.78 31.21 -18.65
CA SER D 834 37.89 30.65 -17.31
C SER D 834 36.92 29.49 -17.07
N GLY D 835 36.34 28.92 -18.11
CA GLY D 835 35.42 27.81 -17.95
C GLY D 835 36.06 26.46 -18.20
N SER D 851 42.02 22.43 -22.87
CA SER D 851 42.47 22.88 -24.19
C SER D 851 41.55 23.96 -24.74
N LEU D 852 42.09 24.80 -25.64
CA LEU D 852 41.32 25.91 -26.17
C LEU D 852 40.15 25.42 -27.02
N SER D 853 40.39 24.42 -27.88
CA SER D 853 39.34 23.92 -28.74
C SER D 853 38.21 23.28 -27.94
N GLN D 854 38.55 22.49 -26.92
CA GLN D 854 37.53 21.86 -26.10
C GLN D 854 36.72 22.90 -25.33
N ARG D 855 37.39 23.93 -24.80
CA ARG D 855 36.68 25.00 -24.10
C ARG D 855 35.75 25.76 -25.05
N LEU D 856 36.21 26.02 -26.28
CA LEU D 856 35.36 26.71 -27.24
C LEU D 856 34.15 25.86 -27.62
N ARG D 857 34.34 24.55 -27.79
CA ARG D 857 33.22 23.67 -28.09
C ARG D 857 32.25 23.60 -26.92
N LEU D 858 32.77 23.59 -25.69
CA LEU D 858 31.90 23.64 -24.52
C LEU D 858 31.09 24.93 -24.48
N TYR D 859 31.74 26.06 -24.78
CA TYR D 859 31.04 27.34 -24.80
C TYR D 859 29.95 27.36 -25.86
N LEU D 860 30.26 26.86 -27.06
CA LEU D 860 29.32 26.87 -28.17
C LEU D 860 28.27 25.77 -28.09
N ALA D 861 28.40 24.84 -27.14
CA ALA D 861 27.37 23.83 -26.94
C ALA D 861 26.29 24.26 -25.96
N ASP D 862 26.45 25.41 -25.31
CA ASP D 862 25.46 25.91 -24.37
C ASP D 862 24.47 26.82 -25.07
N SER D 863 23.17 26.55 -24.88
CA SER D 863 22.14 27.28 -25.60
C SER D 863 22.12 28.75 -25.22
N TRP D 864 22.24 29.05 -23.93
CA TRP D 864 22.18 30.45 -23.49
C TRP D 864 23.42 31.22 -23.92
N ASN D 865 24.58 30.56 -23.94
CA ASN D 865 25.76 31.21 -24.49
C ASN D 865 25.63 31.39 -26.00
N GLN D 866 24.93 30.48 -26.68
CA GLN D 866 24.60 30.71 -28.09
C GLN D 866 23.74 31.96 -28.25
N CYS D 867 22.75 32.14 -27.37
CA CYS D 867 21.91 33.33 -27.43
C CYS D 867 22.73 34.59 -27.17
N ASP D 868 23.63 34.56 -26.19
CA ASP D 868 24.46 35.72 -25.88
C ASP D 868 25.41 36.03 -27.03
N LEU D 869 25.97 35.00 -27.66
CA LEU D 869 26.80 35.21 -28.83
C LEU D 869 26.00 35.82 -29.97
N VAL D 870 24.76 35.37 -30.15
CA VAL D 870 23.89 35.95 -31.18
C VAL D 870 23.61 37.41 -30.87
N ALA D 871 23.39 37.73 -29.60
CA ALA D 871 23.16 39.13 -29.21
C ALA D 871 24.36 39.99 -29.55
N LEU D 872 25.56 39.58 -29.13
CA LEU D 872 26.75 40.39 -29.39
C LEU D 872 27.07 40.47 -30.88
N THR D 873 26.88 39.36 -31.60
CA THR D 873 27.12 39.36 -33.05
C THR D 873 26.16 40.29 -33.77
N CYS D 874 24.88 40.28 -33.38
CA CYS D 874 23.91 41.17 -34.00
C CYS D 874 24.21 42.62 -33.65
N PHE D 875 24.66 42.88 -32.43
CA PHE D 875 25.05 44.25 -32.08
C PHE D 875 26.19 44.73 -32.96
N LEU D 876 27.22 43.89 -33.12
CA LEU D 876 28.34 44.26 -33.98
C LEU D 876 27.88 44.46 -35.43
N LEU D 877 27.02 43.57 -35.92
CA LEU D 877 26.55 43.67 -37.31
C LEU D 877 25.74 44.94 -37.52
N GLY D 878 24.85 45.27 -36.57
CA GLY D 878 24.07 46.49 -36.71
C GLY D 878 24.91 47.75 -36.63
N VAL D 879 25.90 47.76 -35.72
CA VAL D 879 26.79 48.91 -35.63
C VAL D 879 27.59 49.07 -36.91
N GLY D 880 28.10 47.96 -37.46
CA GLY D 880 28.83 48.03 -38.72
C GLY D 880 27.98 48.52 -39.86
N CYS D 881 26.73 48.04 -39.93
CA CYS D 881 25.83 48.52 -40.98
C CYS D 881 25.54 50.00 -40.82
N ARG D 882 25.27 50.45 -39.60
CA ARG D 882 24.95 51.87 -39.38
C ARG D 882 26.12 52.77 -39.72
N LEU D 883 27.34 52.38 -39.33
CA LEU D 883 28.51 53.19 -39.62
C LEU D 883 28.74 53.31 -41.13
N THR D 884 28.38 52.28 -41.89
CA THR D 884 28.39 52.38 -43.34
C THR D 884 27.33 53.40 -43.78
N PRO D 885 27.66 54.33 -44.66
CA PRO D 885 26.66 55.34 -45.07
C PRO D 885 25.42 54.75 -45.72
N GLY D 886 25.57 53.67 -46.47
CA GLY D 886 24.43 53.13 -47.21
C GLY D 886 23.42 52.44 -46.32
N LEU D 887 23.87 51.61 -45.40
CA LEU D 887 23.00 50.67 -44.69
C LEU D 887 22.63 51.18 -43.30
N TYR D 888 21.96 52.33 -43.25
CA TYR D 888 21.53 52.86 -41.96
C TYR D 888 20.25 52.18 -41.47
N HIS D 889 19.25 52.08 -42.35
CA HIS D 889 17.98 51.47 -41.95
C HIS D 889 18.16 49.99 -41.59
N LEU D 890 19.01 49.29 -42.34
CA LEU D 890 19.30 47.90 -42.01
C LEU D 890 19.93 47.79 -40.62
N GLY D 891 20.85 48.71 -40.30
CA GLY D 891 21.44 48.71 -38.98
C GLY D 891 20.42 48.99 -37.89
N ARG D 892 19.50 49.92 -38.15
CA ARG D 892 18.43 50.20 -37.20
C ARG D 892 17.59 48.95 -36.94
N THR D 893 17.20 48.26 -38.01
CA THR D 893 16.38 47.06 -37.86
C THR D 893 17.12 45.97 -37.09
N VAL D 894 18.38 45.74 -37.43
CA VAL D 894 19.16 44.71 -36.75
C VAL D 894 19.31 45.04 -35.28
N LEU D 895 19.56 46.31 -34.95
CA LEU D 895 19.70 46.70 -33.55
C LEU D 895 18.36 46.65 -32.81
N CYS D 896 17.25 46.88 -33.52
CA CYS D 896 15.94 46.73 -32.89
C CYS D 896 15.68 45.29 -32.47
N ILE D 897 16.00 44.34 -33.34
CA ILE D 897 15.85 42.92 -32.96
C ILE D 897 16.88 42.54 -31.90
N ASP D 898 18.08 43.09 -32.00
CA ASP D 898 19.13 42.81 -31.04
C ASP D 898 18.77 43.29 -29.64
N PHE D 899 18.00 44.38 -29.54
CA PHE D 899 17.52 44.81 -28.23
C PHE D 899 16.63 43.74 -27.61
N MET D 900 15.76 43.12 -28.40
CA MET D 900 14.93 42.04 -27.87
C MET D 900 15.79 40.88 -27.40
N VAL D 901 16.80 40.52 -28.19
CA VAL D 901 17.68 39.42 -27.80
C VAL D 901 18.40 39.74 -26.50
N PHE D 902 18.83 40.99 -26.33
CA PHE D 902 19.47 41.40 -25.08
C PHE D 902 18.48 41.36 -23.92
N THR D 903 17.25 41.82 -24.14
CA THR D 903 16.28 41.92 -23.06
C THR D 903 15.86 40.55 -22.55
N VAL D 904 15.70 39.58 -23.45
CA VAL D 904 15.26 38.26 -23.02
C VAL D 904 16.31 37.52 -22.19
N ARG D 905 17.50 38.10 -22.02
CA ARG D 905 18.51 37.48 -21.17
C ARG D 905 18.32 37.81 -19.70
N LEU D 906 17.34 38.66 -19.36
CA LEU D 906 16.97 38.84 -17.95
C LEU D 906 16.48 37.54 -17.34
N LEU D 907 15.79 36.70 -18.12
CA LEU D 907 15.36 35.41 -17.62
C LEU D 907 16.54 34.54 -17.25
N HIS D 908 17.56 34.50 -18.11
CA HIS D 908 18.77 33.73 -17.80
C HIS D 908 19.53 34.32 -16.63
N ILE D 909 19.51 35.64 -16.47
CA ILE D 909 20.15 36.27 -15.32
C ILE D 909 19.44 35.86 -14.03
N PHE D 910 18.11 35.84 -14.04
CA PHE D 910 17.34 35.57 -12.85
C PHE D 910 17.05 34.09 -12.64
N THR D 911 17.56 33.21 -13.52
CA THR D 911 17.49 31.79 -13.26
C THR D 911 18.07 31.43 -11.90
N VAL D 912 19.14 32.13 -11.48
CA VAL D 912 19.75 31.87 -10.17
C VAL D 912 18.78 32.20 -9.04
N ASN D 913 17.87 33.15 -9.26
CA ASN D 913 16.97 33.59 -8.21
C ASN D 913 16.12 32.43 -7.72
N LYS D 914 15.82 32.42 -6.42
CA LYS D 914 15.12 31.30 -5.82
C LYS D 914 13.68 31.21 -6.28
N GLN D 915 12.99 32.34 -6.38
CA GLN D 915 11.57 32.33 -6.73
C GLN D 915 11.33 32.03 -8.21
N LEU D 916 12.14 32.61 -9.08
CA LEU D 916 11.87 32.55 -10.51
C LEU D 916 12.47 31.31 -11.17
N GLY D 917 13.52 30.74 -10.60
CA GLY D 917 14.29 29.69 -11.22
C GLY D 917 13.54 28.44 -11.63
N PRO D 918 12.88 27.78 -10.67
CA PRO D 918 12.15 26.55 -11.01
C PRO D 918 11.07 26.75 -12.06
N LYS D 919 10.35 27.87 -12.01
CA LYS D 919 9.32 28.11 -13.00
C LYS D 919 9.92 28.47 -14.35
N ILE D 920 11.05 29.18 -14.34
CA ILE D 920 11.74 29.46 -15.60
C ILE D 920 12.19 28.17 -16.27
N VAL D 921 12.67 27.21 -15.49
CA VAL D 921 13.09 25.96 -16.10
C VAL D 921 11.89 25.08 -16.47
N ILE D 922 10.76 25.25 -15.78
CA ILE D 922 9.53 24.58 -16.20
C ILE D 922 9.06 25.10 -17.55
N VAL D 923 9.25 26.40 -17.81
CA VAL D 923 8.76 27.01 -19.04
C VAL D 923 9.36 26.32 -20.26
N SER D 924 10.64 25.95 -20.20
CA SER D 924 11.29 25.32 -21.34
C SER D 924 10.72 23.94 -21.67
N LYS D 925 9.97 23.33 -20.76
CA LYS D 925 9.38 22.01 -20.98
C LYS D 925 8.02 22.08 -21.67
N MET D 926 7.51 23.27 -21.96
CA MET D 926 6.22 23.44 -22.61
C MET D 926 6.32 23.58 -24.12
N MET D 927 7.54 23.55 -24.68
CA MET D 927 7.71 23.82 -26.09
C MET D 927 7.14 22.73 -26.97
N LYS D 928 7.07 21.49 -26.47
CA LYS D 928 6.43 20.43 -27.25
C LYS D 928 4.94 20.68 -27.42
N ASP D 929 4.26 21.09 -26.34
CA ASP D 929 2.86 21.47 -26.44
C ASP D 929 2.68 22.68 -27.35
N VAL D 930 3.59 23.65 -27.24
CA VAL D 930 3.52 24.82 -28.11
C VAL D 930 3.65 24.41 -29.58
N PHE D 931 4.57 23.50 -29.88
CA PHE D 931 4.78 23.08 -31.26
C PHE D 931 3.60 22.27 -31.79
N PHE D 932 2.99 21.43 -30.94
CA PHE D 932 1.78 20.73 -31.37
C PHE D 932 0.67 21.73 -31.68
N PHE D 933 0.49 22.73 -30.82
CA PHE D 933 -0.51 23.77 -31.06
C PHE D 933 -0.23 24.48 -32.38
N LEU D 934 1.04 24.83 -32.63
CA LEU D 934 1.39 25.55 -33.84
C LEU D 934 1.18 24.72 -35.09
N PHE D 935 1.49 23.42 -35.02
CA PHE D 935 1.27 22.54 -36.17
C PHE D 935 -0.20 22.41 -36.50
N PHE D 936 -1.02 22.12 -35.48
CA PHE D 936 -2.46 22.00 -35.71
C PHE D 936 -3.04 23.32 -36.22
N LEU D 937 -2.62 24.43 -35.62
CA LEU D 937 -3.10 25.74 -36.02
C LEU D 937 -2.68 26.08 -37.45
N GLY D 938 -1.45 25.72 -37.83
CA GLY D 938 -1.01 26.00 -39.18
C GLY D 938 -1.78 25.21 -40.22
N VAL D 939 -2.06 23.93 -39.94
CA VAL D 939 -2.86 23.14 -40.88
C VAL D 939 -4.26 23.75 -41.01
N TRP D 940 -4.88 24.08 -39.87
CA TRP D 940 -6.22 24.65 -39.91
C TRP D 940 -6.23 26.02 -40.60
N LEU D 941 -5.22 26.84 -40.34
CA LEU D 941 -5.11 28.14 -41.00
C LEU D 941 -4.98 28.00 -42.50
N VAL D 942 -4.13 27.07 -42.96
CA VAL D 942 -3.99 26.87 -44.39
C VAL D 942 -5.32 26.48 -45.01
N ALA D 943 -5.99 25.47 -44.42
CA ALA D 943 -7.24 25.01 -44.99
C ALA D 943 -8.29 26.12 -45.03
N TYR D 944 -8.53 26.76 -43.88
CA TYR D 944 -9.57 27.78 -43.80
C TYR D 944 -9.25 28.99 -44.65
N GLY D 945 -8.01 29.47 -44.61
CA GLY D 945 -7.66 30.66 -45.36
C GLY D 945 -7.72 30.46 -46.85
N VAL D 946 -7.21 29.34 -47.35
CA VAL D 946 -7.30 29.09 -48.78
C VAL D 946 -8.74 28.92 -49.21
N ALA D 947 -9.56 28.23 -48.40
CA ALA D 947 -10.97 28.07 -48.76
C ALA D 947 -11.68 29.41 -48.82
N THR D 948 -11.45 30.28 -47.83
CA THR D 948 -12.13 31.57 -47.80
C THR D 948 -11.65 32.47 -48.93
N GLU D 949 -10.34 32.46 -49.22
CA GLU D 949 -9.82 33.25 -50.33
C GLU D 949 -10.38 32.76 -51.66
N GLY D 950 -10.53 31.45 -51.82
CA GLY D 950 -11.12 30.92 -53.05
C GLY D 950 -12.59 31.25 -53.18
N LEU D 951 -13.33 31.20 -52.06
CA LEU D 951 -14.75 31.53 -52.11
C LEU D 951 -14.97 33.00 -52.41
N LEU D 952 -14.19 33.88 -51.79
CA LEU D 952 -14.44 35.31 -51.95
C LEU D 952 -13.95 35.85 -53.29
N ARG D 953 -12.90 35.27 -53.86
CA ARG D 953 -12.35 35.69 -55.15
C ARG D 953 -12.05 37.19 -55.20
N PRO D 954 -11.15 37.70 -54.36
CA PRO D 954 -10.82 39.12 -54.41
C PRO D 954 -10.19 39.51 -55.74
N ARG D 955 -10.46 40.75 -56.15
CA ARG D 955 -9.90 41.23 -57.41
C ARG D 955 -8.46 41.72 -57.25
N ASP D 956 -8.14 42.32 -56.10
CA ASP D 956 -6.78 42.75 -55.80
C ASP D 956 -5.99 41.56 -55.25
N SER D 957 -5.72 40.60 -56.13
CA SER D 957 -5.04 39.37 -55.77
C SER D 957 -3.56 39.44 -56.09
N ASP D 958 -2.87 40.36 -55.41
CA ASP D 958 -1.41 40.33 -55.40
C ASP D 958 -0.93 39.22 -54.48
N PHE D 959 0.32 38.80 -54.66
CA PHE D 959 0.86 37.73 -53.83
C PHE D 959 0.93 38.12 -52.35
N PRO D 960 1.46 39.29 -51.96
CA PRO D 960 1.37 39.66 -50.54
C PRO D 960 -0.05 39.80 -50.03
N SER D 961 -0.97 40.28 -50.86
CA SER D 961 -2.36 40.38 -50.43
C SER D 961 -2.97 39.01 -50.21
N ILE D 962 -2.68 38.05 -51.09
CA ILE D 962 -3.17 36.69 -50.92
C ILE D 962 -2.61 36.08 -49.66
N LEU D 963 -1.30 36.25 -49.42
CA LEU D 963 -0.72 35.71 -48.20
C LEU D 963 -1.33 36.34 -46.96
N ARG D 964 -1.56 37.65 -47.00
CA ARG D 964 -2.18 38.34 -45.88
C ARG D 964 -3.57 37.79 -45.59
N ARG D 965 -4.43 37.74 -46.60
CA ARG D 965 -5.79 37.27 -46.38
C ARG D 965 -5.87 35.77 -46.12
N VAL D 966 -4.81 35.01 -46.44
CA VAL D 966 -4.83 33.58 -46.16
C VAL D 966 -4.31 33.25 -44.76
N PHE D 967 -3.32 33.99 -44.27
CA PHE D 967 -2.71 33.66 -42.99
C PHE D 967 -2.95 34.72 -41.91
N TYR D 968 -2.70 36.00 -42.22
CA TYR D 968 -2.65 37.01 -41.19
C TYR D 968 -4.03 37.36 -40.64
N ARG D 969 -5.02 37.54 -41.51
CA ARG D 969 -6.37 37.86 -41.06
C ARG D 969 -7.00 36.72 -40.26
N PRO D 970 -6.98 35.46 -40.72
CA PRO D 970 -7.47 34.37 -39.86
C PRO D 970 -6.72 34.26 -38.55
N TYR D 971 -5.41 34.54 -38.54
CA TYR D 971 -4.65 34.49 -37.31
C TYR D 971 -5.15 35.54 -36.32
N LEU D 972 -5.45 36.74 -36.80
CA LEU D 972 -5.96 37.79 -35.93
C LEU D 972 -7.39 37.51 -35.49
N GLN D 973 -8.15 36.71 -36.25
CA GLN D 973 -9.49 36.34 -35.80
C GLN D 973 -9.44 35.55 -34.49
N ILE D 974 -8.34 34.86 -34.21
CA ILE D 974 -8.18 34.14 -32.95
C ILE D 974 -8.06 35.07 -31.76
N PHE D 975 -7.76 36.35 -31.98
CA PHE D 975 -7.58 37.31 -30.91
C PHE D 975 -8.65 38.39 -30.92
N GLY D 976 -9.84 38.07 -31.44
CA GLY D 976 -10.97 38.97 -31.42
C GLY D 976 -11.02 39.98 -32.55
N GLN D 977 -10.19 39.83 -33.57
CA GLN D 977 -10.16 40.77 -34.69
C GLN D 977 -10.89 40.09 -35.86
N ILE D 978 -12.20 40.25 -35.88
CA ILE D 978 -13.05 39.58 -36.86
C ILE D 978 -13.66 40.63 -37.78
N PRO D 979 -13.09 40.86 -38.97
CA PRO D 979 -13.61 41.87 -39.91
C PRO D 979 -14.79 41.36 -40.72
N GLN D 980 -15.99 41.46 -40.13
CA GLN D 980 -17.19 40.98 -40.80
C GLN D 980 -17.48 41.75 -42.07
N GLU D 981 -17.19 43.05 -42.10
CA GLU D 981 -17.51 43.88 -43.25
C GLU D 981 -16.67 43.51 -44.47
N ASP D 982 -15.53 42.85 -44.28
CA ASP D 982 -14.66 42.45 -45.38
C ASP D 982 -14.94 41.04 -45.90
N MET D 983 -15.77 40.26 -45.20
CA MET D 983 -16.05 38.89 -45.59
C MET D 983 -17.54 38.60 -45.75
N ASP D 984 -18.42 39.36 -45.10
CA ASP D 984 -19.85 39.13 -45.15
C ASP D 984 -20.45 40.09 -46.18
N VAL D 985 -20.96 39.53 -47.28
CA VAL D 985 -21.45 40.35 -48.39
C VAL D 985 -22.69 41.14 -47.97
N ALA D 986 -23.49 40.60 -47.05
CA ALA D 986 -24.67 41.31 -46.58
C ALA D 986 -24.31 42.63 -45.90
N LEU D 987 -23.07 42.78 -45.45
CA LEU D 987 -22.60 44.01 -44.82
C LEU D 987 -21.90 44.94 -45.80
N MET D 988 -21.83 44.57 -47.07
CA MET D 988 -21.20 45.39 -48.10
C MET D 988 -22.26 45.98 -49.02
N GLU D 989 -21.83 46.95 -49.82
CA GLU D 989 -22.69 47.50 -50.86
C GLU D 989 -22.48 46.73 -52.15
N HIS D 990 -23.58 46.32 -52.78
CA HIS D 990 -23.53 45.49 -53.98
C HIS D 990 -23.29 46.39 -55.18
N SER D 991 -22.11 46.26 -55.80
CA SER D 991 -21.71 47.11 -56.90
C SER D 991 -21.26 46.26 -58.08
N ASN D 992 -21.33 46.86 -59.26
CA ASN D 992 -20.92 46.18 -60.50
C ASN D 992 -19.45 46.52 -60.80
N CYS D 993 -18.59 46.06 -59.92
CA CYS D 993 -17.16 46.36 -60.00
C CYS D 993 -16.36 45.28 -60.72
N SER D 994 -17.00 44.25 -61.24
CA SER D 994 -16.30 43.18 -61.95
C SER D 994 -16.96 42.94 -63.30
N SER D 995 -16.14 42.78 -64.34
CA SER D 995 -16.66 42.49 -65.67
C SER D 995 -17.03 41.02 -65.81
N GLU D 996 -16.54 40.16 -64.92
CA GLU D 996 -16.84 38.75 -64.99
C GLU D 996 -18.31 38.50 -64.61
N PRO D 997 -18.94 37.48 -65.18
CA PRO D 997 -20.34 37.22 -64.86
C PRO D 997 -20.53 36.84 -63.40
N GLY D 998 -21.69 37.21 -62.87
CA GLY D 998 -22.02 36.99 -61.47
C GLY D 998 -22.24 38.29 -60.74
N PHE D 999 -22.53 38.15 -59.44
CA PHE D 999 -22.79 39.29 -58.57
C PHE D 999 -21.56 39.55 -57.70
N TRP D 1000 -21.30 40.83 -57.44
CA TRP D 1000 -20.11 41.24 -56.73
C TRP D 1000 -20.45 42.33 -55.73
N ALA D 1001 -19.63 42.44 -54.69
CA ALA D 1001 -19.82 43.43 -53.64
C ALA D 1001 -18.48 44.07 -53.32
N HIS D 1002 -18.54 45.27 -52.75
CA HIS D 1002 -17.32 46.03 -52.46
C HIS D 1002 -17.02 45.99 -50.98
N PRO D 1003 -15.98 45.29 -50.54
CA PRO D 1003 -15.57 45.35 -49.14
C PRO D 1003 -14.84 46.65 -48.84
N PRO D 1004 -15.14 47.30 -47.71
CA PRO D 1004 -14.52 48.60 -47.42
C PRO D 1004 -13.07 48.52 -46.95
N GLY D 1005 -12.58 47.35 -46.58
CA GLY D 1005 -11.23 47.25 -46.04
C GLY D 1005 -10.17 47.63 -47.06
N ALA D 1006 -9.09 48.23 -46.55
CA ALA D 1006 -8.01 48.67 -47.42
C ALA D 1006 -7.31 47.49 -48.08
N GLN D 1007 -7.06 46.42 -47.32
CA GLN D 1007 -6.33 45.28 -47.81
C GLN D 1007 -7.25 44.13 -48.24
N ALA D 1008 -8.55 44.37 -48.30
CA ALA D 1008 -9.46 43.44 -48.95
C ALA D 1008 -9.33 43.58 -50.46
N GLY D 1009 -10.07 42.76 -51.21
CA GLY D 1009 -9.88 42.75 -52.65
C GLY D 1009 -10.60 43.85 -53.39
N THR D 1010 -11.30 44.73 -52.69
CA THR D 1010 -12.06 45.86 -53.23
C THR D 1010 -13.24 45.38 -54.08
N CYS D 1011 -13.35 44.08 -54.29
CA CYS D 1011 -14.46 43.46 -55.00
C CYS D 1011 -14.43 41.97 -54.76
N VAL D 1012 -15.52 41.41 -54.24
CA VAL D 1012 -15.57 39.99 -53.90
C VAL D 1012 -16.86 39.39 -54.45
N SER D 1013 -16.85 38.07 -54.61
CA SER D 1013 -18.00 37.35 -55.10
C SER D 1013 -18.98 37.05 -53.97
N GLN D 1014 -20.27 37.11 -54.30
CA GLN D 1014 -21.33 36.80 -53.34
C GLN D 1014 -22.08 35.53 -53.71
N TYR D 1015 -21.45 34.63 -54.45
CA TYR D 1015 -22.14 33.44 -54.93
C TYR D 1015 -22.57 32.54 -53.77
N ALA D 1016 -21.63 32.21 -52.88
CA ALA D 1016 -21.89 31.30 -51.77
C ALA D 1016 -21.37 31.90 -50.47
N ASN D 1017 -21.73 33.15 -50.21
CA ASN D 1017 -21.22 33.86 -49.04
C ASN D 1017 -21.74 33.25 -47.74
N TRP D 1018 -22.88 32.56 -47.77
CA TRP D 1018 -23.33 31.83 -46.60
C TRP D 1018 -22.29 30.79 -46.18
N LEU D 1019 -21.60 30.20 -47.14
CA LEU D 1019 -20.54 29.25 -46.82
C LEU D 1019 -19.33 29.95 -46.22
N VAL D 1020 -19.05 31.18 -46.63
CA VAL D 1020 -17.98 31.95 -46.00
C VAL D 1020 -18.34 32.22 -44.53
N VAL D 1021 -19.59 32.57 -44.27
CA VAL D 1021 -20.03 32.80 -42.89
C VAL D 1021 -19.95 31.51 -42.07
N LEU D 1022 -20.39 30.40 -42.66
CA LEU D 1022 -20.33 29.12 -41.95
C LEU D 1022 -18.89 28.71 -41.68
N LEU D 1023 -17.99 28.97 -42.63
CA LEU D 1023 -16.58 28.68 -42.42
C LEU D 1023 -16.00 29.53 -41.29
N LEU D 1024 -16.40 30.80 -41.20
CA LEU D 1024 -15.97 31.61 -40.07
C LEU D 1024 -16.47 31.04 -38.75
N VAL D 1025 -17.72 30.60 -38.71
CA VAL D 1025 -18.26 29.99 -37.50
C VAL D 1025 -17.45 28.77 -37.10
N ILE D 1026 -17.18 27.89 -38.07
CA ILE D 1026 -16.43 26.67 -37.79
C ILE D 1026 -14.99 27.00 -37.39
N PHE D 1027 -14.38 28.01 -38.02
CA PHE D 1027 -13.03 28.41 -37.67
C PHE D 1027 -12.96 28.89 -36.24
N LEU D 1028 -13.92 29.73 -35.84
CA LEU D 1028 -13.93 30.21 -34.46
C LEU D 1028 -14.10 29.06 -33.48
N LEU D 1029 -15.00 28.13 -33.79
CA LEU D 1029 -15.17 26.96 -32.93
C LEU D 1029 -13.89 26.15 -32.79
N VAL D 1030 -13.24 25.85 -33.92
CA VAL D 1030 -12.08 24.96 -33.91
C VAL D 1030 -10.88 25.64 -33.27
N ALA D 1031 -10.64 26.90 -33.58
CA ALA D 1031 -9.43 27.58 -33.15
C ALA D 1031 -9.57 28.24 -31.78
N ASN D 1032 -10.58 29.10 -31.61
CA ASN D 1032 -10.68 29.89 -30.39
C ASN D 1032 -11.16 29.06 -29.20
N ILE D 1033 -11.76 27.90 -29.44
CA ILE D 1033 -12.39 27.10 -28.39
C ILE D 1033 -11.71 25.76 -28.22
N LEU D 1034 -11.51 25.02 -29.31
CA LEU D 1034 -10.99 23.66 -29.18
C LEU D 1034 -9.47 23.66 -29.04
N LEU D 1035 -8.76 24.35 -29.92
CA LEU D 1035 -7.30 24.31 -29.89
C LEU D 1035 -6.74 25.01 -28.66
N VAL D 1036 -7.30 26.16 -28.29
CA VAL D 1036 -6.79 26.90 -27.14
C VAL D 1036 -7.02 26.12 -25.85
N ASN D 1037 -8.22 25.56 -25.67
CA ASN D 1037 -8.50 24.78 -24.47
C ASN D 1037 -7.70 23.48 -24.44
N LEU D 1038 -7.49 22.86 -25.60
CA LEU D 1038 -6.63 21.69 -25.66
C LEU D 1038 -5.21 22.03 -25.23
N LEU D 1039 -4.69 23.17 -25.68
CA LEU D 1039 -3.37 23.61 -25.25
C LEU D 1039 -3.33 23.87 -23.76
N ILE D 1040 -4.40 24.44 -23.19
CA ILE D 1040 -4.45 24.64 -21.75
C ILE D 1040 -4.37 23.30 -21.01
N ALA D 1041 -5.12 22.31 -21.49
CA ALA D 1041 -5.10 20.99 -20.85
C ALA D 1041 -3.71 20.35 -20.95
N MET D 1042 -3.08 20.45 -22.12
CA MET D 1042 -1.74 19.91 -22.29
C MET D 1042 -0.74 20.62 -21.37
N PHE D 1043 -0.84 21.94 -21.26
CA PHE D 1043 0.05 22.70 -20.37
C PHE D 1043 -0.13 22.25 -18.92
N SER D 1044 -1.38 22.08 -18.48
CA SER D 1044 -1.63 21.65 -17.12
C SER D 1044 -1.03 20.28 -16.85
N TYR D 1045 -1.24 19.34 -17.77
CA TYR D 1045 -0.68 18.00 -17.61
C TYR D 1045 0.83 18.04 -17.54
N THR D 1046 1.47 18.77 -18.47
CA THR D 1046 2.93 18.82 -18.50
C THR D 1046 3.49 19.49 -17.25
N PHE D 1047 2.84 20.56 -16.79
CA PHE D 1047 3.28 21.23 -15.57
C PHE D 1047 3.26 20.28 -14.39
N GLY D 1048 2.13 19.60 -14.19
CA GLY D 1048 2.05 18.64 -13.11
C GLY D 1048 3.05 17.50 -13.24
N LYS D 1049 3.36 17.12 -14.48
CA LYS D 1049 4.29 16.00 -14.69
C LYS D 1049 5.73 16.39 -14.40
N VAL D 1050 6.15 17.60 -14.78
CA VAL D 1050 7.56 17.98 -14.71
C VAL D 1050 7.89 18.84 -13.51
N GLN D 1051 6.92 19.16 -12.65
CA GLN D 1051 7.17 19.96 -11.46
C GLN D 1051 8.40 19.49 -10.67
N GLY D 1052 8.35 18.24 -10.18
CA GLY D 1052 9.38 17.78 -9.25
C GLY D 1052 10.76 17.66 -9.89
N ASN D 1053 10.82 17.13 -11.11
CA ASN D 1053 12.10 17.02 -11.79
C ASN D 1053 12.70 18.37 -12.09
N SER D 1054 11.87 19.36 -12.44
CA SER D 1054 12.40 20.71 -12.64
C SER D 1054 12.93 21.28 -11.34
N ASP D 1055 12.23 21.04 -10.23
CA ASP D 1055 12.72 21.54 -8.94
C ASP D 1055 14.06 20.90 -8.59
N LEU D 1056 14.20 19.59 -8.80
CA LEU D 1056 15.46 18.92 -8.54
C LEU D 1056 16.58 19.46 -9.42
N TYR D 1057 16.29 19.69 -10.69
CA TYR D 1057 17.30 20.25 -11.59
C TYR D 1057 17.75 21.63 -11.12
N TRP D 1058 16.80 22.47 -10.72
CA TRP D 1058 17.16 23.81 -10.26
C TRP D 1058 18.01 23.74 -8.99
N LYS D 1059 17.65 22.86 -8.06
CA LYS D 1059 18.47 22.68 -6.85
C LYS D 1059 19.87 22.23 -7.20
N ALA D 1060 20.00 21.32 -8.18
CA ALA D 1060 21.32 20.85 -8.57
C ALA D 1060 22.16 21.96 -9.19
N GLN D 1061 21.57 22.80 -10.04
CA GLN D 1061 22.32 23.84 -10.73
C GLN D 1061 22.56 25.07 -9.87
N ARG D 1062 21.89 25.19 -8.73
CA ARG D 1062 22.08 26.33 -7.84
C ARG D 1062 23.54 26.48 -7.42
N TYR D 1063 24.22 25.36 -7.15
CA TYR D 1063 25.62 25.43 -6.73
C TYR D 1063 26.50 26.03 -7.82
N ARG D 1064 26.30 25.58 -9.06
CA ARG D 1064 27.10 26.10 -10.17
C ARG D 1064 26.83 27.58 -10.39
N LEU D 1065 25.56 27.99 -10.27
CA LEU D 1065 25.23 29.41 -10.42
C LEU D 1065 25.89 30.26 -9.33
N ILE D 1066 25.84 29.79 -8.08
CA ILE D 1066 26.46 30.54 -6.98
C ILE D 1066 27.96 30.60 -7.14
N ARG D 1067 28.58 29.49 -7.56
CA ARG D 1067 30.02 29.48 -7.80
C ARG D 1067 30.41 30.46 -8.90
N GLU D 1068 29.63 30.49 -9.99
CA GLU D 1068 29.91 31.41 -11.08
C GLU D 1068 29.79 32.86 -10.62
N PHE D 1069 28.77 33.19 -9.81
CA PHE D 1069 28.65 34.55 -9.33
C PHE D 1069 29.73 34.88 -8.31
N HIS D 1070 30.28 33.87 -7.63
CA HIS D 1070 31.39 34.11 -6.72
C HIS D 1070 32.69 34.38 -7.50
N SER D 1071 32.83 33.77 -8.67
CA SER D 1071 34.07 33.88 -9.43
C SER D 1071 34.20 35.19 -10.20
N ARG D 1072 33.14 36.00 -10.29
CA ARG D 1072 33.18 37.16 -11.16
C ARG D 1072 33.60 38.41 -10.41
N PRO D 1073 34.09 39.43 -11.11
CA PRO D 1073 34.56 40.65 -10.42
C PRO D 1073 33.45 41.35 -9.65
N ALA D 1074 33.84 42.01 -8.57
CA ALA D 1074 32.91 42.75 -7.72
C ALA D 1074 32.39 44.02 -8.37
N LEU D 1075 32.96 44.43 -9.51
CA LEU D 1075 32.49 45.59 -10.23
C LEU D 1075 31.41 45.20 -11.23
N ALA D 1076 30.60 46.17 -11.62
CA ALA D 1076 29.58 45.95 -12.62
C ALA D 1076 29.89 46.72 -13.89
N PRO D 1077 29.47 46.23 -15.05
CA PRO D 1077 29.76 46.94 -16.29
C PRO D 1077 29.10 48.30 -16.29
N PRO D 1078 29.68 49.28 -16.99
CA PRO D 1078 30.89 49.21 -17.83
C PRO D 1078 32.17 49.38 -17.02
N PHE D 1079 32.07 49.46 -15.69
CA PHE D 1079 33.26 49.65 -14.86
C PHE D 1079 34.10 48.39 -14.75
N ILE D 1080 33.55 47.22 -15.10
CA ILE D 1080 34.31 45.99 -15.01
C ILE D 1080 35.61 46.05 -15.78
N VAL D 1081 35.70 46.91 -16.80
CA VAL D 1081 36.93 47.02 -17.58
C VAL D 1081 38.10 47.31 -16.66
N ILE D 1082 37.89 48.14 -15.63
CA ILE D 1082 38.91 48.38 -14.62
C ILE D 1082 39.47 47.05 -14.12
N SER D 1083 38.60 46.23 -13.53
CA SER D 1083 39.06 44.96 -13.00
C SER D 1083 39.64 44.09 -14.11
N HIS D 1084 39.07 44.18 -15.32
CA HIS D 1084 39.60 43.40 -16.41
C HIS D 1084 41.05 43.77 -16.69
N LEU D 1085 41.36 45.07 -16.65
CA LEU D 1085 42.74 45.49 -16.83
C LEU D 1085 43.63 44.85 -15.76
N ARG D 1086 43.15 44.79 -14.52
CA ARG D 1086 43.91 44.12 -13.48
C ARG D 1086 44.16 42.66 -13.86
N LEU D 1087 43.11 41.98 -14.32
CA LEU D 1087 43.25 40.58 -14.71
C LEU D 1087 44.11 40.43 -15.95
N LEU D 1088 44.35 41.54 -16.66
CA LEU D 1088 45.23 41.50 -17.82
C LEU D 1088 46.66 41.88 -17.44
N LEU D 1089 46.84 42.53 -16.28
CA LEU D 1089 48.19 42.85 -15.84
C LEU D 1089 48.80 41.72 -15.04
N ARG D 1090 47.98 41.02 -14.25
CA ARG D 1090 48.45 39.89 -13.44
C ARG D 1090 48.31 38.57 -14.20
N GLN D 1091 48.88 38.52 -15.39
CA GLN D 1091 48.90 37.29 -16.19
C GLN D 1091 49.91 37.41 -17.32
N PHE D 1109 34.24 28.84 -0.48
CA PHE D 1109 33.82 27.54 -1.00
C PHE D 1109 34.86 26.48 -0.71
N ARG D 1110 35.72 26.74 0.28
CA ARG D 1110 36.70 25.77 0.72
C ARG D 1110 37.05 26.05 2.17
N VAL D 1111 37.52 25.01 2.86
CA VAL D 1111 38.04 25.13 4.20
C VAL D 1111 39.38 24.41 4.26
N TYR D 1112 40.28 24.91 5.10
CA TYR D 1112 41.57 24.30 5.32
C TYR D 1112 41.69 23.95 6.79
N LEU D 1113 41.83 22.65 7.08
CA LEU D 1113 41.90 22.15 8.44
C LEU D 1113 43.30 21.63 8.73
N SER D 1114 43.78 21.89 9.94
CA SER D 1114 45.02 21.29 10.39
C SER D 1114 44.86 19.78 10.51
N LYS D 1115 45.99 19.09 10.70
CA LYS D 1115 45.95 17.63 10.78
C LYS D 1115 45.12 17.16 11.96
N GLU D 1116 45.24 17.84 13.11
CA GLU D 1116 44.44 17.46 14.28
C GLU D 1116 42.95 17.66 14.01
N ALA D 1117 42.59 18.82 13.47
CA ALA D 1117 41.17 19.10 13.20
C ALA D 1117 40.62 18.15 12.15
N GLU D 1118 41.41 17.86 11.12
CA GLU D 1118 40.96 16.92 10.09
C GLU D 1118 40.77 15.52 10.67
N ARG D 1119 41.69 15.08 11.53
CA ARG D 1119 41.55 13.77 12.15
C ARG D 1119 40.30 13.71 13.03
N LYS D 1120 40.05 14.77 13.80
CA LYS D 1120 38.86 14.81 14.64
C LYS D 1120 37.59 14.77 13.79
N LEU D 1121 37.58 15.53 12.69
CA LEU D 1121 36.41 15.55 11.82
C LEU D 1121 36.16 14.20 11.19
N LEU D 1122 37.22 13.51 10.75
CA LEU D 1122 37.06 12.20 10.15
C LEU D 1122 36.61 11.17 11.17
N THR D 1123 37.09 11.26 12.42
CA THR D 1123 36.60 10.37 13.46
C THR D 1123 35.12 10.62 13.75
N TRP D 1124 34.72 11.88 13.79
CA TRP D 1124 33.31 12.22 13.99
C TRP D 1124 32.43 11.66 12.87
N GLU D 1125 32.89 11.80 11.63
CA GLU D 1125 32.16 11.25 10.49
C GLU D 1125 32.08 9.73 10.57
N SER D 1126 33.17 9.07 10.98
CA SER D 1126 33.15 7.62 11.10
C SER D 1126 32.19 7.16 12.19
N VAL D 1127 32.12 7.91 13.30
CA VAL D 1127 31.17 7.59 14.36
C VAL D 1127 29.75 7.67 13.84
N HIS D 1128 29.44 8.72 13.07
CA HIS D 1128 28.09 8.84 12.53
C HIS D 1128 27.81 7.76 11.49
N LYS D 1129 28.80 7.39 10.68
CA LYS D 1129 28.60 6.31 9.72
C LYS D 1129 28.32 4.99 10.42
N GLU D 1130 29.06 4.70 11.50
CA GLU D 1130 28.84 3.45 12.22
C GLU D 1130 27.47 3.44 12.90
N ASN D 1131 27.04 4.59 13.44
CA ASN D 1131 25.69 4.66 14.00
C ASN D 1131 24.63 4.44 12.92
N PHE D 1132 24.81 5.05 11.76
CA PHE D 1132 23.85 4.88 10.66
C PHE D 1132 23.79 3.42 10.20
N LEU D 1133 24.95 2.78 10.06
CA LEU D 1133 24.98 1.37 9.66
C LEU D 1133 24.34 0.47 10.71
N LEU D 1134 24.61 0.74 12.00
CA LEU D 1134 23.97 -0.05 13.05
C LEU D 1134 22.46 0.12 13.05
N ALA D 1135 21.98 1.35 12.86
CA ALA D 1135 20.55 1.59 12.80
C ALA D 1135 19.91 0.87 11.62
N ARG D 1136 20.58 0.90 10.46
CA ARG D 1136 20.04 0.21 9.30
C ARG D 1136 20.00 -1.30 9.51
N ALA D 1137 21.05 -1.86 10.12
CA ALA D 1137 21.07 -3.29 10.42
C ALA D 1137 19.97 -3.66 11.40
N ARG D 1138 19.77 -2.84 12.44
CA ARG D 1138 18.70 -3.11 13.39
C ARG D 1138 17.33 -3.04 12.73
N ASP D 1139 17.12 -2.05 11.86
CA ASP D 1139 15.85 -1.93 11.15
C ASP D 1139 15.60 -3.14 10.26
N LYS D 1140 16.64 -3.61 9.57
CA LYS D 1140 16.47 -4.79 8.72
C LYS D 1140 16.18 -6.03 9.55
N ARG D 1141 16.88 -6.20 10.68
CA ARG D 1141 16.70 -7.40 11.49
C ARG D 1141 15.30 -7.48 12.09
N GLU D 1142 14.73 -6.36 12.49
CA GLU D 1142 13.45 -6.33 13.18
C GLU D 1142 12.26 -6.26 12.24
N SER D 1143 12.48 -6.36 10.93
CA SER D 1143 11.37 -6.39 10.00
C SER D 1143 10.64 -7.72 10.07
N ASP D 1144 9.42 -7.74 9.56
CA ASP D 1144 8.61 -8.96 9.62
C ASP D 1144 9.18 -10.06 8.74
N SER D 1145 9.81 -9.70 7.61
CA SER D 1145 10.38 -10.71 6.73
C SER D 1145 11.48 -11.49 7.44
N GLU D 1146 12.41 -10.78 8.10
CA GLU D 1146 13.50 -11.45 8.79
C GLU D 1146 13.02 -12.18 10.03
N ARG D 1147 12.02 -11.64 10.73
CA ARG D 1147 11.44 -12.36 11.86
C ARG D 1147 10.82 -13.68 11.40
N LEU D 1148 10.07 -13.65 10.29
CA LEU D 1148 9.48 -14.87 9.77
C LEU D 1148 10.54 -15.86 9.32
N LYS D 1149 11.61 -15.37 8.70
CA LYS D 1149 12.69 -16.25 8.26
C LYS D 1149 13.36 -16.92 9.45
N ARG D 1150 13.66 -16.15 10.50
CA ARG D 1150 14.27 -16.73 11.69
C ARG D 1150 13.32 -17.72 12.38
N THR D 1151 12.02 -17.41 12.40
CA THR D 1151 11.05 -18.34 12.97
C THR D 1151 11.01 -19.65 12.18
N SER D 1152 11.07 -19.56 10.85
CA SER D 1152 11.10 -20.77 10.04
C SER D 1152 12.36 -21.59 10.33
N GLN D 1153 13.51 -20.92 10.43
CA GLN D 1153 14.75 -21.64 10.74
C GLN D 1153 14.68 -22.31 12.10
N LYS D 1154 14.14 -21.61 13.10
CA LYS D 1154 14.06 -22.19 14.44
C LYS D 1154 13.02 -23.31 14.50
N VAL D 1155 11.97 -23.24 13.69
CA VAL D 1155 11.02 -24.35 13.60
C VAL D 1155 11.68 -25.56 12.94
N ASP D 1156 12.53 -25.33 11.95
CA ASP D 1156 13.32 -26.41 11.38
C ASP D 1156 14.22 -27.05 12.43
N LEU D 1157 14.88 -26.23 13.24
CA LEU D 1157 15.71 -26.76 14.31
C LEU D 1157 14.89 -27.56 15.31
N ALA D 1158 13.69 -27.07 15.65
CA ALA D 1158 12.81 -27.79 16.56
C ALA D 1158 12.37 -29.11 15.95
N LEU D 1159 12.10 -29.13 14.64
CA LEU D 1159 11.75 -30.39 13.98
C LEU D 1159 12.90 -31.38 14.03
N LYS D 1160 14.13 -30.90 13.84
CA LYS D 1160 15.29 -31.78 13.94
C LYS D 1160 15.41 -32.37 15.33
N GLN D 1161 15.26 -31.53 16.37
CA GLN D 1161 15.36 -32.04 17.73
C GLN D 1161 14.21 -33.00 18.05
N LEU D 1162 13.01 -32.71 17.54
CA LEU D 1162 11.88 -33.62 17.76
C LEU D 1162 12.12 -34.95 17.07
N GLY D 1163 12.71 -34.94 15.88
CA GLY D 1163 13.07 -36.19 15.24
C GLY D 1163 14.10 -36.98 16.02
N HIS D 1164 15.10 -36.28 16.57
CA HIS D 1164 16.09 -36.95 17.41
C HIS D 1164 15.44 -37.58 18.63
N ILE D 1165 14.49 -36.87 19.25
CA ILE D 1165 13.78 -37.43 20.39
C ILE D 1165 12.95 -38.64 19.97
N ARG D 1166 12.26 -38.54 18.83
CA ARG D 1166 11.38 -39.60 18.36
C ARG D 1166 12.15 -40.86 18.00
N GLU D 1167 13.41 -40.71 17.56
CA GLU D 1167 14.19 -41.89 17.18
C GLU D 1167 14.36 -42.84 18.35
N TYR D 1168 14.64 -42.31 19.53
CA TYR D 1168 14.80 -43.16 20.72
C TYR D 1168 13.58 -43.06 21.62
PG ATP E . 6.74 0.25 55.23
O1G ATP E . 5.90 0.78 56.37
O2G ATP E . 7.80 1.24 54.76
O3G ATP E . 7.30 -1.12 55.49
PB ATP E . 4.19 -0.35 53.74
O1B ATP E . 3.38 0.00 54.93
O2B ATP E . 3.74 0.12 52.40
O3B ATP E . 5.70 0.09 53.98
PA ATP E . 3.53 -3.07 52.91
O1A ATP E . 2.14 -3.07 53.39
O2A ATP E . 4.31 -4.33 52.94
O3A ATP E . 4.35 -1.94 53.69
O5' ATP E . 3.56 -2.48 51.43
C5' ATP E . 4.07 -3.32 50.38
C4' ATP E . 3.03 -3.42 49.28
O4' ATP E . 1.72 -3.60 49.87
C3' ATP E . 2.93 -2.20 48.37
O3' ATP E . 2.72 -2.62 47.03
C2' ATP E . 1.69 -1.47 48.92
O2' ATP E . 1.05 -0.70 47.91
C1' ATP E . 0.83 -2.64 49.34
N9 ATP E . -0.18 -2.32 50.35
C8 ATP E . 0.04 -1.75 51.57
N7 ATP E . -1.06 -1.56 52.27
C5 ATP E . -2.07 -2.03 51.44
C6 ATP E . -3.46 -2.11 51.58
N6 ATP E . -4.13 -1.69 52.66
N1 ATP E . -4.17 -2.65 50.57
C2 ATP E . -3.52 -3.07 49.48
N3 ATP E . -2.20 -3.05 49.23
C4 ATP E . -1.53 -2.52 50.25
PG ATP F . -37.00 -34.65 22.93
O1G ATP F . -38.20 -35.39 22.39
O2G ATP F . -37.35 -33.32 23.57
O3G ATP F . -36.13 -35.51 23.82
PB ATP F . -35.69 -34.96 20.23
O1B ATP F . -36.80 -35.83 19.77
O2B ATP F . -35.17 -33.91 19.32
O3B ATP F . -36.09 -34.29 21.62
PA ATP F . -33.16 -36.39 19.94
O1A ATP F . -33.56 -37.22 18.78
O2A ATP F . -32.20 -36.94 20.93
O3A ATP F . -34.48 -35.88 20.71
O5' ATP F . -32.59 -35.00 19.39
C5' ATP F . -31.24 -34.65 19.72
C4' ATP F . -30.49 -34.35 18.45
O4' ATP F . -30.83 -35.34 17.45
C3' ATP F . -30.78 -32.98 17.82
O3' ATP F . -29.58 -32.42 17.31
C2' ATP F . -31.76 -33.33 16.69
O2' ATP F . -31.68 -32.39 15.63
C1' ATP F . -31.22 -34.68 16.25
N9 ATP F . -32.19 -35.53 15.56
C8 ATP F . -33.43 -35.90 16.01
N7 ATP F . -34.10 -36.65 15.16
C5 ATP F . -33.24 -36.76 14.07
C6 ATP F . -33.36 -37.42 12.84
N6 ATP F . -34.43 -38.12 12.45
N1 ATP F . -32.31 -37.33 11.97
C2 ATP F . -31.24 -36.63 12.34
N3 ATP F . -31.01 -35.98 13.48
C4 ATP F . -32.06 -36.07 14.31
PG ATP G . 8.10 -51.17 -20.28
O1G ATP G . 8.93 -51.71 -21.42
O2G ATP G . 6.66 -50.87 -20.69
O3G ATP G . 8.18 -52.01 -19.02
PB ATP G . 10.22 -49.08 -19.82
O1B ATP G . 11.10 -49.72 -20.81
O2B ATP G . 10.09 -47.60 -19.83
O3B ATP G . 8.76 -49.72 -19.91
PA ATP G . 11.60 -48.87 -17.26
O1A ATP G . 12.97 -48.77 -17.80
O2A ATP G . 11.39 -49.55 -15.95
O3A ATP G . 10.64 -49.55 -18.36
O5' ATP G . 10.99 -47.41 -17.19
C5' ATP G . 10.57 -46.91 -15.90
C4' ATP G . 11.25 -45.59 -15.65
O4' ATP G . 12.63 -45.67 -16.07
C3' ATP G . 10.65 -44.39 -16.39
O3' ATP G . 10.64 -43.25 -15.54
C2' ATP G . 11.61 -44.21 -17.57
O2' ATP G . 11.64 -42.86 -18.02
C1' ATP G . 12.94 -44.59 -16.92
N9 ATP G . 13.96 -45.02 -17.86
C8 ATP G . 13.88 -46.01 -18.80
N7 ATP G . 14.96 -46.16 -19.53
C5 ATP G . 15.82 -45.18 -19.03
C6 ATP G . 17.13 -44.81 -19.38
N6 ATP G . 17.85 -45.39 -20.34
N1 ATP G . 17.70 -43.80 -18.69
C2 ATP G . 16.99 -43.21 -17.72
N3 ATP G . 15.76 -43.47 -17.30
C4 ATP G . 15.22 -44.48 -18.01
PG ATP H . 51.83 -16.27 12.01
O1G ATP H . 53.03 -15.54 12.56
O2G ATP H . 51.81 -16.32 10.49
O3G ATP H . 51.61 -17.62 12.64
PB ATP H . 50.09 -14.46 13.69
O1B ATP H . 51.28 -13.89 14.35
O2B ATP H . 49.00 -13.55 13.26
O3B ATP H . 50.55 -15.35 12.44
PA ATP H . 48.29 -15.56 15.71
O1A ATP H . 48.66 -14.63 16.79
O2A ATP H . 47.90 -16.95 16.04
O3A ATP H . 49.48 -15.59 14.63
O5' ATP H . 47.14 -14.89 14.85
C5' ATP H . 45.87 -15.59 14.75
C4' ATP H . 44.77 -14.66 15.19
O4' ATP H . 45.18 -13.93 16.37
C3' ATP H . 44.36 -13.61 14.16
O3' ATP H . 42.94 -13.45 14.16
C2' ATP H . 45.06 -12.35 14.66
O2' ATP H . 44.37 -11.17 14.27
C1' ATP H . 44.98 -12.55 16.16
N9 ATP H . 45.98 -11.82 16.93
C8 ATP H . 47.34 -11.85 16.77
N7 ATP H . 48.00 -11.06 17.59
C5 ATP H . 46.99 -10.46 18.33
C6 ATP H . 47.02 -9.51 19.37
N6 ATP H . 48.15 -8.98 19.86
N1 ATP H . 45.85 -9.12 19.90
C2 ATP H . 44.72 -9.65 19.41
N3 ATP H . 44.57 -10.56 18.44
C4 ATP H . 45.75 -10.91 17.94
#